data_2DRD
#
_entry.id   2DRD
#
_cell.length_a   225.801
_cell.length_b   134.466
_cell.length_c   162.115
_cell.angle_alpha   90.00
_cell.angle_beta   98.17
_cell.angle_gamma   90.00
#
_symmetry.space_group_name_H-M   'C 1 2 1'
#
loop_
_entity.id
_entity.type
_entity.pdbx_description
1 polymer ACRB
2 non-polymer '(4S,4AS,5AR,12AS)-4,7-BIS(DIMETHYLAMINO)-3,10,12,12A-TETRAHYDROXY-1,11-DIOXO-1,4,4A,5,5A,6,11,12A-OCTAHYDROTETRACENE-2- CARBOXAMIDE'
#
_entity_poly.entity_id   1
_entity_poly.type   'polypeptide(L)'
_entity_poly.pdbx_seq_one_letter_code
;MPNFFIDRPIFAWVIAIIIMLAGGLAILKLPVAQYPTIAPPAVTISASYPGADAKTVQDTVTQVIEQNMNGIDNLMYMSS
NSDSTGTVQITLTFESGTDADIAQVQVQNKLQLAMPLLPQEVQQQGVSVEKSSSSFLMVVGVINTDGTMTQEDISDYVAA
NMKDAISRTSGVGDVQLFGSQYAMRIWMNPNELNKFQLTPVDVITAIKAQNAQVAAGQLGGTPPVKGQQLNASIIAQTRL
TSTEEFGKILLKVNQDGSRVLLRDVAKIELGGENYDIIAEFNGQPASGLGIKLATGANALDTAAAIRAELAKMEPFFPSG
LKIVYPYDTTPFVKISIHEVVKTLVEAIILVFLVMYLFLQNFRATLIPTIAVPVVLLGTFAVLAAFGFSINTLTMFGMVL
AIGLLVDDAIVVVENVERVMAEEGLPPKEATRKSMGQIQGALVGIAMVLSAVFVPMAFFGGSTGAIYRQFSITIVSAMAL
SVLVALILTPALCATMLKPIAKGDHGEGKKGFFGWFNRMFEKSTHHYTDSVGGILRSTGRYLVLYLIIVVGMAYLFVRLP
SSFLPDEDQGVFMTMVQLPAGATQERTQKVLNEVTHYYLTKEKNNVESVFAVNGFGFAGRGQNTGIAFVSLKDWADRPGE
ENKVEAITMRATRAFSQIKDAMVFAFNLPAIVELGTATGFDFELIDQAGLGHEKLTQARNQLLAEAAKHPDMLTSVRPNG
LEDTPQFKIDIDQEKAQALGVSINDINTTLGAAWGGSYVNDFIDRGRVKKVYVMSEAKYRMLPDDIGDWYVRAADGQMVP
FSAFSSSRWEYGSPRLERYNGLPSMEILGQAAPGKSTGEAMELMEQLASKLPTGVGYDWTGMSYQERLSGNQAPSLYAIS
LIVVFLCLAALYESWSIPFSVMLVVPLGVIGALLAATFRGLTNDVYFQVGLLTTIGLSAKNAILIVEFAKDLMDKEGKGL
IEATLDAVRMRLRPILMTSLAFILGVMPLVISTGAGSGAQNAVGTGVMGGMVTATVLAIFFVPVFFVVVRRRFSRKNEDI
EHSHTVDHHHHHH
;
_entity_poly.pdbx_strand_id   A,B,C
#
# COMPACT_ATOMS: atom_id res chain seq x y z
N MET A 1 -4.54 -32.08 -29.75
CA MET A 1 -5.94 -31.55 -29.67
C MET A 1 -6.54 -31.20 -31.00
N PRO A 2 -5.76 -30.56 -31.90
CA PRO A 2 -6.32 -29.87 -33.08
C PRO A 2 -7.21 -30.81 -33.88
N ASN A 3 -6.85 -32.08 -33.86
CA ASN A 3 -7.59 -33.15 -34.50
C ASN A 3 -9.05 -33.15 -34.01
N PHE A 4 -9.26 -32.95 -32.70
CA PHE A 4 -10.61 -32.74 -32.12
C PHE A 4 -11.18 -31.33 -32.50
N PHE A 5 -10.28 -30.42 -32.87
CA PHE A 5 -10.69 -29.11 -33.29
C PHE A 5 -10.97 -28.99 -34.77
N ILE A 6 -10.35 -29.85 -35.59
CA ILE A 6 -10.54 -29.74 -37.05
C ILE A 6 -11.91 -30.27 -37.29
N ASP A 7 -12.32 -31.18 -36.41
CA ASP A 7 -13.64 -31.76 -36.40
C ASP A 7 -14.72 -30.78 -36.02
N ARG A 8 -14.62 -30.11 -34.89
CA ARG A 8 -15.49 -28.95 -34.71
C ARG A 8 -14.67 -27.68 -34.92
N PRO A 9 -14.70 -27.07 -36.13
CA PRO A 9 -14.01 -25.78 -36.41
C PRO A 9 -14.97 -24.63 -36.16
N ILE A 10 -16.24 -24.99 -36.19
CA ILE A 10 -17.29 -24.12 -35.74
C ILE A 10 -17.01 -23.43 -34.38
N PHE A 11 -16.47 -24.19 -33.41
CA PHE A 11 -16.09 -23.75 -32.07
C PHE A 11 -14.79 -22.94 -32.15
N ALA A 12 -13.75 -23.49 -32.79
CA ALA A 12 -12.44 -22.82 -32.86
C ALA A 12 -12.51 -21.57 -33.69
N TRP A 13 -13.69 -20.98 -33.76
CA TRP A 13 -13.83 -19.64 -34.19
C TRP A 13 -14.37 -18.81 -33.03
N VAL A 14 -15.15 -19.46 -32.16
CA VAL A 14 -15.56 -18.80 -30.93
C VAL A 14 -14.28 -18.45 -30.12
N ILE A 15 -13.50 -19.44 -29.65
CA ILE A 15 -12.10 -19.20 -29.26
C ILE A 15 -11.37 -18.06 -30.03
N ALA A 16 -11.55 -17.97 -31.35
CA ALA A 16 -10.98 -16.87 -32.17
C ALA A 16 -11.73 -15.53 -32.06
N ILE A 17 -13.04 -15.59 -31.80
CA ILE A 17 -13.74 -14.36 -31.68
C ILE A 17 -13.42 -13.74 -30.33
N ILE A 18 -13.67 -14.45 -29.26
CA ILE A 18 -13.35 -14.01 -27.90
C ILE A 18 -12.08 -13.21 -27.93
N ILE A 19 -10.93 -13.91 -28.05
CA ILE A 19 -9.54 -13.34 -28.26
C ILE A 19 -9.46 -11.99 -28.97
N MET A 20 -10.09 -11.93 -30.13
CA MET A 20 -10.29 -10.70 -30.86
C MET A 20 -11.10 -9.74 -30.07
N LEU A 21 -12.20 -10.17 -29.46
CA LEU A 21 -12.93 -9.21 -28.64
C LEU A 21 -11.99 -8.64 -27.55
N ALA A 22 -11.39 -9.53 -26.75
CA ALA A 22 -10.55 -9.19 -25.60
C ALA A 22 -9.50 -8.20 -26.05
N GLY A 23 -8.72 -8.60 -27.05
CA GLY A 23 -7.77 -7.71 -27.72
C GLY A 23 -8.28 -6.41 -28.35
N GLY A 24 -9.60 -6.23 -28.47
CA GLY A 24 -10.14 -5.04 -29.11
C GLY A 24 -10.47 -4.05 -28.02
N LEU A 25 -11.22 -4.55 -27.06
CA LEU A 25 -11.59 -3.85 -25.84
C LEU A 25 -10.34 -3.49 -25.07
N ALA A 26 -9.40 -4.43 -24.93
CA ALA A 26 -8.09 -4.09 -24.42
C ALA A 26 -7.42 -2.94 -25.17
N ILE A 27 -7.53 -2.86 -26.49
CA ILE A 27 -6.94 -1.69 -27.18
C ILE A 27 -7.32 -0.37 -26.52
N LEU A 28 -8.64 -0.11 -26.36
CA LEU A 28 -9.20 1.09 -25.64
C LEU A 28 -8.75 1.30 -24.23
N LYS A 29 -8.84 0.27 -23.39
CA LYS A 29 -8.20 0.35 -22.04
C LYS A 29 -6.67 0.53 -22.09
N LEU A 30 -6.03 0.55 -23.25
CA LEU A 30 -4.58 0.72 -23.16
C LEU A 30 -4.08 2.20 -23.00
N PRO A 31 -3.17 2.45 -22.03
CA PRO A 31 -2.71 3.79 -22.02
C PRO A 31 -1.66 3.88 -23.10
N VAL A 32 -1.34 5.10 -23.52
CA VAL A 32 -0.34 5.29 -24.53
C VAL A 32 0.61 6.41 -24.13
N ALA A 33 1.91 6.13 -24.13
CA ALA A 33 2.85 7.09 -23.71
C ALA A 33 4.04 6.80 -24.53
N GLN A 34 4.97 7.74 -24.61
CA GLN A 34 6.14 7.55 -25.46
C GLN A 34 6.94 6.38 -24.97
N TYR A 35 7.51 6.45 -23.79
CA TYR A 35 8.14 5.25 -23.21
C TYR A 35 7.32 4.84 -21.99
N PRO A 36 7.70 3.73 -21.30
CA PRO A 36 7.19 3.40 -19.96
C PRO A 36 8.11 3.90 -18.86
N THR A 37 8.00 3.33 -17.71
CA THR A 37 8.64 3.95 -16.58
C THR A 37 9.76 3.09 -16.29
N ILE A 38 10.92 3.67 -16.34
CA ILE A 38 12.06 2.80 -16.27
C ILE A 38 13.15 3.27 -15.35
N ALA A 39 13.13 4.55 -15.01
CA ALA A 39 14.01 5.07 -13.94
C ALA A 39 13.57 4.58 -12.57
N PRO A 40 14.55 4.25 -11.69
CA PRO A 40 14.07 3.88 -10.40
C PRO A 40 13.38 5.14 -9.75
N PRO A 41 12.55 4.94 -8.75
CA PRO A 41 11.79 6.14 -8.26
C PRO A 41 12.58 7.03 -7.35
N ALA A 42 12.85 8.20 -7.82
CA ALA A 42 13.51 9.25 -7.01
C ALA A 42 12.46 10.23 -6.38
N VAL A 43 12.95 11.17 -5.54
CA VAL A 43 12.17 12.15 -4.78
C VAL A 43 13.03 13.35 -4.31
N THR A 44 12.86 14.52 -5.01
CA THR A 44 13.56 15.75 -4.68
C THR A 44 12.92 16.48 -3.40
N ILE A 45 13.80 17.33 -2.89
CA ILE A 45 13.39 17.97 -1.70
C ILE A 45 13.92 19.37 -1.85
N SER A 46 12.92 20.36 -2.18
CA SER A 46 13.51 21.66 -2.52
C SER A 46 13.40 22.59 -1.41
N ALA A 47 14.16 23.71 -1.38
CA ALA A 47 14.08 24.62 -0.25
C ALA A 47 14.68 25.97 -0.59
N SER A 48 14.25 27.14 0.07
CA SER A 48 14.74 28.57 -0.28
C SER A 48 15.25 29.37 0.86
N TYR A 49 16.04 30.42 0.72
CA TYR A 49 16.34 31.14 1.92
C TYR A 49 16.81 32.57 1.49
N PRO A 50 15.80 33.38 1.06
CA PRO A 50 16.12 34.42 0.12
C PRO A 50 17.44 35.16 0.46
N GLY A 51 18.52 34.92 -0.31
CA GLY A 51 19.82 35.58 -0.17
C GLY A 51 20.43 34.66 0.79
N ALA A 52 21.12 33.63 0.34
CA ALA A 52 21.95 32.85 1.26
C ALA A 52 23.33 32.64 0.68
N ASP A 53 23.73 31.39 0.55
CA ASP A 53 24.98 30.90 -0.13
C ASP A 53 25.05 29.65 0.51
N ALA A 54 25.51 28.69 -0.31
CA ALA A 54 25.99 27.31 0.05
C ALA A 54 26.34 27.03 1.52
N LYS A 55 27.39 27.61 2.15
CA LYS A 55 27.51 27.29 3.60
C LYS A 55 26.19 27.61 4.31
N THR A 56 25.78 28.90 4.17
CA THR A 56 24.65 29.49 4.90
C THR A 56 23.31 28.83 4.56
N VAL A 57 23.35 28.08 3.43
CA VAL A 57 22.44 27.00 3.22
C VAL A 57 22.86 25.57 3.57
N GLN A 58 24.13 25.18 3.39
CA GLN A 58 24.36 23.75 3.65
C GLN A 58 24.29 23.54 5.21
N ASP A 59 24.51 24.64 5.94
CA ASP A 59 24.57 24.32 7.34
C ASP A 59 23.35 24.82 8.05
N THR A 60 22.52 25.63 7.38
CA THR A 60 21.34 26.08 8.13
C THR A 60 20.25 25.06 7.90
N VAL A 61 20.24 24.55 6.66
CA VAL A 61 19.16 23.65 6.07
C VAL A 61 19.53 22.15 5.44
N THR A 62 20.43 22.06 4.42
CA THR A 62 20.59 20.77 3.80
C THR A 62 21.17 19.50 4.66
N GLN A 63 22.16 19.81 5.46
CA GLN A 63 22.39 19.05 6.47
C GLN A 63 21.10 18.57 7.08
N VAL A 64 21.08 18.98 8.35
CA VAL A 64 19.81 18.99 9.26
C VAL A 64 18.71 18.27 8.65
N ILE A 65 17.93 19.08 7.83
CA ILE A 65 17.04 18.30 6.96
C ILE A 65 17.70 16.81 6.83
N GLU A 66 18.69 16.63 5.85
CA GLU A 66 19.38 15.28 5.67
C GLU A 66 19.81 14.43 7.04
N GLN A 67 20.26 14.95 8.20
CA GLN A 67 20.38 14.14 9.32
C GLN A 67 19.17 13.51 9.77
N ASN A 68 18.18 13.19 8.92
CA ASN A 68 16.83 12.83 9.52
C ASN A 68 16.19 11.84 8.51
N MET A 69 16.72 11.83 7.25
CA MET A 69 16.31 10.78 6.31
C MET A 69 16.74 9.40 6.78
N ASN A 70 16.18 8.82 7.86
CA ASN A 70 16.55 7.72 8.52
C ASN A 70 15.13 7.16 8.75
N GLY A 71 14.80 5.85 8.65
CA GLY A 71 13.41 5.51 8.96
C GLY A 71 12.89 5.17 7.62
N ILE A 72 13.24 5.88 6.57
CA ILE A 72 12.58 5.69 5.27
C ILE A 72 13.06 4.35 4.70
N ASP A 73 12.09 3.52 4.27
CA ASP A 73 12.18 2.22 3.63
C ASP A 73 13.31 2.05 2.55
N ASN A 74 13.04 1.24 1.51
CA ASN A 74 13.88 0.92 0.41
C ASN A 74 14.83 1.93 -0.26
N LEU A 75 15.57 2.73 0.50
CA LEU A 75 16.39 3.79 -0.20
C LEU A 75 17.82 3.39 -0.83
N MET A 76 18.03 3.66 -2.14
CA MET A 76 19.31 3.33 -2.75
C MET A 76 20.35 4.19 -2.28
N TYR A 77 20.29 5.47 -2.67
CA TYR A 77 21.22 6.48 -2.17
C TYR A 77 20.51 7.82 -2.22
N MET A 78 21.19 8.79 -1.64
CA MET A 78 20.65 10.13 -1.59
C MET A 78 21.66 11.20 -1.85
N SER A 79 21.72 11.83 -3.00
CA SER A 79 22.42 13.18 -3.01
C SER A 79 21.53 14.55 -2.78
N SER A 80 22.30 15.66 -2.91
CA SER A 80 21.88 16.90 -2.45
C SER A 80 22.69 18.04 -3.00
N ASN A 81 21.98 19.06 -3.55
CA ASN A 81 22.63 20.43 -3.84
C ASN A 81 22.38 21.56 -2.86
N SER A 82 23.45 22.37 -2.63
CA SER A 82 23.36 23.65 -1.90
C SER A 82 24.03 24.80 -2.54
N ASP A 83 23.28 25.49 -3.35
CA ASP A 83 24.01 26.51 -4.18
C ASP A 83 23.83 27.94 -3.60
N SER A 84 24.48 28.88 -4.24
CA SER A 84 24.41 30.24 -3.87
C SER A 84 23.09 31.17 -4.18
N THR A 85 21.90 30.61 -4.28
CA THR A 85 20.84 31.38 -4.59
C THR A 85 19.65 31.07 -3.69
N GLY A 86 19.94 30.42 -2.57
CA GLY A 86 18.92 30.04 -1.63
C GLY A 86 18.42 28.66 -2.04
N THR A 87 18.87 28.04 -3.12
CA THR A 87 18.22 26.75 -3.36
C THR A 87 18.85 25.47 -2.78
N VAL A 88 17.97 24.52 -2.42
CA VAL A 88 18.34 23.24 -1.91
C VAL A 88 17.53 22.17 -2.52
N GLN A 89 18.10 21.50 -3.50
CA GLN A 89 17.48 20.23 -3.90
C GLN A 89 18.35 19.13 -3.13
N ILE A 90 17.67 17.99 -2.99
CA ILE A 90 17.83 16.88 -2.13
C ILE A 90 16.94 15.84 -2.64
N THR A 91 17.16 15.34 -3.87
CA THR A 91 16.60 14.06 -4.39
C THR A 91 17.24 12.73 -3.71
N LEU A 92 16.41 11.68 -3.68
CA LEU A 92 16.56 10.47 -2.99
C LEU A 92 15.83 9.53 -3.96
N THR A 93 16.66 8.80 -4.82
CA THR A 93 16.43 7.52 -5.70
C THR A 93 16.39 6.44 -4.64
N PHE A 94 15.63 5.40 -4.97
CA PHE A 94 14.98 4.31 -4.10
C PHE A 94 15.01 2.96 -4.90
N GLU A 95 15.05 1.79 -4.22
CA GLU A 95 15.27 0.50 -4.93
C GLU A 95 14.30 0.33 -6.07
N SER A 96 14.65 -0.39 -7.11
CA SER A 96 13.78 -0.71 -8.27
C SER A 96 12.28 -0.45 -8.09
N GLY A 97 11.42 -1.45 -7.95
CA GLY A 97 9.98 -1.11 -7.92
C GLY A 97 9.36 -0.80 -6.56
N THR A 98 9.96 0.07 -5.78
CA THR A 98 9.31 0.36 -4.52
C THR A 98 8.16 1.27 -4.93
N ASP A 99 7.06 1.17 -4.19
CA ASP A 99 5.97 2.14 -4.40
C ASP A 99 6.36 3.58 -4.19
N ALA A 100 6.39 4.32 -5.28
CA ALA A 100 6.67 5.79 -5.22
C ALA A 100 5.72 6.57 -4.28
N ASP A 101 4.39 6.38 -4.38
CA ASP A 101 3.51 7.01 -3.52
C ASP A 101 3.88 6.69 -2.15
N ILE A 102 4.10 5.48 -1.80
CA ILE A 102 4.56 5.31 -0.42
C ILE A 102 6.00 5.71 -0.03
N ALA A 103 6.90 5.99 -0.93
CA ALA A 103 8.19 6.38 -0.44
C ALA A 103 8.21 7.88 -0.15
N GLN A 104 7.55 8.60 -1.06
CA GLN A 104 7.38 10.01 -0.94
C GLN A 104 6.62 10.37 0.35
N VAL A 105 5.76 9.46 0.78
CA VAL A 105 5.21 9.73 2.02
C VAL A 105 6.27 9.98 2.99
N GLN A 106 6.81 8.80 3.42
CA GLN A 106 7.77 8.77 4.55
C GLN A 106 8.95 9.81 4.40
N VAL A 107 9.37 10.01 3.13
CA VAL A 107 10.54 10.76 2.97
C VAL A 107 10.11 11.95 3.72
N GLN A 108 9.00 12.50 3.08
CA GLN A 108 8.19 13.70 3.38
C GLN A 108 7.73 13.63 4.70
N ASN A 109 6.97 12.62 4.95
CA ASN A 109 6.69 12.48 6.35
C ASN A 109 7.74 12.63 7.43
N LYS A 110 8.99 12.82 7.13
CA LYS A 110 10.00 12.48 8.07
C LYS A 110 10.76 13.75 8.06
N LEU A 111 10.68 14.51 6.95
CA LEU A 111 10.94 15.97 6.89
C LEU A 111 10.14 16.68 8.01
N GLN A 112 8.87 16.32 8.10
CA GLN A 112 8.04 16.92 8.99
C GLN A 112 8.58 17.01 10.40
N LEU A 113 9.68 16.30 10.72
CA LEU A 113 10.17 16.42 12.06
C LEU A 113 11.42 17.26 12.13
N ALA A 114 11.92 17.64 10.95
CA ALA A 114 13.12 18.39 11.03
C ALA A 114 12.55 19.80 11.03
N MET A 115 11.50 20.14 10.24
CA MET A 115 11.09 21.57 10.23
C MET A 115 11.26 22.28 11.58
N PRO A 116 10.76 21.73 12.65
CA PRO A 116 11.16 22.46 13.86
C PRO A 116 12.62 23.01 13.93
N LEU A 117 13.53 22.57 13.05
CA LEU A 117 14.95 22.95 13.26
C LEU A 117 15.40 23.68 12.08
N LEU A 118 14.52 23.73 11.05
CA LEU A 118 14.78 24.65 9.91
C LEU A 118 14.70 26.08 10.38
N PRO A 119 15.42 27.01 9.79
CA PRO A 119 15.13 28.40 10.21
C PRO A 119 13.89 29.10 9.57
N GLN A 120 13.26 29.88 10.42
CA GLN A 120 12.00 30.63 10.08
C GLN A 120 11.94 31.29 8.72
N GLU A 121 13.02 31.87 8.23
CA GLU A 121 13.01 32.28 6.84
C GLU A 121 12.59 31.09 5.89
N VAL A 122 13.12 29.87 6.13
CA VAL A 122 12.94 28.75 5.23
C VAL A 122 11.55 28.25 5.52
N GLN A 123 11.16 28.05 6.77
CA GLN A 123 9.82 27.40 6.92
C GLN A 123 8.67 28.23 6.43
N GLN A 124 8.77 29.52 6.43
CA GLN A 124 7.89 30.27 5.63
C GLN A 124 7.85 29.95 4.11
N GLN A 125 8.95 30.07 3.33
CA GLN A 125 8.93 29.54 1.88
C GLN A 125 8.50 28.08 1.80
N GLY A 126 8.77 27.25 2.83
CA GLY A 126 8.21 25.92 2.80
C GLY A 126 8.99 24.91 2.01
N VAL A 127 9.01 23.68 2.48
CA VAL A 127 9.92 22.88 1.80
C VAL A 127 9.01 22.02 1.05
N SER A 128 8.98 22.08 -0.25
CA SER A 128 8.30 20.91 -0.89
C SER A 128 9.04 19.56 -1.31
N VAL A 129 8.21 18.53 -1.32
CA VAL A 129 8.60 17.23 -1.59
C VAL A 129 7.72 16.75 -2.74
N GLU A 130 8.36 16.12 -3.73
CA GLU A 130 7.67 15.66 -4.93
C GLU A 130 8.49 14.49 -5.59
N LYS A 131 8.04 14.02 -6.75
CA LYS A 131 8.60 12.89 -7.35
C LYS A 131 9.47 13.30 -8.48
N SER A 132 10.73 12.88 -8.42
CA SER A 132 11.54 13.34 -9.48
C SER A 132 11.26 12.87 -10.94
N SER A 133 10.64 13.80 -11.69
CA SER A 133 10.64 13.96 -13.19
C SER A 133 10.93 15.52 -13.54
N SER A 134 12.04 15.90 -14.18
CA SER A 134 12.09 17.31 -14.68
C SER A 134 12.15 17.50 -16.23
N SER A 135 11.16 16.96 -16.98
CA SER A 135 11.10 16.98 -18.49
C SER A 135 10.04 16.01 -19.07
N PHE A 136 8.78 16.45 -19.23
CA PHE A 136 7.74 15.47 -19.68
C PHE A 136 6.62 16.08 -20.45
N LEU A 137 5.60 15.26 -20.78
CA LEU A 137 4.59 15.50 -21.84
C LEU A 137 4.79 16.79 -22.66
N MET A 138 3.82 17.69 -22.68
CA MET A 138 4.03 18.86 -23.53
C MET A 138 4.30 20.07 -22.66
N VAL A 139 4.67 21.23 -23.26
CA VAL A 139 5.01 22.48 -22.53
C VAL A 139 4.51 23.67 -23.27
N VAL A 140 3.27 24.05 -23.01
CA VAL A 140 2.63 25.15 -23.69
C VAL A 140 3.44 26.35 -23.32
N GLY A 141 3.43 27.39 -24.13
CA GLY A 141 4.14 28.65 -23.87
C GLY A 141 3.17 29.83 -24.08
N VAL A 142 3.22 30.86 -23.25
CA VAL A 142 2.31 31.92 -23.47
C VAL A 142 3.09 33.18 -23.66
N ILE A 143 3.21 33.59 -24.91
CA ILE A 143 3.82 34.88 -25.22
C ILE A 143 2.88 36.05 -25.60
N ASN A 144 3.43 37.26 -25.55
CA ASN A 144 2.76 38.42 -26.07
C ASN A 144 3.68 39.08 -27.07
N THR A 145 3.15 39.17 -28.27
CA THR A 145 3.86 39.67 -29.44
C THR A 145 3.24 41.07 -29.76
N ASP A 146 3.44 42.00 -28.81
CA ASP A 146 3.12 43.44 -28.91
C ASP A 146 3.48 44.03 -27.56
N GLY A 147 4.77 44.12 -27.24
CA GLY A 147 5.30 44.60 -25.93
C GLY A 147 4.45 45.24 -24.82
N THR A 148 3.31 44.63 -24.47
CA THR A 148 2.43 45.16 -23.40
C THR A 148 2.72 44.50 -22.04
N MET A 149 2.86 43.18 -22.09
CA MET A 149 2.96 42.41 -20.91
C MET A 149 4.41 41.98 -20.80
N THR A 150 4.92 41.98 -19.57
CA THR A 150 6.29 41.60 -19.33
C THR A 150 6.21 40.21 -18.85
N GLN A 151 7.38 39.59 -18.71
CA GLN A 151 7.50 38.31 -18.09
C GLN A 151 6.44 38.23 -17.06
N GLU A 152 6.60 39.02 -16.00
CA GLU A 152 5.78 38.84 -14.77
C GLU A 152 4.29 38.96 -14.97
N ASP A 153 3.88 40.01 -15.69
CA ASP A 153 2.54 40.12 -16.18
C ASP A 153 1.95 38.91 -16.81
N ILE A 154 2.68 38.33 -17.75
CA ILE A 154 2.20 37.19 -18.48
C ILE A 154 2.13 35.99 -17.54
N SER A 155 3.16 35.80 -16.69
CA SER A 155 3.17 34.70 -15.69
C SER A 155 1.86 34.70 -14.95
N ASP A 156 1.54 35.89 -14.42
CA ASP A 156 0.43 36.09 -13.54
C ASP A 156 -0.81 35.49 -14.16
N TYR A 157 -1.26 36.09 -15.25
CA TYR A 157 -2.38 35.60 -16.04
C TYR A 157 -2.45 34.14 -16.10
N VAL A 158 -1.38 33.56 -16.67
CA VAL A 158 -1.11 32.09 -16.77
C VAL A 158 -1.30 31.36 -15.47
N ALA A 159 -1.05 32.05 -14.36
CA ALA A 159 -1.24 31.54 -13.03
C ALA A 159 -2.66 31.60 -12.64
N ALA A 160 -3.24 32.76 -12.91
CA ALA A 160 -4.49 33.26 -12.25
C ALA A 160 -5.81 32.86 -12.92
N ASN A 161 -5.69 32.58 -14.22
CA ASN A 161 -6.82 32.33 -15.10
C ASN A 161 -6.70 31.10 -16.01
N MET A 162 -5.60 30.34 -15.95
CA MET A 162 -5.52 29.18 -16.83
C MET A 162 -4.75 27.98 -16.29
N LYS A 163 -3.83 28.20 -15.34
CA LYS A 163 -2.98 27.15 -14.76
C LYS A 163 -3.85 26.05 -14.17
N ASP A 164 -4.96 26.36 -13.50
CA ASP A 164 -5.69 25.27 -12.81
C ASP A 164 -6.66 24.66 -13.76
N ALA A 165 -7.13 25.55 -14.61
CA ALA A 165 -8.00 25.20 -15.68
C ALA A 165 -7.45 24.00 -16.41
N ILE A 166 -6.17 24.03 -16.77
CA ILE A 166 -5.52 22.84 -17.36
C ILE A 166 -5.42 21.74 -16.35
N SER A 167 -4.54 21.99 -15.37
CA SER A 167 -4.35 21.19 -14.13
C SER A 167 -5.41 20.12 -13.77
N ARG A 168 -6.70 20.44 -14.06
CA ARG A 168 -7.79 19.49 -13.89
C ARG A 168 -8.37 19.20 -15.23
N THR A 169 -7.72 18.31 -15.97
CA THR A 169 -8.15 17.87 -17.30
C THR A 169 -7.67 16.44 -17.50
N SER A 170 -8.58 15.53 -17.82
CA SER A 170 -8.23 14.12 -18.05
C SER A 170 -6.75 13.81 -18.48
N GLY A 171 -5.80 13.66 -17.54
CA GLY A 171 -4.35 13.56 -17.92
C GLY A 171 -3.39 14.33 -17.01
N VAL A 172 -3.06 15.55 -17.44
CA VAL A 172 -2.44 16.56 -16.58
C VAL A 172 -2.16 15.97 -15.16
N GLY A 173 -1.12 15.16 -15.15
CA GLY A 173 -0.64 14.52 -13.94
C GLY A 173 0.10 15.44 -13.00
N ASP A 174 0.03 16.77 -13.25
CA ASP A 174 0.91 17.76 -12.63
C ASP A 174 1.19 18.91 -13.63
N VAL A 175 0.92 20.16 -13.22
CA VAL A 175 1.45 21.37 -13.97
C VAL A 175 2.65 22.06 -13.29
N GLN A 176 3.47 22.80 -14.02
CA GLN A 176 4.56 23.57 -13.37
C GLN A 176 4.79 24.99 -13.92
N LEU A 177 4.27 26.04 -13.31
CA LEU A 177 4.33 27.33 -14.00
C LEU A 177 5.73 27.82 -14.36
N PHE A 178 5.89 28.43 -15.51
CA PHE A 178 7.13 29.07 -15.90
C PHE A 178 7.14 30.55 -15.58
N GLY A 179 6.83 30.85 -14.33
CA GLY A 179 7.15 32.15 -13.77
C GLY A 179 6.51 32.10 -12.41
N SER A 180 5.85 33.20 -12.00
CA SER A 180 5.62 33.47 -10.61
C SER A 180 4.21 33.62 -10.29
N GLN A 181 3.68 34.83 -10.49
CA GLN A 181 2.37 35.32 -9.99
C GLN A 181 2.85 36.63 -9.37
N TYR A 182 1.97 37.60 -9.22
CA TYR A 182 2.41 38.90 -8.83
C TYR A 182 2.82 38.78 -7.41
N ALA A 183 3.60 39.73 -6.91
CA ALA A 183 3.74 39.78 -5.47
C ALA A 183 3.94 41.21 -5.07
N MET A 184 3.48 41.56 -3.88
CA MET A 184 3.60 42.96 -3.52
C MET A 184 5.06 43.30 -3.37
N ARG A 185 5.61 44.02 -4.34
CA ARG A 185 6.99 44.40 -4.16
C ARG A 185 7.18 45.70 -3.30
N ILE A 186 8.30 45.90 -2.59
CA ILE A 186 8.39 47.12 -1.87
C ILE A 186 9.84 47.49 -1.74
N TRP A 187 10.32 48.11 -2.82
CA TRP A 187 11.69 48.50 -2.97
C TRP A 187 12.06 49.79 -2.31
N MET A 188 12.70 49.69 -1.16
CA MET A 188 13.15 50.86 -0.38
C MET A 188 14.43 51.59 -0.95
N ASN A 189 14.75 52.81 -0.42
CA ASN A 189 16.11 53.38 -0.63
C ASN A 189 16.73 54.11 0.52
N PRO A 190 17.91 53.69 0.94
CA PRO A 190 18.40 54.06 2.28
C PRO A 190 18.26 55.53 2.47
N ASN A 191 18.41 56.25 1.38
CA ASN A 191 18.36 57.69 1.41
C ASN A 191 17.00 58.18 1.84
N GLU A 192 16.05 58.19 0.95
CA GLU A 192 14.74 58.55 1.37
C GLU A 192 14.35 57.92 2.66
N LEU A 193 15.13 57.00 3.15
CA LEU A 193 14.70 56.29 4.34
C LEU A 193 15.45 56.89 5.49
N ASN A 194 16.77 57.03 5.36
CA ASN A 194 17.67 57.50 6.43
C ASN A 194 17.36 58.96 6.77
N LYS A 195 16.65 59.62 5.85
CA LYS A 195 16.18 60.98 6.03
C LYS A 195 15.05 61.01 7.08
N PHE A 196 14.40 59.88 7.36
CA PHE A 196 13.39 59.87 8.40
C PHE A 196 13.80 59.13 9.60
N GLN A 197 15.01 58.58 9.57
CA GLN A 197 15.58 57.83 10.72
C GLN A 197 14.99 56.42 10.98
N LEU A 198 14.34 55.90 9.92
CA LEU A 198 13.58 54.64 9.92
C LEU A 198 14.44 53.66 9.21
N THR A 199 14.40 52.38 9.57
CA THR A 199 15.25 51.47 8.80
C THR A 199 14.38 50.48 8.00
N PRO A 200 15.00 49.42 7.42
CA PRO A 200 14.07 48.43 6.81
C PRO A 200 13.03 47.87 7.89
N VAL A 201 13.55 47.63 9.11
CA VAL A 201 12.84 46.91 10.17
C VAL A 201 11.62 47.63 10.38
N ASP A 202 11.75 48.93 10.66
CA ASP A 202 10.60 49.85 10.82
C ASP A 202 9.66 49.62 9.66
N VAL A 203 10.12 49.66 8.42
CA VAL A 203 9.24 49.28 7.34
C VAL A 203 8.65 47.91 7.49
N ILE A 204 9.47 46.87 7.68
CA ILE A 204 8.96 45.48 7.83
C ILE A 204 7.76 45.43 8.84
N THR A 205 8.02 45.96 10.03
CA THR A 205 7.17 45.85 11.19
C THR A 205 6.03 46.89 11.18
N ALA A 206 5.17 46.82 10.17
CA ALA A 206 4.27 47.89 9.79
C ALA A 206 3.51 47.24 8.70
N ILE A 207 4.19 46.99 7.58
CA ILE A 207 3.62 45.99 6.65
C ILE A 207 3.07 44.73 7.35
N LYS A 208 3.55 44.42 8.57
CA LYS A 208 2.92 43.42 9.45
C LYS A 208 1.62 43.90 10.07
N ALA A 209 1.71 44.68 11.15
CA ALA A 209 0.52 45.29 11.81
C ALA A 209 -0.48 45.86 10.84
N GLN A 210 -0.03 46.72 9.94
CA GLN A 210 -0.92 47.35 8.96
C GLN A 210 -1.63 46.39 8.04
N ASN A 211 -0.91 45.35 7.59
CA ASN A 211 -1.48 44.34 6.68
C ASN A 211 -1.60 42.92 7.27
N ALA A 212 -2.65 42.64 8.03
CA ALA A 212 -2.76 41.40 8.76
C ALA A 212 -4.24 41.08 8.80
N GLN A 213 -4.67 40.21 9.69
CA GLN A 213 -5.95 39.56 9.48
C GLN A 213 -6.34 39.22 10.88
N VAL A 214 -7.27 39.97 11.44
CA VAL A 214 -7.55 39.77 12.86
C VAL A 214 -8.72 38.86 13.16
N ALA A 215 -9.08 38.72 14.43
CA ALA A 215 -10.16 37.80 14.81
C ALA A 215 -11.06 38.63 15.65
N ALA A 216 -12.34 38.27 15.73
CA ALA A 216 -13.40 39.04 16.45
C ALA A 216 -14.71 38.29 16.55
N GLY A 217 -15.06 37.73 17.70
CA GLY A 217 -16.28 36.93 17.83
C GLY A 217 -17.54 37.29 17.02
N GLN A 218 -18.57 36.43 17.09
CA GLN A 218 -19.87 36.66 16.46
C GLN A 218 -20.67 37.75 17.21
N LEU A 219 -21.91 37.50 17.61
CA LEU A 219 -22.60 38.36 18.57
C LEU A 219 -23.22 37.38 19.57
N GLY A 220 -24.09 36.50 19.10
CA GLY A 220 -24.60 35.48 20.02
C GLY A 220 -23.70 34.30 20.31
N GLY A 221 -23.85 33.29 19.46
CA GLY A 221 -23.07 32.04 19.34
C GLY A 221 -22.61 31.31 20.59
N THR A 222 -21.63 31.93 21.21
CA THR A 222 -21.05 31.33 22.37
C THR A 222 -22.17 31.65 23.31
N PRO A 223 -22.12 31.21 24.57
CA PRO A 223 -23.30 31.31 25.36
C PRO A 223 -23.67 32.78 25.43
N PRO A 224 -24.90 33.09 24.99
CA PRO A 224 -25.45 34.41 25.04
C PRO A 224 -26.33 34.66 26.29
N VAL A 225 -27.17 35.69 26.17
CA VAL A 225 -28.08 36.17 27.22
C VAL A 225 -29.41 35.59 26.91
N LYS A 226 -30.24 35.45 27.93
CA LYS A 226 -31.66 35.16 27.70
C LYS A 226 -32.27 36.00 26.57
N GLY A 227 -33.14 35.35 25.83
CA GLY A 227 -33.90 35.97 24.76
C GLY A 227 -33.15 36.94 23.87
N GLN A 228 -32.09 36.49 23.24
CA GLN A 228 -31.40 37.37 22.32
C GLN A 228 -31.93 37.10 20.93
N GLN A 229 -31.55 37.94 19.98
CA GLN A 229 -32.09 37.78 18.64
C GLN A 229 -31.15 37.84 17.49
N LEU A 230 -30.43 38.94 17.36
CA LEU A 230 -29.35 39.00 16.36
C LEU A 230 -28.01 38.33 16.84
N ASN A 231 -27.61 37.36 16.02
CA ASN A 231 -26.28 36.82 15.98
C ASN A 231 -25.80 37.42 14.67
N ALA A 232 -24.65 38.08 14.69
CA ALA A 232 -23.90 38.36 13.43
C ALA A 232 -22.38 38.21 13.56
N SER A 233 -21.70 38.18 12.43
CA SER A 233 -20.29 37.94 12.54
C SER A 233 -19.59 39.27 12.38
N ILE A 234 -18.75 39.66 13.35
CA ILE A 234 -17.93 40.86 13.25
C ILE A 234 -16.77 40.68 12.28
N ILE A 235 -16.50 41.73 11.53
CA ILE A 235 -15.43 41.68 10.56
C ILE A 235 -14.36 42.74 10.85
N ALA A 236 -13.35 42.38 11.63
CA ALA A 236 -12.27 43.30 11.98
C ALA A 236 -11.25 43.41 10.86
N GLN A 237 -10.04 43.85 11.22
CA GLN A 237 -8.98 44.16 10.24
C GLN A 237 -8.84 43.08 9.23
N THR A 238 -8.64 43.46 7.96
CA THR A 238 -8.34 42.46 6.91
C THR A 238 -7.50 42.94 5.76
N ARG A 239 -6.56 42.09 5.38
CA ARG A 239 -5.43 42.40 4.49
C ARG A 239 -5.71 43.44 3.40
N LEU A 240 -4.73 44.31 3.16
CA LEU A 240 -4.76 45.29 2.08
C LEU A 240 -4.87 44.57 0.78
N THR A 241 -5.27 45.20 -0.29
CA THR A 241 -5.34 44.43 -1.52
C THR A 241 -4.95 45.26 -2.69
N SER A 242 -3.90 46.06 -2.54
CA SER A 242 -3.49 46.95 -3.62
C SER A 242 -2.21 47.76 -3.36
N THR A 243 -1.56 48.22 -4.42
CA THR A 243 -0.39 49.07 -4.28
C THR A 243 -0.82 50.39 -3.73
N GLU A 244 -2.09 50.68 -3.91
CA GLU A 244 -2.68 51.86 -3.33
C GLU A 244 -2.64 51.82 -1.83
N GLU A 245 -3.44 50.94 -1.25
CA GLU A 245 -3.49 50.82 0.18
C GLU A 245 -2.12 50.52 0.75
N PHE A 246 -1.25 49.92 -0.08
CA PHE A 246 0.09 49.68 0.40
C PHE A 246 0.89 50.94 0.50
N GLY A 247 0.79 51.75 -0.55
CA GLY A 247 1.36 53.10 -0.58
C GLY A 247 1.13 53.88 0.71
N LYS A 248 -0.05 53.69 1.30
CA LYS A 248 -0.42 54.45 2.46
C LYS A 248 -0.17 53.68 3.70
N ILE A 249 1.05 53.69 4.24
CA ILE A 249 1.24 53.08 5.57
C ILE A 249 1.97 53.98 6.56
N LEU A 250 1.30 54.33 7.64
CA LEU A 250 1.94 55.18 8.63
C LEU A 250 3.30 54.58 9.12
N LEU A 251 4.41 55.14 8.65
CA LEU A 251 5.71 54.55 8.99
C LEU A 251 6.36 55.32 10.12
N LYS A 252 6.20 56.64 9.99
CA LYS A 252 6.65 57.67 10.94
C LYS A 252 5.62 58.83 11.06
N VAL A 253 5.59 59.39 12.27
CA VAL A 253 5.02 60.75 12.50
C VAL A 253 5.77 61.60 13.64
N ASN A 254 6.21 62.81 13.30
CA ASN A 254 7.07 63.60 14.21
C ASN A 254 6.62 65.06 14.24
N GLN A 255 6.54 65.64 15.45
CA GLN A 255 6.06 67.00 15.74
C GLN A 255 5.92 67.92 14.54
N ASP A 256 4.94 67.68 13.66
CA ASP A 256 4.70 68.44 12.43
C ASP A 256 3.41 67.95 11.86
N GLY A 257 2.95 66.83 12.45
CA GLY A 257 1.81 66.07 11.95
C GLY A 257 2.34 65.42 10.71
N SER A 258 3.67 65.26 10.74
CA SER A 258 4.51 64.70 9.65
C SER A 258 4.09 63.29 9.29
N ARG A 259 3.63 63.14 8.03
CA ARG A 259 3.07 61.88 7.56
C ARG A 259 3.99 61.17 6.56
N VAL A 260 4.86 60.35 7.15
CA VAL A 260 5.84 59.53 6.46
C VAL A 260 5.26 58.16 6.12
N LEU A 261 4.96 58.01 4.85
CA LEU A 261 4.21 56.87 4.38
C LEU A 261 5.15 55.86 3.74
N LEU A 262 4.76 54.59 3.74
CA LEU A 262 5.56 53.58 3.04
C LEU A 262 5.90 54.05 1.62
N ARG A 263 5.05 54.93 1.11
CA ARG A 263 5.14 55.44 -0.26
C ARG A 263 6.34 56.32 -0.48
N ASP A 264 6.81 56.95 0.60
CA ASP A 264 7.95 57.82 0.60
C ASP A 264 9.11 56.91 0.70
N VAL A 265 9.37 56.34 1.88
CA VAL A 265 10.57 55.49 2.07
C VAL A 265 10.91 54.47 0.93
N ALA A 266 9.97 54.20 0.05
CA ALA A 266 10.31 53.27 -1.02
C ALA A 266 9.41 53.40 -2.18
N LYS A 267 9.29 52.35 -2.95
CA LYS A 267 8.40 52.44 -4.04
C LYS A 267 7.58 51.14 -4.20
N ILE A 268 6.24 51.24 -4.21
CA ILE A 268 5.29 50.10 -4.30
C ILE A 268 4.93 49.71 -5.78
N GLU A 269 4.68 48.43 -6.10
CA GLU A 269 4.19 48.06 -7.44
C GLU A 269 4.06 46.56 -7.50
N LEU A 270 3.08 46.02 -8.24
CA LEU A 270 2.99 44.53 -8.43
C LEU A 270 4.20 44.16 -9.19
N GLY A 271 4.68 42.91 -9.06
CA GLY A 271 5.82 42.42 -9.80
C GLY A 271 5.83 40.97 -9.46
N GLY A 272 6.94 40.29 -9.88
CA GLY A 272 7.16 38.84 -9.70
C GLY A 272 7.77 38.53 -8.35
N GLU A 273 7.69 37.29 -7.86
CA GLU A 273 8.32 37.04 -6.60
C GLU A 273 9.81 36.76 -6.85
N ASN A 274 10.12 35.94 -7.81
CA ASN A 274 11.53 35.78 -7.88
C ASN A 274 11.83 36.62 -9.07
N TYR A 275 13.02 37.19 -9.14
CA TYR A 275 13.32 37.97 -10.31
C TYR A 275 14.53 37.56 -11.05
N ASP A 276 14.96 36.31 -10.92
CA ASP A 276 16.32 36.01 -11.44
C ASP A 276 16.42 34.87 -12.47
N ILE A 277 15.47 34.84 -13.42
CA ILE A 277 15.39 33.83 -14.48
C ILE A 277 14.51 34.41 -15.61
N ILE A 278 15.16 34.86 -16.68
CA ILE A 278 14.47 35.65 -17.72
C ILE A 278 14.02 34.70 -18.83
N ALA A 279 12.71 34.52 -18.92
CA ALA A 279 12.10 33.64 -19.94
C ALA A 279 11.66 34.46 -21.06
N GLU A 280 11.92 33.99 -22.27
CA GLU A 280 11.38 34.67 -23.47
C GLU A 280 11.48 33.81 -24.76
N PHE A 281 10.40 33.95 -25.52
CA PHE A 281 10.13 33.07 -26.62
C PHE A 281 10.45 33.86 -27.89
N ASN A 282 11.44 33.41 -28.66
CA ASN A 282 11.82 34.16 -29.87
C ASN A 282 11.83 35.62 -29.60
N GLY A 283 12.81 36.04 -28.79
CA GLY A 283 12.92 37.43 -28.35
C GLY A 283 11.65 38.05 -27.79
N GLN A 284 10.61 37.25 -27.47
CA GLN A 284 9.41 37.81 -26.86
C GLN A 284 9.27 37.34 -25.41
N PRO A 285 8.76 38.23 -24.51
CA PRO A 285 8.42 37.98 -23.14
C PRO A 285 7.55 36.79 -23.13
N ALA A 286 7.84 35.80 -22.26
CA ALA A 286 7.13 34.53 -22.24
C ALA A 286 7.07 33.93 -20.88
N SER A 287 6.10 33.04 -20.70
CA SER A 287 5.79 32.47 -19.40
C SER A 287 4.90 31.24 -19.58
N GLY A 288 5.34 30.35 -20.46
CA GLY A 288 5.00 28.93 -20.37
C GLY A 288 4.44 28.28 -19.08
N LEU A 289 4.14 26.98 -19.23
CA LEU A 289 3.49 26.05 -18.33
C LEU A 289 3.80 24.55 -18.86
N GLY A 290 4.54 23.75 -18.05
CA GLY A 290 4.96 22.41 -18.42
C GLY A 290 3.95 21.54 -17.72
N ILE A 291 3.68 20.37 -18.30
CA ILE A 291 2.59 19.49 -17.98
C ILE A 291 3.09 18.10 -18.14
N LYS A 292 2.99 17.32 -17.08
CA LYS A 292 3.56 15.99 -17.02
C LYS A 292 2.41 15.04 -17.33
N LEU A 293 2.71 13.81 -17.74
CA LEU A 293 1.69 12.81 -18.10
C LEU A 293 0.50 12.78 -17.21
N ALA A 294 0.37 11.69 -16.42
CA ALA A 294 -0.85 11.43 -15.64
C ALA A 294 -0.87 10.15 -14.89
N THR A 295 0.01 9.20 -15.23
CA THR A 295 -0.04 7.80 -14.67
C THR A 295 -1.29 7.07 -15.15
N GLY A 296 -1.15 6.46 -16.33
CA GLY A 296 -2.10 5.53 -16.79
C GLY A 296 -3.01 6.22 -17.74
N ALA A 297 -2.80 7.49 -18.03
CA ALA A 297 -3.60 8.18 -19.08
C ALA A 297 -2.93 8.11 -20.44
N ASN A 298 -3.39 8.90 -21.39
CA ASN A 298 -2.91 8.66 -22.74
C ASN A 298 -2.24 9.82 -23.51
N ALA A 299 -0.97 9.67 -23.71
CA ALA A 299 -0.18 10.72 -24.24
C ALA A 299 -0.96 11.46 -25.31
N LEU A 300 -1.62 10.72 -26.19
CA LEU A 300 -2.29 11.35 -27.34
C LEU A 300 -3.46 12.06 -26.68
N ASP A 301 -4.44 11.26 -26.26
CA ASP A 301 -5.62 11.72 -25.57
C ASP A 301 -5.53 13.00 -24.86
N THR A 302 -4.58 13.06 -23.93
CA THR A 302 -4.55 14.19 -23.01
C THR A 302 -3.95 15.47 -23.68
N ALA A 303 -3.03 15.28 -24.64
CA ALA A 303 -2.44 16.38 -25.41
C ALA A 303 -3.60 17.10 -26.13
N ALA A 304 -4.47 16.30 -26.70
CA ALA A 304 -5.59 16.79 -27.42
C ALA A 304 -6.46 17.54 -26.47
N ALA A 305 -6.94 16.95 -25.39
CA ALA A 305 -7.73 17.76 -24.46
C ALA A 305 -7.02 19.06 -23.94
N ILE A 306 -5.67 19.05 -23.83
CA ILE A 306 -4.98 20.25 -23.33
C ILE A 306 -5.16 21.26 -24.37
N ARG A 307 -5.21 20.80 -25.61
CA ARG A 307 -5.25 21.71 -26.72
C ARG A 307 -6.63 22.24 -26.83
N ALA A 308 -7.56 21.40 -26.38
CA ALA A 308 -9.00 21.74 -26.28
C ALA A 308 -9.21 22.90 -25.35
N GLU A 309 -9.05 22.63 -24.07
CA GLU A 309 -9.09 23.60 -22.98
C GLU A 309 -8.37 24.93 -23.28
N LEU A 310 -7.20 24.85 -23.92
CA LEU A 310 -6.40 26.02 -24.22
C LEU A 310 -7.23 26.76 -25.20
N ALA A 311 -7.55 26.09 -26.31
CA ALA A 311 -8.61 26.61 -27.14
C ALA A 311 -9.78 26.87 -26.15
N LYS A 312 -10.81 27.62 -26.57
CA LYS A 312 -11.93 27.87 -25.63
C LYS A 312 -11.65 29.01 -24.64
N MET A 313 -10.42 29.12 -24.17
CA MET A 313 -10.09 30.15 -23.20
C MET A 313 -9.14 31.26 -23.74
N GLU A 314 -8.68 31.09 -24.97
CA GLU A 314 -7.73 32.05 -25.60
C GLU A 314 -8.49 33.25 -26.17
N PRO A 315 -9.80 33.11 -26.23
CA PRO A 315 -10.55 34.29 -26.60
C PRO A 315 -10.59 35.31 -25.43
N PHE A 316 -9.47 35.55 -24.74
CA PHE A 316 -9.48 36.41 -23.56
C PHE A 316 -8.23 37.29 -23.29
N PHE A 317 -8.53 38.40 -22.62
CA PHE A 317 -7.62 39.38 -22.04
C PHE A 317 -6.68 39.97 -23.07
N PRO A 318 -6.80 41.32 -23.25
CA PRO A 318 -6.43 42.26 -24.36
C PRO A 318 -5.29 41.87 -25.29
N SER A 319 -4.26 42.72 -25.26
CA SER A 319 -2.93 42.48 -25.86
C SER A 319 -2.81 40.98 -26.19
N GLY A 320 -2.68 40.63 -27.49
CA GLY A 320 -2.54 39.23 -27.93
C GLY A 320 -1.64 38.40 -27.00
N LEU A 321 -2.27 37.53 -26.18
CA LEU A 321 -1.57 36.51 -25.32
C LEU A 321 -1.57 35.10 -26.01
N LYS A 322 -0.84 35.03 -27.12
CA LYS A 322 -0.86 33.90 -27.99
C LYS A 322 -0.19 32.68 -27.41
N ILE A 323 -0.93 31.58 -27.39
CA ILE A 323 -0.45 30.36 -26.80
C ILE A 323 0.48 29.58 -27.78
N VAL A 324 1.74 29.38 -27.43
CA VAL A 324 2.59 28.59 -28.29
C VAL A 324 2.93 27.26 -27.71
N TYR A 325 3.47 26.38 -28.54
CA TYR A 325 3.66 25.01 -28.11
C TYR A 325 5.07 24.57 -28.39
N PRO A 326 6.06 25.18 -27.75
CA PRO A 326 7.39 24.91 -28.20
C PRO A 326 7.89 23.49 -27.90
N TYR A 327 6.99 22.58 -27.49
CA TYR A 327 7.32 21.23 -27.17
C TYR A 327 6.09 20.39 -26.91
N ASP A 328 5.87 19.33 -27.69
CA ASP A 328 4.74 18.41 -27.51
C ASP A 328 5.20 17.04 -27.91
N THR A 329 5.47 16.15 -26.96
CA THR A 329 5.84 14.79 -27.33
C THR A 329 4.52 14.07 -27.55
N THR A 330 4.09 14.14 -28.82
CA THR A 330 2.84 13.50 -29.28
C THR A 330 2.90 13.24 -30.77
N PRO A 331 3.12 14.31 -31.56
CA PRO A 331 3.31 14.03 -32.94
C PRO A 331 4.33 12.91 -33.01
N PHE A 332 5.47 13.08 -32.36
CA PHE A 332 6.40 11.99 -32.40
C PHE A 332 5.81 10.60 -32.06
N VAL A 333 4.87 10.53 -31.14
CA VAL A 333 4.43 9.21 -30.79
C VAL A 333 3.52 8.67 -31.87
N LYS A 334 2.66 9.54 -32.37
CA LYS A 334 1.62 9.20 -33.32
C LYS A 334 2.19 8.68 -34.62
N ILE A 335 3.24 9.36 -35.09
CA ILE A 335 4.00 8.87 -36.25
C ILE A 335 4.68 7.51 -36.00
N SER A 336 5.29 7.31 -34.86
CA SER A 336 5.64 5.96 -34.58
C SER A 336 4.39 5.07 -34.68
N ILE A 337 3.35 5.33 -33.94
CA ILE A 337 2.19 4.41 -34.02
C ILE A 337 1.80 4.20 -35.45
N HIS A 338 1.76 5.27 -36.25
CA HIS A 338 1.33 5.17 -37.66
C HIS A 338 2.22 4.22 -38.48
N GLU A 339 3.55 4.31 -38.32
CA GLU A 339 4.48 3.24 -38.73
C GLU A 339 4.23 2.09 -37.80
N VAL A 340 4.88 0.97 -38.01
CA VAL A 340 4.61 -0.21 -37.14
C VAL A 340 3.25 -0.81 -37.46
N VAL A 341 2.19 -0.05 -37.23
CA VAL A 341 0.90 -0.37 -37.80
C VAL A 341 1.01 -0.73 -39.30
N LYS A 342 1.83 0.00 -40.07
CA LYS A 342 1.99 -0.36 -41.47
C LYS A 342 2.98 -1.50 -41.50
N THR A 343 4.08 -1.38 -40.79
CA THR A 343 4.98 -2.49 -40.72
C THR A 343 4.15 -3.78 -40.58
N LEU A 344 3.22 -3.90 -39.62
CA LEU A 344 2.36 -5.11 -39.44
C LEU A 344 1.44 -5.28 -40.62
N VAL A 345 0.51 -4.37 -40.80
CA VAL A 345 -0.35 -4.43 -41.97
C VAL A 345 0.45 -4.90 -43.20
N GLU A 346 1.42 -4.11 -43.62
CA GLU A 346 2.21 -4.52 -44.76
C GLU A 346 2.89 -5.83 -44.57
N ALA A 347 3.50 -6.07 -43.43
CA ALA A 347 4.09 -7.39 -43.22
C ALA A 347 3.17 -8.52 -43.72
N ILE A 348 1.86 -8.32 -43.54
CA ILE A 348 0.89 -9.29 -43.98
C ILE A 348 0.77 -9.22 -45.50
N ILE A 349 0.54 -8.05 -46.08
CA ILE A 349 0.47 -7.97 -47.53
C ILE A 349 1.54 -8.86 -48.11
N LEU A 350 2.77 -8.70 -47.63
CA LEU A 350 3.84 -9.60 -47.96
C LEU A 350 3.43 -11.06 -47.91
N VAL A 351 2.86 -11.54 -46.81
CA VAL A 351 2.47 -12.97 -46.72
C VAL A 351 1.35 -13.32 -47.66
N PHE A 352 0.71 -12.34 -48.24
CA PHE A 352 -0.25 -12.67 -49.24
C PHE A 352 0.44 -12.81 -50.61
N LEU A 353 1.12 -11.76 -51.07
CA LEU A 353 2.05 -11.80 -52.18
C LEU A 353 2.95 -13.05 -52.12
N VAL A 354 4.01 -13.04 -51.35
CA VAL A 354 4.65 -14.32 -51.05
C VAL A 354 3.55 -15.32 -50.70
N MET A 355 3.84 -16.63 -50.73
CA MET A 355 2.82 -17.68 -50.49
C MET A 355 1.92 -17.99 -51.74
N TYR A 356 1.22 -17.00 -52.32
CA TYR A 356 0.64 -17.12 -53.68
C TYR A 356 1.65 -17.70 -54.63
N LEU A 357 2.74 -16.94 -54.83
CA LEU A 357 3.91 -17.34 -55.62
C LEU A 357 4.35 -18.76 -55.31
N PHE A 358 3.71 -19.45 -54.37
CA PHE A 358 4.20 -20.74 -53.86
C PHE A 358 3.16 -21.81 -53.74
N LEU A 359 1.96 -21.41 -53.37
CA LEU A 359 0.83 -22.28 -53.31
C LEU A 359 -0.09 -21.66 -54.30
N GLN A 360 -0.24 -22.32 -55.42
CA GLN A 360 -1.29 -21.93 -56.30
C GLN A 360 -2.54 -21.95 -55.39
N ASN A 361 -3.12 -20.79 -55.08
CA ASN A 361 -4.34 -20.73 -54.26
C ASN A 361 -4.73 -19.30 -54.15
N PHE A 362 -5.50 -19.05 -53.08
CA PHE A 362 -6.06 -17.75 -52.71
C PHE A 362 -6.65 -18.02 -51.33
N ARG A 363 -7.65 -18.90 -51.28
CA ARG A 363 -8.22 -19.32 -50.02
C ARG A 363 -7.14 -19.91 -49.08
N ALA A 364 -5.91 -20.06 -49.57
CA ALA A 364 -4.81 -20.40 -48.68
C ALA A 364 -4.24 -19.11 -48.09
N THR A 365 -3.87 -18.15 -48.94
CA THR A 365 -3.33 -16.91 -48.41
C THR A 365 -4.36 -16.23 -47.54
N LEU A 366 -5.63 -16.62 -47.62
CA LEU A 366 -6.56 -16.00 -46.72
C LEU A 366 -6.30 -16.49 -45.30
N ILE A 367 -5.84 -17.72 -45.12
CA ILE A 367 -5.57 -18.19 -43.73
C ILE A 367 -4.56 -17.34 -42.85
N PRO A 368 -3.25 -17.11 -43.29
CA PRO A 368 -2.40 -16.39 -42.36
C PRO A 368 -2.92 -14.95 -42.20
N THR A 369 -3.82 -14.53 -43.09
CA THR A 369 -4.34 -13.21 -43.03
C THR A 369 -5.45 -13.19 -41.99
N ILE A 370 -5.96 -14.35 -41.65
CA ILE A 370 -6.93 -14.40 -40.59
C ILE A 370 -6.27 -14.93 -39.31
N ALA A 371 -4.96 -15.11 -39.34
CA ALA A 371 -4.33 -15.60 -38.14
C ALA A 371 -3.54 -14.49 -37.54
N VAL A 372 -2.70 -13.85 -38.34
CA VAL A 372 -1.95 -12.72 -37.86
C VAL A 372 -2.92 -11.86 -37.07
N PRO A 373 -3.77 -10.99 -37.66
CA PRO A 373 -4.53 -10.01 -36.88
C PRO A 373 -5.20 -10.64 -35.67
N VAL A 374 -5.62 -11.89 -35.80
CA VAL A 374 -6.00 -12.64 -34.61
C VAL A 374 -4.86 -12.77 -33.55
N VAL A 375 -3.64 -13.14 -33.92
CA VAL A 375 -2.60 -13.17 -32.90
C VAL A 375 -2.19 -11.78 -32.31
N LEU A 376 -2.01 -10.76 -33.14
CA LEU A 376 -1.76 -9.40 -32.68
C LEU A 376 -2.87 -8.94 -31.76
N LEU A 377 -3.93 -8.36 -32.26
CA LEU A 377 -5.08 -8.27 -31.40
C LEU A 377 -4.93 -9.44 -30.44
N GLY A 378 -5.06 -9.26 -29.14
CA GLY A 378 -5.17 -10.45 -28.35
C GLY A 378 -3.89 -10.54 -27.61
N THR A 379 -2.81 -10.21 -28.27
CA THR A 379 -1.68 -10.02 -27.45
C THR A 379 -1.96 -8.66 -26.90
N PHE A 380 -2.67 -7.80 -27.64
CA PHE A 380 -3.02 -6.48 -27.07
C PHE A 380 -3.87 -6.63 -25.81
N ALA A 381 -4.26 -7.85 -25.46
CA ALA A 381 -5.04 -8.05 -24.28
C ALA A 381 -4.19 -8.69 -23.25
N VAL A 382 -3.09 -9.25 -23.62
CA VAL A 382 -2.17 -9.75 -22.61
C VAL A 382 -1.33 -8.61 -22.08
N LEU A 383 -1.22 -7.58 -22.88
CA LEU A 383 -0.48 -6.44 -22.49
C LEU A 383 -1.31 -5.79 -21.43
N ALA A 384 -2.59 -5.69 -21.71
CA ALA A 384 -3.50 -5.06 -20.75
C ALA A 384 -3.76 -5.88 -19.49
N ALA A 385 -3.30 -7.13 -19.53
CA ALA A 385 -3.42 -8.13 -18.47
C ALA A 385 -2.28 -7.98 -17.52
N PHE A 386 -1.14 -7.54 -18.01
CA PHE A 386 0.03 -7.37 -17.18
C PHE A 386 0.22 -5.86 -16.88
N GLY A 387 -0.84 -5.07 -17.09
CA GLY A 387 -0.77 -3.61 -16.89
C GLY A 387 0.14 -2.83 -17.83
N PHE A 388 0.55 -3.46 -18.91
CA PHE A 388 1.52 -2.85 -19.78
C PHE A 388 0.80 -1.80 -20.56
N SER A 389 1.45 -1.27 -21.57
CA SER A 389 0.94 -0.11 -22.19
C SER A 389 1.45 0.03 -23.64
N ILE A 390 0.80 0.91 -24.44
CA ILE A 390 1.17 1.10 -25.84
C ILE A 390 2.22 2.20 -25.75
N ASN A 391 3.49 1.81 -25.90
CA ASN A 391 4.59 2.77 -25.88
C ASN A 391 5.61 2.29 -26.88
N THR A 392 6.40 3.22 -27.44
CA THR A 392 7.51 2.85 -28.35
C THR A 392 8.05 1.44 -28.08
N LEU A 393 8.49 1.18 -26.86
CA LEU A 393 9.14 -0.10 -26.53
C LEU A 393 8.24 -1.29 -26.78
N THR A 394 7.00 -1.16 -26.35
CA THR A 394 6.03 -2.26 -26.46
C THR A 394 5.63 -2.52 -27.94
N MET A 395 5.68 -1.49 -28.80
CA MET A 395 5.25 -1.62 -30.21
C MET A 395 6.28 -2.36 -30.93
N PHE A 396 7.48 -1.83 -31.03
CA PHE A 396 8.54 -2.54 -31.70
C PHE A 396 8.68 -3.92 -31.13
N GLY A 397 8.21 -4.10 -29.90
CA GLY A 397 8.11 -5.44 -29.38
C GLY A 397 7.38 -6.44 -30.29
N MET A 398 6.30 -6.04 -30.99
CA MET A 398 5.55 -6.94 -31.87
C MET A 398 6.11 -6.84 -33.27
N VAL A 399 6.82 -5.79 -33.59
CA VAL A 399 7.36 -5.73 -34.93
C VAL A 399 8.60 -6.66 -34.99
N LEU A 400 9.55 -6.46 -34.09
CA LEU A 400 10.57 -7.41 -33.85
C LEU A 400 10.00 -8.75 -33.76
N ALA A 401 8.71 -8.90 -33.65
CA ALA A 401 8.19 -10.24 -33.53
C ALA A 401 7.25 -10.65 -34.64
N ILE A 402 7.13 -9.80 -35.65
CA ILE A 402 6.05 -9.90 -36.65
C ILE A 402 6.31 -11.15 -37.38
N GLY A 403 7.61 -11.42 -37.46
CA GLY A 403 8.20 -12.48 -38.24
C GLY A 403 8.19 -13.80 -37.52
N LEU A 404 7.66 -13.83 -36.33
CA LEU A 404 7.72 -15.09 -35.62
C LEU A 404 6.36 -15.80 -35.58
N LEU A 405 5.31 -15.00 -35.63
CA LEU A 405 4.00 -15.55 -35.63
C LEU A 405 3.75 -15.80 -37.11
N VAL A 406 3.97 -14.78 -37.95
CA VAL A 406 3.64 -14.89 -39.36
C VAL A 406 4.16 -16.22 -39.75
N ASP A 407 5.46 -16.41 -39.59
CA ASP A 407 5.97 -17.71 -39.84
C ASP A 407 5.01 -18.76 -39.33
N ASP A 408 4.97 -18.98 -38.03
CA ASP A 408 4.12 -20.03 -37.47
C ASP A 408 2.92 -20.33 -38.39
N ALA A 409 2.15 -19.31 -38.78
CA ALA A 409 0.97 -19.49 -39.67
C ALA A 409 1.35 -20.25 -40.91
N ILE A 410 2.20 -19.64 -41.73
CA ILE A 410 2.64 -20.23 -42.99
C ILE A 410 3.02 -21.69 -42.73
N VAL A 411 4.06 -21.93 -41.94
CA VAL A 411 4.41 -23.27 -41.51
C VAL A 411 3.29 -24.33 -41.44
N VAL A 412 2.14 -24.03 -40.82
CA VAL A 412 1.01 -25.02 -40.81
C VAL A 412 0.28 -25.17 -42.17
N VAL A 413 -0.23 -24.09 -42.72
CA VAL A 413 -1.03 -24.20 -43.93
C VAL A 413 -0.14 -24.66 -45.10
N GLU A 414 1.14 -24.79 -44.88
CA GLU A 414 1.98 -25.23 -45.98
C GLU A 414 2.42 -26.66 -45.79
N ASN A 415 2.19 -27.22 -44.60
CA ASN A 415 2.36 -28.65 -44.48
C ASN A 415 1.10 -29.32 -45.07
N VAL A 416 -0.08 -28.82 -44.79
CA VAL A 416 -1.32 -29.40 -45.44
C VAL A 416 -1.36 -29.44 -47.01
N GLU A 417 -0.75 -28.41 -47.65
CA GLU A 417 -0.68 -28.20 -49.11
C GLU A 417 0.47 -28.92 -49.67
N ARG A 418 1.08 -29.72 -48.80
CA ARG A 418 2.06 -30.70 -49.18
C ARG A 418 1.38 -32.05 -49.00
N VAL A 419 0.94 -32.40 -47.80
CA VAL A 419 0.34 -33.71 -47.61
C VAL A 419 -0.80 -34.01 -48.56
N MET A 420 -1.80 -33.14 -48.64
CA MET A 420 -2.71 -33.22 -49.80
C MET A 420 -1.98 -32.68 -51.06
N ALA A 421 -0.90 -33.36 -51.45
CA ALA A 421 -0.10 -33.05 -52.67
C ALA A 421 0.86 -34.23 -52.89
N GLU A 422 1.93 -34.38 -52.10
CA GLU A 422 2.74 -35.62 -52.02
C GLU A 422 1.90 -36.86 -51.76
N GLU A 423 1.16 -37.26 -52.83
CA GLU A 423 0.13 -38.34 -52.87
C GLU A 423 -0.71 -38.34 -51.62
N GLY A 424 -1.40 -37.22 -51.42
CA GLY A 424 -2.16 -37.05 -50.19
C GLY A 424 -3.65 -37.31 -50.32
N LEU A 425 -4.36 -37.13 -49.20
CA LEU A 425 -5.80 -37.27 -49.15
C LEU A 425 -6.48 -35.89 -49.29
N PRO A 426 -7.80 -35.81 -49.10
CA PRO A 426 -8.47 -34.47 -49.00
C PRO A 426 -7.96 -33.54 -47.85
N PRO A 427 -8.48 -32.27 -47.77
CA PRO A 427 -8.28 -31.27 -46.74
C PRO A 427 -8.33 -31.83 -45.35
N LYS A 428 -9.44 -32.46 -44.98
CA LYS A 428 -9.50 -33.05 -43.64
C LYS A 428 -8.22 -33.82 -43.40
N GLU A 429 -8.20 -35.02 -43.96
CA GLU A 429 -7.24 -36.07 -43.65
C GLU A 429 -5.85 -35.56 -43.92
N ALA A 430 -5.78 -34.51 -44.73
CA ALA A 430 -4.51 -33.89 -44.90
C ALA A 430 -4.06 -33.28 -43.57
N THR A 431 -4.74 -32.20 -43.17
CA THR A 431 -4.58 -31.53 -41.86
C THR A 431 -4.23 -32.55 -40.74
N ARG A 432 -5.22 -33.37 -40.41
CA ARG A 432 -5.04 -34.42 -39.46
C ARG A 432 -3.60 -34.93 -39.51
N LYS A 433 -3.18 -35.50 -40.63
CA LYS A 433 -1.82 -36.04 -40.79
C LYS A 433 -0.76 -34.93 -40.72
N SER A 434 -0.97 -33.84 -41.50
CA SER A 434 -0.06 -32.65 -41.58
C SER A 434 0.09 -31.99 -40.22
N MET A 435 -0.97 -31.23 -39.89
CA MET A 435 -1.20 -30.69 -38.55
C MET A 435 -1.15 -31.83 -37.51
N GLY A 436 0.01 -32.44 -37.34
CA GLY A 436 0.05 -33.60 -36.55
C GLY A 436 1.39 -34.19 -36.84
N GLN A 437 2.17 -33.49 -37.62
CA GLN A 437 3.47 -34.02 -37.92
C GLN A 437 4.40 -32.95 -37.45
N ILE A 438 3.76 -31.77 -37.22
CA ILE A 438 4.38 -30.51 -36.75
C ILE A 438 3.78 -30.12 -35.40
N GLN A 439 2.66 -30.80 -35.12
CA GLN A 439 1.93 -30.77 -33.85
C GLN A 439 2.86 -30.64 -32.64
N GLY A 440 3.35 -31.78 -32.16
CA GLY A 440 4.39 -31.79 -31.18
C GLY A 440 5.61 -30.90 -31.43
N ALA A 441 6.03 -30.72 -32.68
CA ALA A 441 7.08 -29.72 -32.90
C ALA A 441 6.56 -28.26 -32.55
N LEU A 442 5.47 -27.80 -33.19
CA LEU A 442 4.76 -26.55 -32.83
C LEU A 442 4.62 -26.20 -31.33
N VAL A 443 4.46 -27.25 -30.50
CA VAL A 443 4.57 -27.21 -29.01
C VAL A 443 6.04 -27.05 -28.69
N GLY A 444 6.63 -27.93 -27.87
CA GLY A 444 8.09 -27.98 -27.80
C GLY A 444 8.90 -26.73 -28.25
N ILE A 445 8.81 -26.30 -29.51
CA ILE A 445 9.42 -25.02 -29.96
C ILE A 445 8.79 -23.81 -29.27
N ALA A 446 7.62 -24.08 -28.69
CA ALA A 446 6.95 -23.22 -27.71
C ALA A 446 7.87 -23.03 -26.53
N MET A 447 7.89 -24.04 -25.63
CA MET A 447 8.86 -24.14 -24.54
C MET A 447 10.23 -23.71 -24.93
N VAL A 448 10.68 -23.99 -26.13
CA VAL A 448 11.99 -23.46 -26.48
C VAL A 448 12.01 -21.91 -26.55
N LEU A 449 11.32 -21.33 -27.54
CA LEU A 449 11.12 -19.87 -27.67
C LEU A 449 10.72 -19.11 -26.35
N SER A 450 10.04 -19.79 -25.43
CA SER A 450 9.85 -19.27 -24.10
C SER A 450 11.18 -19.06 -23.41
N ALA A 451 12.13 -19.97 -23.53
CA ALA A 451 13.47 -19.60 -23.13
C ALA A 451 14.06 -18.87 -24.32
N VAL A 452 15.23 -18.31 -24.17
CA VAL A 452 15.87 -17.52 -25.25
C VAL A 452 15.02 -16.34 -25.52
N PHE A 453 14.27 -15.96 -24.49
CA PHE A 453 13.31 -14.85 -24.51
C PHE A 453 12.92 -14.45 -23.10
N VAL A 454 12.33 -15.39 -22.34
CA VAL A 454 11.99 -15.17 -20.90
C VAL A 454 13.13 -14.53 -20.14
N PRO A 455 14.29 -15.17 -20.12
CA PRO A 455 15.48 -14.68 -19.51
C PRO A 455 15.62 -13.14 -19.45
N MET A 456 15.26 -12.41 -20.51
CA MET A 456 15.20 -10.95 -20.40
C MET A 456 14.15 -10.73 -19.39
N ALA A 457 14.02 -9.51 -18.87
CA ALA A 457 12.97 -9.33 -17.88
C ALA A 457 13.41 -9.98 -16.60
N PHE A 458 14.67 -9.77 -16.29
CA PHE A 458 15.35 -10.37 -15.19
C PHE A 458 16.63 -9.51 -15.02
N PHE A 459 16.78 -8.49 -15.88
CA PHE A 459 18.04 -7.80 -16.00
C PHE A 459 18.39 -6.84 -14.84
N GLY A 460 18.68 -5.56 -15.14
CA GLY A 460 19.11 -4.61 -14.10
C GLY A 460 18.02 -3.67 -13.57
N GLY A 461 18.08 -2.41 -14.00
CA GLY A 461 17.30 -1.38 -13.34
C GLY A 461 16.69 -0.45 -14.34
N SER A 462 17.18 0.77 -14.40
CA SER A 462 16.73 1.70 -15.40
C SER A 462 16.48 0.96 -16.76
N THR A 463 17.34 -0.06 -17.04
CA THR A 463 17.30 -0.90 -18.28
C THR A 463 16.68 -2.14 -17.80
N GLY A 464 16.59 -3.15 -18.63
CA GLY A 464 16.10 -4.33 -18.04
C GLY A 464 14.63 -4.12 -17.81
N ALA A 465 14.21 -2.95 -17.26
CA ALA A 465 12.78 -2.51 -17.33
C ALA A 465 12.37 -2.40 -18.81
N ILE A 466 13.21 -1.73 -19.59
CA ILE A 466 13.02 -1.72 -21.01
C ILE A 466 12.92 -3.18 -21.45
N TYR A 467 14.00 -3.93 -21.25
CA TYR A 467 14.10 -5.33 -21.69
C TYR A 467 12.83 -6.12 -21.46
N ARG A 468 12.29 -5.98 -20.26
CA ARG A 468 11.00 -6.58 -19.86
C ARG A 468 9.91 -6.26 -20.82
N GLN A 469 9.93 -5.00 -21.24
CA GLN A 469 8.96 -4.51 -22.16
C GLN A 469 8.94 -5.44 -23.30
N PHE A 470 10.13 -5.71 -23.81
CA PHE A 470 10.29 -6.46 -25.04
C PHE A 470 9.99 -7.90 -24.84
N SER A 471 10.60 -8.46 -23.79
CA SER A 471 10.39 -9.83 -23.43
C SER A 471 8.89 -10.23 -23.34
N ILE A 472 8.14 -9.77 -22.33
CA ILE A 472 6.73 -10.13 -22.28
C ILE A 472 6.01 -9.85 -23.58
N THR A 473 6.33 -8.77 -24.27
CA THR A 473 5.64 -8.52 -25.52
C THR A 473 5.81 -9.83 -26.31
N ILE A 474 7.05 -10.11 -26.68
CA ILE A 474 7.29 -11.15 -27.65
C ILE A 474 6.66 -12.45 -27.17
N VAL A 475 7.19 -12.99 -26.08
CA VAL A 475 6.66 -14.19 -25.50
C VAL A 475 5.14 -14.22 -25.38
N SER A 476 4.50 -13.05 -25.31
CA SER A 476 3.04 -13.03 -25.15
C SER A 476 2.42 -13.21 -26.50
N ALA A 477 2.92 -12.46 -27.48
CA ALA A 477 2.64 -12.70 -28.91
C ALA A 477 2.99 -14.15 -29.21
N MET A 478 4.29 -14.45 -29.15
CA MET A 478 4.88 -15.75 -29.58
C MET A 478 4.04 -16.90 -29.11
N ALA A 479 3.85 -17.00 -27.82
CA ALA A 479 3.17 -18.17 -27.36
C ALA A 479 1.70 -18.06 -27.68
N LEU A 480 1.16 -16.86 -27.72
CA LEU A 480 -0.27 -16.75 -27.94
C LEU A 480 -0.50 -17.39 -29.27
N SER A 481 0.34 -17.01 -30.24
CA SER A 481 0.38 -17.60 -31.60
C SER A 481 0.32 -19.13 -31.64
N VAL A 482 1.42 -19.76 -31.18
CA VAL A 482 1.57 -21.22 -31.10
C VAL A 482 0.32 -21.91 -30.61
N LEU A 483 -0.43 -21.19 -29.82
CA LEU A 483 -1.72 -21.64 -29.38
C LEU A 483 -2.87 -21.50 -30.49
N VAL A 484 -2.82 -20.50 -31.35
CA VAL A 484 -3.84 -20.49 -32.40
C VAL A 484 -3.44 -21.49 -33.47
N ALA A 485 -2.14 -21.65 -33.67
CA ALA A 485 -1.70 -22.62 -34.66
C ALA A 485 -1.83 -24.05 -34.08
N LEU A 486 -2.52 -24.23 -32.95
CA LEU A 486 -2.95 -25.58 -32.56
C LEU A 486 -4.44 -25.62 -32.48
N ILE A 487 -5.09 -24.48 -32.73
CA ILE A 487 -6.56 -24.37 -32.66
C ILE A 487 -7.29 -23.73 -33.86
N LEU A 488 -7.01 -22.49 -34.23
CA LEU A 488 -7.81 -21.86 -35.31
C LEU A 488 -7.23 -22.18 -36.68
N THR A 489 -5.90 -22.15 -36.82
CA THR A 489 -5.26 -22.51 -38.11
C THR A 489 -5.53 -23.96 -38.58
N PRO A 490 -5.27 -24.97 -37.72
CA PRO A 490 -5.61 -26.32 -38.07
C PRO A 490 -7.08 -26.55 -38.31
N ALA A 491 -7.96 -25.58 -38.13
CA ALA A 491 -9.31 -25.85 -38.54
C ALA A 491 -9.61 -24.87 -39.58
N LEU A 492 -8.69 -23.99 -39.87
CA LEU A 492 -8.98 -22.87 -40.79
C LEU A 492 -8.51 -23.14 -42.20
N CYS A 493 -7.37 -23.80 -42.26
CA CYS A 493 -6.85 -24.37 -43.51
C CYS A 493 -7.58 -25.72 -43.96
N ALA A 494 -7.70 -26.74 -43.11
CA ALA A 494 -8.81 -27.66 -43.43
C ALA A 494 -10.06 -26.72 -43.49
N THR A 495 -11.09 -27.11 -44.25
CA THR A 495 -12.31 -26.31 -44.35
C THR A 495 -12.17 -24.93 -45.01
N MET A 496 -11.82 -24.89 -46.29
CA MET A 496 -11.31 -23.68 -46.95
C MET A 496 -10.26 -24.05 -48.04
N LEU A 497 -9.40 -25.02 -47.68
CA LEU A 497 -8.29 -25.58 -48.49
C LEU A 497 -8.65 -26.63 -49.55
N LYS A 498 -8.41 -26.31 -50.82
CA LYS A 498 -8.60 -27.28 -51.90
C LYS A 498 -7.29 -27.62 -52.66
N PHE A 513 3.67 -17.24 -64.24
CA PHE A 513 3.60 -18.34 -63.29
C PHE A 513 4.48 -19.51 -63.66
N GLY A 514 4.51 -19.91 -64.95
CA GLY A 514 5.65 -20.69 -65.52
C GLY A 514 7.05 -20.28 -64.98
N TRP A 515 7.39 -18.98 -65.03
CA TRP A 515 8.58 -18.30 -64.35
C TRP A 515 8.86 -18.77 -62.93
N PHE A 516 7.96 -19.60 -62.42
CA PHE A 516 8.11 -20.23 -61.13
C PHE A 516 7.41 -21.59 -61.28
N ASN A 517 7.36 -22.39 -60.20
CA ASN A 517 6.81 -23.81 -60.14
C ASN A 517 7.52 -24.73 -61.14
N ARG A 518 7.60 -24.15 -62.33
CA ARG A 518 8.32 -24.64 -63.46
C ARG A 518 9.67 -23.96 -63.40
N MET A 519 9.96 -23.24 -62.33
CA MET A 519 11.31 -22.74 -62.11
C MET A 519 11.59 -22.89 -60.57
N PHE A 520 10.91 -23.87 -59.97
CA PHE A 520 11.19 -24.14 -58.58
C PHE A 520 11.29 -25.63 -58.37
N GLU A 521 10.21 -26.40 -58.62
CA GLU A 521 10.20 -27.93 -58.59
C GLU A 521 11.57 -28.68 -58.97
N LYS A 522 12.47 -27.92 -59.62
CA LYS A 522 13.78 -28.30 -60.19
C LYS A 522 14.98 -27.70 -59.49
N SER A 523 14.82 -26.46 -59.01
CA SER A 523 15.81 -25.88 -58.12
C SER A 523 15.84 -26.47 -56.73
N THR A 524 14.68 -26.86 -56.22
CA THR A 524 14.53 -27.74 -55.05
C THR A 524 15.45 -28.96 -55.22
N HIS A 525 15.39 -29.53 -56.43
CA HIS A 525 15.90 -30.86 -56.76
C HIS A 525 17.34 -30.61 -57.01
N HIS A 526 17.63 -29.61 -57.83
CA HIS A 526 19.01 -29.22 -57.93
C HIS A 526 19.52 -29.06 -56.49
N TYR A 527 18.76 -28.31 -55.67
CA TYR A 527 19.16 -28.02 -54.29
C TYR A 527 19.43 -29.30 -53.43
N THR A 528 18.39 -30.08 -53.19
CA THR A 528 18.53 -31.25 -52.34
C THR A 528 19.61 -32.16 -52.89
N ASP A 529 19.67 -32.25 -54.24
CA ASP A 529 20.71 -32.98 -54.99
C ASP A 529 22.06 -32.37 -54.69
N SER A 530 22.15 -31.04 -54.85
CA SER A 530 23.38 -30.35 -54.54
C SER A 530 23.82 -30.73 -53.10
N VAL A 531 22.87 -30.62 -52.16
CA VAL A 531 23.06 -30.99 -50.76
C VAL A 531 23.23 -32.47 -50.68
N GLY A 532 22.59 -33.14 -51.63
CA GLY A 532 22.69 -34.58 -51.81
C GLY A 532 24.16 -34.85 -52.08
N GLY A 533 24.65 -36.02 -51.63
CA GLY A 533 26.08 -36.26 -51.49
C GLY A 533 26.58 -35.08 -50.67
N ILE A 534 27.74 -34.50 -51.00
CA ILE A 534 28.30 -33.44 -50.18
C ILE A 534 28.01 -33.67 -48.64
N LEU A 535 28.17 -34.89 -48.16
CA LEU A 535 27.51 -35.32 -46.91
C LEU A 535 27.94 -36.72 -46.57
N ARG A 536 28.69 -37.29 -47.51
CA ARG A 536 29.45 -38.52 -47.29
C ARG A 536 30.55 -38.21 -46.22
N SER A 537 31.51 -37.37 -46.61
CA SER A 537 32.59 -36.88 -45.73
C SER A 537 32.03 -35.95 -44.68
N THR A 538 30.72 -36.07 -44.42
CA THR A 538 29.97 -35.37 -43.34
C THR A 538 30.72 -34.10 -42.89
N GLY A 539 31.74 -34.29 -42.04
CA GLY A 539 32.63 -33.24 -41.53
C GLY A 539 33.41 -32.45 -42.58
N ARG A 540 32.86 -32.43 -43.80
CA ARG A 540 33.32 -31.54 -44.89
C ARG A 540 33.25 -30.12 -44.37
N TYR A 541 32.00 -29.66 -44.24
CA TYR A 541 31.64 -28.33 -43.83
C TYR A 541 31.55 -28.21 -42.31
N LEU A 542 31.98 -29.24 -41.58
CA LEU A 542 32.05 -29.15 -40.13
C LEU A 542 32.99 -28.00 -39.81
N VAL A 543 34.03 -27.92 -40.62
CA VAL A 543 34.89 -26.76 -40.63
C VAL A 543 34.15 -25.81 -41.52
N LEU A 544 34.69 -24.62 -41.75
CA LEU A 544 34.04 -23.71 -42.68
C LEU A 544 33.08 -22.98 -41.75
N TYR A 545 32.23 -23.80 -41.12
CA TYR A 545 31.34 -23.42 -40.04
C TYR A 545 32.13 -23.02 -38.82
N LEU A 546 33.02 -23.90 -38.41
CA LEU A 546 33.84 -23.60 -37.29
C LEU A 546 34.51 -22.23 -37.53
N ILE A 547 34.69 -21.89 -38.80
CA ILE A 547 35.18 -20.55 -39.10
C ILE A 547 34.13 -19.62 -38.59
N ILE A 548 32.90 -19.74 -39.16
CA ILE A 548 31.74 -18.85 -38.92
C ILE A 548 31.70 -18.45 -37.44
N VAL A 549 31.41 -19.42 -36.57
CA VAL A 549 31.50 -19.28 -35.08
C VAL A 549 32.70 -18.39 -34.63
N VAL A 550 33.89 -18.88 -34.93
CA VAL A 550 35.09 -18.13 -34.67
C VAL A 550 35.00 -16.72 -35.20
N GLY A 551 34.21 -16.54 -36.24
CA GLY A 551 34.10 -15.27 -36.90
C GLY A 551 33.34 -14.40 -35.97
N MET A 552 32.11 -14.81 -35.67
CA MET A 552 31.22 -14.08 -34.76
C MET A 552 32.00 -13.66 -33.53
N ALA A 553 32.63 -14.66 -32.89
CA ALA A 553 33.46 -14.45 -31.70
C ALA A 553 34.51 -13.36 -31.91
N TYR A 554 34.66 -12.91 -33.16
CA TYR A 554 35.46 -11.77 -33.50
C TYR A 554 34.51 -10.61 -33.60
N LEU A 555 33.56 -10.68 -34.53
CA LEU A 555 32.72 -9.53 -34.83
C LEU A 555 32.16 -8.93 -33.56
N PHE A 556 31.76 -9.82 -32.64
CA PHE A 556 31.06 -9.43 -31.41
C PHE A 556 31.84 -8.36 -30.66
N VAL A 557 33.00 -8.79 -30.16
CA VAL A 557 33.98 -7.94 -29.51
C VAL A 557 34.15 -6.64 -30.32
N ARG A 558 34.42 -6.80 -31.60
CA ARG A 558 34.61 -5.66 -32.45
C ARG A 558 33.43 -4.71 -32.36
N LEU A 559 32.19 -5.23 -32.35
CA LEU A 559 30.96 -4.39 -32.42
C LEU A 559 30.72 -3.51 -31.19
N PRO A 560 30.58 -2.18 -31.40
CA PRO A 560 30.40 -1.24 -30.28
C PRO A 560 29.09 -1.51 -29.50
N SER A 561 28.89 -0.74 -28.41
CA SER A 561 27.71 -0.93 -27.56
C SER A 561 26.95 0.34 -27.22
N SER A 562 25.64 0.18 -27.08
CA SER A 562 24.76 1.26 -26.68
C SER A 562 23.46 0.79 -26.09
N PHE A 563 22.58 1.73 -25.79
CA PHE A 563 21.30 1.41 -25.19
C PHE A 563 20.30 1.63 -26.25
N LEU A 564 20.12 2.88 -26.62
CA LEU A 564 19.07 3.21 -27.52
C LEU A 564 19.70 4.24 -28.37
N PRO A 565 19.71 4.03 -29.69
CA PRO A 565 20.15 5.09 -30.60
C PRO A 565 19.29 6.39 -30.46
N ASP A 566 19.96 7.45 -30.07
CA ASP A 566 19.43 8.78 -30.09
C ASP A 566 18.52 8.93 -31.30
N GLU A 567 17.46 9.77 -31.25
CA GLU A 567 16.71 10.14 -32.47
C GLU A 567 16.40 11.60 -32.61
N ASP A 568 16.01 12.00 -33.83
CA ASP A 568 15.57 13.38 -34.19
C ASP A 568 14.28 13.38 -33.47
N GLN A 569 14.05 14.40 -32.65
CA GLN A 569 12.70 14.64 -32.11
C GLN A 569 12.47 16.09 -32.31
N GLY A 570 11.25 16.53 -32.01
CA GLY A 570 10.87 17.94 -32.17
C GLY A 570 11.91 19.04 -31.98
N VAL A 571 12.76 18.81 -30.98
CA VAL A 571 13.68 19.81 -30.51
C VAL A 571 15.08 19.36 -30.25
N PHE A 572 15.84 20.33 -29.75
CA PHE A 572 17.11 20.07 -29.06
C PHE A 572 17.58 21.41 -28.44
N MET A 573 18.76 21.45 -27.81
CA MET A 573 19.13 22.63 -27.07
C MET A 573 20.56 23.13 -27.20
N THR A 574 20.71 24.36 -26.80
CA THR A 574 21.99 25.01 -26.77
C THR A 574 22.25 25.35 -25.34
N MET A 575 23.50 25.25 -24.97
CA MET A 575 23.91 25.51 -23.63
C MET A 575 24.79 26.77 -23.55
N VAL A 576 24.32 27.88 -22.95
CA VAL A 576 25.25 29.00 -22.84
C VAL A 576 25.90 28.97 -21.49
N GLN A 577 27.05 29.60 -21.31
CA GLN A 577 27.75 29.61 -20.00
C GLN A 577 28.82 30.73 -19.89
N LEU A 578 28.36 31.97 -19.66
CA LEU A 578 29.25 33.08 -19.45
C LEU A 578 30.19 32.69 -18.27
N PRO A 579 31.35 33.35 -18.12
CA PRO A 579 32.24 32.73 -17.12
C PRO A 579 31.90 33.17 -15.66
N ALA A 580 32.83 32.77 -14.77
CA ALA A 580 32.83 33.10 -13.35
C ALA A 580 31.70 33.93 -12.97
N GLY A 581 31.89 35.18 -12.76
CA GLY A 581 30.75 35.81 -12.19
C GLY A 581 29.99 36.61 -13.17
N ALA A 582 29.45 36.09 -14.26
CA ALA A 582 28.78 37.05 -15.20
C ALA A 582 27.47 37.69 -14.83
N THR A 583 26.59 37.92 -15.76
CA THR A 583 25.38 38.61 -15.40
C THR A 583 24.32 38.39 -16.36
N GLN A 584 23.17 38.18 -15.78
CA GLN A 584 21.97 38.08 -16.52
C GLN A 584 22.10 38.94 -17.75
N GLU A 585 22.29 40.27 -17.62
CA GLU A 585 22.31 41.08 -18.80
C GLU A 585 23.34 40.63 -19.82
N ARG A 586 24.59 40.46 -19.38
CA ARG A 586 25.71 39.88 -20.21
C ARG A 586 25.34 38.50 -20.72
N THR A 587 24.60 37.74 -19.93
CA THR A 587 24.12 36.44 -20.44
C THR A 587 23.02 36.53 -21.47
N GLN A 588 22.14 37.52 -21.37
CA GLN A 588 21.09 37.61 -22.34
C GLN A 588 21.74 37.70 -23.70
N LYS A 589 22.68 38.63 -23.87
CA LYS A 589 23.11 38.97 -25.25
C LYS A 589 23.53 37.69 -25.93
N VAL A 590 24.14 36.81 -25.14
CA VAL A 590 24.61 35.57 -25.68
C VAL A 590 23.44 34.77 -26.14
N LEU A 591 22.34 34.87 -25.41
CA LEU A 591 21.13 34.15 -25.76
C LEU A 591 20.51 34.74 -27.01
N ASN A 592 20.48 36.06 -27.11
CA ASN A 592 20.02 36.75 -28.29
C ASN A 592 20.76 36.32 -29.58
N GLU A 593 22.09 36.39 -29.59
CA GLU A 593 22.85 35.62 -30.64
C GLU A 593 22.36 34.15 -30.87
N VAL A 594 22.53 33.29 -29.86
CA VAL A 594 22.08 31.96 -30.00
C VAL A 594 20.78 32.00 -30.68
N THR A 595 19.82 32.74 -30.14
CA THR A 595 18.53 32.91 -30.80
C THR A 595 18.73 33.22 -32.28
N HIS A 596 19.57 34.24 -32.56
CA HIS A 596 19.78 34.77 -33.95
C HIS A 596 20.36 33.70 -34.88
N TYR A 597 21.62 33.34 -34.68
CA TYR A 597 22.27 32.33 -35.51
C TYR A 597 21.47 31.05 -35.56
N TYR A 598 20.18 31.14 -35.18
CA TYR A 598 19.16 30.03 -35.25
C TYR A 598 17.98 30.45 -36.05
N LEU A 599 17.24 31.47 -35.59
CA LEU A 599 16.30 32.16 -36.49
C LEU A 599 17.18 33.05 -37.29
N THR A 600 17.15 32.89 -38.62
CA THR A 600 17.99 33.71 -39.53
C THR A 600 19.39 33.17 -39.67
N LYS A 601 19.46 32.01 -40.29
CA LYS A 601 20.68 31.40 -40.69
C LYS A 601 20.39 29.94 -40.52
N GLU A 602 19.15 29.68 -40.11
CA GLU A 602 18.69 28.34 -40.06
C GLU A 602 17.23 28.46 -40.14
N LYS A 603 16.76 29.45 -40.91
CA LYS A 603 15.33 29.93 -40.83
C LYS A 603 14.27 28.97 -41.40
N ASN A 604 14.73 27.99 -42.19
CA ASN A 604 13.90 26.88 -42.73
C ASN A 604 13.93 25.56 -41.91
N ASN A 605 14.33 25.68 -40.65
CA ASN A 605 14.31 24.59 -39.70
C ASN A 605 13.96 25.03 -38.24
N VAL A 606 14.67 25.99 -37.69
CA VAL A 606 14.33 26.51 -36.38
C VAL A 606 12.95 27.06 -36.50
N GLU A 607 12.00 26.53 -35.73
CA GLU A 607 10.63 27.05 -35.70
C GLU A 607 10.54 28.04 -34.54
N SER A 608 11.15 27.68 -33.42
CA SER A 608 11.27 28.67 -32.37
C SER A 608 12.38 28.27 -31.49
N VAL A 609 12.98 29.28 -30.88
CA VAL A 609 13.83 29.08 -29.75
C VAL A 609 13.18 29.74 -28.49
N PHE A 610 12.99 28.86 -27.48
CA PHE A 610 12.68 29.23 -26.14
C PHE A 610 13.94 29.26 -25.35
N ALA A 611 14.36 30.48 -24.97
CA ALA A 611 15.60 30.74 -24.20
C ALA A 611 15.35 31.31 -22.77
N VAL A 612 16.07 30.76 -21.80
CA VAL A 612 15.97 31.19 -20.43
C VAL A 612 17.35 31.26 -19.82
N ASN A 613 17.67 32.34 -19.10
CA ASN A 613 18.95 32.48 -18.34
C ASN A 613 18.67 32.42 -16.85
N GLY A 614 19.29 31.44 -16.21
CA GLY A 614 19.09 31.27 -14.81
C GLY A 614 18.97 29.78 -14.62
N PHE A 615 18.65 29.10 -15.71
CA PHE A 615 18.60 27.63 -15.75
C PHE A 615 19.84 27.04 -16.38
N GLY A 616 20.95 27.18 -15.73
CA GLY A 616 22.09 26.43 -16.15
C GLY A 616 21.79 24.98 -15.95
N PHE A 617 22.65 24.14 -16.48
CA PHE A 617 22.48 22.76 -16.14
C PHE A 617 23.42 22.28 -15.07
N ALA A 618 24.21 23.14 -14.43
CA ALA A 618 25.07 22.62 -13.38
C ALA A 618 25.05 23.56 -12.21
N GLY A 619 23.94 24.33 -12.20
CA GLY A 619 23.74 25.40 -11.20
C GLY A 619 22.80 26.42 -11.81
N ARG A 620 22.60 27.56 -11.11
CA ARG A 620 21.81 28.65 -11.64
C ARG A 620 22.59 29.87 -11.50
N GLY A 621 21.94 31.02 -11.42
CA GLY A 621 22.65 32.32 -11.26
C GLY A 621 22.67 33.10 -12.56
N GLN A 622 22.84 34.39 -12.47
CA GLN A 622 22.79 35.26 -13.62
C GLN A 622 23.76 34.67 -14.71
N ASN A 623 24.60 33.73 -14.31
CA ASN A 623 25.81 33.36 -15.05
C ASN A 623 25.36 32.58 -16.23
N THR A 624 24.81 31.38 -16.04
CA THR A 624 24.42 30.45 -17.15
C THR A 624 22.95 30.55 -17.58
N GLY A 625 22.68 30.13 -18.80
CA GLY A 625 21.33 30.01 -19.27
C GLY A 625 21.30 28.86 -20.25
N ILE A 626 20.16 28.53 -20.80
CA ILE A 626 20.09 27.49 -21.78
C ILE A 626 18.92 27.84 -22.78
N ALA A 627 19.06 27.47 -24.04
CA ALA A 627 18.09 27.83 -25.03
C ALA A 627 17.60 26.62 -25.78
N PHE A 628 16.35 26.24 -25.48
CA PHE A 628 15.64 25.13 -26.09
C PHE A 628 15.08 25.63 -27.42
N VAL A 629 15.49 24.98 -28.53
CA VAL A 629 14.99 25.26 -29.88
C VAL A 629 14.19 24.10 -30.48
N SER A 630 13.01 24.49 -30.98
CA SER A 630 12.00 23.65 -31.65
C SER A 630 12.02 23.93 -33.17
N LEU A 631 12.38 22.89 -33.92
CA LEU A 631 12.57 22.96 -35.36
C LEU A 631 11.20 22.88 -35.99
N LYS A 632 11.16 22.80 -37.34
CA LYS A 632 9.89 22.63 -38.10
C LYS A 632 9.73 21.18 -38.52
N ASP A 633 8.46 20.81 -38.76
CA ASP A 633 8.02 19.42 -39.03
C ASP A 633 8.97 18.56 -39.90
N TRP A 634 9.35 17.39 -39.38
CA TRP A 634 10.23 16.43 -40.09
C TRP A 634 10.11 16.54 -41.61
N ALA A 635 8.90 16.84 -42.09
CA ALA A 635 8.65 17.01 -43.50
C ALA A 635 9.46 18.16 -44.08
N ASP A 636 9.18 19.37 -43.62
CA ASP A 636 9.82 20.55 -44.17
C ASP A 636 11.27 20.47 -43.85
N ARG A 637 11.62 19.35 -43.24
CA ARG A 637 13.01 19.02 -42.90
C ARG A 637 13.31 17.69 -43.60
N PRO A 638 13.71 17.77 -44.90
CA PRO A 638 13.94 16.71 -45.87
C PRO A 638 15.35 16.06 -45.84
N GLY A 639 16.37 16.75 -46.33
CA GLY A 639 17.68 16.13 -46.43
C GLY A 639 18.30 15.86 -45.06
N GLU A 640 19.18 14.87 -44.98
CA GLU A 640 19.91 14.60 -43.75
C GLU A 640 20.55 15.84 -43.16
N GLU A 641 20.90 16.77 -44.02
CA GLU A 641 21.43 18.07 -43.62
C GLU A 641 20.41 18.92 -42.86
N ASN A 642 19.13 18.67 -43.08
CA ASN A 642 18.07 19.35 -42.41
C ASN A 642 17.55 18.67 -41.20
N LYS A 643 18.34 17.74 -40.67
CA LYS A 643 18.01 16.99 -39.47
C LYS A 643 18.79 17.40 -38.24
N VAL A 644 18.39 16.83 -37.10
CA VAL A 644 18.96 17.32 -35.87
C VAL A 644 20.37 16.91 -35.81
N GLU A 645 20.60 15.61 -35.91
CA GLU A 645 21.95 15.14 -35.71
C GLU A 645 22.84 15.87 -36.69
N ALA A 646 22.23 16.66 -37.60
CA ALA A 646 22.95 17.60 -38.49
C ALA A 646 22.96 19.10 -38.08
N ILE A 647 21.79 19.67 -37.72
CA ILE A 647 21.64 21.09 -37.48
C ILE A 647 22.48 21.55 -36.32
N THR A 648 22.61 20.65 -35.36
CA THR A 648 23.34 20.96 -34.16
C THR A 648 24.80 21.03 -34.52
N MET A 649 25.27 20.15 -35.41
CA MET A 649 26.67 20.22 -35.87
C MET A 649 27.08 21.65 -36.22
N ARG A 650 26.32 22.26 -37.14
CA ARG A 650 26.53 23.64 -37.59
C ARG A 650 26.64 24.59 -36.42
N ALA A 651 25.48 24.83 -35.79
CA ALA A 651 25.38 25.39 -34.45
C ALA A 651 26.62 25.22 -33.53
N THR A 652 26.82 24.05 -32.91
CA THR A 652 28.00 23.75 -32.09
C THR A 652 29.24 24.50 -32.57
N ARG A 653 29.46 24.44 -33.88
CA ARG A 653 30.67 24.99 -34.42
C ARG A 653 30.45 26.48 -34.50
N ALA A 654 29.54 26.86 -35.38
CA ALA A 654 29.10 28.28 -35.57
C ALA A 654 29.00 29.18 -34.28
N PHE A 655 28.93 28.48 -33.14
CA PHE A 655 28.84 29.06 -31.83
C PHE A 655 30.18 29.02 -31.16
N SER A 656 31.10 28.14 -31.60
CA SER A 656 32.50 28.40 -31.26
C SER A 656 32.66 29.71 -32.00
N GLN A 657 33.86 30.29 -32.13
CA GLN A 657 33.96 31.72 -32.59
C GLN A 657 33.01 32.72 -31.81
N ILE A 658 32.77 32.49 -30.50
CA ILE A 658 32.03 33.41 -29.59
C ILE A 658 32.87 33.77 -28.36
N LYS A 659 32.93 35.09 -28.11
CA LYS A 659 33.47 35.72 -26.86
C LYS A 659 33.43 34.77 -25.69
N ASP A 660 34.27 35.01 -24.69
CA ASP A 660 34.08 34.36 -23.37
C ASP A 660 32.57 33.97 -23.03
N ALA A 661 32.10 32.88 -23.66
CA ALA A 661 30.77 32.43 -23.54
C ALA A 661 30.61 31.01 -24.08
N MET A 662 31.23 29.99 -23.48
CA MET A 662 31.01 28.58 -23.91
C MET A 662 29.56 28.36 -24.28
N VAL A 663 29.25 28.17 -25.57
CA VAL A 663 27.87 27.93 -26.00
C VAL A 663 27.82 26.66 -26.80
N PHE A 664 27.31 25.59 -26.19
CA PHE A 664 27.16 24.27 -26.81
C PHE A 664 25.79 24.07 -27.40
N ALA A 665 25.63 23.03 -28.22
CA ALA A 665 24.30 22.59 -28.69
C ALA A 665 24.31 21.07 -28.87
N PHE A 666 23.19 20.43 -28.58
CA PHE A 666 23.18 19.00 -28.55
C PHE A 666 21.80 18.38 -28.57
N ASN A 667 21.70 17.20 -29.15
CA ASN A 667 20.44 16.55 -29.24
C ASN A 667 20.12 15.74 -27.99
N LEU A 668 18.93 15.96 -27.39
CA LEU A 668 18.54 15.15 -26.21
C LEU A 668 18.52 13.66 -26.55
N PRO A 669 18.80 12.79 -25.58
CA PRO A 669 18.73 11.33 -25.69
C PRO A 669 17.29 10.80 -25.77
N ALA A 670 17.19 9.50 -26.13
CA ALA A 670 15.90 8.77 -26.35
C ALA A 670 14.87 8.99 -25.27
N ILE A 671 15.28 8.58 -24.07
CA ILE A 671 14.43 8.66 -22.91
C ILE A 671 14.90 9.78 -21.96
N VAL A 672 14.63 11.05 -22.33
CA VAL A 672 15.06 12.22 -21.53
C VAL A 672 15.43 11.78 -20.07
N GLU A 673 14.38 11.52 -19.30
CA GLU A 673 14.50 11.08 -17.91
C GLU A 673 14.95 9.61 -17.79
N LEU A 674 16.25 9.33 -18.00
CA LEU A 674 16.81 7.98 -17.92
C LEU A 674 18.33 8.13 -17.95
N GLY A 675 19.01 6.99 -17.65
CA GLY A 675 20.48 6.72 -17.80
C GLY A 675 21.06 7.05 -19.18
N THR A 676 21.70 8.23 -19.26
CA THR A 676 22.28 8.87 -20.43
C THR A 676 23.41 8.02 -21.03
N ALA A 677 24.44 8.69 -21.61
CA ALA A 677 25.68 8.09 -22.22
C ALA A 677 26.04 6.76 -21.59
N THR A 678 26.83 6.02 -22.35
CA THR A 678 27.48 4.84 -21.80
C THR A 678 28.57 5.30 -20.80
N GLY A 679 28.71 6.64 -20.63
CA GLY A 679 29.64 7.21 -19.66
C GLY A 679 29.62 6.66 -18.23
N PHE A 680 30.45 7.24 -17.37
CA PHE A 680 30.31 6.92 -15.96
C PHE A 680 29.94 8.18 -15.18
N ASP A 681 29.49 7.95 -13.93
CA ASP A 681 29.13 8.96 -12.95
C ASP A 681 29.84 8.53 -11.68
N PHE A 682 30.87 9.29 -11.33
CA PHE A 682 31.69 9.08 -10.18
C PHE A 682 31.44 10.25 -9.21
N GLU A 683 31.62 9.98 -7.92
CA GLU A 683 31.39 10.82 -6.80
C GLU A 683 32.53 10.60 -5.81
N LEU A 684 33.27 11.70 -5.55
CA LEU A 684 34.37 11.72 -4.63
C LEU A 684 33.83 12.21 -3.29
N ILE A 685 33.90 11.39 -2.22
CA ILE A 685 33.33 11.58 -0.92
C ILE A 685 34.29 12.15 0.11
N ASP A 686 33.80 12.98 1.09
CA ASP A 686 34.68 13.82 2.00
C ASP A 686 35.25 13.00 3.10
N GLN A 687 34.75 11.78 3.12
CA GLN A 687 34.88 10.79 4.20
C GLN A 687 35.59 11.12 5.53
N ALA A 688 35.70 12.40 5.93
CA ALA A 688 36.30 12.81 7.33
C ALA A 688 36.59 14.28 7.39
N GLY A 689 36.85 14.74 8.57
CA GLY A 689 37.36 16.14 8.63
C GLY A 689 37.46 16.85 7.23
N LEU A 690 38.61 16.72 6.56
CA LEU A 690 38.94 17.32 5.27
C LEU A 690 37.91 18.43 4.89
N GLY A 691 38.27 19.69 4.95
CA GLY A 691 37.25 20.60 4.39
C GLY A 691 37.05 20.72 2.84
N HIS A 692 36.02 21.53 2.42
CA HIS A 692 35.89 21.84 0.99
C HIS A 692 37.25 21.73 0.22
N GLU A 693 38.28 22.34 0.87
CA GLU A 693 39.55 22.66 0.27
C GLU A 693 40.30 21.44 0.00
N LYS A 694 40.55 20.76 1.09
CA LYS A 694 41.08 19.44 1.00
C LYS A 694 40.34 18.60 0.01
N LEU A 695 39.05 18.72 -0.09
CA LEU A 695 38.50 17.82 -1.07
C LEU A 695 38.88 18.35 -2.51
N THR A 696 39.48 19.51 -2.55
CA THR A 696 39.35 20.14 -3.83
C THR A 696 40.64 19.73 -4.43
N GLN A 697 41.70 20.09 -3.69
CA GLN A 697 42.98 19.44 -3.85
C GLN A 697 42.81 17.89 -4.09
N ALA A 698 41.93 17.22 -3.38
CA ALA A 698 41.82 15.87 -3.63
C ALA A 698 41.32 15.71 -4.99
N ARG A 699 40.27 16.44 -5.35
CA ARG A 699 39.48 16.24 -6.66
C ARG A 699 40.43 16.51 -7.81
N ASN A 700 41.24 17.50 -7.57
CA ASN A 700 42.11 18.03 -8.57
C ASN A 700 43.23 17.16 -8.86
N GLN A 701 43.69 16.45 -7.82
CA GLN A 701 44.68 15.30 -7.91
C GLN A 701 44.26 14.27 -8.92
N LEU A 702 43.10 13.68 -8.67
CA LEU A 702 42.56 12.66 -9.50
C LEU A 702 42.18 13.15 -10.91
N LEU A 703 41.55 14.30 -11.04
CA LEU A 703 41.22 14.82 -12.37
C LEU A 703 42.47 14.80 -13.26
N ALA A 704 43.53 15.41 -12.73
CA ALA A 704 44.76 15.65 -13.47
C ALA A 704 45.40 14.32 -13.69
N GLU A 705 45.30 13.50 -12.67
CA GLU A 705 45.74 12.15 -12.81
C GLU A 705 45.08 11.44 -13.94
N ALA A 706 43.95 11.86 -14.46
CA ALA A 706 43.32 10.94 -15.39
C ALA A 706 43.41 11.45 -16.80
N ALA A 707 43.96 12.67 -16.89
CA ALA A 707 44.20 13.26 -18.21
C ALA A 707 45.44 12.59 -18.72
N LYS A 708 46.22 12.09 -17.78
CA LYS A 708 47.44 11.48 -18.13
C LYS A 708 47.19 10.04 -18.49
N HIS A 709 46.12 9.78 -19.23
CA HIS A 709 45.65 8.43 -19.43
C HIS A 709 44.56 8.45 -20.46
N PRO A 710 44.81 9.08 -21.62
CA PRO A 710 43.75 9.14 -22.63
C PRO A 710 43.75 7.87 -23.37
N ASP A 711 44.53 6.93 -22.85
CA ASP A 711 44.62 5.56 -23.26
C ASP A 711 43.29 4.97 -23.01
N MET A 712 42.92 4.93 -21.73
CA MET A 712 41.61 4.43 -21.22
C MET A 712 40.49 5.42 -21.48
N LEU A 713 40.81 6.38 -22.37
CA LEU A 713 40.02 7.57 -22.83
C LEU A 713 39.44 8.28 -21.61
N THR A 714 38.64 9.32 -21.87
CA THR A 714 38.21 10.10 -20.80
C THR A 714 37.53 11.38 -21.28
N SER A 715 37.26 12.26 -20.30
CA SER A 715 36.78 13.60 -20.40
C SER A 715 36.32 13.79 -18.93
N VAL A 716 37.17 13.26 -18.05
CA VAL A 716 36.86 13.30 -16.64
C VAL A 716 36.67 14.76 -16.29
N ARG A 717 35.49 15.11 -15.81
CA ARG A 717 35.15 16.54 -15.60
C ARG A 717 34.29 16.72 -14.36
N PRO A 718 34.67 17.68 -13.51
CA PRO A 718 33.91 17.91 -12.28
C PRO A 718 32.60 18.53 -12.72
N ASN A 719 31.49 17.87 -12.36
CA ASN A 719 30.23 18.43 -12.80
C ASN A 719 29.71 19.35 -11.72
N GLY A 720 30.24 20.56 -11.62
CA GLY A 720 30.07 21.36 -10.43
C GLY A 720 30.90 22.65 -10.57
N LEU A 721 31.06 23.45 -9.52
CA LEU A 721 31.45 24.79 -9.77
C LEU A 721 32.62 25.20 -9.01
N GLU A 722 33.53 25.83 -9.74
CA GLU A 722 34.71 26.31 -9.02
C GLU A 722 34.36 27.48 -8.09
N ASP A 723 34.90 27.46 -6.88
CA ASP A 723 34.92 28.66 -5.99
C ASP A 723 35.12 29.83 -6.81
N THR A 724 34.30 30.83 -6.42
CA THR A 724 34.44 32.14 -7.06
C THR A 724 34.67 33.11 -5.96
N PRO A 725 35.08 34.30 -6.31
CA PRO A 725 35.27 35.26 -5.17
C PRO A 725 33.89 35.87 -4.60
N GLN A 726 33.97 36.36 -3.35
CA GLN A 726 32.73 36.77 -2.63
C GLN A 726 32.97 37.76 -1.56
N PHE A 727 31.97 38.63 -1.37
CA PHE A 727 32.22 39.93 -0.71
C PHE A 727 31.75 39.72 0.61
N LYS A 728 32.54 40.04 1.64
CA LYS A 728 32.32 39.45 3.02
C LYS A 728 32.05 40.48 4.11
N ILE A 729 30.84 40.59 4.64
CA ILE A 729 30.71 41.74 5.56
C ILE A 729 31.31 41.26 6.84
N ASP A 730 31.06 41.89 7.97
CA ASP A 730 31.66 41.40 9.18
C ASP A 730 31.35 42.46 10.21
N ILE A 731 30.33 42.18 11.01
CA ILE A 731 29.84 43.08 12.07
C ILE A 731 30.76 43.06 13.28
N ASP A 732 31.23 44.24 13.67
CA ASP A 732 32.03 44.31 14.82
C ASP A 732 31.22 44.38 16.11
N GLN A 733 31.11 43.22 16.74
CA GLN A 733 30.14 42.98 17.83
C GLN A 733 30.30 44.08 18.85
N GLU A 734 31.54 44.25 19.27
CA GLU A 734 31.93 45.22 20.31
C GLU A 734 31.47 46.66 20.03
N LYS A 735 31.60 47.04 18.75
CA LYS A 735 31.40 48.38 18.29
C LYS A 735 29.96 48.46 18.24
N ALA A 736 29.36 47.36 17.85
CA ALA A 736 27.93 47.32 17.90
C ALA A 736 27.40 47.65 19.29
N GLN A 737 28.06 47.14 20.32
CA GLN A 737 27.56 47.22 21.68
C GLN A 737 27.82 48.60 22.15
N ALA A 738 28.94 49.17 21.70
CA ALA A 738 29.39 50.48 22.13
C ALA A 738 28.37 51.47 21.59
N LEU A 739 28.24 51.62 20.30
CA LEU A 739 27.11 52.36 19.82
C LEU A 739 25.80 51.63 20.28
N GLY A 740 24.65 52.33 20.29
CA GLY A 740 23.37 51.67 20.67
C GLY A 740 22.75 50.85 19.54
N VAL A 741 23.41 49.78 19.11
CA VAL A 741 23.08 49.17 17.79
C VAL A 741 22.94 47.67 17.83
N SER A 742 21.68 47.20 17.75
CA SER A 742 21.34 45.76 17.93
C SER A 742 21.92 44.84 16.84
N ILE A 743 22.71 43.88 17.25
CA ILE A 743 23.17 42.89 16.29
C ILE A 743 21.98 42.38 15.41
N ASN A 744 20.76 42.41 15.94
CA ASN A 744 19.65 41.95 15.12
C ASN A 744 19.33 43.02 14.11
N ASP A 745 18.99 44.19 14.62
CA ASP A 745 18.68 45.35 13.78
C ASP A 745 19.65 45.57 12.55
N ILE A 746 20.96 45.52 12.80
CA ILE A 746 21.95 45.41 11.73
C ILE A 746 21.52 44.36 10.70
N ASN A 747 21.27 43.16 11.11
CA ASN A 747 21.31 42.17 10.12
C ASN A 747 20.17 42.14 9.23
N THR A 748 19.04 42.58 9.72
CA THR A 748 17.81 42.63 8.97
C THR A 748 17.97 43.74 8.02
N THR A 749 18.40 44.90 8.48
CA THR A 749 18.69 45.93 7.51
C THR A 749 19.60 45.53 6.35
N LEU A 750 20.76 44.97 6.65
CA LEU A 750 21.64 44.51 5.59
C LEU A 750 21.00 43.39 4.80
N GLY A 751 20.21 42.62 5.52
CA GLY A 751 19.55 41.44 4.94
C GLY A 751 18.63 41.84 3.82
N ALA A 752 17.37 42.09 4.28
CA ALA A 752 16.27 42.82 3.60
C ALA A 752 16.66 43.68 2.44
N ALA A 753 17.57 44.63 2.77
CA ALA A 753 18.18 45.52 1.77
C ALA A 753 18.57 44.79 0.52
N TRP A 754 19.75 44.23 0.66
CA TRP A 754 20.39 43.37 -0.30
C TRP A 754 19.72 42.01 -0.73
N GLY A 755 19.10 41.26 0.14
CA GLY A 755 18.55 40.03 -0.40
C GLY A 755 17.05 39.89 -0.26
N GLY A 756 16.49 40.72 0.61
CA GLY A 756 15.07 40.96 0.52
C GLY A 756 14.40 39.89 1.28
N SER A 757 13.31 40.28 1.94
CA SER A 757 12.63 39.51 2.91
C SER A 757 11.21 39.58 2.47
N TYR A 758 10.44 38.60 2.93
CA TYR A 758 9.11 38.29 2.45
C TYR A 758 8.24 38.52 3.62
N VAL A 759 7.77 39.73 3.79
CA VAL A 759 6.94 40.11 4.90
C VAL A 759 5.77 39.16 5.22
N ASN A 760 4.63 39.35 4.58
CA ASN A 760 3.45 38.49 4.79
C ASN A 760 2.64 38.60 3.57
N ASP A 761 1.44 38.04 3.58
CA ASP A 761 0.67 37.95 2.34
C ASP A 761 -0.35 39.02 2.25
N PHE A 762 -1.01 39.09 1.10
CA PHE A 762 -2.14 39.96 0.95
C PHE A 762 -2.94 39.36 -0.21
N ILE A 763 -4.16 39.85 -0.43
CA ILE A 763 -5.06 39.27 -1.44
C ILE A 763 -5.23 40.23 -2.62
N ASP A 764 -5.34 39.70 -3.83
CA ASP A 764 -5.24 40.51 -5.05
C ASP A 764 -6.06 39.87 -6.09
N ARG A 765 -7.29 40.39 -6.22
CA ARG A 765 -8.24 39.90 -7.16
C ARG A 765 -8.58 38.49 -6.77
N GLY A 766 -8.92 38.31 -5.50
CA GLY A 766 -9.38 37.00 -4.99
C GLY A 766 -8.33 35.92 -4.76
N ARG A 767 -7.06 36.33 -4.81
CA ARG A 767 -5.94 35.39 -4.76
C ARG A 767 -4.84 35.81 -3.74
N VAL A 768 -4.54 34.96 -2.73
CA VAL A 768 -3.47 35.31 -1.82
C VAL A 768 -2.20 35.15 -2.58
N LYS A 769 -1.24 36.01 -2.23
CA LYS A 769 -0.05 36.26 -2.99
C LYS A 769 0.94 36.94 -2.03
N LYS A 770 2.22 36.69 -2.27
CA LYS A 770 3.19 36.98 -1.25
C LYS A 770 3.39 38.51 -1.15
N VAL A 771 4.24 39.00 -0.23
CA VAL A 771 4.54 40.43 -0.21
C VAL A 771 5.99 40.53 0.17
N TYR A 772 6.81 41.04 -0.74
CA TYR A 772 8.26 41.09 -0.53
C TYR A 772 8.55 42.56 -0.41
N VAL A 773 9.75 42.87 0.05
CA VAL A 773 10.11 44.17 0.44
C VAL A 773 11.61 44.01 0.43
N MET A 774 12.26 44.73 -0.49
CA MET A 774 13.72 44.80 -0.55
C MET A 774 14.24 46.05 -1.30
N SER A 775 15.15 46.86 -0.72
CA SER A 775 15.95 47.91 -1.47
C SER A 775 15.73 48.05 -2.97
N GLU A 776 15.69 49.25 -3.49
CA GLU A 776 15.67 49.36 -4.96
C GLU A 776 16.93 48.74 -5.46
N ALA A 777 16.99 48.47 -6.77
CA ALA A 777 18.23 47.86 -7.31
C ALA A 777 19.46 48.79 -7.33
N LYS A 778 19.18 50.07 -7.42
CA LYS A 778 20.15 51.19 -7.46
C LYS A 778 21.10 51.29 -6.24
N TYR A 779 20.68 50.75 -5.09
CA TYR A 779 21.37 50.92 -3.81
C TYR A 779 21.91 49.55 -3.36
N ARG A 780 22.06 48.66 -4.33
CA ARG A 780 22.53 47.33 -4.01
C ARG A 780 23.27 46.62 -5.16
N MET A 781 24.16 47.35 -5.84
CA MET A 781 24.93 46.70 -6.84
C MET A 781 26.42 46.54 -6.53
N LEU A 782 26.97 47.45 -5.73
CA LEU A 782 28.37 47.47 -5.55
C LEU A 782 28.80 47.61 -4.13
N PRO A 783 29.89 46.89 -3.70
CA PRO A 783 30.40 46.88 -2.32
C PRO A 783 30.41 48.25 -1.70
N ASP A 784 30.65 49.30 -2.49
CA ASP A 784 30.23 50.64 -2.11
C ASP A 784 28.70 50.52 -1.97
N ASP A 785 27.89 51.58 -2.04
CA ASP A 785 26.45 51.43 -1.68
C ASP A 785 26.17 50.95 -0.23
N ILE A 786 26.93 49.96 0.26
CA ILE A 786 26.81 49.42 1.63
C ILE A 786 26.87 50.59 2.59
N GLY A 787 27.55 51.64 2.12
CA GLY A 787 27.73 52.90 2.83
C GLY A 787 26.46 53.74 2.81
N ASP A 788 25.55 53.48 1.88
CA ASP A 788 24.28 54.14 1.94
C ASP A 788 23.34 53.68 3.01
N TRP A 789 23.61 52.50 3.56
CA TRP A 789 22.65 51.94 4.49
C TRP A 789 22.92 52.40 5.89
N TYR A 790 21.83 52.93 6.50
CA TYR A 790 21.86 53.33 7.92
C TYR A 790 20.92 52.55 8.84
N VAL A 791 21.37 52.23 10.08
CA VAL A 791 20.53 51.67 11.19
C VAL A 791 20.22 52.61 12.35
N ARG A 792 19.00 52.61 12.85
CA ARG A 792 18.69 53.47 13.99
C ARG A 792 19.20 52.76 15.26
N ALA A 793 20.03 53.45 16.04
CA ALA A 793 20.53 52.83 17.28
C ALA A 793 19.71 53.30 18.49
N ALA A 794 19.98 52.68 19.65
CA ALA A 794 19.33 53.00 20.95
C ALA A 794 18.98 54.50 21.04
N ASP A 795 19.96 55.35 21.35
CA ASP A 795 19.76 56.80 21.50
C ASP A 795 19.06 57.47 20.31
N GLY A 796 18.82 56.70 19.26
CA GLY A 796 18.04 57.23 18.16
C GLY A 796 18.87 58.00 17.14
N GLN A 797 20.11 57.58 16.96
CA GLN A 797 20.87 58.16 15.86
C GLN A 797 21.32 57.12 14.80
N MET A 798 20.91 57.33 13.55
CA MET A 798 21.30 56.50 12.42
C MET A 798 22.77 56.30 12.45
N VAL A 799 23.28 55.13 12.09
CA VAL A 799 24.75 54.87 12.18
C VAL A 799 25.20 54.10 10.91
N PRO A 800 26.29 54.49 10.26
CA PRO A 800 26.65 53.75 9.02
C PRO A 800 27.48 52.56 9.27
N PHE A 801 27.53 51.66 8.28
CA PHE A 801 28.18 50.35 8.40
C PHE A 801 29.52 50.47 8.93
N SER A 802 30.30 51.39 8.35
CA SER A 802 31.72 51.49 8.62
C SER A 802 31.98 51.64 10.09
N ALA A 803 30.97 52.20 10.74
CA ALA A 803 30.95 52.56 12.12
C ALA A 803 31.07 51.35 12.95
N PHE A 804 30.41 50.29 12.53
CA PHE A 804 30.38 48.96 13.21
C PHE A 804 30.57 47.67 12.36
N SER A 805 31.41 47.76 11.31
CA SER A 805 31.61 46.70 10.40
C SER A 805 32.65 46.95 9.34
N SER A 806 33.47 45.91 9.06
CA SER A 806 34.54 45.96 8.04
C SER A 806 34.37 44.89 6.93
N SER A 807 34.98 45.01 5.76
CA SER A 807 34.59 44.25 4.53
C SER A 807 35.90 43.83 3.89
N ARG A 808 35.95 42.59 3.37
CA ARG A 808 37.08 41.96 2.66
C ARG A 808 36.54 41.09 1.53
N TRP A 809 37.26 41.02 0.40
CA TRP A 809 37.04 39.88 -0.54
C TRP A 809 37.55 38.52 -0.06
N GLU A 810 36.98 37.50 -0.72
CA GLU A 810 37.42 36.12 -0.49
C GLU A 810 36.69 35.06 -1.36
N TYR A 811 37.33 33.87 -1.51
CA TYR A 811 36.63 32.81 -2.33
C TYR A 811 35.67 31.89 -1.55
N GLY A 812 34.63 31.37 -2.17
CA GLY A 812 33.92 30.45 -1.40
C GLY A 812 33.17 29.82 -2.48
N SER A 813 32.39 28.82 -2.10
CA SER A 813 31.85 27.91 -3.10
C SER A 813 30.36 28.35 -3.42
N PRO A 814 30.07 28.50 -4.66
CA PRO A 814 28.68 28.82 -4.99
C PRO A 814 27.87 27.64 -5.15
N ARG A 815 28.36 26.49 -4.79
CA ARG A 815 27.55 25.27 -5.03
C ARG A 815 28.20 24.08 -4.27
N LEU A 816 27.59 23.58 -3.21
CA LEU A 816 28.29 22.71 -2.33
C LEU A 816 27.39 21.60 -2.55
N GLU A 817 28.06 20.48 -2.82
CA GLU A 817 27.33 19.29 -3.22
C GLU A 817 27.86 18.26 -2.31
N ARG A 818 27.11 17.15 -2.13
CA ARG A 818 27.37 16.27 -1.05
C ARG A 818 26.50 15.00 -1.32
N TYR A 819 27.24 13.81 -1.28
CA TYR A 819 26.62 12.52 -1.54
C TYR A 819 26.36 11.81 -0.20
N ASN A 820 25.40 10.88 -0.27
CA ASN A 820 24.71 10.44 0.95
C ASN A 820 25.18 11.03 2.33
N GLY A 821 24.83 12.31 2.69
CA GLY A 821 25.07 12.72 4.04
C GLY A 821 26.30 13.55 4.00
N LEU A 822 27.14 13.53 2.95
CA LEU A 822 28.64 13.82 3.20
C LEU A 822 29.18 14.59 2.11
N PRO A 823 29.91 15.55 2.50
CA PRO A 823 30.33 16.57 1.55
C PRO A 823 30.87 15.74 0.40
N SER A 824 30.43 16.08 -0.82
CA SER A 824 30.97 15.32 -1.92
C SER A 824 31.23 16.25 -3.10
N MET A 825 31.71 15.67 -4.20
CA MET A 825 31.99 16.44 -5.43
C MET A 825 31.84 15.45 -6.56
N GLU A 826 31.15 15.79 -7.64
CA GLU A 826 30.78 14.83 -8.56
C GLU A 826 31.45 15.25 -9.85
N ILE A 827 32.06 14.16 -10.41
CA ILE A 827 32.85 14.15 -11.65
C ILE A 827 32.17 13.15 -12.52
N LEU A 828 32.03 13.48 -13.80
CA LEU A 828 31.68 12.48 -14.77
C LEU A 828 32.63 12.36 -16.03
N GLY A 829 32.50 11.25 -16.76
CA GLY A 829 33.31 11.11 -17.97
C GLY A 829 33.01 9.81 -18.70
N GLN A 830 33.52 9.74 -19.96
CA GLN A 830 33.34 8.59 -20.86
C GLN A 830 34.34 7.50 -20.60
N ALA A 831 34.16 6.42 -21.37
CA ALA A 831 35.02 5.24 -21.32
C ALA A 831 36.23 5.42 -22.20
N ALA A 832 36.18 4.86 -23.40
CA ALA A 832 37.36 4.87 -24.32
C ALA A 832 36.95 4.47 -25.77
N PRO A 833 37.43 5.23 -26.78
CA PRO A 833 36.75 5.08 -28.02
C PRO A 833 36.95 3.60 -28.35
N GLY A 834 38.13 3.05 -27.98
CA GLY A 834 38.40 1.58 -27.95
C GLY A 834 37.77 0.70 -26.84
N LYS A 835 38.04 1.03 -25.56
CA LYS A 835 37.70 0.24 -24.32
C LYS A 835 36.23 0.31 -23.73
N SER A 836 35.89 -0.61 -22.81
CA SER A 836 34.50 -0.80 -22.35
C SER A 836 34.22 0.13 -21.18
N THR A 837 32.93 0.59 -21.03
CA THR A 837 32.50 1.51 -19.93
C THR A 837 33.04 0.88 -18.66
N GLY A 838 32.71 -0.40 -18.50
CA GLY A 838 33.24 -1.22 -17.43
C GLY A 838 34.71 -1.07 -17.12
N GLU A 839 35.57 -1.30 -18.11
CA GLU A 839 37.01 -1.32 -17.79
C GLU A 839 37.50 0.07 -17.51
N ALA A 840 36.81 1.04 -18.11
CA ALA A 840 37.10 2.45 -17.85
C ALA A 840 36.71 2.89 -16.47
N MET A 841 35.85 2.18 -15.76
CA MET A 841 35.43 2.65 -14.46
C MET A 841 36.51 2.27 -13.56
N GLU A 842 37.02 1.08 -13.86
CA GLU A 842 38.01 0.35 -13.06
C GLU A 842 39.28 1.16 -12.93
N LEU A 843 39.63 1.87 -14.00
CA LEU A 843 40.82 2.66 -13.93
C LEU A 843 40.57 3.75 -12.88
N MET A 844 39.64 4.63 -13.28
CA MET A 844 39.08 5.69 -12.52
C MET A 844 39.15 5.25 -11.10
N GLU A 845 38.84 3.99 -10.83
CA GLU A 845 38.93 3.50 -9.47
C GLU A 845 40.32 3.27 -8.94
N GLN A 846 41.27 3.00 -9.80
CA GLN A 846 42.64 2.80 -9.24
C GLN A 846 43.26 4.14 -9.00
N LEU A 847 43.20 4.99 -10.01
CA LEU A 847 43.40 6.41 -9.77
C LEU A 847 42.72 6.88 -8.46
N ALA A 848 41.53 6.43 -8.11
CA ALA A 848 40.97 6.82 -6.84
C ALA A 848 41.79 6.24 -5.73
N SER A 849 42.26 5.03 -5.97
CA SER A 849 42.89 4.19 -4.95
C SER A 849 44.11 4.81 -4.20
N LYS A 850 44.55 6.00 -4.62
CA LYS A 850 45.82 6.62 -4.18
C LYS A 850 45.68 8.10 -3.78
N LEU A 851 44.46 8.52 -3.52
CA LEU A 851 44.22 9.91 -3.16
C LEU A 851 44.69 10.20 -1.67
N PRO A 852 44.63 11.48 -1.22
CA PRO A 852 44.87 11.67 0.21
C PRO A 852 43.87 10.92 1.13
N THR A 853 44.30 10.72 2.37
CA THR A 853 43.56 9.80 3.23
C THR A 853 42.62 10.61 4.00
N GLY A 854 41.36 10.26 3.79
CA GLY A 854 40.22 11.15 4.13
C GLY A 854 39.24 10.92 3.01
N VAL A 855 39.73 11.11 1.80
CA VAL A 855 38.97 11.03 0.59
C VAL A 855 38.56 9.60 0.08
N GLY A 856 37.26 9.41 -0.11
CA GLY A 856 36.72 8.10 -0.42
C GLY A 856 36.00 8.33 -1.70
N TYR A 857 35.39 7.29 -2.28
CA TYR A 857 34.84 7.40 -3.62
C TYR A 857 33.76 6.43 -3.86
N ASP A 858 32.78 6.77 -4.65
CA ASP A 858 31.62 5.94 -4.62
C ASP A 858 31.03 6.24 -5.93
N TRP A 859 30.24 5.32 -6.50
CA TRP A 859 29.76 5.39 -7.86
C TRP A 859 28.28 5.47 -7.81
N THR A 860 27.68 6.36 -8.56
CA THR A 860 26.27 6.57 -8.39
C THR A 860 25.57 6.23 -9.67
N GLY A 861 24.28 6.56 -9.81
CA GLY A 861 23.79 6.90 -11.14
C GLY A 861 23.72 5.79 -12.13
N MET A 862 24.09 6.06 -13.36
CA MET A 862 24.23 4.96 -14.36
C MET A 862 25.31 3.97 -13.82
N SER A 863 26.42 4.53 -13.40
CA SER A 863 27.44 3.74 -12.80
C SER A 863 26.94 2.86 -11.66
N TYR A 864 25.80 3.17 -11.04
CA TYR A 864 25.37 2.42 -9.87
C TYR A 864 24.86 1.14 -10.38
N GLN A 865 24.03 1.17 -11.41
CA GLN A 865 23.44 -0.08 -11.86
C GLN A 865 24.46 -0.93 -12.55
N GLU A 866 24.86 -0.44 -13.73
CA GLU A 866 26.03 -0.92 -14.41
C GLU A 866 26.99 -1.64 -13.48
N ARG A 867 27.31 -1.08 -12.31
CA ARG A 867 28.17 -1.81 -11.35
C ARG A 867 27.43 -2.99 -10.78
N LEU A 868 26.37 -2.67 -10.08
CA LEU A 868 25.63 -3.63 -9.28
C LEU A 868 25.34 -4.82 -10.11
N SER A 869 24.21 -4.74 -10.82
CA SER A 869 23.84 -5.79 -11.76
C SER A 869 24.82 -5.93 -12.93
N GLY A 870 24.62 -5.07 -13.93
CA GLY A 870 25.47 -5.01 -15.08
C GLY A 870 25.47 -6.37 -15.74
N ASN A 871 26.64 -6.96 -15.74
CA ASN A 871 26.92 -8.15 -16.54
C ASN A 871 26.21 -9.37 -16.04
N GLN A 872 25.27 -9.86 -16.84
CA GLN A 872 24.44 -11.00 -16.47
C GLN A 872 24.01 -11.75 -17.73
N ALA A 873 24.11 -11.02 -18.84
CA ALA A 873 23.84 -11.63 -20.11
C ALA A 873 24.30 -13.14 -20.13
N PRO A 874 25.58 -13.47 -19.83
CA PRO A 874 26.13 -14.84 -19.60
C PRO A 874 25.39 -15.77 -18.67
N SER A 875 25.49 -15.42 -17.40
CA SER A 875 24.77 -16.13 -16.33
C SER A 875 23.30 -16.50 -16.60
N LEU A 876 22.55 -15.60 -17.22
CA LEU A 876 21.20 -15.87 -17.59
C LEU A 876 21.05 -16.83 -18.76
N TYR A 877 21.52 -16.41 -19.91
CA TYR A 877 21.36 -17.24 -21.12
C TYR A 877 22.04 -18.65 -21.02
N ALA A 878 23.06 -18.80 -20.15
CA ALA A 878 23.46 -20.13 -19.66
C ALA A 878 22.21 -20.96 -19.33
N ILE A 879 21.47 -20.58 -18.28
CA ILE A 879 20.18 -21.22 -17.94
C ILE A 879 19.18 -21.36 -19.09
N SER A 880 19.15 -20.45 -20.07
CA SER A 880 18.25 -20.70 -21.21
C SER A 880 18.83 -21.86 -22.03
N LEU A 881 20.01 -21.64 -22.60
CA LEU A 881 20.73 -22.69 -23.31
C LEU A 881 20.63 -24.03 -22.54
N ILE A 882 20.35 -24.04 -21.24
CA ILE A 882 20.11 -25.31 -20.62
C ILE A 882 18.65 -25.73 -20.76
N VAL A 883 17.75 -24.85 -20.44
CA VAL A 883 16.34 -25.27 -20.55
C VAL A 883 16.10 -25.60 -22.03
N VAL A 884 16.93 -25.02 -22.91
CA VAL A 884 16.64 -25.10 -24.33
C VAL A 884 16.98 -26.51 -24.67
N PHE A 885 18.14 -26.94 -24.20
CA PHE A 885 18.52 -28.33 -24.34
C PHE A 885 17.50 -29.29 -23.75
N LEU A 886 17.26 -29.17 -22.46
CA LEU A 886 16.31 -30.04 -21.76
C LEU A 886 14.98 -30.17 -22.47
N CYS A 887 14.17 -29.14 -22.37
CA CYS A 887 13.06 -28.97 -23.27
C CYS A 887 13.28 -29.80 -24.52
N LEU A 888 14.34 -29.44 -25.27
CA LEU A 888 14.51 -29.85 -26.69
C LEU A 888 14.75 -31.32 -26.81
N ALA A 889 15.60 -31.80 -25.90
CA ALA A 889 15.94 -33.19 -25.79
C ALA A 889 14.70 -34.04 -25.75
N ALA A 890 13.82 -33.81 -24.78
CA ALA A 890 12.59 -34.59 -24.69
C ALA A 890 11.53 -34.21 -25.79
N LEU A 891 11.82 -33.22 -26.65
CA LEU A 891 10.99 -33.08 -27.84
C LEU A 891 11.23 -34.36 -28.60
N TYR A 892 12.49 -34.63 -28.92
CA TYR A 892 13.00 -35.96 -29.38
C TYR A 892 13.08 -36.89 -28.18
N GLU A 893 14.03 -37.79 -28.13
CA GLU A 893 14.08 -38.59 -26.90
C GLU A 893 15.47 -39.00 -26.55
N SER A 894 16.44 -38.12 -26.78
CA SER A 894 17.85 -38.41 -26.57
C SER A 894 18.60 -37.28 -25.87
N TRP A 895 19.63 -37.65 -25.09
CA TRP A 895 20.62 -36.67 -24.58
C TRP A 895 21.73 -36.25 -25.58
N SER A 896 21.36 -35.99 -26.85
CA SER A 896 22.37 -35.72 -27.87
C SER A 896 21.75 -35.05 -29.07
N ILE A 897 20.71 -35.71 -29.63
CA ILE A 897 19.95 -35.22 -30.80
C ILE A 897 19.63 -33.73 -30.81
N PRO A 898 19.05 -33.16 -29.69
CA PRO A 898 18.83 -31.71 -29.54
C PRO A 898 20.04 -30.86 -29.98
N PHE A 899 21.22 -31.46 -29.87
CA PHE A 899 22.47 -30.85 -30.27
C PHE A 899 22.50 -30.44 -31.77
N SER A 900 21.86 -31.29 -32.54
CA SER A 900 21.67 -30.97 -33.89
C SER A 900 20.75 -29.74 -34.11
N VAL A 901 20.13 -29.19 -33.03
CA VAL A 901 19.18 -28.03 -33.12
C VAL A 901 19.82 -26.72 -32.71
N MET A 902 20.78 -26.86 -31.80
CA MET A 902 21.46 -25.75 -31.15
C MET A 902 22.37 -25.01 -32.10
N LEU A 903 23.33 -25.76 -32.66
CA LEU A 903 24.39 -25.25 -33.56
C LEU A 903 23.93 -24.32 -34.68
N VAL A 904 22.63 -24.06 -34.69
CA VAL A 904 21.99 -23.03 -35.51
C VAL A 904 22.35 -21.57 -34.99
N VAL A 905 22.20 -21.37 -33.67
CA VAL A 905 22.51 -20.12 -33.00
C VAL A 905 23.61 -19.31 -33.74
N PRO A 906 24.84 -19.86 -33.91
CA PRO A 906 25.90 -19.07 -34.58
C PRO A 906 25.56 -18.56 -35.95
N LEU A 907 24.92 -19.37 -36.77
CA LEU A 907 24.63 -18.97 -38.14
C LEU A 907 23.90 -17.64 -38.09
N GLY A 908 22.63 -17.68 -37.72
CA GLY A 908 21.85 -16.43 -37.54
C GLY A 908 22.58 -15.24 -36.89
N VAL A 909 23.42 -15.52 -35.88
CA VAL A 909 24.15 -14.50 -35.18
C VAL A 909 25.00 -13.80 -36.20
N ILE A 910 25.94 -14.51 -36.85
CA ILE A 910 26.75 -13.86 -37.93
C ILE A 910 25.81 -13.40 -39.00
N GLY A 911 26.15 -12.30 -39.63
CA GLY A 911 25.23 -11.81 -40.65
C GLY A 911 24.32 -10.85 -39.94
N ALA A 912 23.78 -11.28 -38.80
CA ALA A 912 23.10 -10.34 -37.92
C ALA A 912 24.16 -9.40 -37.40
N LEU A 913 25.37 -9.91 -37.12
CA LEU A 913 26.47 -9.06 -36.66
C LEU A 913 27.08 -8.25 -37.79
N LEU A 914 26.61 -8.43 -39.03
CA LEU A 914 27.11 -7.54 -40.11
C LEU A 914 26.24 -6.26 -40.20
N ALA A 915 25.97 -5.78 -39.00
CA ALA A 915 25.58 -4.45 -38.61
C ALA A 915 26.87 -3.63 -38.39
N ALA A 916 27.98 -4.36 -38.24
CA ALA A 916 29.37 -3.88 -38.20
C ALA A 916 29.86 -3.59 -39.62
N THR A 917 30.14 -4.69 -40.30
CA THR A 917 30.89 -4.75 -41.60
C THR A 917 30.09 -4.21 -42.80
N PHE A 918 28.75 -4.15 -42.67
CA PHE A 918 27.87 -3.60 -43.75
C PHE A 918 27.49 -2.14 -43.46
N ARG A 919 26.89 -1.90 -42.26
CA ARG A 919 26.53 -0.56 -41.82
C ARG A 919 27.31 -0.13 -40.62
N GLY A 920 26.90 1.00 -40.04
CA GLY A 920 27.67 1.64 -39.01
C GLY A 920 26.84 1.76 -37.76
N LEU A 921 26.69 0.62 -37.07
CA LEU A 921 25.84 0.48 -35.90
C LEU A 921 26.56 -0.07 -34.66
N THR A 922 25.76 -0.50 -33.67
CA THR A 922 26.22 -0.78 -32.30
C THR A 922 25.33 -1.81 -31.64
N ASN A 923 25.86 -2.49 -30.65
CA ASN A 923 25.15 -3.61 -30.08
C ASN A 923 23.87 -3.20 -29.34
N ASP A 924 23.27 -2.12 -29.77
CA ASP A 924 22.25 -1.54 -28.95
C ASP A 924 21.02 -2.42 -28.79
N VAL A 925 20.34 -2.29 -27.66
CA VAL A 925 19.16 -3.07 -27.34
C VAL A 925 18.40 -3.51 -28.55
N TYR A 926 17.90 -2.56 -29.31
CA TYR A 926 17.04 -2.93 -30.37
C TYR A 926 17.75 -3.97 -31.21
N PHE A 927 19.07 -3.99 -31.17
CA PHE A 927 19.82 -5.01 -31.90
C PHE A 927 19.63 -6.36 -31.27
N GLN A 928 19.98 -6.46 -30.00
CA GLN A 928 19.87 -7.71 -29.25
C GLN A 928 18.49 -8.32 -29.18
N VAL A 929 17.43 -7.52 -29.13
CA VAL A 929 16.12 -8.16 -29.11
C VAL A 929 15.99 -8.85 -30.41
N GLY A 930 16.10 -8.12 -31.52
CA GLY A 930 16.21 -8.79 -32.83
C GLY A 930 17.18 -10.02 -32.90
N LEU A 931 18.44 -9.80 -32.61
CA LEU A 931 19.31 -10.93 -32.45
C LEU A 931 18.63 -12.04 -31.64
N LEU A 932 17.53 -11.82 -30.95
CA LEU A 932 16.89 -12.98 -30.38
C LEU A 932 15.83 -13.50 -31.30
N THR A 933 14.96 -12.60 -31.77
CA THR A 933 13.87 -12.93 -32.72
C THR A 933 14.41 -13.78 -33.83
N THR A 934 15.56 -13.37 -34.38
CA THR A 934 16.33 -14.17 -35.35
C THR A 934 16.76 -15.62 -34.93
N ILE A 935 17.22 -15.83 -33.70
CA ILE A 935 17.63 -17.16 -33.28
C ILE A 935 16.40 -17.98 -32.97
N GLY A 936 15.23 -17.42 -33.17
CA GLY A 936 14.09 -18.24 -32.93
C GLY A 936 13.63 -18.95 -34.21
N LEU A 937 13.80 -18.32 -35.36
CA LEU A 937 13.28 -18.88 -36.56
C LEU A 937 14.31 -19.86 -36.90
N SER A 938 15.56 -19.45 -36.75
CA SER A 938 16.73 -20.35 -36.89
C SER A 938 16.63 -21.70 -36.18
N ALA A 939 16.47 -21.74 -34.86
CA ALA A 939 16.38 -23.02 -34.19
C ALA A 939 15.02 -23.64 -34.43
N LYS A 940 14.06 -22.84 -34.84
CA LYS A 940 12.72 -23.36 -35.11
C LYS A 940 12.91 -24.24 -36.33
N ASN A 941 13.59 -23.66 -37.31
CA ASN A 941 13.80 -24.29 -38.59
C ASN A 941 14.40 -25.61 -38.29
N ALA A 942 15.57 -25.58 -37.66
CA ALA A 942 16.28 -26.76 -37.09
C ALA A 942 15.43 -27.84 -36.50
N ILE A 943 14.73 -27.57 -35.41
CA ILE A 943 13.78 -28.54 -34.81
C ILE A 943 12.90 -29.29 -35.84
N LEU A 944 12.28 -28.56 -36.77
CA LEU A 944 11.48 -29.17 -37.84
C LEU A 944 12.23 -30.08 -38.84
N ILE A 945 13.17 -29.50 -39.57
CA ILE A 945 14.10 -30.29 -40.35
C ILE A 945 14.67 -31.50 -39.51
N VAL A 946 15.08 -31.30 -38.24
CA VAL A 946 15.56 -32.47 -37.40
C VAL A 946 14.39 -33.33 -36.98
N GLU A 947 13.19 -32.84 -37.25
CA GLU A 947 11.98 -33.56 -36.88
C GLU A 947 11.58 -34.54 -37.96
N PHE A 948 11.21 -33.97 -39.10
CA PHE A 948 11.03 -34.70 -40.30
C PHE A 948 12.29 -35.49 -40.56
N ALA A 949 13.37 -35.20 -39.85
CA ALA A 949 14.59 -35.99 -39.92
C ALA A 949 14.42 -37.45 -39.39
N LYS A 950 14.30 -37.65 -38.07
CA LYS A 950 13.51 -38.78 -37.55
C LYS A 950 12.07 -38.50 -37.98
N ASP A 951 11.07 -39.16 -37.36
CA ASP A 951 9.65 -38.94 -37.73
C ASP A 951 9.34 -39.96 -38.88
N LEU A 952 9.90 -39.71 -40.09
CA LEU A 952 9.88 -40.67 -41.22
C LEU A 952 11.13 -41.59 -41.20
N MET A 953 12.17 -41.20 -40.46
CA MET A 953 13.36 -42.03 -40.19
C MET A 953 13.03 -43.01 -39.10
N ASP A 954 12.07 -42.65 -38.25
CA ASP A 954 11.78 -43.47 -37.09
C ASP A 954 10.48 -44.24 -37.27
N LYS A 955 9.48 -43.59 -37.86
CA LYS A 955 8.22 -44.24 -38.19
C LYS A 955 8.41 -45.24 -39.38
N GLU A 956 8.87 -44.75 -40.54
CA GLU A 956 9.09 -45.58 -41.72
C GLU A 956 10.46 -46.18 -41.76
N GLY A 957 11.14 -46.37 -40.60
CA GLY A 957 12.57 -46.80 -40.48
C GLY A 957 13.54 -46.35 -41.59
N LYS A 958 13.24 -45.18 -42.22
CA LYS A 958 13.85 -44.77 -43.51
C LYS A 958 15.33 -44.56 -43.38
N GLY A 959 15.88 -43.83 -44.33
CA GLY A 959 17.33 -43.75 -44.47
C GLY A 959 18.13 -42.99 -43.41
N LEU A 960 19.00 -43.75 -42.69
CA LEU A 960 19.96 -43.14 -41.75
C LEU A 960 20.44 -41.73 -42.31
N ILE A 961 20.56 -41.63 -43.66
CA ILE A 961 20.91 -40.42 -44.42
C ILE A 961 19.88 -40.12 -45.55
N GLU A 962 19.12 -41.15 -45.91
CA GLU A 962 18.17 -41.04 -46.99
C GLU A 962 17.15 -40.05 -46.51
N ALA A 963 16.63 -40.29 -45.31
CA ALA A 963 15.67 -39.37 -44.65
C ALA A 963 16.21 -37.95 -44.72
N THR A 964 17.29 -37.69 -43.97
CA THR A 964 17.88 -36.34 -44.01
C THR A 964 17.58 -35.54 -45.31
N LEU A 965 17.59 -36.23 -46.48
CA LEU A 965 17.59 -35.55 -47.78
C LEU A 965 16.14 -35.18 -48.11
N ASP A 966 15.34 -36.22 -47.98
CA ASP A 966 13.92 -36.14 -48.08
C ASP A 966 13.46 -35.07 -47.04
N ALA A 967 13.88 -35.22 -45.77
CA ALA A 967 13.57 -34.26 -44.67
C ALA A 967 13.65 -32.79 -45.14
N VAL A 968 14.86 -32.37 -45.43
CA VAL A 968 15.17 -31.08 -46.01
C VAL A 968 14.36 -30.81 -47.26
N ARG A 969 14.07 -31.84 -48.04
CA ARG A 969 13.28 -31.66 -49.28
C ARG A 969 11.93 -31.00 -48.90
N MET A 970 11.21 -31.71 -48.05
CA MET A 970 9.90 -31.33 -47.59
C MET A 970 10.16 -30.30 -46.52
N ARG A 971 10.67 -29.12 -46.89
CA ARG A 971 11.17 -28.16 -45.87
C ARG A 971 11.78 -26.93 -46.51
N LEU A 972 12.40 -27.12 -47.65
CA LEU A 972 13.00 -26.01 -48.33
C LEU A 972 11.94 -24.96 -48.71
N ARG A 973 10.67 -25.35 -48.79
CA ARG A 973 9.67 -24.36 -49.21
C ARG A 973 9.12 -23.53 -48.02
N PRO A 974 9.04 -24.16 -46.82
CA PRO A 974 8.51 -23.45 -45.70
C PRO A 974 9.47 -22.35 -45.44
N ILE A 975 10.76 -22.71 -45.37
CA ILE A 975 11.77 -21.73 -45.06
C ILE A 975 11.79 -20.66 -46.12
N LEU A 976 12.19 -21.02 -47.31
CA LEU A 976 12.14 -20.07 -48.41
C LEU A 976 10.84 -19.25 -48.40
N MET A 977 9.72 -19.85 -48.01
CA MET A 977 8.46 -19.09 -48.08
C MET A 977 8.47 -17.87 -47.14
N THR A 978 8.55 -18.17 -45.85
CA THR A 978 8.61 -17.23 -44.72
C THR A 978 9.79 -16.22 -44.77
N SER A 979 10.96 -16.80 -44.94
CA SER A 979 12.17 -16.07 -44.90
C SER A 979 12.12 -14.99 -45.94
N LEU A 980 11.13 -15.04 -46.81
CA LEU A 980 11.04 -14.07 -47.89
C LEU A 980 10.21 -12.94 -47.43
N ALA A 981 8.95 -13.26 -47.11
CA ALA A 981 7.97 -12.27 -46.69
C ALA A 981 8.54 -11.50 -45.51
N PHE A 982 9.44 -12.15 -44.77
CA PHE A 982 10.02 -11.48 -43.66
C PHE A 982 10.88 -10.34 -44.15
N ILE A 983 12.01 -10.71 -44.74
CA ILE A 983 13.07 -9.74 -45.08
C ILE A 983 12.43 -8.55 -45.76
N LEU A 984 11.75 -8.81 -46.88
CA LEU A 984 11.00 -7.77 -47.55
C LEU A 984 10.18 -6.99 -46.48
N GLY A 985 9.52 -7.70 -45.58
CA GLY A 985 8.68 -7.04 -44.56
C GLY A 985 9.46 -6.10 -43.66
N VAL A 986 10.69 -6.49 -43.36
CA VAL A 986 11.58 -5.73 -42.52
C VAL A 986 12.41 -4.66 -43.30
N MET A 987 12.34 -4.74 -44.63
CA MET A 987 13.22 -4.00 -45.56
C MET A 987 12.78 -2.60 -45.79
N PRO A 988 11.47 -2.32 -45.58
CA PRO A 988 10.85 -1.05 -45.94
C PRO A 988 11.47 0.08 -45.15
N LEU A 989 10.70 1.16 -45.00
CA LEU A 989 11.16 2.31 -44.21
C LEU A 989 12.05 1.70 -43.09
N VAL A 990 11.63 0.51 -42.56
CA VAL A 990 12.45 -0.29 -41.62
C VAL A 990 13.74 -0.62 -42.39
N ILE A 991 14.83 0.05 -42.02
CA ILE A 991 16.09 -0.08 -42.70
C ILE A 991 16.35 1.00 -43.69
N SER A 992 15.36 1.66 -44.21
CA SER A 992 15.73 2.87 -44.96
C SER A 992 14.79 4.01 -44.53
N THR A 993 15.31 4.90 -43.69
CA THR A 993 14.43 5.93 -43.15
C THR A 993 14.95 7.39 -43.14
N GLY A 994 14.03 8.29 -42.81
CA GLY A 994 14.35 9.68 -42.80
C GLY A 994 14.26 9.97 -41.33
N ALA A 995 13.03 9.94 -40.81
CA ALA A 995 12.69 10.70 -39.56
C ALA A 995 11.80 9.91 -38.65
N GLY A 996 11.58 10.37 -37.43
CA GLY A 996 10.95 9.59 -36.41
C GLY A 996 11.22 8.12 -36.62
N SER A 997 12.46 7.69 -36.35
CA SER A 997 13.02 6.38 -36.83
C SER A 997 14.03 5.71 -35.91
N GLY A 998 15.29 5.63 -36.38
CA GLY A 998 16.44 5.50 -35.50
C GLY A 998 16.45 4.07 -35.07
N ALA A 999 15.75 3.75 -34.00
CA ALA A 999 15.22 2.40 -33.79
C ALA A 999 14.56 1.64 -35.00
N GLN A 1000 14.05 2.32 -36.03
CA GLN A 1000 13.56 1.61 -37.20
C GLN A 1000 14.85 0.95 -37.79
N ASN A 1001 15.86 1.77 -38.11
CA ASN A 1001 17.14 1.29 -38.66
C ASN A 1001 17.56 0.22 -37.72
N ALA A 1002 17.44 0.50 -36.44
CA ALA A 1002 17.88 -0.42 -35.38
C ALA A 1002 17.37 -1.81 -35.57
N VAL A 1003 16.05 -1.92 -35.44
CA VAL A 1003 15.35 -3.18 -35.47
C VAL A 1003 15.63 -3.94 -36.79
N GLY A 1004 15.28 -3.33 -37.93
CA GLY A 1004 15.56 -3.96 -39.24
C GLY A 1004 16.96 -4.53 -39.38
N THR A 1005 17.87 -3.68 -39.81
CA THR A 1005 19.27 -4.00 -39.98
C THR A 1005 19.71 -5.20 -39.18
N GLY A 1006 19.38 -5.22 -37.92
CA GLY A 1006 19.81 -6.39 -37.17
C GLY A 1006 19.25 -7.66 -37.77
N VAL A 1007 17.90 -7.70 -37.84
CA VAL A 1007 17.12 -8.86 -38.27
C VAL A 1007 17.37 -9.06 -39.74
N MET A 1008 17.59 -7.98 -40.46
CA MET A 1008 17.68 -8.03 -41.92
C MET A 1008 18.80 -8.93 -42.36
N GLY A 1009 20.02 -8.60 -41.98
CA GLY A 1009 21.11 -9.55 -42.10
C GLY A 1009 20.78 -10.64 -41.14
N GLY A 1010 21.72 -11.48 -40.79
CA GLY A 1010 21.44 -12.55 -39.81
C GLY A 1010 20.26 -13.45 -40.17
N MET A 1011 19.14 -12.83 -40.53
CA MET A 1011 18.01 -13.57 -41.12
C MET A 1011 18.48 -14.20 -42.45
N VAL A 1012 19.09 -13.38 -43.34
CA VAL A 1012 19.77 -13.86 -44.57
C VAL A 1012 20.52 -15.13 -44.25
N THR A 1013 21.53 -15.01 -43.41
CA THR A 1013 22.43 -16.12 -43.11
C THR A 1013 21.74 -17.31 -42.45
N ALA A 1014 20.63 -17.01 -41.78
CA ALA A 1014 19.91 -17.99 -40.98
C ALA A 1014 19.28 -19.06 -41.84
N THR A 1015 19.03 -18.67 -43.08
CA THR A 1015 18.29 -19.51 -43.96
C THR A 1015 19.29 -20.00 -45.01
N VAL A 1016 19.61 -19.08 -45.93
CA VAL A 1016 20.70 -19.17 -46.93
C VAL A 1016 21.98 -19.82 -46.36
N LEU A 1017 21.98 -20.20 -45.09
CA LEU A 1017 23.12 -20.90 -44.54
C LEU A 1017 22.74 -22.09 -43.72
N ALA A 1018 21.45 -22.23 -43.37
CA ALA A 1018 21.07 -23.36 -42.53
C ALA A 1018 20.49 -24.39 -43.42
N ILE A 1019 20.18 -23.99 -44.65
CA ILE A 1019 19.61 -24.94 -45.57
C ILE A 1019 20.61 -26.01 -45.76
N PHE A 1020 21.89 -25.66 -45.72
CA PHE A 1020 22.92 -26.68 -45.85
C PHE A 1020 23.34 -27.30 -44.50
N PHE A 1021 23.65 -26.48 -43.47
CA PHE A 1021 24.18 -27.01 -42.20
C PHE A 1021 23.25 -27.87 -41.37
N VAL A 1022 22.06 -27.34 -41.12
CA VAL A 1022 21.12 -28.01 -40.26
C VAL A 1022 20.86 -29.43 -40.78
N PRO A 1023 20.67 -29.60 -42.14
CA PRO A 1023 20.51 -30.98 -42.60
C PRO A 1023 21.81 -31.73 -42.40
N VAL A 1024 22.94 -31.02 -42.43
CA VAL A 1024 24.17 -31.57 -41.87
C VAL A 1024 23.88 -31.68 -40.41
N PHE A 1025 24.84 -31.24 -39.61
CA PHE A 1025 24.67 -31.20 -38.18
C PHE A 1025 23.98 -32.50 -37.82
N PHE A 1026 22.71 -32.62 -38.23
CA PHE A 1026 21.86 -33.78 -37.92
C PHE A 1026 22.54 -35.05 -38.32
N VAL A 1027 23.28 -34.92 -39.43
CA VAL A 1027 24.00 -36.03 -40.05
C VAL A 1027 25.30 -36.23 -39.32
N VAL A 1028 26.07 -35.15 -39.17
CA VAL A 1028 27.36 -35.23 -38.46
C VAL A 1028 27.19 -35.93 -37.11
N VAL A 1029 25.96 -35.76 -36.58
CA VAL A 1029 25.46 -36.45 -35.39
C VAL A 1029 24.37 -37.41 -35.87
N ARG A 1030 23.72 -38.07 -34.91
CA ARG A 1030 22.74 -39.12 -35.17
C ARG A 1030 23.49 -40.28 -35.75
N ARG A 1031 24.83 -40.27 -35.58
CA ARG A 1031 25.83 -41.14 -36.27
C ARG A 1031 27.14 -41.08 -35.55
N ARG A 1032 27.31 -40.05 -34.71
CA ARG A 1032 28.43 -39.98 -33.73
C ARG A 1032 27.99 -40.70 -32.46
N PHE A 1033 26.69 -40.90 -32.34
CA PHE A 1033 26.12 -41.59 -31.18
C PHE A 1033 25.55 -42.90 -31.71
N SER A 1034 25.51 -43.94 -30.85
CA SER A 1034 25.61 -45.39 -31.24
C SER A 1034 26.14 -45.50 -32.69
N ARG A 1035 27.49 -45.43 -32.82
CA ARG A 1035 28.32 -45.32 -34.08
C ARG A 1035 28.72 -46.67 -34.79
N LYS A 1036 29.93 -47.18 -34.53
CA LYS A 1036 30.26 -48.55 -34.92
C LYS A 1036 29.39 -49.54 -34.09
N MET B 1 -17.55 -38.31 -14.57
CA MET B 1 -18.99 -38.46 -15.03
C MET B 1 -19.61 -39.79 -14.65
N PRO B 2 -20.90 -39.93 -14.95
CA PRO B 2 -21.69 -41.09 -14.63
C PRO B 2 -21.01 -42.40 -15.06
N ASN B 3 -21.67 -43.54 -14.85
CA ASN B 3 -21.20 -44.89 -15.23
C ASN B 3 -20.13 -45.37 -14.25
N PHE B 4 -19.65 -44.37 -13.53
CA PHE B 4 -18.71 -44.46 -12.46
C PHE B 4 -19.57 -43.64 -11.56
N PHE B 5 -19.32 -43.71 -10.25
CA PHE B 5 -20.24 -43.05 -9.34
C PHE B 5 -21.61 -43.76 -9.32
N ILE B 6 -22.34 -43.72 -10.45
CA ILE B 6 -23.59 -44.52 -10.64
C ILE B 6 -23.30 -46.00 -10.35
N ASP B 7 -22.09 -46.40 -10.71
CA ASP B 7 -21.46 -47.57 -10.23
C ASP B 7 -20.47 -46.87 -9.31
N ARG B 8 -20.62 -47.05 -8.00
CA ARG B 8 -19.61 -46.58 -7.04
C ARG B 8 -20.04 -45.33 -6.35
N PRO B 9 -21.25 -45.34 -5.73
CA PRO B 9 -21.95 -44.15 -5.20
C PRO B 9 -21.48 -43.66 -3.82
N ILE B 10 -20.89 -44.54 -3.00
CA ILE B 10 -20.27 -44.11 -1.76
C ILE B 10 -19.38 -42.93 -2.10
N PHE B 11 -18.33 -43.19 -2.87
CA PHE B 11 -17.36 -42.16 -3.28
C PHE B 11 -18.15 -40.93 -3.60
N ALA B 12 -19.07 -41.04 -4.58
CA ALA B 12 -20.09 -40.01 -4.92
C ALA B 12 -20.59 -39.35 -3.68
N TRP B 13 -21.66 -39.89 -3.13
CA TRP B 13 -22.09 -39.52 -1.81
C TRP B 13 -20.98 -38.87 -0.92
N VAL B 14 -19.74 -39.39 -0.97
CA VAL B 14 -18.65 -38.89 -0.15
C VAL B 14 -18.34 -37.50 -0.60
N ILE B 15 -18.11 -37.30 -1.89
CA ILE B 15 -17.93 -35.99 -2.44
C ILE B 15 -19.04 -35.03 -1.95
N ALA B 16 -20.27 -35.49 -1.94
CA ALA B 16 -21.34 -34.66 -1.53
C ALA B 16 -21.25 -34.39 -0.05
N ILE B 17 -20.72 -35.28 0.75
CA ILE B 17 -20.66 -34.90 2.15
C ILE B 17 -19.66 -33.79 2.35
N ILE B 18 -18.49 -33.90 1.69
CA ILE B 18 -17.32 -33.00 1.91
C ILE B 18 -17.75 -31.62 1.58
N ILE B 19 -18.04 -31.35 0.34
CA ILE B 19 -18.60 -30.03 -0.01
C ILE B 19 -19.43 -29.39 1.16
N MET B 20 -20.39 -30.13 1.68
CA MET B 20 -21.26 -29.60 2.70
C MET B 20 -20.59 -29.40 4.00
N LEU B 21 -19.99 -30.48 4.49
CA LEU B 21 -19.05 -30.49 5.62
C LEU B 21 -18.10 -29.30 5.47
N ALA B 22 -17.26 -29.29 4.42
CA ALA B 22 -16.32 -28.17 4.12
C ALA B 22 -17.06 -26.89 4.26
N GLY B 23 -17.63 -26.39 3.17
CA GLY B 23 -18.47 -25.22 3.33
C GLY B 23 -19.47 -25.48 4.43
N GLY B 24 -20.20 -24.45 4.83
CA GLY B 24 -21.17 -24.63 5.92
C GLY B 24 -20.37 -24.58 7.20
N LEU B 25 -19.07 -24.59 7.09
CA LEU B 25 -18.36 -24.21 8.25
C LEU B 25 -18.21 -22.73 7.94
N ALA B 26 -18.07 -22.42 6.66
CA ALA B 26 -17.71 -21.06 6.33
C ALA B 26 -18.98 -20.23 6.53
N ILE B 27 -19.91 -20.80 7.25
CA ILE B 27 -21.03 -20.05 7.52
C ILE B 27 -20.79 -19.64 8.92
N LEU B 28 -20.01 -20.43 9.67
CA LEU B 28 -19.85 -20.13 11.10
C LEU B 28 -18.80 -19.11 11.44
N LYS B 29 -18.02 -18.66 10.45
CA LYS B 29 -16.87 -17.75 10.67
C LYS B 29 -16.64 -17.04 9.37
N LEU B 30 -17.75 -16.74 8.72
CA LEU B 30 -17.73 -15.91 7.52
C LEU B 30 -18.43 -14.62 7.94
N PRO B 31 -17.89 -13.43 7.57
CA PRO B 31 -18.48 -12.11 7.80
C PRO B 31 -19.96 -12.09 7.61
N VAL B 32 -20.61 -11.07 8.15
CA VAL B 32 -22.03 -10.84 7.94
C VAL B 32 -22.39 -9.37 7.99
N ALA B 33 -23.20 -8.95 7.04
CA ALA B 33 -23.72 -7.60 7.11
C ALA B 33 -24.84 -7.40 6.14
N GLN B 34 -25.17 -6.14 5.88
CA GLN B 34 -26.28 -5.80 5.03
C GLN B 34 -25.80 -5.79 3.60
N TYR B 35 -24.95 -4.84 3.25
CA TYR B 35 -24.30 -4.72 1.93
C TYR B 35 -22.85 -4.86 2.12
N PRO B 36 -22.14 -5.25 1.09
CA PRO B 36 -20.69 -5.44 1.21
C PRO B 36 -20.14 -4.01 1.10
N THR B 37 -18.87 -3.80 0.72
CA THR B 37 -18.38 -2.45 0.47
C THR B 37 -18.98 -2.02 -0.88
N ILE B 38 -19.85 -1.01 -0.80
CA ILE B 38 -20.66 -0.53 -1.92
C ILE B 38 -20.40 0.91 -2.38
N ALA B 39 -20.41 1.88 -1.45
CA ALA B 39 -20.08 3.28 -1.75
C ALA B 39 -18.60 3.45 -2.11
N PRO B 40 -18.25 4.45 -2.89
CA PRO B 40 -16.84 4.57 -3.22
C PRO B 40 -16.10 5.25 -2.06
N PRO B 41 -14.78 5.06 -1.96
CA PRO B 41 -14.16 5.62 -0.82
C PRO B 41 -14.06 7.08 -1.03
N ALA B 42 -14.15 7.80 0.07
CA ALA B 42 -13.87 9.21 0.03
C ALA B 42 -12.94 9.60 1.13
N VAL B 43 -12.26 10.74 0.93
CA VAL B 43 -11.30 11.40 1.84
C VAL B 43 -11.50 12.96 1.92
N THR B 44 -11.30 13.46 3.12
CA THR B 44 -11.70 14.73 3.46
C THR B 44 -10.53 15.36 4.13
N ILE B 45 -10.23 16.58 3.67
CA ILE B 45 -9.26 17.52 4.26
C ILE B 45 -10.09 18.47 5.14
N SER B 46 -9.48 19.16 6.12
CA SER B 46 -10.19 19.90 7.07
C SER B 46 -9.30 20.89 7.60
N ALA B 47 -9.51 22.09 7.06
CA ALA B 47 -8.99 23.33 7.60
C ALA B 47 -10.06 23.92 8.54
N SER B 48 -9.63 24.95 9.28
CA SER B 48 -10.46 25.60 10.31
C SER B 48 -9.82 26.75 11.05
N TYR B 49 -9.65 27.90 10.38
CA TYR B 49 -8.82 28.99 11.02
C TYR B 49 -9.48 30.31 11.30
N PRO B 50 -9.69 30.60 12.61
CA PRO B 50 -10.54 31.50 13.40
C PRO B 50 -11.28 32.62 12.72
N GLY B 51 -12.47 32.93 13.22
CA GLY B 51 -13.44 33.89 12.62
C GLY B 51 -13.03 35.21 11.96
N ALA B 52 -13.98 36.16 11.90
CA ALA B 52 -13.84 37.48 11.15
C ALA B 52 -13.33 37.47 9.62
N ASP B 53 -14.09 36.78 8.74
CA ASP B 53 -13.54 36.17 7.47
C ASP B 53 -14.62 35.65 6.54
N ALA B 54 -15.20 36.56 5.81
CA ALA B 54 -16.12 36.13 4.81
C ALA B 54 -15.67 34.89 3.89
N LYS B 55 -15.31 35.29 2.65
CA LYS B 55 -14.57 34.53 1.65
C LYS B 55 -13.27 34.14 2.27
N THR B 56 -12.37 35.11 2.34
CA THR B 56 -11.19 35.01 3.17
C THR B 56 -10.66 33.61 3.32
N VAL B 57 -11.34 32.76 4.09
CA VAL B 57 -10.90 31.34 4.21
C VAL B 57 -10.65 30.64 2.85
N GLN B 58 -11.74 30.48 2.10
CA GLN B 58 -11.72 29.95 0.76
C GLN B 58 -10.90 30.92 0.11
N ASP B 59 -10.39 30.57 -1.04
CA ASP B 59 -9.39 31.44 -1.70
C ASP B 59 -8.09 31.74 -0.92
N THR B 60 -8.10 31.63 0.41
CA THR B 60 -6.89 31.62 1.25
C THR B 60 -6.35 30.22 1.66
N VAL B 61 -7.25 29.36 2.14
CA VAL B 61 -6.91 28.00 2.44
C VAL B 61 -7.64 27.14 1.44
N THR B 62 -8.83 27.54 1.00
CA THR B 62 -9.61 26.56 0.22
C THR B 62 -9.08 26.30 -1.16
N GLN B 63 -9.21 27.30 -2.02
CA GLN B 63 -8.51 27.34 -3.29
C GLN B 63 -7.15 26.75 -3.21
N VAL B 64 -6.35 27.13 -2.23
CA VAL B 64 -5.02 26.59 -2.27
C VAL B 64 -4.95 25.07 -2.21
N ILE B 65 -5.47 24.52 -1.12
CA ILE B 65 -5.53 23.07 -0.97
C ILE B 65 -6.25 22.44 -2.16
N GLU B 66 -6.96 23.25 -2.93
CA GLU B 66 -7.76 22.67 -3.96
C GLU B 66 -6.91 22.57 -5.16
N GLN B 67 -6.13 23.64 -5.37
CA GLN B 67 -5.27 23.87 -6.55
C GLN B 67 -4.46 22.69 -6.80
N ASN B 68 -3.88 22.21 -5.70
CA ASN B 68 -3.09 21.02 -5.60
C ASN B 68 -3.79 19.65 -5.71
N MET B 69 -5.05 19.50 -5.25
CA MET B 69 -5.70 18.19 -5.40
C MET B 69 -5.89 17.68 -6.83
N ASN B 70 -4.77 17.53 -7.56
CA ASN B 70 -4.76 17.23 -8.97
C ASN B 70 -3.64 16.25 -9.20
N GLY B 71 -3.82 15.23 -10.02
CA GLY B 71 -2.76 14.21 -10.05
C GLY B 71 -3.36 12.97 -9.47
N ILE B 72 -3.67 13.00 -8.18
CA ILE B 72 -4.26 11.86 -7.48
C ILE B 72 -5.13 10.96 -8.39
N ASP B 73 -4.77 9.65 -8.49
CA ASP B 73 -5.43 8.61 -9.34
C ASP B 73 -6.73 8.26 -8.77
N ASN B 74 -7.55 7.83 -9.68
CA ASN B 74 -8.82 7.34 -9.32
C ASN B 74 -9.81 8.33 -8.68
N LEU B 75 -9.53 9.59 -8.89
CA LEU B 75 -10.37 10.65 -8.35
C LEU B 75 -11.66 10.82 -9.15
N MET B 76 -12.87 10.75 -8.57
CA MET B 76 -14.07 11.06 -9.44
C MET B 76 -14.55 12.52 -9.36
N TYR B 77 -14.76 12.97 -8.13
CA TYR B 77 -15.15 14.38 -7.88
C TYR B 77 -14.72 14.93 -6.50
N MET B 78 -14.40 16.21 -6.61
CA MET B 78 -13.96 16.99 -5.49
C MET B 78 -15.14 17.94 -5.17
N SER B 79 -15.32 18.25 -3.90
CA SER B 79 -16.25 19.24 -3.47
C SER B 79 -15.98 19.76 -2.06
N SER B 80 -15.73 21.07 -2.02
CA SER B 80 -15.35 21.72 -0.80
C SER B 80 -16.44 22.76 -0.41
N ASN B 81 -16.50 23.08 0.86
CA ASN B 81 -17.40 24.03 1.35
C ASN B 81 -16.61 24.84 2.37
N SER B 82 -16.23 26.03 1.95
CA SER B 82 -15.64 27.02 2.82
C SER B 82 -16.71 27.62 3.75
N ASP B 83 -16.39 27.74 5.04
CA ASP B 83 -17.36 28.18 6.10
C ASP B 83 -17.02 29.55 6.75
N SER B 84 -18.01 30.37 7.09
CA SER B 84 -17.77 31.54 8.02
C SER B 84 -16.87 31.37 9.31
N THR B 85 -17.30 30.49 10.23
CA THR B 85 -16.44 30.07 11.35
C THR B 85 -14.98 29.85 11.00
N GLY B 86 -14.60 30.01 9.75
CA GLY B 86 -13.24 29.78 9.34
C GLY B 86 -12.95 28.31 9.03
N THR B 87 -13.94 27.49 9.20
CA THR B 87 -13.76 26.11 9.01
C THR B 87 -13.77 25.78 7.54
N VAL B 88 -12.89 24.88 7.08
CA VAL B 88 -12.99 24.36 5.71
C VAL B 88 -12.96 22.86 5.62
N GLN B 89 -13.67 22.37 4.61
CA GLN B 89 -13.82 20.96 4.41
C GLN B 89 -13.74 20.55 2.97
N ILE B 90 -12.51 20.17 2.59
CA ILE B 90 -12.30 19.63 1.23
C ILE B 90 -12.63 18.16 1.30
N THR B 91 -13.18 17.65 0.19
CA THR B 91 -13.56 16.26 0.13
C THR B 91 -13.32 15.66 -1.23
N LEU B 92 -12.49 14.57 -1.22
CA LEU B 92 -12.18 13.85 -2.49
C LEU B 92 -12.73 12.46 -2.36
N THR B 93 -13.13 11.88 -3.48
CA THR B 93 -13.90 10.61 -3.49
C THR B 93 -13.43 9.91 -4.72
N PHE B 94 -13.16 8.62 -4.60
CA PHE B 94 -12.48 8.02 -5.75
C PHE B 94 -13.37 7.00 -6.45
N GLU B 95 -12.93 6.57 -7.61
CA GLU B 95 -13.66 5.46 -8.26
C GLU B 95 -13.75 4.22 -7.30
N SER B 96 -14.92 3.59 -7.34
CA SER B 96 -15.27 2.46 -6.48
C SER B 96 -14.17 1.51 -6.69
N GLY B 97 -13.91 0.67 -5.69
CA GLY B 97 -12.73 -0.24 -5.80
C GLY B 97 -11.40 0.32 -5.28
N THR B 98 -11.00 1.49 -5.78
CA THR B 98 -9.83 2.26 -5.36
C THR B 98 -9.41 1.97 -3.91
N ASP B 99 -8.14 2.17 -3.54
CA ASP B 99 -7.64 1.72 -2.22
C ASP B 99 -7.37 2.84 -1.26
N ALA B 100 -8.34 2.99 -0.40
CA ALA B 100 -8.50 4.21 0.31
C ALA B 100 -7.21 4.57 1.03
N ASP B 101 -6.47 3.64 1.61
CA ASP B 101 -5.22 4.06 2.18
C ASP B 101 -4.20 4.64 1.21
N ILE B 102 -4.28 4.38 -0.11
CA ILE B 102 -3.26 4.95 -0.98
C ILE B 102 -3.77 6.28 -1.31
N ALA B 103 -4.99 6.27 -1.81
CA ALA B 103 -6.01 7.39 -1.83
C ALA B 103 -5.80 8.51 -0.78
N GLN B 104 -5.83 8.09 0.50
CA GLN B 104 -5.48 8.99 1.57
C GLN B 104 -4.16 9.63 1.12
N VAL B 105 -3.04 8.88 1.30
CA VAL B 105 -1.65 9.19 1.02
C VAL B 105 -1.57 10.12 -0.12
N GLN B 106 -2.07 9.70 -1.27
CA GLN B 106 -1.90 10.65 -2.38
C GLN B 106 -2.54 11.98 -2.05
N VAL B 107 -3.77 12.04 -1.47
CA VAL B 107 -4.28 13.27 -0.96
C VAL B 107 -3.27 13.92 -0.06
N GLN B 108 -3.00 13.38 1.15
CA GLN B 108 -1.83 13.76 2.01
C GLN B 108 -0.53 14.09 1.33
N ASN B 109 -0.19 13.36 0.26
CA ASN B 109 0.99 13.82 -0.40
C ASN B 109 0.89 15.15 -1.01
N LYS B 110 0.25 15.23 -2.22
CA LYS B 110 -0.47 16.50 -2.68
C LYS B 110 -0.76 17.58 -1.70
N LEU B 111 -1.59 17.36 -0.67
CA LEU B 111 -1.74 18.44 0.33
C LEU B 111 -0.37 19.10 0.62
N GLN B 112 0.55 18.44 1.33
CA GLN B 112 1.93 19.03 1.64
C GLN B 112 2.42 20.26 0.83
N LEU B 113 2.20 20.22 -0.50
CA LEU B 113 2.66 21.34 -1.37
C LEU B 113 1.87 22.59 -1.06
N ALA B 114 0.76 22.43 -0.39
CA ALA B 114 0.06 23.56 0.07
C ALA B 114 0.50 24.03 1.49
N MET B 115 0.45 23.18 2.54
CA MET B 115 0.77 23.67 3.89
C MET B 115 1.54 24.98 4.00
N PRO B 116 2.79 25.08 3.49
CA PRO B 116 3.49 26.36 3.71
C PRO B 116 2.71 27.65 3.22
N LEU B 117 2.00 27.55 2.10
CA LEU B 117 1.17 28.62 1.56
C LEU B 117 -0.17 28.88 2.40
N LEU B 118 -0.40 28.07 3.40
CA LEU B 118 -1.54 28.37 4.24
C LEU B 118 -1.21 29.29 5.44
N PRO B 119 -2.08 30.28 5.72
CA PRO B 119 -1.76 31.12 6.85
C PRO B 119 -1.25 30.30 8.03
N GLN B 120 -0.35 30.90 8.85
CA GLN B 120 0.15 30.27 10.08
C GLN B 120 -0.91 30.04 11.12
N GLU B 121 -2.08 30.62 11.00
CA GLU B 121 -3.05 30.23 12.04
C GLU B 121 -3.50 28.83 11.64
N VAL B 122 -3.78 28.69 10.34
CA VAL B 122 -4.14 27.43 9.77
C VAL B 122 -3.05 26.43 10.12
N GLN B 123 -1.90 26.64 9.47
CA GLN B 123 -0.73 25.78 9.59
C GLN B 123 -0.64 25.37 11.03
N GLN B 124 -0.36 26.35 11.87
CA GLN B 124 -0.32 26.14 13.31
C GLN B 124 -1.77 25.92 13.91
N GLN B 125 -2.51 24.94 13.39
CA GLN B 125 -3.67 24.56 14.10
C GLN B 125 -4.51 23.39 13.62
N GLY B 126 -4.26 22.90 12.42
CA GLY B 126 -4.79 21.60 12.05
C GLY B 126 -4.43 21.17 10.64
N VAL B 127 -5.43 21.03 9.75
CA VAL B 127 -5.26 20.58 8.38
C VAL B 127 -5.05 19.11 8.52
N SER B 128 -6.14 18.35 8.54
CA SER B 128 -6.15 16.97 8.91
C SER B 128 -6.68 16.24 7.71
N VAL B 129 -6.18 15.00 7.47
CA VAL B 129 -6.49 14.24 6.23
C VAL B 129 -6.72 12.74 6.45
N GLU B 130 -7.98 12.40 6.66
CA GLU B 130 -8.37 11.02 6.86
C GLU B 130 -9.56 10.64 6.02
N LYS B 131 -9.74 9.31 5.86
CA LYS B 131 -10.86 8.72 5.08
C LYS B 131 -12.11 9.43 5.59
N SER B 132 -13.30 9.19 5.07
CA SER B 132 -14.44 9.88 5.62
C SER B 132 -15.69 9.44 4.97
N SER B 133 -16.53 8.76 5.78
CA SER B 133 -17.95 8.38 5.51
C SER B 133 -18.90 9.61 5.45
N SER B 134 -20.19 9.41 5.25
CA SER B 134 -21.09 10.60 5.42
C SER B 134 -22.16 10.47 6.47
N SER B 135 -22.40 9.24 6.91
CA SER B 135 -23.47 9.04 7.87
C SER B 135 -23.06 8.18 9.02
N PHE B 136 -23.67 8.41 10.17
CA PHE B 136 -23.23 7.71 11.38
C PHE B 136 -23.75 6.28 11.43
N LEU B 137 -23.10 5.43 12.14
CA LEU B 137 -23.64 4.14 12.33
C LEU B 137 -24.65 4.23 13.45
N MET B 138 -24.32 4.90 14.54
CA MET B 138 -25.15 4.94 15.73
C MET B 138 -25.21 6.35 16.30
N VAL B 139 -25.86 6.48 17.46
CA VAL B 139 -25.79 7.74 18.22
C VAL B 139 -25.82 7.58 19.78
N VAL B 140 -25.23 6.50 20.30
CA VAL B 140 -25.21 6.29 21.74
C VAL B 140 -25.31 7.64 22.40
N GLY B 141 -26.32 7.78 23.24
CA GLY B 141 -26.60 9.03 23.89
C GLY B 141 -26.39 8.73 25.37
N VAL B 142 -26.33 9.82 26.15
CA VAL B 142 -26.16 9.72 27.59
C VAL B 142 -26.89 10.81 28.32
N ILE B 143 -27.68 10.39 29.31
CA ILE B 143 -28.24 11.16 30.45
C ILE B 143 -27.97 10.53 31.86
N ASN B 144 -28.14 11.34 32.93
CA ASN B 144 -28.33 10.79 34.31
C ASN B 144 -29.82 10.70 34.83
N THR B 145 -30.17 9.52 35.38
CA THR B 145 -31.34 9.34 36.22
C THR B 145 -31.03 10.25 37.44
N ASP B 146 -32.07 10.75 38.14
CA ASP B 146 -31.93 11.65 39.32
C ASP B 146 -31.30 13.01 39.08
N GLY B 147 -31.63 13.70 37.98
CA GLY B 147 -30.92 14.93 37.61
C GLY B 147 -29.89 15.42 38.65
N THR B 148 -28.77 14.70 38.86
CA THR B 148 -27.64 15.17 39.72
C THR B 148 -26.52 15.77 38.89
N MET B 149 -26.71 15.85 37.56
CA MET B 149 -25.70 16.41 36.64
C MET B 149 -26.45 17.32 35.69
N THR B 150 -25.74 17.96 34.78
CA THR B 150 -26.41 18.83 33.83
C THR B 150 -26.00 18.71 32.36
N GLN B 151 -26.73 19.43 31.52
CA GLN B 151 -26.34 19.49 30.13
C GLN B 151 -24.81 19.56 30.09
N GLU B 152 -24.26 20.70 30.52
CA GLU B 152 -22.80 20.92 30.56
C GLU B 152 -22.21 20.45 31.89
N ASP B 153 -22.50 19.19 32.20
CA ASP B 153 -21.94 18.57 33.37
C ASP B 153 -21.58 17.17 32.91
N ILE B 154 -22.51 16.57 32.17
CA ILE B 154 -22.32 15.21 31.68
C ILE B 154 -21.57 15.21 30.36
N SER B 155 -21.87 16.21 29.53
CA SER B 155 -21.11 16.38 28.31
C SER B 155 -19.68 16.16 28.68
N ASP B 156 -19.20 16.94 29.65
CA ASP B 156 -17.85 16.77 30.16
C ASP B 156 -17.49 15.32 30.48
N TYR B 157 -18.44 14.64 31.11
CA TYR B 157 -18.20 13.28 31.49
C TYR B 157 -17.78 12.56 30.20
N VAL B 158 -18.76 12.31 29.31
CA VAL B 158 -18.53 11.53 28.05
C VAL B 158 -17.33 11.99 27.29
N ALA B 159 -16.93 13.24 27.46
CA ALA B 159 -15.91 13.75 26.56
C ALA B 159 -14.59 13.37 27.09
N ALA B 160 -14.39 13.64 28.36
CA ALA B 160 -13.15 13.37 28.97
C ALA B 160 -13.22 12.14 29.83
N ASN B 161 -14.30 11.37 29.74
CA ASN B 161 -14.37 10.05 30.40
C ASN B 161 -14.70 8.89 29.49
N MET B 162 -15.25 9.15 28.32
CA MET B 162 -15.56 8.08 27.36
C MET B 162 -15.33 8.33 25.84
N LYS B 163 -15.09 9.54 25.37
CA LYS B 163 -15.02 9.78 23.94
C LYS B 163 -13.70 9.30 23.37
N ASP B 164 -12.68 9.21 24.21
CA ASP B 164 -11.37 8.87 23.73
C ASP B 164 -11.28 7.37 23.35
N ALA B 165 -11.77 6.48 24.25
CA ALA B 165 -11.67 5.05 23.97
C ALA B 165 -12.59 4.71 22.81
N ILE B 166 -13.81 5.30 22.81
CA ILE B 166 -14.79 4.95 21.80
C ILE B 166 -14.12 5.29 20.54
N SER B 167 -13.44 6.41 20.46
CA SER B 167 -12.96 6.77 19.15
C SER B 167 -11.69 6.11 18.73
N ARG B 168 -11.25 5.15 19.53
CA ARG B 168 -10.01 4.45 19.35
C ARG B 168 -10.45 3.04 19.42
N THR B 169 -11.76 2.86 19.60
CA THR B 169 -12.45 1.56 19.48
C THR B 169 -12.34 0.88 18.04
N SER B 170 -12.59 -0.44 17.95
CA SER B 170 -12.46 -1.20 16.66
C SER B 170 -13.57 -0.81 15.75
N GLY B 171 -13.31 -0.91 14.44
CA GLY B 171 -14.27 -0.40 13.40
C GLY B 171 -14.69 1.08 13.45
N VAL B 172 -14.36 1.76 14.55
CA VAL B 172 -14.95 3.03 14.86
C VAL B 172 -14.28 4.17 14.16
N GLY B 173 -14.53 4.35 12.88
CA GLY B 173 -14.00 5.56 12.28
C GLY B 173 -13.95 6.94 13.05
N ASP B 174 -14.46 8.02 12.40
CA ASP B 174 -14.46 9.29 13.11
C ASP B 174 -15.56 9.25 14.23
N VAL B 175 -15.72 10.27 15.11
CA VAL B 175 -16.67 10.21 16.29
C VAL B 175 -17.04 11.54 16.91
N GLN B 176 -17.75 12.38 16.18
CA GLN B 176 -18.18 13.78 16.54
C GLN B 176 -19.08 13.93 17.78
N LEU B 177 -18.73 14.82 18.68
CA LEU B 177 -19.38 14.80 19.99
C LEU B 177 -20.42 15.93 20.17
N PHE B 178 -21.64 15.56 20.47
CA PHE B 178 -22.72 16.52 20.73
C PHE B 178 -22.55 17.06 22.12
N GLY B 179 -21.81 18.16 22.22
CA GLY B 179 -21.44 18.66 23.52
C GLY B 179 -19.94 18.88 23.48
N SER B 180 -19.41 19.43 24.58
CA SER B 180 -18.08 19.98 24.63
C SER B 180 -17.42 19.68 26.00
N GLN B 181 -16.14 19.28 25.96
CA GLN B 181 -15.44 18.97 27.13
C GLN B 181 -15.45 20.19 28.00
N TYR B 182 -15.05 20.02 29.24
CA TYR B 182 -14.83 21.15 30.14
C TYR B 182 -13.67 22.13 29.81
N ALA B 183 -14.02 23.38 29.51
CA ALA B 183 -13.01 24.47 29.46
C ALA B 183 -12.89 25.15 30.81
N MET B 184 -11.81 25.90 31.08
CA MET B 184 -11.77 26.63 32.35
C MET B 184 -12.21 28.05 32.13
N ARG B 185 -13.39 28.19 31.58
CA ARG B 185 -14.01 29.50 31.31
C ARG B 185 -13.98 30.59 32.36
N ILE B 186 -13.25 31.65 32.00
CA ILE B 186 -13.04 32.89 32.74
C ILE B 186 -13.78 34.02 31.99
N TRP B 187 -14.79 34.58 32.65
CA TRP B 187 -15.56 35.65 32.02
C TRP B 187 -15.18 37.10 32.47
N MET B 188 -14.66 37.79 31.47
CA MET B 188 -14.37 39.18 31.53
C MET B 188 -15.62 39.92 31.95
N ASN B 189 -15.42 40.92 32.82
CA ASN B 189 -16.35 42.02 33.13
C ASN B 189 -15.84 43.38 32.65
N PRO B 190 -16.58 44.03 31.75
CA PRO B 190 -16.14 45.26 31.05
C PRO B 190 -15.95 46.45 31.96
N ASN B 191 -17.01 46.85 32.67
CA ASN B 191 -16.86 48.04 33.49
C ASN B 191 -15.89 47.73 34.64
N GLU B 192 -16.02 46.54 35.22
CA GLU B 192 -15.17 46.16 36.36
C GLU B 192 -13.68 45.89 36.06
N LEU B 193 -13.38 45.46 34.82
CA LEU B 193 -12.04 45.48 34.33
C LEU B 193 -11.63 46.95 34.29
N ASN B 194 -12.52 47.77 33.76
CA ASN B 194 -12.24 49.19 33.56
C ASN B 194 -11.95 49.87 34.88
N LYS B 195 -12.64 49.36 35.89
CA LYS B 195 -12.59 49.86 37.23
C LYS B 195 -11.19 49.68 37.72
N PHE B 196 -10.32 48.99 37.02
CA PHE B 196 -9.01 48.87 37.61
C PHE B 196 -7.91 49.25 36.71
N GLN B 197 -8.24 49.94 35.62
CA GLN B 197 -7.24 50.30 34.59
C GLN B 197 -6.62 49.00 33.94
N LEU B 198 -7.47 48.11 33.45
CA LEU B 198 -6.99 46.80 33.04
C LEU B 198 -7.79 46.23 31.86
N THR B 199 -7.02 45.79 30.84
CA THR B 199 -7.50 45.08 29.63
C THR B 199 -7.22 43.57 29.68
N PRO B 200 -8.04 42.79 28.95
CA PRO B 200 -7.96 41.36 29.00
C PRO B 200 -6.55 40.99 28.67
N VAL B 201 -5.86 41.97 28.08
CA VAL B 201 -4.47 41.81 27.71
C VAL B 201 -3.69 41.55 28.96
N ASP B 202 -3.90 42.39 29.98
CA ASP B 202 -3.24 42.11 31.25
C ASP B 202 -3.78 40.76 31.73
N VAL B 203 -5.09 40.57 31.67
CA VAL B 203 -5.71 39.31 32.11
C VAL B 203 -4.91 38.13 31.61
N ILE B 204 -4.84 38.02 30.28
CA ILE B 204 -4.12 36.98 29.55
C ILE B 204 -2.75 36.97 30.12
N THR B 205 -2.02 38.06 29.96
CA THR B 205 -0.66 38.12 30.57
C THR B 205 -0.57 37.22 31.86
N ALA B 206 -1.46 37.55 32.80
CA ALA B 206 -1.47 36.93 34.13
C ALA B 206 -1.53 35.43 33.99
N ILE B 207 -2.63 35.03 33.34
CA ILE B 207 -3.04 33.64 33.24
C ILE B 207 -1.78 32.86 32.82
N LYS B 208 -1.21 33.40 31.75
CA LYS B 208 -0.07 32.88 31.14
C LYS B 208 1.16 32.76 32.07
N ALA B 209 1.25 33.44 33.18
CA ALA B 209 2.43 33.14 33.96
C ALA B 209 2.02 32.62 35.32
N GLN B 210 0.73 32.73 35.63
CA GLN B 210 0.25 32.22 36.90
C GLN B 210 0.06 30.67 36.80
N ASN B 211 -0.43 30.24 35.63
CA ASN B 211 -0.81 28.88 35.42
C ASN B 211 -0.02 28.41 34.29
N ALA B 212 1.19 27.99 34.60
CA ALA B 212 1.97 27.24 33.62
C ALA B 212 2.93 26.27 34.30
N GLN B 213 3.37 25.25 33.56
CA GLN B 213 4.29 24.14 34.03
C GLN B 213 5.67 24.60 33.69
N VAL B 214 6.68 24.14 34.39
CA VAL B 214 7.99 24.70 34.09
C VAL B 214 9.15 23.78 34.42
N ALA B 215 9.85 23.30 33.37
CA ALA B 215 10.92 22.30 33.58
C ALA B 215 11.92 22.91 34.43
N ALA B 216 12.53 22.09 35.28
CA ALA B 216 13.49 22.62 36.21
C ALA B 216 14.79 21.92 36.41
N GLY B 217 15.15 20.91 35.63
CA GLY B 217 16.36 20.13 35.95
C GLY B 217 16.38 19.20 37.15
N GLN B 218 17.57 18.85 37.61
CA GLN B 218 17.76 17.82 38.72
C GLN B 218 19.03 17.87 39.64
N LEU B 219 18.84 17.80 40.94
CA LEU B 219 19.94 17.91 41.87
C LEU B 219 20.56 16.56 41.62
N GLY B 220 21.91 16.55 41.51
CA GLY B 220 22.63 15.39 41.03
C GLY B 220 22.43 15.37 39.54
N GLY B 221 22.72 16.45 38.84
CA GLY B 221 22.33 16.45 37.41
C GLY B 221 22.98 15.40 36.49
N THR B 222 22.52 15.47 35.22
CA THR B 222 22.95 14.57 34.09
C THR B 222 24.33 13.85 34.13
N PRO B 223 25.49 14.64 34.11
CA PRO B 223 26.81 14.23 34.52
C PRO B 223 27.09 14.87 35.87
N PRO B 224 27.49 14.05 36.88
CA PRO B 224 27.57 14.54 38.19
C PRO B 224 29.09 14.57 38.53
N VAL B 225 29.47 15.33 39.61
CA VAL B 225 30.85 15.45 40.23
C VAL B 225 31.20 14.10 40.77
N LYS B 226 32.50 13.81 40.78
CA LYS B 226 32.99 12.46 41.09
C LYS B 226 32.23 11.69 42.11
N GLY B 227 31.94 12.37 43.23
CA GLY B 227 31.28 11.69 44.36
C GLY B 227 29.85 11.26 44.13
N GLN B 228 29.01 12.25 44.42
CA GLN B 228 27.61 12.32 44.39
C GLN B 228 26.83 11.14 44.80
N GLN B 229 25.87 11.39 45.69
CA GLN B 229 25.00 10.35 46.20
C GLN B 229 23.57 10.71 45.89
N LEU B 230 22.92 11.62 46.65
CA LEU B 230 21.65 12.27 46.28
C LEU B 230 21.48 12.55 44.78
N ASN B 231 20.35 12.05 44.21
CA ASN B 231 19.87 12.45 42.87
C ASN B 231 18.39 12.58 42.76
N ALA B 232 17.83 13.74 42.52
CA ALA B 232 16.34 13.82 42.37
C ALA B 232 15.90 14.98 41.55
N SER B 233 14.65 14.95 41.06
CA SER B 233 14.19 16.09 40.26
C SER B 233 14.02 17.28 41.14
N ILE B 234 13.69 18.38 40.49
CA ILE B 234 13.53 19.61 41.15
C ILE B 234 12.26 20.15 40.65
N ILE B 235 11.11 19.60 41.01
CA ILE B 235 9.78 20.26 40.63
C ILE B 235 9.75 21.73 40.86
N ALA B 236 9.48 22.52 39.80
CA ALA B 236 9.38 23.97 39.98
C ALA B 236 7.95 24.40 39.83
N GLN B 237 7.75 25.52 39.14
CA GLN B 237 6.42 26.14 39.12
C GLN B 237 5.47 25.23 38.50
N THR B 238 4.17 25.41 38.58
CA THR B 238 3.22 24.34 38.11
C THR B 238 1.69 24.70 37.84
N ARG B 239 0.97 23.76 37.19
CA ARG B 239 -0.40 24.07 36.61
C ARG B 239 -1.56 24.17 37.60
N LEU B 240 -2.53 24.96 37.23
CA LEU B 240 -3.58 25.26 38.19
C LEU B 240 -4.68 24.25 38.05
N THR B 241 -4.95 23.45 39.06
CA THR B 241 -5.83 22.36 38.80
C THR B 241 -7.14 22.71 39.22
N SER B 242 -7.27 23.73 40.05
CA SER B 242 -8.57 24.00 40.72
C SER B 242 -9.18 25.11 40.02
N THR B 243 -10.10 25.74 40.71
CA THR B 243 -10.74 26.92 40.17
C THR B 243 -10.66 28.08 41.14
N GLU B 244 -10.32 27.77 42.39
CA GLU B 244 -10.07 28.79 43.37
C GLU B 244 -8.87 29.63 42.90
N GLU B 245 -7.81 28.98 42.36
CA GLU B 245 -6.58 29.67 42.01
C GLU B 245 -6.87 30.56 40.85
N PHE B 246 -7.42 30.00 39.79
CA PHE B 246 -7.86 30.82 38.66
C PHE B 246 -8.59 32.07 39.13
N GLY B 247 -9.30 31.93 40.25
CA GLY B 247 -9.97 33.08 40.87
C GLY B 247 -9.03 34.04 41.59
N LYS B 248 -8.16 33.49 42.42
CA LYS B 248 -7.23 34.29 43.13
C LYS B 248 -5.93 34.71 42.32
N ILE B 249 -5.87 34.60 40.98
CA ILE B 249 -4.67 35.09 40.23
C ILE B 249 -4.42 36.58 40.50
N LEU B 250 -3.16 36.99 40.66
CA LEU B 250 -2.86 38.39 40.90
C LEU B 250 -2.80 39.22 39.65
N LEU B 251 -3.79 40.07 39.47
CA LEU B 251 -3.77 40.99 38.35
C LEU B 251 -3.00 42.18 38.79
N LYS B 252 -3.69 43.16 39.38
CA LYS B 252 -3.06 44.40 39.85
C LYS B 252 -2.74 44.38 41.34
N VAL B 253 -2.17 45.49 41.81
CA VAL B 253 -1.83 45.79 43.22
C VAL B 253 -1.94 47.35 43.51
N ASN B 254 -3.17 47.87 43.42
CA ASN B 254 -3.49 49.30 43.59
C ASN B 254 -2.72 50.02 44.71
N GLN B 255 -2.61 51.34 44.53
CA GLN B 255 -1.84 52.28 45.38
C GLN B 255 -1.97 52.13 46.89
N ASP B 256 -3.19 52.10 47.44
CA ASP B 256 -3.40 51.74 48.87
C ASP B 256 -2.87 50.29 49.19
N GLY B 257 -2.51 49.56 48.14
CA GLY B 257 -1.75 48.35 48.28
C GLY B 257 -2.63 47.16 48.52
N SER B 258 -3.95 47.36 48.31
CA SER B 258 -4.92 46.23 48.35
C SER B 258 -4.53 44.99 47.44
N ARG B 259 -5.48 44.55 46.60
CA ARG B 259 -5.35 43.38 45.73
C ARG B 259 -6.52 43.50 44.81
N VAL B 260 -6.25 43.43 43.52
CA VAL B 260 -7.30 43.16 42.56
C VAL B 260 -6.92 41.88 41.79
N LEU B 261 -7.51 40.76 42.20
CA LEU B 261 -7.28 39.51 41.54
C LEU B 261 -8.50 39.13 40.69
N LEU B 262 -8.45 37.98 40.01
CA LEU B 262 -9.45 37.73 38.95
C LEU B 262 -10.92 37.74 39.44
N ARG B 263 -11.13 37.19 40.65
CA ARG B 263 -12.44 37.15 41.31
C ARG B 263 -13.09 38.53 41.30
N ASP B 264 -12.25 39.57 41.22
CA ASP B 264 -12.73 40.94 41.28
C ASP B 264 -12.88 41.45 39.86
N VAL B 265 -13.07 40.61 38.84
CA VAL B 265 -13.16 41.13 37.44
C VAL B 265 -13.60 40.05 36.42
N ALA B 266 -13.13 38.87 36.69
CA ALA B 266 -13.56 37.77 35.92
C ALA B 266 -14.41 36.87 36.80
N LYS B 267 -15.53 36.42 36.24
CA LYS B 267 -16.31 35.38 36.88
C LYS B 267 -15.78 33.88 36.74
N ILE B 268 -14.55 33.59 37.21
CA ILE B 268 -13.89 32.22 37.18
C ILE B 268 -14.87 31.04 37.40
N GLU B 269 -15.41 30.56 36.29
CA GLU B 269 -16.38 29.52 36.36
C GLU B 269 -15.89 28.05 36.13
N LEU B 270 -16.43 27.38 35.11
CA LEU B 270 -15.93 26.12 34.64
C LEU B 270 -16.98 25.63 33.67
N GLY B 271 -17.05 26.21 32.48
CA GLY B 271 -17.88 25.65 31.43
C GLY B 271 -17.05 24.91 30.37
N GLY B 272 -17.50 25.02 29.12
CA GLY B 272 -16.90 24.22 28.07
C GLY B 272 -16.18 24.95 26.95
N GLU B 273 -15.73 24.19 25.97
CA GLU B 273 -15.01 24.77 24.90
C GLU B 273 -15.94 25.61 24.03
N ASN B 274 -17.03 24.98 23.63
CA ASN B 274 -17.99 25.61 22.75
C ASN B 274 -19.27 25.55 23.47
N TYR B 275 -20.08 26.60 23.24
CA TYR B 275 -21.51 26.62 23.62
C TYR B 275 -22.29 26.79 22.30
N ASP B 276 -22.39 25.69 21.55
CA ASP B 276 -22.84 25.69 20.16
C ASP B 276 -23.67 24.49 19.83
N ILE B 277 -23.38 23.36 20.50
CA ILE B 277 -24.11 22.07 20.41
C ILE B 277 -24.90 21.85 21.69
N ILE B 278 -26.21 21.93 21.53
CA ILE B 278 -27.07 21.67 22.65
C ILE B 278 -27.91 20.45 22.30
N ALA B 279 -27.85 19.41 23.15
CA ALA B 279 -28.58 18.18 22.81
C ALA B 279 -29.38 17.58 23.94
N GLU B 280 -30.55 17.04 23.60
CA GLU B 280 -31.38 16.34 24.59
C GLU B 280 -32.10 15.08 24.07
N PHE B 281 -32.07 14.01 24.84
CA PHE B 281 -32.80 12.82 24.50
C PHE B 281 -34.16 12.77 25.12
N ASN B 282 -35.19 12.56 24.29
CA ASN B 282 -36.63 12.61 24.69
C ASN B 282 -36.92 13.88 25.38
N GLY B 283 -36.79 14.99 24.67
CA GLY B 283 -36.88 16.31 25.30
C GLY B 283 -36.14 16.56 26.61
N GLN B 284 -35.06 15.83 26.90
CA GLN B 284 -34.33 15.97 28.17
C GLN B 284 -32.81 16.35 27.94
N PRO B 285 -32.20 17.16 28.84
CA PRO B 285 -30.78 17.50 28.61
C PRO B 285 -29.85 16.27 28.57
N ALA B 286 -29.14 16.11 27.43
CA ALA B 286 -28.26 14.93 27.19
C ALA B 286 -27.06 15.24 26.35
N SER B 287 -26.07 14.35 26.40
CA SER B 287 -24.99 14.37 25.45
C SER B 287 -24.95 13.05 24.80
N GLY B 288 -24.10 12.96 23.75
CA GLY B 288 -23.87 11.72 22.90
C GLY B 288 -22.71 11.79 21.94
N LEU B 289 -22.44 10.69 21.24
CA LEU B 289 -21.27 10.66 20.35
C LEU B 289 -21.74 9.97 19.14
N GLY B 290 -21.43 10.57 17.97
CA GLY B 290 -22.02 10.16 16.73
C GLY B 290 -21.29 9.03 16.09
N ILE B 291 -21.22 7.88 16.74
CA ILE B 291 -20.23 6.90 16.31
C ILE B 291 -20.33 6.53 14.87
N LYS B 292 -19.35 6.86 14.04
CA LYS B 292 -19.30 6.50 12.57
C LYS B 292 -18.37 5.31 12.05
N LEU B 293 -18.73 4.74 10.89
CA LEU B 293 -18.12 3.45 10.44
C LEU B 293 -16.81 3.61 9.68
N ALA B 294 -15.71 3.17 10.31
CA ALA B 294 -14.46 3.10 9.62
C ALA B 294 -14.65 2.32 8.29
N THR B 295 -14.12 2.90 7.21
CA THR B 295 -14.15 2.36 5.87
C THR B 295 -13.71 0.91 5.74
N GLY B 296 -14.62 0.08 5.30
CA GLY B 296 -14.34 -1.30 5.22
C GLY B 296 -14.61 -2.06 6.48
N ALA B 297 -14.56 -1.51 7.67
CA ALA B 297 -14.84 -2.42 8.79
C ALA B 297 -16.32 -2.76 8.83
N ASN B 298 -16.67 -3.84 9.54
CA ASN B 298 -18.10 -4.32 9.56
C ASN B 298 -19.05 -3.62 10.56
N ALA B 299 -20.12 -3.00 10.03
CA ALA B 299 -20.98 -2.15 10.82
C ALA B 299 -21.44 -3.02 11.92
N LEU B 300 -21.53 -4.29 11.59
CA LEU B 300 -22.20 -5.19 12.44
C LEU B 300 -21.27 -5.55 13.56
N ASP B 301 -19.99 -5.64 13.28
CA ASP B 301 -19.01 -6.06 14.28
C ASP B 301 -18.47 -4.93 15.13
N THR B 302 -18.29 -3.76 14.49
CA THR B 302 -17.85 -2.55 15.19
C THR B 302 -18.87 -2.14 16.28
N ALA B 303 -20.17 -2.33 16.01
CA ALA B 303 -21.21 -2.08 16.99
C ALA B 303 -20.99 -2.98 18.23
N ALA B 304 -20.70 -4.23 17.97
CA ALA B 304 -20.35 -5.18 19.04
C ALA B 304 -19.14 -4.83 19.96
N ALA B 305 -18.19 -4.05 19.40
CA ALA B 305 -17.06 -3.46 20.14
C ALA B 305 -17.51 -2.19 20.85
N ILE B 306 -18.28 -1.33 20.14
CA ILE B 306 -18.87 -0.12 20.73
C ILE B 306 -19.52 -0.60 21.99
N ARG B 307 -20.48 -1.49 21.88
CA ARG B 307 -21.17 -1.72 23.11
C ARG B 307 -20.27 -2.31 24.18
N ALA B 308 -19.22 -3.03 23.76
CA ALA B 308 -18.33 -3.92 24.58
C ALA B 308 -17.45 -3.14 25.43
N GLU B 309 -17.00 -2.04 24.83
CA GLU B 309 -16.29 -0.98 25.48
C GLU B 309 -17.24 -0.20 26.43
N LEU B 310 -18.37 0.29 25.88
CA LEU B 310 -19.47 0.91 26.66
C LEU B 310 -19.90 0.12 27.88
N ALA B 311 -19.86 -1.20 27.79
CA ALA B 311 -20.02 -2.01 28.98
C ALA B 311 -18.88 -1.81 29.98
N LYS B 312 -17.67 -1.59 29.47
CA LYS B 312 -16.49 -1.43 30.30
C LYS B 312 -16.56 -0.12 31.11
N MET B 313 -17.16 0.92 30.52
CA MET B 313 -17.17 2.25 31.17
C MET B 313 -18.44 2.62 31.89
N GLU B 314 -19.14 1.63 32.45
CA GLU B 314 -20.35 1.82 33.24
C GLU B 314 -20.07 1.57 34.65
N PRO B 315 -19.36 0.46 34.94
CA PRO B 315 -19.08 0.18 36.32
C PRO B 315 -18.52 1.39 37.04
N PHE B 316 -18.21 2.50 36.39
CA PHE B 316 -17.43 3.53 37.03
C PHE B 316 -18.10 4.82 36.87
N PHE B 317 -19.26 4.77 36.22
CA PHE B 317 -20.08 5.97 35.91
C PHE B 317 -20.40 6.70 37.19
N PRO B 318 -20.63 8.03 37.13
CA PRO B 318 -20.94 8.75 38.37
C PRO B 318 -22.32 8.31 38.84
N SER B 319 -22.75 8.88 39.98
CA SER B 319 -24.06 8.58 40.61
C SER B 319 -25.27 8.86 39.67
N GLY B 320 -25.60 7.83 38.89
CA GLY B 320 -26.85 7.76 38.14
C GLY B 320 -26.72 8.35 36.78
N LEU B 321 -26.32 7.52 35.81
CA LEU B 321 -25.98 7.92 34.45
C LEU B 321 -26.30 6.79 33.48
N LYS B 322 -27.27 7.06 32.59
CA LYS B 322 -27.83 6.06 31.68
C LYS B 322 -27.30 6.29 30.29
N ILE B 323 -27.25 5.20 29.51
CA ILE B 323 -26.59 5.26 28.20
C ILE B 323 -27.59 4.91 27.20
N VAL B 324 -28.71 5.64 27.15
CA VAL B 324 -29.73 5.43 26.08
C VAL B 324 -29.16 5.23 24.67
N TYR B 325 -29.69 4.30 23.88
CA TYR B 325 -29.11 4.03 22.59
C TYR B 325 -30.06 4.49 21.54
N PRO B 326 -30.38 5.77 21.40
CA PRO B 326 -31.19 6.31 20.30
C PRO B 326 -30.90 5.79 18.92
N TYR B 327 -31.01 6.64 17.89
CA TYR B 327 -30.63 6.29 16.49
C TYR B 327 -29.58 5.16 16.13
N ASP B 328 -29.95 3.90 15.92
CA ASP B 328 -28.92 2.91 15.49
C ASP B 328 -29.38 2.03 14.29
N THR B 329 -28.66 2.05 13.15
CA THR B 329 -29.08 1.27 11.96
C THR B 329 -28.48 -0.12 11.98
N THR B 330 -28.46 -0.79 13.13
CA THR B 330 -27.94 -2.18 13.29
C THR B 330 -29.02 -3.23 13.48
N PRO B 331 -30.21 -2.85 14.04
CA PRO B 331 -31.22 -3.85 14.27
C PRO B 331 -31.86 -4.10 12.97
N PHE B 332 -31.82 -3.11 12.11
CA PHE B 332 -32.32 -3.30 10.77
C PHE B 332 -31.55 -4.41 9.97
N VAL B 333 -30.22 -4.33 9.95
CA VAL B 333 -29.44 -5.26 9.22
C VAL B 333 -29.86 -6.57 9.82
N LYS B 334 -29.92 -6.66 11.14
CA LYS B 334 -30.00 -7.96 11.79
C LYS B 334 -31.26 -8.65 11.37
N ILE B 335 -32.16 -7.87 10.82
CA ILE B 335 -33.50 -8.32 10.45
C ILE B 335 -33.57 -8.60 9.00
N SER B 336 -33.03 -7.73 8.20
CA SER B 336 -33.19 -7.85 6.78
C SER B 336 -32.25 -8.91 6.35
N ILE B 337 -31.98 -9.86 7.23
CA ILE B 337 -31.04 -10.95 6.98
C ILE B 337 -31.75 -12.15 7.56
N HIS B 338 -32.65 -11.88 8.48
CA HIS B 338 -33.53 -12.93 9.02
C HIS B 338 -34.54 -13.18 7.94
N GLU B 339 -34.95 -12.10 7.32
CA GLU B 339 -35.96 -12.14 6.31
C GLU B 339 -35.53 -12.99 5.16
N VAL B 340 -34.61 -12.53 4.36
CA VAL B 340 -34.03 -13.33 3.31
C VAL B 340 -33.65 -14.76 3.78
N VAL B 341 -32.79 -14.88 4.80
CA VAL B 341 -32.36 -16.20 5.25
C VAL B 341 -33.58 -17.06 5.50
N LYS B 342 -34.63 -16.49 6.05
CA LYS B 342 -35.87 -17.28 6.17
C LYS B 342 -36.59 -17.60 4.82
N THR B 343 -36.69 -16.64 3.93
CA THR B 343 -37.35 -16.93 2.68
C THR B 343 -36.63 -17.99 1.89
N LEU B 344 -35.32 -18.17 2.21
CA LEU B 344 -34.44 -19.22 1.64
C LEU B 344 -35.00 -20.58 2.10
N VAL B 345 -34.97 -20.87 3.42
CA VAL B 345 -35.48 -22.16 3.89
C VAL B 345 -36.81 -22.22 3.18
N GLU B 346 -37.68 -21.23 3.44
CA GLU B 346 -38.97 -21.14 2.80
C GLU B 346 -39.05 -21.13 1.25
N ALA B 347 -37.93 -20.83 0.59
CA ALA B 347 -37.80 -21.13 -0.87
C ALA B 347 -37.70 -22.59 -1.02
N ILE B 348 -36.59 -23.10 -0.47
CA ILE B 348 -36.29 -24.55 -0.43
C ILE B 348 -37.52 -25.41 -0.16
N ILE B 349 -38.47 -24.91 0.60
CA ILE B 349 -39.68 -25.66 0.92
C ILE B 349 -40.62 -25.72 -0.26
N LEU B 350 -40.73 -24.65 -1.02
CA LEU B 350 -41.83 -24.67 -1.95
C LEU B 350 -41.43 -25.45 -3.09
N VAL B 351 -40.15 -25.47 -3.33
CA VAL B 351 -39.65 -26.34 -4.39
C VAL B 351 -39.49 -27.86 -3.99
N PHE B 352 -39.97 -28.25 -2.82
CA PHE B 352 -40.19 -29.64 -2.44
C PHE B 352 -41.68 -29.90 -2.65
N LEU B 353 -42.39 -28.90 -3.16
CA LEU B 353 -43.81 -29.06 -3.43
C LEU B 353 -44.12 -29.09 -4.90
N VAL B 354 -43.48 -28.26 -5.71
CA VAL B 354 -43.60 -28.50 -7.14
C VAL B 354 -42.77 -29.71 -7.53
N MET B 355 -41.74 -30.05 -6.76
CA MET B 355 -41.03 -31.31 -7.03
C MET B 355 -41.76 -32.52 -6.45
N TYR B 356 -43.09 -32.37 -6.44
CA TYR B 356 -43.95 -33.37 -5.87
C TYR B 356 -45.29 -33.43 -6.64
N LEU B 357 -46.17 -32.44 -6.43
CA LEU B 357 -47.32 -32.27 -7.30
C LEU B 357 -46.92 -32.49 -8.74
N PHE B 358 -45.67 -32.92 -8.99
CA PHE B 358 -45.22 -33.28 -10.35
C PHE B 358 -44.61 -34.65 -10.36
N LEU B 359 -44.41 -35.17 -9.17
CA LEU B 359 -43.80 -36.45 -9.01
C LEU B 359 -44.34 -37.03 -7.72
N GLN B 360 -44.97 -38.18 -7.80
CA GLN B 360 -45.44 -38.81 -6.60
C GLN B 360 -44.24 -39.68 -6.14
N ASN B 361 -43.72 -39.48 -4.92
CA ASN B 361 -42.67 -40.36 -4.33
C ASN B 361 -41.57 -39.59 -3.54
N PHE B 362 -41.41 -39.95 -2.26
CA PHE B 362 -40.33 -39.41 -1.39
C PHE B 362 -38.97 -39.99 -1.73
N ARG B 363 -38.84 -41.30 -1.49
CA ARG B 363 -37.66 -42.07 -1.89
C ARG B 363 -37.07 -41.59 -3.22
N ALA B 364 -37.92 -40.99 -4.07
CA ALA B 364 -37.54 -40.53 -5.43
C ALA B 364 -37.74 -39.03 -5.69
N THR B 365 -38.19 -38.33 -4.66
CA THR B 365 -38.26 -36.88 -4.72
C THR B 365 -37.12 -36.23 -3.87
N LEU B 366 -36.43 -36.95 -3.00
CA LEU B 366 -35.29 -36.34 -2.35
C LEU B 366 -34.18 -35.97 -3.36
N ILE B 367 -33.83 -36.90 -4.29
CA ILE B 367 -32.71 -36.73 -5.25
C ILE B 367 -32.54 -35.28 -5.83
N PRO B 368 -33.66 -34.56 -6.15
CA PRO B 368 -33.52 -33.17 -6.54
C PRO B 368 -33.70 -32.21 -5.36
N THR B 369 -34.07 -32.67 -4.19
CA THR B 369 -33.95 -31.74 -3.06
C THR B 369 -32.55 -31.80 -2.32
N ILE B 370 -31.86 -32.92 -2.48
CA ILE B 370 -30.50 -33.11 -1.98
C ILE B 370 -29.41 -32.27 -2.68
N ALA B 371 -29.77 -31.50 -3.71
CA ALA B 371 -28.78 -30.66 -4.33
C ALA B 371 -28.81 -29.36 -3.56
N VAL B 372 -30.01 -28.80 -3.41
CA VAL B 372 -30.16 -27.50 -2.73
C VAL B 372 -29.16 -27.39 -1.56
N PRO B 373 -29.20 -28.33 -0.61
CA PRO B 373 -28.29 -28.21 0.49
C PRO B 373 -26.80 -28.58 0.19
N VAL B 374 -26.52 -29.45 -0.78
CA VAL B 374 -25.14 -29.85 -1.04
C VAL B 374 -24.52 -28.74 -1.88
N VAL B 375 -25.34 -28.02 -2.61
CA VAL B 375 -24.91 -26.90 -3.43
C VAL B 375 -24.71 -25.56 -2.68
N LEU B 376 -25.68 -25.14 -1.88
CA LEU B 376 -25.52 -23.83 -1.26
C LEU B 376 -24.27 -23.83 -0.36
N LEU B 377 -24.18 -24.88 0.48
CA LEU B 377 -23.10 -25.02 1.47
C LEU B 377 -21.78 -25.15 0.71
N GLY B 378 -21.81 -25.78 -0.44
CA GLY B 378 -20.70 -25.73 -1.36
C GLY B 378 -20.47 -24.35 -1.91
N THR B 379 -21.52 -23.51 -1.92
CA THR B 379 -21.46 -22.11 -2.45
C THR B 379 -21.05 -21.07 -1.42
N PHE B 380 -21.60 -21.27 -0.22
CA PHE B 380 -20.98 -20.78 1.02
C PHE B 380 -19.43 -21.10 1.09
N ALA B 381 -18.96 -22.37 1.09
CA ALA B 381 -17.58 -22.72 0.73
C ALA B 381 -16.89 -21.76 -0.22
N VAL B 382 -17.56 -21.43 -1.32
CA VAL B 382 -17.02 -20.47 -2.25
C VAL B 382 -17.09 -19.04 -1.77
N LEU B 383 -18.21 -18.61 -1.18
CA LEU B 383 -18.17 -17.32 -0.54
C LEU B 383 -16.92 -17.10 0.29
N ALA B 384 -16.41 -18.12 0.96
CA ALA B 384 -15.17 -18.02 1.80
C ALA B 384 -13.92 -17.94 0.97
N ALA B 385 -13.75 -18.92 0.09
CA ALA B 385 -12.62 -18.93 -0.79
C ALA B 385 -12.40 -17.56 -1.36
N PHE B 386 -13.45 -16.77 -1.62
CA PHE B 386 -13.19 -15.41 -2.15
C PHE B 386 -13.41 -14.25 -1.21
N GLY B 387 -13.63 -14.55 0.06
CA GLY B 387 -13.72 -13.54 1.09
C GLY B 387 -14.86 -12.60 0.85
N PHE B 388 -15.95 -13.11 0.31
CA PHE B 388 -17.16 -12.35 0.17
C PHE B 388 -18.01 -12.48 1.47
N SER B 389 -19.12 -11.74 1.57
CA SER B 389 -19.92 -11.70 2.82
C SER B 389 -21.30 -12.34 2.74
N ILE B 390 -21.77 -12.95 3.83
CA ILE B 390 -23.15 -13.40 3.86
C ILE B 390 -23.87 -12.10 4.07
N ASN B 391 -24.19 -11.47 2.97
CA ASN B 391 -24.93 -10.27 3.05
C ASN B 391 -26.29 -10.44 2.36
N THR B 392 -27.10 -9.37 2.24
CA THR B 392 -28.47 -9.50 1.68
C THR B 392 -28.29 -9.78 0.21
N LEU B 393 -27.30 -9.13 -0.39
CA LEU B 393 -26.99 -9.32 -1.79
C LEU B 393 -26.47 -10.71 -2.14
N THR B 394 -25.44 -11.20 -1.48
CA THR B 394 -25.13 -12.64 -1.58
C THR B 394 -26.36 -13.49 -1.41
N MET B 395 -26.99 -13.48 -0.24
CA MET B 395 -28.18 -14.30 0.02
C MET B 395 -29.21 -14.26 -1.14
N PHE B 396 -29.58 -13.07 -1.62
CA PHE B 396 -30.61 -13.01 -2.64
C PHE B 396 -30.19 -14.00 -3.63
N GLY B 397 -29.02 -13.83 -4.24
CA GLY B 397 -28.46 -14.90 -5.10
C GLY B 397 -28.86 -16.33 -4.71
N MET B 398 -28.57 -16.77 -3.48
CA MET B 398 -28.90 -18.15 -3.09
C MET B 398 -30.40 -18.42 -3.29
N VAL B 399 -31.27 -17.43 -3.09
CA VAL B 399 -32.70 -17.60 -3.44
C VAL B 399 -32.87 -17.86 -4.92
N LEU B 400 -32.65 -16.87 -5.80
CA LEU B 400 -32.76 -17.10 -7.23
C LEU B 400 -32.29 -18.53 -7.55
N ALA B 401 -30.96 -18.74 -7.54
CA ALA B 401 -30.31 -20.09 -7.55
C ALA B 401 -31.05 -21.33 -6.94
N ILE B 402 -31.50 -21.27 -5.70
CA ILE B 402 -32.46 -22.27 -5.17
C ILE B 402 -33.43 -22.81 -6.31
N GLY B 403 -34.17 -21.90 -6.99
CA GLY B 403 -34.92 -22.27 -8.21
C GLY B 403 -34.07 -22.64 -9.44
N LEU B 404 -32.78 -22.77 -9.28
CA LEU B 404 -31.99 -22.96 -10.45
C LEU B 404 -31.18 -24.26 -10.38
N LEU B 405 -30.41 -24.43 -9.32
CA LEU B 405 -29.48 -25.52 -9.24
C LEU B 405 -30.32 -26.76 -9.30
N VAL B 406 -31.63 -26.59 -9.10
CA VAL B 406 -32.60 -27.68 -9.31
C VAL B 406 -32.65 -28.26 -10.78
N ASP B 407 -32.77 -27.36 -11.76
CA ASP B 407 -32.95 -27.71 -13.13
C ASP B 407 -32.22 -28.90 -13.53
N ASP B 408 -30.90 -28.80 -13.68
CA ASP B 408 -30.22 -30.03 -13.92
C ASP B 408 -30.71 -30.93 -12.79
N ALA B 409 -30.08 -32.09 -12.55
CA ALA B 409 -30.54 -33.01 -11.47
C ALA B 409 -32.05 -33.26 -11.43
N ILE B 410 -32.84 -32.38 -12.04
CA ILE B 410 -34.27 -32.67 -12.28
C ILE B 410 -34.35 -33.44 -13.64
N VAL B 411 -33.79 -32.84 -14.69
CA VAL B 411 -33.85 -33.42 -16.00
C VAL B 411 -33.06 -34.72 -15.98
N VAL B 412 -32.62 -35.16 -14.79
CA VAL B 412 -31.81 -36.40 -14.68
C VAL B 412 -32.66 -37.42 -13.98
N VAL B 413 -33.66 -36.92 -13.24
CA VAL B 413 -34.63 -37.79 -12.59
C VAL B 413 -35.90 -37.92 -13.46
N GLU B 414 -36.58 -36.81 -13.72
CA GLU B 414 -37.74 -36.85 -14.58
C GLU B 414 -37.45 -37.17 -16.09
N ASN B 415 -36.48 -38.05 -16.30
CA ASN B 415 -36.05 -38.39 -17.65
C ASN B 415 -35.51 -39.76 -17.50
N VAL B 416 -35.55 -40.21 -16.25
CA VAL B 416 -35.24 -41.59 -15.89
C VAL B 416 -36.55 -42.17 -15.38
N GLU B 417 -37.30 -41.31 -14.67
CA GLU B 417 -38.74 -41.52 -14.39
C GLU B 417 -39.56 -41.55 -15.68
N ARG B 418 -39.13 -40.77 -16.65
CA ARG B 418 -39.67 -40.89 -17.99
C ARG B 418 -39.34 -42.26 -18.61
N VAL B 419 -38.28 -42.89 -18.15
CA VAL B 419 -37.98 -44.24 -18.62
C VAL B 419 -38.61 -45.29 -17.69
N MET B 420 -39.91 -45.39 -17.90
CA MET B 420 -40.74 -46.57 -17.67
C MET B 420 -41.30 -47.02 -19.06
N ALA B 421 -41.08 -46.17 -20.08
CA ALA B 421 -41.39 -46.44 -21.49
C ALA B 421 -40.91 -47.84 -21.86
N GLU B 422 -39.63 -48.14 -21.58
CA GLU B 422 -39.07 -49.52 -21.65
C GLU B 422 -39.36 -50.21 -20.29
N GLU B 423 -38.33 -50.64 -19.55
CA GLU B 423 -38.53 -51.27 -18.21
C GLU B 423 -39.21 -50.27 -17.27
N GLY B 424 -40.22 -50.73 -16.52
CA GLY B 424 -40.89 -49.92 -15.49
C GLY B 424 -39.95 -49.15 -14.56
N LEU B 425 -40.11 -49.33 -13.22
CA LEU B 425 -39.17 -48.77 -12.18
C LEU B 425 -37.65 -48.85 -12.66
N PRO B 426 -37.12 -47.68 -13.10
CA PRO B 426 -35.85 -47.51 -13.79
C PRO B 426 -34.55 -47.77 -12.93
N PRO B 427 -33.96 -48.99 -13.01
CA PRO B 427 -32.76 -49.24 -12.14
C PRO B 427 -31.39 -48.65 -12.68
N LYS B 428 -30.29 -49.31 -12.34
CA LYS B 428 -28.92 -48.91 -12.71
C LYS B 428 -28.64 -49.01 -14.18
N GLU B 429 -29.69 -49.14 -15.01
CA GLU B 429 -29.58 -49.17 -16.51
C GLU B 429 -30.37 -48.06 -17.24
N ALA B 430 -31.48 -47.63 -16.64
CA ALA B 430 -32.25 -46.55 -17.15
C ALA B 430 -31.56 -45.23 -16.81
N THR B 431 -31.25 -45.05 -15.53
CA THR B 431 -30.48 -43.89 -15.16
C THR B 431 -29.26 -43.96 -16.00
N ARG B 432 -28.72 -45.19 -16.15
CA ARG B 432 -27.48 -45.45 -16.87
C ARG B 432 -27.56 -45.16 -18.40
N LYS B 433 -28.75 -45.18 -18.97
CA LYS B 433 -28.89 -44.94 -20.42
C LYS B 433 -29.52 -43.54 -20.70
N SER B 434 -30.23 -43.03 -19.69
CA SER B 434 -30.84 -41.74 -19.83
C SER B 434 -29.72 -40.71 -19.94
N MET B 435 -28.69 -40.91 -19.10
CA MET B 435 -27.50 -40.07 -18.99
C MET B 435 -26.85 -39.74 -20.33
N GLY B 436 -26.76 -40.75 -21.17
CA GLY B 436 -26.26 -40.56 -22.52
C GLY B 436 -27.13 -39.65 -23.36
N GLN B 437 -28.42 -39.57 -23.01
CA GLN B 437 -29.39 -38.74 -23.77
C GLN B 437 -29.64 -37.38 -23.15
N ILE B 438 -29.62 -37.32 -21.82
CA ILE B 438 -29.88 -36.07 -21.15
C ILE B 438 -28.60 -35.19 -20.93
N GLN B 439 -27.46 -35.83 -20.65
CA GLN B 439 -26.18 -35.17 -20.34
C GLN B 439 -25.95 -33.96 -21.22
N GLY B 440 -26.26 -34.06 -22.49
CA GLY B 440 -26.07 -32.94 -23.37
C GLY B 440 -26.50 -31.62 -22.78
N ALA B 441 -27.81 -31.47 -22.62
CA ALA B 441 -28.43 -30.17 -22.30
C ALA B 441 -28.15 -29.74 -20.88
N LEU B 442 -27.88 -30.72 -20.02
CA LEU B 442 -27.36 -30.48 -18.68
C LEU B 442 -26.36 -29.36 -18.71
N VAL B 443 -25.20 -29.60 -19.37
CA VAL B 443 -24.20 -28.57 -19.64
C VAL B 443 -24.77 -27.25 -20.25
N GLY B 444 -25.26 -27.32 -21.47
CA GLY B 444 -26.03 -26.20 -22.01
C GLY B 444 -26.71 -25.37 -20.95
N ILE B 445 -27.77 -25.90 -20.35
CA ILE B 445 -28.48 -25.19 -19.27
C ILE B 445 -27.54 -24.49 -18.25
N ALA B 446 -26.49 -25.19 -17.76
CA ALA B 446 -25.57 -24.56 -16.79
C ALA B 446 -24.80 -23.46 -17.52
N MET B 447 -24.19 -23.80 -18.66
CA MET B 447 -23.35 -22.88 -19.42
C MET B 447 -24.06 -21.56 -19.52
N VAL B 448 -25.18 -21.63 -20.21
CA VAL B 448 -26.04 -20.50 -20.40
C VAL B 448 -26.50 -19.70 -19.14
N LEU B 449 -26.61 -20.31 -17.98
CA LEU B 449 -26.78 -19.50 -16.75
C LEU B 449 -25.47 -19.03 -16.07
N SER B 450 -24.34 -19.12 -16.75
CA SER B 450 -23.12 -18.67 -16.18
C SER B 450 -22.56 -17.70 -17.16
N ALA B 451 -22.66 -18.00 -18.45
CA ALA B 451 -22.22 -17.02 -19.42
C ALA B 451 -22.88 -15.63 -19.15
N VAL B 452 -24.16 -15.63 -18.86
CA VAL B 452 -24.81 -14.46 -18.30
C VAL B 452 -24.34 -14.33 -16.87
N PHE B 453 -24.17 -13.11 -16.36
CA PHE B 453 -23.59 -12.91 -15.01
C PHE B 453 -22.06 -12.86 -15.01
N VAL B 454 -21.41 -13.45 -16.00
CA VAL B 454 -19.99 -13.36 -16.09
C VAL B 454 -19.58 -11.89 -16.31
N PRO B 455 -20.14 -11.26 -17.37
CA PRO B 455 -19.58 -9.99 -17.80
C PRO B 455 -20.10 -8.94 -16.88
N MET B 456 -21.26 -9.16 -16.33
CA MET B 456 -21.67 -8.23 -15.35
C MET B 456 -20.55 -8.02 -14.33
N ALA B 457 -19.73 -9.01 -14.05
CA ALA B 457 -18.64 -8.79 -13.08
C ALA B 457 -17.46 -7.88 -13.55
N PHE B 458 -17.13 -7.94 -14.83
CA PHE B 458 -15.86 -7.49 -15.22
C PHE B 458 -16.12 -6.10 -15.45
N PHE B 459 -17.26 -5.59 -14.95
CA PHE B 459 -17.52 -4.15 -15.16
C PHE B 459 -18.12 -3.45 -13.97
N GLY B 460 -18.68 -2.30 -14.29
CA GLY B 460 -19.42 -1.46 -13.36
C GLY B 460 -18.74 -0.74 -12.20
N GLY B 461 -19.03 0.56 -11.96
CA GLY B 461 -18.72 1.23 -10.67
C GLY B 461 -19.37 0.60 -9.42
N SER B 462 -19.91 1.36 -8.44
CA SER B 462 -20.62 0.79 -7.22
C SER B 462 -21.71 -0.28 -7.51
N THR B 463 -22.28 -0.20 -8.69
CA THR B 463 -23.32 -1.15 -8.97
C THR B 463 -22.62 -2.47 -9.38
N GLY B 464 -21.54 -2.38 -10.18
CA GLY B 464 -20.65 -3.52 -10.36
C GLY B 464 -20.37 -4.43 -9.11
N ALA B 465 -20.09 -3.81 -7.96
CA ALA B 465 -20.23 -4.43 -6.67
C ALA B 465 -21.45 -5.31 -6.58
N ILE B 466 -22.61 -4.67 -6.46
CA ILE B 466 -23.93 -5.35 -6.50
C ILE B 466 -23.83 -6.61 -7.35
N TYR B 467 -23.90 -6.46 -8.69
CA TYR B 467 -23.78 -7.60 -9.59
C TYR B 467 -22.86 -8.71 -9.09
N ARG B 468 -21.62 -8.39 -8.68
CA ARG B 468 -20.66 -9.44 -8.31
C ARG B 468 -21.22 -10.36 -7.25
N GLN B 469 -21.56 -9.81 -6.12
CA GLN B 469 -22.26 -10.60 -5.17
C GLN B 469 -23.03 -11.70 -5.91
N PHE B 470 -23.87 -11.33 -6.90
CA PHE B 470 -24.68 -12.34 -7.67
C PHE B 470 -23.80 -13.39 -8.47
N SER B 471 -23.13 -12.86 -9.50
CA SER B 471 -22.06 -13.48 -10.18
C SER B 471 -21.46 -14.49 -9.34
N ILE B 472 -20.75 -14.17 -8.29
CA ILE B 472 -20.18 -15.25 -7.51
C ILE B 472 -21.23 -16.28 -7.11
N THR B 473 -22.15 -15.94 -6.24
CA THR B 473 -23.15 -16.91 -5.81
C THR B 473 -23.64 -17.80 -6.94
N ILE B 474 -24.50 -17.24 -7.80
CA ILE B 474 -25.14 -17.99 -8.88
C ILE B 474 -24.14 -18.79 -9.71
N VAL B 475 -23.26 -18.09 -10.41
CA VAL B 475 -22.36 -18.77 -11.29
C VAL B 475 -21.74 -19.93 -10.57
N SER B 476 -21.47 -19.79 -9.27
CA SER B 476 -21.00 -20.94 -8.50
C SER B 476 -22.12 -21.94 -8.45
N ALA B 477 -23.16 -21.65 -7.69
CA ALA B 477 -24.28 -22.58 -7.64
C ALA B 477 -24.43 -23.41 -8.93
N MET B 478 -24.44 -22.76 -10.10
CA MET B 478 -24.56 -23.49 -11.40
C MET B 478 -23.41 -24.43 -11.57
N ALA B 479 -22.17 -23.89 -11.60
CA ALA B 479 -20.92 -24.65 -11.77
C ALA B 479 -20.90 -25.91 -10.88
N LEU B 480 -21.65 -25.79 -9.79
CA LEU B 480 -21.55 -26.65 -8.68
C LEU B 480 -22.62 -27.67 -8.91
N SER B 481 -23.77 -27.23 -9.47
CA SER B 481 -24.99 -28.08 -9.65
C SER B 481 -24.76 -29.09 -10.72
N VAL B 482 -24.32 -28.61 -11.88
CA VAL B 482 -23.79 -29.47 -12.95
C VAL B 482 -22.92 -30.57 -12.37
N LEU B 483 -22.18 -30.28 -11.29
CA LEU B 483 -21.30 -31.28 -10.71
C LEU B 483 -22.09 -32.23 -9.87
N VAL B 484 -23.05 -31.69 -9.12
CA VAL B 484 -23.83 -32.50 -8.16
C VAL B 484 -24.62 -33.60 -8.86
N ALA B 485 -25.61 -33.19 -9.67
CA ALA B 485 -26.08 -34.09 -10.73
C ALA B 485 -24.82 -34.46 -11.48
N LEU B 486 -25.00 -35.37 -12.43
CA LEU B 486 -23.89 -35.84 -13.24
C LEU B 486 -22.84 -36.53 -12.39
N ILE B 487 -22.98 -36.52 -11.04
CA ILE B 487 -22.07 -37.27 -10.13
C ILE B 487 -22.80 -37.85 -8.97
N LEU B 488 -23.64 -37.03 -8.33
CA LEU B 488 -24.26 -37.46 -7.12
C LEU B 488 -25.61 -37.88 -7.51
N THR B 489 -26.28 -37.09 -8.33
CA THR B 489 -27.68 -37.38 -8.70
C THR B 489 -27.85 -38.74 -9.37
N PRO B 490 -27.13 -38.94 -10.49
CA PRO B 490 -27.33 -40.16 -11.22
C PRO B 490 -27.11 -41.34 -10.30
N ALA B 491 -25.90 -41.53 -9.79
CA ALA B 491 -25.60 -42.61 -8.83
C ALA B 491 -26.59 -42.71 -7.68
N LEU B 492 -27.52 -41.73 -7.60
CA LEU B 492 -28.60 -41.68 -6.60
C LEU B 492 -29.77 -42.44 -7.16
N CYS B 493 -30.24 -42.04 -8.34
CA CYS B 493 -31.09 -42.95 -9.10
C CYS B 493 -30.16 -44.18 -9.22
N ALA B 494 -30.70 -45.37 -9.40
CA ALA B 494 -29.82 -46.49 -9.66
C ALA B 494 -29.29 -46.91 -8.33
N THR B 495 -30.07 -46.60 -7.29
CA THR B 495 -29.69 -46.99 -5.94
C THR B 495 -30.79 -46.60 -5.03
N MET B 496 -31.02 -45.29 -4.98
CA MET B 496 -31.95 -44.66 -4.02
C MET B 496 -33.35 -44.84 -4.60
N LEU B 497 -33.45 -44.52 -5.89
CA LEU B 497 -34.65 -44.82 -6.66
C LEU B 497 -34.46 -46.20 -7.35
N LYS B 498 -35.45 -47.09 -7.10
CA LYS B 498 -35.55 -48.50 -7.59
C LYS B 498 -37.04 -49.03 -7.69
N PHE B 513 -54.91 -35.59 -4.06
CA PHE B 513 -54.26 -34.98 -5.22
C PHE B 513 -54.50 -35.91 -6.44
N GLY B 514 -55.05 -37.11 -6.18
CA GLY B 514 -55.21 -38.18 -7.18
C GLY B 514 -55.62 -37.68 -8.56
N TRP B 515 -56.84 -37.10 -8.63
CA TRP B 515 -57.40 -36.33 -9.81
C TRP B 515 -56.31 -35.48 -10.54
N PHE B 516 -55.76 -34.52 -9.76
CA PHE B 516 -54.80 -33.50 -10.15
C PHE B 516 -53.76 -34.09 -11.10
N ASN B 517 -53.41 -35.34 -10.80
CA ASN B 517 -52.34 -36.09 -11.47
C ASN B 517 -52.68 -36.29 -12.96
N ARG B 518 -53.54 -37.27 -13.24
CA ARG B 518 -53.99 -37.58 -14.62
C ARG B 518 -54.65 -36.41 -15.34
N MET B 519 -55.41 -35.63 -14.54
CA MET B 519 -56.03 -34.36 -14.91
C MET B 519 -55.13 -33.46 -15.80
N PHE B 520 -53.88 -33.82 -15.90
CA PHE B 520 -53.06 -33.19 -16.89
C PHE B 520 -52.17 -34.25 -17.62
N GLU B 521 -52.04 -35.45 -17.00
CA GLU B 521 -51.11 -36.54 -17.45
C GLU B 521 -51.21 -36.87 -18.99
N LYS B 522 -52.28 -36.41 -19.58
CA LYS B 522 -52.47 -36.58 -20.97
C LYS B 522 -52.33 -35.25 -21.67
N SER B 523 -52.43 -34.15 -20.91
CA SER B 523 -52.43 -32.81 -21.49
C SER B 523 -51.24 -32.57 -22.40
N THR B 524 -50.16 -33.33 -22.15
CA THR B 524 -48.99 -33.36 -23.01
C THR B 524 -49.48 -33.39 -24.45
N HIS B 525 -50.18 -34.49 -24.79
CA HIS B 525 -50.66 -34.84 -26.16
C HIS B 525 -51.58 -33.75 -26.70
N HIS B 526 -52.26 -33.07 -25.81
CA HIS B 526 -52.99 -31.86 -26.14
C HIS B 526 -52.13 -30.76 -26.73
N TYR B 527 -51.14 -30.27 -25.98
CA TYR B 527 -50.21 -29.24 -26.51
C TYR B 527 -49.47 -29.77 -27.71
N THR B 528 -48.97 -31.00 -27.64
CA THR B 528 -48.22 -31.58 -28.78
C THR B 528 -49.06 -31.63 -30.04
N ASP B 529 -50.26 -32.12 -29.81
CA ASP B 529 -51.20 -32.33 -30.89
C ASP B 529 -51.80 -30.98 -31.32
N SER B 530 -51.49 -29.89 -30.61
CA SER B 530 -51.90 -28.50 -30.99
C SER B 530 -50.67 -27.69 -31.37
N VAL B 531 -49.52 -28.33 -31.28
CA VAL B 531 -48.27 -27.67 -31.68
C VAL B 531 -48.13 -27.86 -33.16
N GLY B 532 -48.60 -29.02 -33.64
CA GLY B 532 -48.65 -29.36 -35.06
C GLY B 532 -49.16 -28.19 -35.92
N GLY B 533 -50.27 -27.60 -35.49
CA GLY B 533 -50.86 -26.39 -36.13
C GLY B 533 -50.03 -25.13 -36.00
N ILE B 534 -49.35 -25.00 -34.88
CA ILE B 534 -48.41 -23.95 -34.72
C ILE B 534 -47.42 -24.30 -35.82
N LEU B 535 -46.87 -25.52 -35.78
CA LEU B 535 -45.84 -26.00 -36.76
C LEU B 535 -46.12 -25.86 -38.27
N ARG B 536 -46.59 -26.93 -38.92
CA ARG B 536 -47.12 -26.88 -40.28
C ARG B 536 -47.08 -25.48 -40.95
N SER B 537 -48.01 -24.65 -40.48
CA SER B 537 -48.09 -23.20 -40.67
C SER B 537 -47.00 -22.47 -39.87
N THR B 538 -45.74 -22.72 -40.20
CA THR B 538 -44.61 -22.06 -39.61
C THR B 538 -44.89 -20.55 -39.53
N GLY B 539 -44.47 -19.76 -40.54
CA GLY B 539 -44.58 -18.28 -40.50
C GLY B 539 -45.91 -17.67 -39.99
N ARG B 540 -46.78 -18.54 -39.49
CA ARG B 540 -48.10 -18.17 -39.01
C ARG B 540 -47.96 -17.74 -37.58
N TYR B 541 -46.73 -17.33 -37.27
CA TYR B 541 -46.33 -17.07 -35.93
C TYR B 541 -45.15 -16.09 -35.94
N LEU B 542 -44.30 -16.14 -36.97
CA LEU B 542 -43.18 -15.21 -37.03
C LEU B 542 -43.73 -13.84 -37.41
N VAL B 543 -45.03 -13.63 -37.12
CA VAL B 543 -45.70 -12.30 -37.21
C VAL B 543 -46.52 -12.04 -35.96
N LEU B 544 -46.49 -13.01 -35.04
CA LEU B 544 -46.97 -12.86 -33.63
C LEU B 544 -45.77 -12.50 -32.72
N TYR B 545 -44.62 -13.08 -33.02
CA TYR B 545 -43.34 -12.71 -32.40
C TYR B 545 -43.08 -11.23 -32.67
N LEU B 546 -42.91 -10.84 -33.92
CA LEU B 546 -42.50 -9.49 -34.18
C LEU B 546 -43.45 -8.57 -33.49
N ILE B 547 -44.54 -9.11 -32.96
CA ILE B 547 -45.52 -8.32 -32.15
C ILE B 547 -45.21 -8.34 -30.65
N ILE B 548 -45.14 -9.54 -30.09
CA ILE B 548 -44.66 -9.76 -28.72
C ILE B 548 -43.34 -8.98 -28.49
N VAL B 549 -42.29 -9.20 -29.35
CA VAL B 549 -41.00 -8.43 -29.33
C VAL B 549 -41.35 -6.97 -29.57
N VAL B 550 -41.19 -6.45 -30.78
CA VAL B 550 -41.68 -5.08 -31.06
C VAL B 550 -42.93 -4.69 -30.25
N GLY B 551 -42.90 -3.53 -29.60
CA GLY B 551 -43.81 -3.22 -28.47
C GLY B 551 -43.32 -3.65 -27.08
N MET B 552 -42.16 -4.35 -27.01
CA MET B 552 -41.37 -4.64 -25.80
C MET B 552 -40.75 -3.32 -25.47
N ALA B 553 -40.20 -2.68 -26.51
CA ALA B 553 -39.80 -1.24 -26.47
C ALA B 553 -40.65 -0.42 -25.49
N TYR B 554 -41.96 -0.45 -25.74
CA TYR B 554 -42.96 0.28 -24.95
C TYR B 554 -42.77 0.21 -23.45
N LEU B 555 -43.03 -0.99 -22.93
CA LEU B 555 -42.83 -1.32 -21.55
C LEU B 555 -41.37 -1.12 -21.15
N PHE B 556 -40.45 -1.22 -22.12
CA PHE B 556 -39.06 -0.80 -21.89
C PHE B 556 -38.96 0.73 -21.65
N VAL B 557 -39.22 1.54 -22.68
CA VAL B 557 -39.05 2.97 -22.53
C VAL B 557 -40.27 3.63 -21.91
N ARG B 558 -40.61 3.12 -20.75
CA ARG B 558 -41.64 3.63 -19.91
C ARG B 558 -41.24 3.34 -18.44
N LEU B 559 -40.81 2.10 -18.13
CA LEU B 559 -40.31 1.74 -16.79
C LEU B 559 -39.43 2.87 -16.30
N PRO B 560 -39.82 3.52 -15.17
CA PRO B 560 -38.97 4.59 -14.62
C PRO B 560 -37.55 4.12 -14.05
N SER B 561 -36.80 5.05 -13.47
CA SER B 561 -35.39 4.89 -13.37
C SER B 561 -34.81 5.11 -11.97
N SER B 562 -35.38 4.39 -11.01
CA SER B 562 -34.92 4.51 -9.63
C SER B 562 -33.82 3.48 -9.39
N PHE B 563 -32.90 3.71 -8.45
CA PHE B 563 -31.78 2.78 -8.38
C PHE B 563 -31.71 1.79 -7.23
N LEU B 564 -32.30 2.14 -6.10
CA LEU B 564 -32.41 1.17 -5.04
C LEU B 564 -33.64 1.49 -4.22
N PRO B 565 -34.38 0.46 -3.86
CA PRO B 565 -35.55 0.58 -3.01
C PRO B 565 -35.20 1.11 -1.67
N ASP B 566 -36.23 1.57 -0.90
CA ASP B 566 -36.03 2.32 0.34
C ASP B 566 -36.57 1.63 1.51
N GLU B 567 -36.00 0.52 1.89
CA GLU B 567 -36.45 -0.12 3.10
C GLU B 567 -36.96 0.84 4.25
N ASP B 568 -37.63 0.26 5.24
CA ASP B 568 -37.89 0.98 6.44
C ASP B 568 -36.70 0.76 7.36
N GLN B 569 -35.96 1.80 7.75
CA GLN B 569 -34.81 1.58 8.63
C GLN B 569 -35.11 1.41 10.13
N GLY B 570 -36.30 1.81 10.55
CA GLY B 570 -36.73 1.71 11.94
C GLY B 570 -36.34 3.03 12.51
N VAL B 571 -35.72 3.87 11.64
CA VAL B 571 -35.12 5.12 12.00
C VAL B 571 -35.13 6.02 10.83
N PHE B 572 -34.99 7.29 11.17
CA PHE B 572 -34.81 8.36 10.21
C PHE B 572 -34.47 9.72 10.89
N MET B 573 -34.30 10.75 10.08
CA MET B 573 -33.87 12.10 10.55
C MET B 573 -34.78 13.27 10.09
N THR B 574 -34.74 14.40 10.81
CA THR B 574 -35.57 15.57 10.46
C THR B 574 -34.75 16.81 10.67
N MET B 575 -34.45 17.48 9.60
CA MET B 575 -33.42 18.46 9.63
C MET B 575 -34.12 19.76 9.87
N VAL B 576 -33.51 20.66 10.61
CA VAL B 576 -34.16 21.95 10.88
C VAL B 576 -33.19 23.04 10.47
N GLN B 577 -33.74 24.12 9.92
CA GLN B 577 -32.86 25.22 9.47
C GLN B 577 -33.52 26.57 9.37
N LEU B 578 -33.67 27.18 10.53
CA LEU B 578 -34.14 28.54 10.60
C LEU B 578 -33.41 29.34 9.57
N PRO B 579 -33.87 30.59 9.34
CA PRO B 579 -33.27 31.51 8.39
C PRO B 579 -32.24 32.41 9.02
N ALA B 580 -31.52 33.09 8.15
CA ALA B 580 -30.25 33.72 8.39
C ALA B 580 -30.27 34.54 9.67
N GLY B 581 -29.17 34.51 10.43
CA GLY B 581 -29.06 35.36 11.60
C GLY B 581 -29.89 34.94 12.82
N ALA B 582 -30.64 33.83 12.72
CA ALA B 582 -31.37 33.30 13.91
C ALA B 582 -30.46 32.83 15.08
N THR B 583 -31.08 32.66 16.23
CA THR B 583 -30.34 32.51 17.43
C THR B 583 -30.54 31.12 17.98
N GLN B 584 -29.60 30.71 18.85
CA GLN B 584 -29.52 29.38 19.54
C GLN B 584 -30.87 29.03 20.20
N GLU B 585 -31.70 30.05 20.45
CA GLU B 585 -33.06 29.91 21.06
C GLU B 585 -34.10 29.37 20.09
N ARG B 586 -34.41 30.18 19.07
CA ARG B 586 -35.32 29.77 18.04
C ARG B 586 -35.12 28.30 17.68
N THR B 587 -33.90 27.98 17.29
CA THR B 587 -33.51 26.64 16.98
C THR B 587 -33.98 25.82 18.19
N GLN B 588 -33.62 26.21 19.40
CA GLN B 588 -33.97 25.38 20.54
C GLN B 588 -35.46 25.16 20.56
N LYS B 589 -36.18 26.23 20.22
CA LYS B 589 -37.63 26.24 20.33
C LYS B 589 -38.28 25.43 19.24
N VAL B 590 -37.99 25.78 18.00
CA VAL B 590 -38.42 24.96 16.88
C VAL B 590 -37.94 23.51 16.97
N LEU B 591 -36.68 23.32 17.35
CA LEU B 591 -36.19 21.99 17.62
C LEU B 591 -37.24 21.32 18.50
N ASN B 592 -37.51 21.92 19.67
CA ASN B 592 -38.60 21.49 20.57
C ASN B 592 -39.96 21.14 19.91
N GLU B 593 -40.48 22.11 19.16
CA GLU B 593 -41.63 21.82 18.36
C GLU B 593 -41.44 20.47 17.59
N VAL B 594 -40.47 20.44 16.66
CA VAL B 594 -40.19 19.28 15.83
C VAL B 594 -40.14 18.03 16.65
N THR B 595 -39.48 18.07 17.81
CA THR B 595 -39.35 16.88 18.65
C THR B 595 -40.63 16.53 19.38
N HIS B 596 -41.46 17.54 19.64
CA HIS B 596 -42.68 17.32 20.44
C HIS B 596 -43.71 16.48 19.71
N TYR B 597 -44.09 17.01 18.55
CA TYR B 597 -44.88 16.30 17.56
C TYR B 597 -44.73 14.77 17.61
N TYR B 598 -43.49 14.29 17.44
CA TYR B 598 -43.15 12.88 17.34
C TYR B 598 -43.50 12.10 18.59
N LEU B 599 -43.37 12.75 19.76
CA LEU B 599 -43.61 12.08 21.07
C LEU B 599 -45.07 12.16 21.61
N THR B 600 -45.89 12.97 20.93
CA THR B 600 -47.35 13.06 21.18
C THR B 600 -48.14 12.38 20.03
N LYS B 601 -47.87 12.77 18.78
CA LYS B 601 -48.58 12.16 17.66
C LYS B 601 -48.06 10.76 17.39
N GLU B 602 -47.29 10.49 16.34
CA GLU B 602 -46.74 9.14 16.19
C GLU B 602 -46.09 8.49 17.44
N LYS B 603 -46.44 8.98 18.63
CA LYS B 603 -46.15 8.38 19.93
C LYS B 603 -46.52 6.91 19.87
N ASN B 604 -47.11 6.52 18.75
CA ASN B 604 -47.39 5.12 18.49
C ASN B 604 -46.36 4.30 17.65
N ASN B 605 -45.43 5.03 17.00
CA ASN B 605 -44.18 4.47 16.38
C ASN B 605 -42.87 5.00 16.99
N VAL B 606 -42.70 6.33 16.95
CA VAL B 606 -41.55 7.04 17.47
C VAL B 606 -41.18 6.73 18.92
N GLU B 607 -40.40 5.66 19.13
CA GLU B 607 -39.86 5.27 20.43
C GLU B 607 -39.12 6.40 21.20
N SER B 608 -38.31 7.25 20.53
CA SER B 608 -37.49 8.30 21.22
C SER B 608 -36.85 9.32 20.28
N VAL B 609 -36.80 10.60 20.69
CA VAL B 609 -36.25 11.64 19.80
C VAL B 609 -34.98 12.38 20.28
N PHE B 610 -33.82 12.11 19.65
CA PHE B 610 -32.54 12.79 20.01
C PHE B 610 -32.59 14.18 19.44
N ALA B 611 -32.08 15.17 20.14
CA ALA B 611 -32.36 16.51 19.66
C ALA B 611 -31.12 17.38 19.66
N VAL B 612 -30.60 17.58 18.46
CA VAL B 612 -29.31 18.18 18.35
C VAL B 612 -29.50 19.53 17.71
N ASN B 613 -29.47 20.56 18.56
CA ASN B 613 -29.47 21.97 18.13
C ASN B 613 -28.35 22.59 17.26
N GLY B 614 -27.35 23.30 17.83
CA GLY B 614 -26.33 23.91 16.96
C GLY B 614 -25.37 22.93 16.22
N PHE B 615 -25.92 22.07 15.36
CA PHE B 615 -25.21 21.03 14.63
C PHE B 615 -26.15 20.37 13.66
N GLY B 616 -25.85 20.47 12.39
CA GLY B 616 -26.54 19.70 11.39
C GLY B 616 -25.51 19.20 10.40
N PHE B 617 -25.96 18.84 9.19
CA PHE B 617 -25.04 18.34 8.13
C PHE B 617 -24.64 19.43 7.07
N ALA B 618 -25.51 20.45 6.91
CA ALA B 618 -25.21 21.66 6.10
C ALA B 618 -24.16 22.53 6.79
N GLY B 619 -24.38 23.85 6.77
CA GLY B 619 -23.56 24.75 7.59
C GLY B 619 -23.62 24.32 9.05
N ARG B 620 -22.63 24.70 9.86
CA ARG B 620 -22.61 24.30 11.27
C ARG B 620 -23.03 25.49 12.07
N GLY B 621 -23.66 26.46 11.39
CA GLY B 621 -24.40 27.56 12.00
C GLY B 621 -25.19 27.45 13.34
N GLN B 622 -25.53 28.64 13.86
CA GLN B 622 -26.30 28.84 15.08
C GLN B 622 -27.78 28.76 14.83
N ASN B 623 -28.20 28.30 13.63
CA ASN B 623 -29.61 28.12 13.34
C ASN B 623 -29.90 26.81 12.62
N THR B 624 -28.89 26.02 12.42
CA THR B 624 -29.12 24.74 11.84
C THR B 624 -29.18 23.76 13.00
N GLY B 625 -30.28 22.99 13.05
CA GLY B 625 -30.39 21.83 13.97
C GLY B 625 -30.81 20.56 13.24
N ILE B 626 -30.53 19.38 13.82
CA ILE B 626 -31.24 18.15 13.43
C ILE B 626 -31.66 17.36 14.63
N ALA B 627 -32.38 16.26 14.37
CA ALA B 627 -32.82 15.37 15.42
C ALA B 627 -33.09 13.95 14.94
N PHE B 628 -32.21 13.02 15.31
CA PHE B 628 -32.36 11.62 14.96
C PHE B 628 -33.56 11.07 15.74
N VAL B 629 -34.58 10.57 15.00
CA VAL B 629 -35.81 9.96 15.57
C VAL B 629 -35.85 8.44 15.36
N SER B 630 -36.22 7.69 16.39
CA SER B 630 -36.07 6.22 16.39
C SER B 630 -37.50 5.74 16.43
N LEU B 631 -37.80 4.49 16.05
CA LEU B 631 -39.19 4.02 16.05
C LEU B 631 -39.29 2.75 16.86
N LYS B 632 -40.50 2.39 17.26
CA LYS B 632 -40.79 1.14 17.99
C LYS B 632 -40.40 -0.10 17.15
N ASP B 633 -40.13 -1.27 17.75
CA ASP B 633 -39.56 -2.34 16.94
C ASP B 633 -40.49 -2.62 15.81
N TRP B 634 -40.05 -3.32 14.76
CA TRP B 634 -40.89 -3.72 13.59
C TRP B 634 -42.20 -4.49 13.91
N ALA B 635 -42.13 -5.34 14.94
CA ALA B 635 -43.21 -6.23 15.24
C ALA B 635 -44.36 -5.46 15.93
N ASP B 636 -44.09 -4.35 16.60
CA ASP B 636 -45.18 -3.51 17.15
C ASP B 636 -45.62 -2.46 16.16
N ARG B 637 -45.52 -2.76 14.87
CA ARG B 637 -45.82 -1.80 13.83
C ARG B 637 -46.54 -2.58 12.78
N PRO B 638 -47.62 -1.98 12.18
CA PRO B 638 -48.50 -2.63 11.18
C PRO B 638 -47.93 -2.47 9.74
N GLY B 639 -48.45 -1.47 9.04
CA GLY B 639 -47.88 -1.06 7.78
C GLY B 639 -48.37 0.25 7.27
N GLU B 640 -47.61 0.78 6.31
CA GLU B 640 -47.90 1.96 5.48
C GLU B 640 -47.90 3.22 6.34
N GLU B 641 -49.08 3.56 6.85
CA GLU B 641 -49.11 4.35 8.06
C GLU B 641 -48.18 3.69 9.09
N ASN B 642 -47.67 4.50 10.02
CA ASN B 642 -46.61 4.02 10.97
C ASN B 642 -45.37 3.43 10.30
N LYS B 643 -45.14 3.86 9.05
CA LYS B 643 -44.01 3.44 8.26
C LYS B 643 -43.26 4.60 7.66
N VAL B 644 -41.94 4.53 7.83
CA VAL B 644 -40.99 5.55 7.50
C VAL B 644 -41.58 6.39 6.44
N GLU B 645 -41.62 5.83 5.25
CA GLU B 645 -42.04 6.63 4.10
C GLU B 645 -43.05 7.71 4.50
N ALA B 646 -44.13 7.26 5.22
CA ALA B 646 -45.36 8.04 5.61
C ALA B 646 -45.15 8.88 6.84
N ILE B 647 -45.05 8.23 8.01
CA ILE B 647 -44.56 8.91 9.25
C ILE B 647 -43.87 10.20 8.86
N THR B 648 -42.93 10.05 7.93
CA THR B 648 -42.08 11.10 7.40
C THR B 648 -42.84 12.15 6.64
N MET B 649 -43.39 11.72 5.51
CA MET B 649 -44.31 12.54 4.65
C MET B 649 -45.36 13.35 5.50
N ARG B 650 -46.17 12.55 6.22
CA ARG B 650 -46.98 12.92 7.37
C ARG B 650 -46.23 13.93 8.23
N ALA B 651 -45.06 13.58 8.77
CA ALA B 651 -44.31 14.52 9.59
C ALA B 651 -43.77 15.76 8.85
N THR B 652 -43.23 15.59 7.65
CA THR B 652 -42.73 16.77 6.85
C THR B 652 -43.92 17.70 6.58
N ARG B 653 -45.08 17.04 6.52
CA ARG B 653 -46.36 17.68 6.22
C ARG B 653 -46.93 18.39 7.44
N ALA B 654 -46.97 17.67 8.56
CA ALA B 654 -47.03 18.25 9.92
C ALA B 654 -45.81 19.20 10.06
N PHE B 655 -45.75 19.95 11.17
CA PHE B 655 -44.71 21.01 11.37
C PHE B 655 -44.09 21.68 10.10
N SER B 656 -44.86 21.76 9.04
CA SER B 656 -44.31 21.99 7.74
C SER B 656 -44.08 23.44 7.50
N GLN B 657 -45.01 24.05 6.79
CA GLN B 657 -45.08 25.50 6.71
C GLN B 657 -45.88 26.02 7.94
N ILE B 658 -45.27 25.82 9.11
CA ILE B 658 -45.81 26.14 10.42
C ILE B 658 -45.14 27.38 11.05
N LYS B 659 -44.04 27.84 10.45
CA LYS B 659 -43.35 29.00 10.98
C LYS B 659 -42.28 29.46 10.02
N ASP B 660 -41.06 29.65 10.55
CA ASP B 660 -39.93 30.08 9.74
C ASP B 660 -38.75 29.15 9.78
N ALA B 661 -38.97 27.84 9.60
CA ALA B 661 -37.86 26.90 9.53
C ALA B 661 -38.17 25.82 8.55
N MET B 662 -37.21 25.50 7.67
CA MET B 662 -37.35 24.27 6.91
C MET B 662 -37.16 23.11 7.88
N VAL B 663 -38.20 22.28 7.96
CA VAL B 663 -38.10 21.20 8.89
C VAL B 663 -38.34 19.88 8.19
N PHE B 664 -37.82 19.69 6.98
CA PHE B 664 -37.91 18.39 6.31
C PHE B 664 -37.54 17.15 7.17
N ALA B 665 -38.16 16.04 6.84
CA ALA B 665 -37.81 14.78 7.47
C ALA B 665 -37.65 13.81 6.35
N PHE B 666 -36.76 12.82 6.52
CA PHE B 666 -36.56 11.80 5.48
C PHE B 666 -36.11 10.37 5.84
N ASN B 667 -35.92 9.56 4.79
CA ASN B 667 -35.35 8.22 4.90
C ASN B 667 -33.86 8.12 4.49
N LEU B 668 -33.20 7.10 5.02
CA LEU B 668 -31.82 6.80 4.65
C LEU B 668 -31.71 5.52 3.73
N PRO B 669 -31.28 5.70 2.44
CA PRO B 669 -31.14 4.67 1.36
C PRO B 669 -29.89 3.67 1.37
N ALA B 670 -29.00 3.77 0.37
CA ALA B 670 -27.77 3.02 0.40
C ALA B 670 -26.68 4.04 0.74
N ILE B 671 -26.49 4.20 2.08
CA ILE B 671 -25.90 5.39 2.78
C ILE B 671 -24.47 5.68 2.40
N VAL B 672 -23.68 6.02 3.40
CA VAL B 672 -22.27 6.20 3.18
C VAL B 672 -22.06 7.25 2.07
N GLU B 673 -23.08 8.02 1.67
CA GLU B 673 -23.07 8.59 0.30
C GLU B 673 -23.30 10.10 0.08
N LEU B 674 -22.61 10.90 0.88
CA LEU B 674 -22.79 12.39 0.85
C LEU B 674 -24.19 12.68 1.43
N GLY B 675 -24.35 13.87 2.09
CA GLY B 675 -25.64 14.44 2.65
C GLY B 675 -26.79 13.43 2.87
N THR B 676 -26.47 12.34 3.60
CA THR B 676 -27.26 11.12 3.74
C THR B 676 -28.65 11.53 4.07
N ALA B 677 -29.51 11.31 3.09
CA ALA B 677 -30.93 11.61 3.07
C ALA B 677 -31.33 11.29 1.63
N THR B 678 -32.33 10.43 1.52
CA THR B 678 -32.86 9.98 0.22
C THR B 678 -33.34 11.02 -0.77
N GLY B 679 -33.25 10.72 -2.06
CA GLY B 679 -33.56 11.69 -3.06
C GLY B 679 -32.46 11.91 -4.06
N PHE B 680 -31.80 13.05 -4.05
CA PHE B 680 -30.79 13.31 -5.06
C PHE B 680 -29.96 14.56 -4.73
N ASP B 681 -28.69 14.61 -5.20
CA ASP B 681 -27.77 15.72 -4.96
C ASP B 681 -27.68 16.36 -6.31
N PHE B 682 -28.03 17.64 -6.41
CA PHE B 682 -27.90 18.36 -7.67
C PHE B 682 -26.85 19.45 -7.49
N GLU B 683 -25.83 19.49 -8.34
CA GLU B 683 -24.78 20.50 -8.15
C GLU B 683 -24.93 21.63 -9.18
N LEU B 684 -25.05 22.88 -8.72
CA LEU B 684 -25.26 23.95 -9.69
C LEU B 684 -24.01 24.72 -9.92
N ILE B 685 -23.08 24.08 -10.62
CA ILE B 685 -21.71 24.56 -10.95
C ILE B 685 -21.61 25.94 -11.69
N ASP B 686 -20.84 26.91 -11.20
CA ASP B 686 -20.63 28.20 -11.89
C ASP B 686 -19.61 28.08 -13.01
N GLN B 687 -20.03 27.59 -14.15
CA GLN B 687 -19.02 27.22 -15.14
C GLN B 687 -18.22 28.36 -15.73
N ALA B 688 -18.59 29.61 -15.42
CA ALA B 688 -17.70 30.79 -15.74
C ALA B 688 -18.00 32.03 -14.91
N GLY B 689 -18.96 32.73 -15.48
CA GLY B 689 -19.89 33.63 -14.78
C GLY B 689 -19.45 34.43 -13.59
N LEU B 690 -20.44 34.66 -12.72
CA LEU B 690 -20.32 35.52 -11.56
C LEU B 690 -20.55 34.73 -10.30
N GLY B 691 -19.69 34.95 -9.30
CA GLY B 691 -19.64 34.11 -8.11
C GLY B 691 -20.96 34.11 -7.39
N HIS B 692 -20.98 33.60 -6.16
CA HIS B 692 -22.16 33.66 -5.32
C HIS B 692 -22.58 35.10 -5.40
N GLU B 693 -23.57 35.35 -6.23
CA GLU B 693 -24.02 36.66 -6.70
C GLU B 693 -24.93 36.23 -7.79
N LYS B 694 -24.49 36.50 -9.02
CA LYS B 694 -25.16 36.02 -10.22
C LYS B 694 -25.41 34.48 -10.17
N LEU B 695 -24.73 33.78 -9.26
CA LEU B 695 -24.88 32.34 -9.24
C LEU B 695 -26.14 32.13 -8.51
N THR B 696 -26.29 32.87 -7.39
CA THR B 696 -27.42 32.69 -6.40
C THR B 696 -28.73 32.99 -7.09
N GLN B 697 -28.65 33.95 -7.99
CA GLN B 697 -29.71 34.24 -8.88
C GLN B 697 -29.90 33.10 -9.81
N ALA B 698 -28.89 32.69 -10.54
CA ALA B 698 -29.07 31.51 -11.35
C ALA B 698 -29.86 30.46 -10.54
N ARG B 699 -29.57 30.35 -9.25
CA ARG B 699 -30.38 29.48 -8.42
C ARG B 699 -31.74 30.18 -8.21
N ASN B 700 -32.62 29.60 -7.40
CA ASN B 700 -33.82 30.36 -7.06
C ASN B 700 -34.70 30.38 -8.29
N GLN B 701 -34.11 30.83 -9.38
CA GLN B 701 -34.76 30.55 -10.63
C GLN B 701 -34.57 29.08 -10.93
N LEU B 702 -33.76 28.36 -10.15
CA LEU B 702 -33.69 26.92 -10.37
C LEU B 702 -34.91 26.33 -9.75
N LEU B 703 -35.14 26.75 -8.51
CA LEU B 703 -36.46 26.65 -7.88
C LEU B 703 -37.32 27.50 -8.83
N ALA B 704 -38.16 28.43 -8.35
CA ALA B 704 -38.89 29.28 -9.31
C ALA B 704 -39.46 28.46 -10.57
N GLU B 705 -39.92 27.24 -10.33
CA GLU B 705 -39.96 26.22 -11.34
C GLU B 705 -39.67 25.18 -10.33
N ALA B 706 -39.31 23.96 -10.76
CA ALA B 706 -38.82 22.95 -9.84
C ALA B 706 -39.90 22.63 -8.81
N ALA B 707 -40.52 23.68 -8.27
CA ALA B 707 -41.91 23.72 -7.85
C ALA B 707 -42.61 23.89 -9.20
N LYS B 708 -43.92 23.62 -9.25
CA LYS B 708 -44.63 23.60 -10.53
C LYS B 708 -44.61 22.17 -11.03
N HIS B 709 -44.23 21.24 -10.18
CA HIS B 709 -44.21 19.85 -10.62
C HIS B 709 -44.32 19.02 -9.38
N PRO B 710 -45.27 19.40 -8.48
CA PRO B 710 -45.44 18.70 -7.19
C PRO B 710 -45.55 17.18 -7.34
N ASP B 711 -45.69 16.73 -8.60
CA ASP B 711 -45.51 15.33 -9.05
C ASP B 711 -44.13 14.67 -8.68
N MET B 712 -43.22 15.01 -9.60
CA MET B 712 -41.83 14.73 -9.47
C MET B 712 -41.39 15.41 -8.20
N LEU B 713 -40.68 16.48 -8.48
CA LEU B 713 -40.10 17.31 -7.51
C LEU B 713 -40.95 17.48 -6.23
N THR B 714 -40.44 16.92 -5.14
CA THR B 714 -41.15 16.93 -3.89
C THR B 714 -40.29 17.39 -2.69
N SER B 715 -39.13 18.02 -2.90
CA SER B 715 -38.56 18.85 -1.82
C SER B 715 -37.19 19.45 -2.18
N VAL B 716 -37.16 20.08 -3.36
CA VAL B 716 -35.98 20.80 -3.83
C VAL B 716 -35.57 21.72 -2.73
N ARG B 717 -34.28 21.70 -2.35
CA ARG B 717 -33.79 22.56 -1.24
C ARG B 717 -32.31 22.86 -1.41
N PRO B 718 -31.91 24.14 -1.47
CA PRO B 718 -30.44 24.34 -1.34
C PRO B 718 -29.89 23.64 -0.05
N ASN B 719 -28.77 22.95 -0.19
CA ASN B 719 -28.19 22.22 0.89
C ASN B 719 -27.59 23.29 1.78
N GLY B 720 -27.02 24.27 1.11
CA GLY B 720 -26.23 25.34 1.72
C GLY B 720 -27.01 26.21 2.64
N LEU B 721 -26.46 27.39 2.92
CA LEU B 721 -27.08 28.36 3.81
C LEU B 721 -27.36 29.62 2.96
N GLU B 722 -28.25 30.53 3.40
CA GLU B 722 -28.48 31.78 2.62
C GLU B 722 -27.49 32.81 3.10
N ASP B 723 -27.51 34.04 2.56
CA ASP B 723 -26.61 35.12 3.03
C ASP B 723 -26.86 35.62 4.43
N THR B 724 -26.11 36.62 4.85
CA THR B 724 -26.09 36.92 6.27
C THR B 724 -25.78 38.42 6.45
N PRO B 725 -26.36 39.07 7.50
CA PRO B 725 -25.96 40.43 7.84
C PRO B 725 -24.65 40.49 8.67
N GLN B 726 -23.56 40.97 8.07
CA GLN B 726 -22.29 41.00 8.79
C GLN B 726 -22.02 42.39 9.29
N PHE B 727 -21.62 42.44 10.56
CA PHE B 727 -21.25 43.68 11.20
C PHE B 727 -19.80 44.01 10.94
N LYS B 728 -19.49 45.26 10.64
CA LYS B 728 -18.11 45.56 10.48
C LYS B 728 -17.61 46.67 11.39
N ILE B 729 -17.01 46.29 12.54
CA ILE B 729 -16.17 47.19 13.37
C ILE B 729 -15.04 47.76 12.49
N ASP B 730 -14.14 48.56 13.04
CA ASP B 730 -13.22 49.23 12.13
C ASP B 730 -12.26 50.16 12.83
N ILE B 731 -11.14 49.62 13.29
CA ILE B 731 -10.08 50.37 13.95
C ILE B 731 -9.54 51.40 12.96
N ASP B 732 -8.97 52.52 13.43
CA ASP B 732 -8.36 53.52 12.51
C ASP B 732 -6.99 53.93 12.86
N GLN B 733 -6.24 52.89 13.14
CA GLN B 733 -4.92 52.94 13.67
C GLN B 733 -4.50 54.34 14.01
N GLU B 734 -4.23 55.17 13.02
CA GLU B 734 -3.64 56.50 13.25
C GLU B 734 -4.35 57.29 14.38
N LYS B 735 -5.67 57.15 14.44
CA LYS B 735 -6.43 57.76 15.50
C LYS B 735 -5.81 57.30 16.79
N ALA B 736 -5.86 55.98 17.07
CA ALA B 736 -5.26 55.30 18.28
C ALA B 736 -3.76 55.58 18.56
N GLN B 737 -2.96 55.65 17.48
CA GLN B 737 -1.50 55.89 17.51
C GLN B 737 -1.26 57.38 17.69
N ALA B 738 -2.27 58.05 18.27
CA ALA B 738 -2.28 59.46 18.64
C ALA B 738 -2.68 59.49 20.09
N LEU B 739 -3.40 58.46 20.55
CA LEU B 739 -3.88 58.26 21.93
C LEU B 739 -3.01 57.30 22.74
N GLY B 740 -1.84 57.02 22.17
CA GLY B 740 -0.85 56.05 22.71
C GLY B 740 -1.36 54.63 22.99
N VAL B 741 -2.21 54.11 22.10
CA VAL B 741 -2.89 52.84 22.30
C VAL B 741 -2.31 51.89 21.30
N SER B 742 -1.74 50.80 21.85
CA SER B 742 -1.06 49.80 21.02
C SER B 742 -2.12 49.08 20.19
N ILE B 743 -1.96 49.11 18.86
CA ILE B 743 -2.85 48.38 17.94
C ILE B 743 -3.02 46.88 18.22
N ASN B 744 -2.05 46.24 18.87
CA ASN B 744 -2.20 44.89 19.38
C ASN B 744 -3.30 44.80 20.42
N ASP B 745 -3.14 45.66 21.44
CA ASP B 745 -4.05 45.74 22.59
C ASP B 745 -5.47 45.91 22.14
N ILE B 746 -5.69 46.86 21.23
CA ILE B 746 -7.03 47.08 20.72
C ILE B 746 -7.61 45.74 20.30
N ASN B 747 -6.88 45.05 19.41
CA ASN B 747 -7.27 43.76 18.87
C ASN B 747 -7.33 42.71 19.95
N THR B 748 -6.29 42.60 20.80
CA THR B 748 -6.27 41.53 21.83
C THR B 748 -7.43 41.74 22.77
N THR B 749 -7.86 42.97 22.94
CA THR B 749 -9.03 43.25 23.79
C THR B 749 -10.29 43.03 22.92
N LEU B 750 -10.52 43.86 21.90
CA LEU B 750 -11.70 43.66 21.07
C LEU B 750 -12.08 42.23 20.70
N GLY B 751 -11.08 41.42 20.37
CA GLY B 751 -11.28 40.03 20.02
C GLY B 751 -11.44 39.12 21.22
N ALA B 752 -10.54 39.20 22.20
CA ALA B 752 -10.60 38.25 23.34
C ALA B 752 -11.95 38.40 23.93
N ALA B 753 -12.42 39.65 23.95
CA ALA B 753 -13.60 40.06 24.71
C ALA B 753 -14.75 39.39 24.05
N TRP B 754 -14.80 39.58 22.76
CA TRP B 754 -15.94 39.13 22.06
C TRP B 754 -15.84 37.72 21.52
N GLY B 755 -14.61 37.23 21.32
CA GLY B 755 -14.37 35.98 20.55
C GLY B 755 -13.98 34.86 21.48
N GLY B 756 -13.33 35.23 22.59
CA GLY B 756 -12.76 34.30 23.59
C GLY B 756 -11.37 33.87 23.12
N SER B 757 -10.42 33.58 23.98
CA SER B 757 -9.14 33.29 23.41
C SER B 757 -8.54 32.24 24.23
N TYR B 758 -8.31 31.07 23.58
CA TYR B 758 -7.62 29.90 24.20
C TYR B 758 -6.27 30.37 24.73
N VAL B 759 -5.98 30.21 26.02
CA VAL B 759 -4.86 30.90 26.60
C VAL B 759 -3.84 29.81 27.01
N ASN B 760 -4.34 28.83 27.73
CA ASN B 760 -3.48 27.99 28.40
C ASN B 760 -4.18 26.70 28.77
N ASP B 761 -3.40 25.80 29.29
CA ASP B 761 -3.89 24.48 29.49
C ASP B 761 -3.66 24.31 30.94
N PHE B 762 -4.68 23.69 31.55
CA PHE B 762 -4.71 23.37 32.96
C PHE B 762 -5.03 21.88 33.22
N ILE B 763 -4.74 21.40 34.41
CA ILE B 763 -4.96 20.01 34.64
C ILE B 763 -6.20 19.82 35.47
N ASP B 764 -7.31 19.42 34.85
CA ASP B 764 -8.49 19.03 35.65
C ASP B 764 -8.60 17.53 35.89
N ARG B 765 -8.60 17.19 37.16
CA ARG B 765 -8.76 15.84 37.57
C ARG B 765 -7.77 14.93 36.82
N GLY B 766 -6.53 15.42 36.57
CA GLY B 766 -5.48 14.76 35.79
C GLY B 766 -5.64 14.54 34.28
N ARG B 767 -6.51 15.35 33.69
CA ARG B 767 -6.82 15.24 32.27
C ARG B 767 -6.61 16.57 31.75
N VAL B 768 -5.80 16.77 30.74
CA VAL B 768 -5.40 18.14 30.46
C VAL B 768 -6.55 18.90 29.90
N LYS B 769 -6.92 20.05 30.40
CA LYS B 769 -7.92 20.76 29.56
C LYS B 769 -7.64 22.22 29.18
N LYS B 770 -8.60 22.79 28.46
CA LYS B 770 -8.40 24.14 27.98
C LYS B 770 -8.61 25.27 29.01
N VAL B 771 -8.26 26.49 28.60
CA VAL B 771 -8.51 27.66 29.45
C VAL B 771 -8.67 28.89 28.70
N TYR B 772 -9.92 29.23 28.48
CA TYR B 772 -10.29 30.36 27.62
C TYR B 772 -10.63 31.60 28.42
N VAL B 773 -10.61 32.74 27.73
CA VAL B 773 -10.97 33.99 28.36
C VAL B 773 -11.91 34.77 27.48
N MET B 774 -13.17 34.90 27.91
CA MET B 774 -14.18 35.59 27.05
C MET B 774 -14.99 36.63 27.80
N SER B 775 -15.63 37.57 27.09
CA SER B 775 -16.62 38.43 27.79
C SER B 775 -17.77 37.67 28.45
N GLU B 776 -18.40 38.32 29.42
CA GLU B 776 -19.66 37.80 29.87
C GLU B 776 -20.76 37.89 28.82
N ALA B 777 -21.78 37.07 29.05
CA ALA B 777 -22.94 36.97 28.20
C ALA B 777 -23.20 38.36 27.67
N LYS B 778 -24.00 39.19 28.39
CA LYS B 778 -24.15 40.65 28.09
C LYS B 778 -22.75 41.27 28.04
N TYR B 779 -22.64 42.45 27.41
CA TYR B 779 -21.34 43.04 27.04
C TYR B 779 -20.80 42.43 25.77
N ARG B 780 -21.48 41.37 25.28
CA ARG B 780 -21.07 40.53 24.09
C ARG B 780 -22.04 40.52 22.94
N MET B 781 -23.30 40.85 23.20
CA MET B 781 -24.32 40.92 22.14
C MET B 781 -24.39 42.23 21.33
N LEU B 782 -25.42 43.02 21.61
CA LEU B 782 -25.79 44.20 20.80
C LEU B 782 -24.62 45.11 20.41
N PRO B 783 -24.69 45.68 19.19
CA PRO B 783 -23.69 46.55 18.56
C PRO B 783 -23.16 47.69 19.41
N ASP B 784 -23.60 47.79 20.64
CA ASP B 784 -23.26 48.96 21.43
C ASP B 784 -22.41 48.55 22.52
N ASP B 785 -22.66 47.37 23.05
CA ASP B 785 -21.76 46.84 24.01
C ASP B 785 -20.39 47.32 23.61
N ILE B 786 -20.00 47.08 22.34
CA ILE B 786 -18.69 47.47 21.87
C ILE B 786 -18.09 48.53 22.79
N GLY B 787 -18.88 49.60 23.01
CA GLY B 787 -18.46 50.76 23.84
C GLY B 787 -18.04 50.51 25.29
N ASP B 788 -18.69 49.52 25.90
CA ASP B 788 -18.42 49.09 27.29
C ASP B 788 -16.96 48.62 27.57
N TRP B 789 -16.16 48.61 26.49
CA TRP B 789 -14.79 48.16 26.49
C TRP B 789 -13.92 49.32 26.22
N TYR B 790 -13.07 49.58 27.20
CA TYR B 790 -12.04 50.58 27.09
C TYR B 790 -10.64 49.94 26.95
N VAL B 791 -9.77 50.63 26.23
CA VAL B 791 -8.44 50.09 26.05
C VAL B 791 -7.38 51.04 26.57
N ARG B 792 -6.55 50.53 27.51
CA ARG B 792 -5.56 51.36 28.19
C ARG B 792 -4.72 52.02 27.12
N ALA B 793 -4.56 53.34 27.17
CA ALA B 793 -3.63 54.06 26.26
C ALA B 793 -2.15 54.03 26.74
N ALA B 794 -1.26 54.75 26.06
CA ALA B 794 0.18 54.77 26.41
C ALA B 794 0.48 55.32 27.82
N ASP B 795 0.11 56.59 28.05
CA ASP B 795 0.27 57.32 29.33
C ASP B 795 -0.38 56.58 30.49
N GLY B 796 -1.66 56.21 30.32
CA GLY B 796 -2.36 55.43 31.31
C GLY B 796 -3.84 55.69 31.31
N GLN B 797 -4.36 56.30 30.24
CA GLN B 797 -5.75 56.74 30.22
C GLN B 797 -6.64 55.73 29.54
N MET B 798 -7.44 54.95 30.27
CA MET B 798 -8.37 54.04 29.58
C MET B 798 -9.17 54.81 28.53
N VAL B 799 -9.33 54.24 27.32
CA VAL B 799 -10.11 54.88 26.24
C VAL B 799 -11.06 53.93 25.54
N PRO B 800 -12.26 54.45 25.21
CA PRO B 800 -13.41 53.91 24.44
C PRO B 800 -13.21 53.73 22.95
N PHE B 801 -13.60 52.57 22.42
CA PHE B 801 -13.21 52.24 21.04
C PHE B 801 -13.52 53.41 20.13
N SER B 802 -14.60 54.14 20.48
CA SER B 802 -15.07 55.26 19.61
C SER B 802 -14.12 56.47 19.49
N ALA B 803 -13.10 56.48 20.35
CA ALA B 803 -12.05 57.44 20.20
C ALA B 803 -11.25 57.02 19.04
N PHE B 804 -11.59 55.86 18.44
CA PHE B 804 -10.83 55.23 17.34
C PHE B 804 -11.57 54.05 16.73
N SER B 805 -12.54 54.28 15.85
CA SER B 805 -13.22 53.19 15.14
C SER B 805 -14.68 53.44 14.79
N SER B 806 -15.18 52.69 13.84
CA SER B 806 -16.53 52.93 13.40
C SER B 806 -17.22 51.62 13.08
N SER B 807 -18.53 51.72 12.85
CA SER B 807 -19.37 50.57 12.52
C SER B 807 -19.91 50.68 11.13
N ARG B 808 -20.37 49.54 10.62
CA ARG B 808 -21.00 49.46 9.32
C ARG B 808 -21.78 48.17 9.36
N TRP B 809 -22.41 47.86 8.23
CA TRP B 809 -23.07 46.58 8.05
C TRP B 809 -22.75 46.11 6.64
N GLU B 810 -22.58 44.79 6.48
CA GLU B 810 -22.35 44.21 5.16
C GLU B 810 -23.12 42.90 4.93
N TYR B 811 -23.11 42.46 3.65
CA TYR B 811 -23.67 41.12 3.28
C TYR B 811 -22.69 40.23 2.49
N GLY B 812 -21.94 39.40 3.21
CA GLY B 812 -21.10 38.40 2.54
C GLY B 812 -21.91 37.13 2.46
N SER B 813 -21.26 35.97 2.30
CA SER B 813 -21.98 34.71 2.48
C SER B 813 -21.54 34.10 3.79
N PRO B 814 -22.32 33.16 4.32
CA PRO B 814 -21.98 32.30 5.44
C PRO B 814 -21.55 30.89 5.04
N ARG B 815 -21.75 30.54 3.78
CA ARG B 815 -21.36 29.24 3.26
C ARG B 815 -21.07 29.27 1.81
N LEU B 816 -19.80 29.07 1.45
CA LEU B 816 -19.39 28.99 0.06
C LEU B 816 -19.04 27.61 -0.33
N GLU B 817 -19.79 27.06 -1.28
CA GLU B 817 -19.57 25.70 -1.80
C GLU B 817 -18.89 25.68 -3.20
N ARG B 818 -18.20 24.58 -3.51
CA ARG B 818 -17.30 24.52 -4.59
C ARG B 818 -17.26 23.03 -4.93
N TYR B 819 -17.36 22.76 -6.22
CA TYR B 819 -17.57 21.42 -6.78
C TYR B 819 -16.64 21.47 -7.96
N ASN B 820 -16.11 20.29 -8.32
CA ASN B 820 -14.83 20.17 -9.03
C ASN B 820 -14.10 21.50 -9.18
N GLY B 821 -13.44 21.98 -8.10
CA GLY B 821 -12.85 23.34 -8.04
C GLY B 821 -13.63 24.62 -8.47
N LEU B 822 -14.74 24.41 -9.21
CA LEU B 822 -15.60 25.48 -9.68
C LEU B 822 -16.64 25.84 -8.61
N PRO B 823 -16.97 27.18 -8.49
CA PRO B 823 -17.84 27.75 -7.43
C PRO B 823 -19.26 27.34 -7.66
N SER B 824 -19.82 26.66 -6.68
CA SER B 824 -20.98 25.87 -6.90
C SER B 824 -21.96 25.88 -5.72
N MET B 825 -23.14 25.29 -5.94
CA MET B 825 -24.18 25.16 -4.94
C MET B 825 -24.99 23.82 -5.07
N GLU B 826 -24.94 23.01 -4.01
CA GLU B 826 -25.68 21.76 -3.93
C GLU B 826 -27.11 22.06 -3.56
N ILE B 827 -28.03 21.58 -4.41
CA ILE B 827 -29.52 21.51 -4.19
C ILE B 827 -30.09 20.05 -4.08
N LEU B 828 -30.81 19.79 -2.98
CA LEU B 828 -31.23 18.46 -2.65
C LEU B 828 -32.64 18.38 -3.05
N GLY B 829 -33.28 17.29 -2.63
CA GLY B 829 -34.68 17.04 -2.98
C GLY B 829 -34.94 15.65 -3.48
N GLN B 830 -36.24 15.28 -3.40
CA GLN B 830 -36.72 14.04 -3.98
C GLN B 830 -37.98 14.09 -4.85
N ALA B 831 -38.63 12.95 -4.94
CA ALA B 831 -39.66 12.68 -5.92
C ALA B 831 -40.25 11.28 -5.61
N ALA B 832 -39.90 10.75 -4.41
CA ALA B 832 -40.57 9.56 -3.80
C ALA B 832 -42.08 9.40 -4.15
N PRO B 833 -42.95 10.52 -4.04
CA PRO B 833 -44.41 10.52 -4.49
C PRO B 833 -44.60 10.39 -6.03
N GLY B 834 -44.06 11.37 -6.77
CA GLY B 834 -43.99 11.25 -8.22
C GLY B 834 -43.88 9.80 -8.69
N LYS B 835 -42.64 9.37 -8.91
CA LYS B 835 -42.36 7.98 -9.26
C LYS B 835 -40.93 7.59 -8.90
N SER B 836 -40.06 7.67 -9.91
CA SER B 836 -38.71 7.21 -9.86
C SER B 836 -37.87 8.43 -9.71
N THR B 837 -36.81 8.27 -8.92
CA THR B 837 -35.67 9.18 -8.89
C THR B 837 -35.42 9.56 -10.36
N GLY B 838 -35.43 8.57 -11.26
CA GLY B 838 -35.03 8.72 -12.66
C GLY B 838 -35.66 9.95 -13.23
N GLU B 839 -36.94 10.07 -12.90
CA GLU B 839 -37.79 11.14 -13.39
C GLU B 839 -37.45 12.43 -12.68
N ALA B 840 -37.39 12.42 -11.35
CA ALA B 840 -37.10 13.63 -10.59
C ALA B 840 -35.82 14.30 -11.10
N MET B 841 -34.79 13.48 -11.45
CA MET B 841 -33.50 13.90 -12.10
C MET B 841 -33.68 14.35 -13.57
N GLU B 842 -34.58 13.66 -14.29
CA GLU B 842 -34.76 13.88 -15.75
C GLU B 842 -35.32 15.23 -15.94
N LEU B 843 -36.38 15.47 -15.16
CA LEU B 843 -37.06 16.76 -15.12
C LEU B 843 -36.05 17.87 -14.74
N MET B 844 -35.53 17.81 -13.51
CA MET B 844 -34.53 18.75 -13.10
C MET B 844 -33.57 18.94 -14.29
N GLU B 845 -33.10 17.80 -14.89
CA GLU B 845 -32.01 17.75 -15.93
C GLU B 845 -32.29 18.73 -17.03
N GLN B 846 -33.47 19.28 -16.97
CA GLN B 846 -33.95 20.14 -18.03
C GLN B 846 -34.12 21.59 -17.55
N LEU B 847 -34.98 21.78 -16.53
CA LEU B 847 -35.16 23.08 -15.82
C LEU B 847 -33.82 23.63 -15.51
N ALA B 848 -32.88 22.73 -15.19
CA ALA B 848 -31.48 23.04 -15.00
C ALA B 848 -30.94 24.00 -16.06
N SER B 849 -30.88 23.53 -17.33
CA SER B 849 -30.25 24.25 -18.49
C SER B 849 -31.05 25.50 -18.93
N LYS B 850 -31.09 26.47 -17.98
CA LYS B 850 -31.94 27.68 -17.90
C LYS B 850 -31.26 28.62 -16.93
N LEU B 851 -31.23 29.88 -17.35
CA LEU B 851 -30.59 31.02 -16.67
C LEU B 851 -29.06 30.96 -16.82
N PRO B 852 -28.58 30.15 -17.79
CA PRO B 852 -27.16 29.85 -17.89
C PRO B 852 -26.36 31.00 -18.41
N THR B 853 -25.64 30.75 -19.50
CA THR B 853 -24.47 31.52 -20.01
C THR B 853 -23.26 31.27 -19.12
N GLY B 854 -23.04 30.01 -18.82
CA GLY B 854 -21.91 29.61 -18.03
C GLY B 854 -22.39 29.15 -16.68
N VAL B 855 -23.67 28.76 -16.62
CA VAL B 855 -24.20 28.15 -15.45
C VAL B 855 -24.60 26.75 -15.87
N GLY B 856 -23.93 25.70 -15.34
CA GLY B 856 -24.20 24.26 -15.65
C GLY B 856 -24.62 23.41 -14.46
N TYR B 857 -24.61 22.08 -14.58
CA TYR B 857 -24.90 21.30 -13.38
C TYR B 857 -24.12 19.90 -13.32
N ASP B 858 -24.44 19.05 -12.33
CA ASP B 858 -23.92 17.69 -12.30
C ASP B 858 -24.50 16.93 -11.14
N TRP B 859 -24.46 15.60 -11.15
CA TRP B 859 -24.89 14.86 -9.94
C TRP B 859 -23.84 14.32 -8.93
N THR B 860 -24.23 14.16 -7.66
CA THR B 860 -23.27 13.64 -6.68
C THR B 860 -23.79 12.43 -5.93
N GLY B 861 -22.93 11.76 -5.17
CA GLY B 861 -23.37 10.70 -4.28
C GLY B 861 -24.26 9.73 -5.02
N MET B 862 -25.40 9.41 -4.39
CA MET B 862 -26.39 8.51 -4.95
C MET B 862 -26.57 8.85 -6.40
N SER B 863 -27.07 10.06 -6.60
CA SER B 863 -27.22 10.56 -7.95
C SER B 863 -26.18 10.04 -8.92
N TYR B 864 -24.98 10.60 -8.92
CA TYR B 864 -24.00 10.29 -9.96
C TYR B 864 -23.91 8.78 -10.07
N GLN B 865 -24.07 8.10 -8.94
CA GLN B 865 -24.06 6.67 -8.91
C GLN B 865 -25.15 6.06 -9.77
N GLU B 866 -26.37 6.62 -9.75
CA GLU B 866 -27.54 6.23 -10.61
C GLU B 866 -27.30 6.41 -12.11
N ARG B 867 -27.14 7.66 -12.51
CA ARG B 867 -26.72 8.02 -13.82
C ARG B 867 -25.63 7.02 -14.19
N LEU B 868 -24.50 6.95 -13.45
CA LEU B 868 -23.45 5.87 -13.66
C LEU B 868 -24.16 4.53 -13.91
N SER B 869 -24.85 3.97 -12.92
CA SER B 869 -25.59 2.75 -13.11
C SER B 869 -26.36 2.68 -14.48
N GLY B 870 -27.22 3.66 -14.79
CA GLY B 870 -28.00 3.72 -16.07
C GLY B 870 -27.33 3.48 -17.43
N ASN B 871 -26.67 4.49 -17.97
CA ASN B 871 -25.85 4.30 -19.18
C ASN B 871 -25.13 2.97 -19.32
N GLN B 872 -24.95 2.25 -18.23
CA GLN B 872 -24.18 1.01 -18.28
C GLN B 872 -24.93 -0.21 -18.84
N ALA B 873 -26.21 -0.32 -18.43
CA ALA B 873 -27.15 -1.41 -18.83
C ALA B 873 -27.08 -1.76 -20.30
N PRO B 874 -27.39 -0.77 -21.16
CA PRO B 874 -27.23 -1.02 -22.58
C PRO B 874 -25.78 -1.37 -22.95
N SER B 875 -25.06 -2.07 -22.08
CA SER B 875 -23.84 -2.73 -22.53
C SER B 875 -23.84 -4.00 -21.76
N LEU B 876 -24.41 -3.93 -20.56
CA LEU B 876 -24.58 -5.10 -19.77
C LEU B 876 -25.34 -6.16 -20.53
N TYR B 877 -26.26 -5.74 -21.39
CA TYR B 877 -27.14 -6.71 -22.04
C TYR B 877 -26.45 -7.10 -23.33
N ALA B 878 -26.01 -6.06 -24.03
CA ALA B 878 -25.31 -6.17 -25.27
C ALA B 878 -24.13 -7.18 -25.20
N ILE B 879 -23.10 -6.86 -24.43
CA ILE B 879 -22.03 -7.83 -24.28
C ILE B 879 -22.48 -9.17 -23.65
N SER B 880 -23.51 -9.15 -22.80
CA SER B 880 -24.05 -10.39 -22.18
C SER B 880 -24.60 -11.34 -23.25
N LEU B 881 -25.45 -10.75 -24.08
CA LEU B 881 -26.19 -11.49 -25.07
C LEU B 881 -25.17 -12.12 -25.95
N ILE B 882 -24.35 -11.28 -26.57
CA ILE B 882 -23.24 -11.80 -27.38
C ILE B 882 -22.54 -13.00 -26.71
N VAL B 883 -22.07 -12.88 -25.47
CA VAL B 883 -21.36 -14.01 -24.84
C VAL B 883 -22.20 -15.28 -24.84
N VAL B 884 -23.38 -15.22 -24.26
CA VAL B 884 -24.32 -16.33 -24.35
C VAL B 884 -24.34 -17.00 -25.73
N PHE B 885 -24.66 -16.20 -26.74
CA PHE B 885 -24.78 -16.67 -28.07
C PHE B 885 -23.53 -17.46 -28.43
N LEU B 886 -22.38 -16.78 -28.45
CA LEU B 886 -21.08 -17.40 -28.71
C LEU B 886 -20.84 -18.65 -27.92
N CYS B 887 -21.18 -18.67 -26.65
CA CYS B 887 -21.11 -19.90 -25.88
C CYS B 887 -21.91 -21.03 -26.47
N LEU B 888 -23.12 -20.75 -26.92
CA LEU B 888 -23.94 -21.81 -27.46
C LEU B 888 -23.20 -22.37 -28.67
N ALA B 889 -22.97 -21.49 -29.65
CA ALA B 889 -22.27 -21.87 -30.85
C ALA B 889 -21.09 -22.77 -30.42
N ALA B 890 -20.17 -22.25 -29.62
CA ALA B 890 -19.03 -23.05 -29.16
C ALA B 890 -19.50 -24.39 -28.68
N LEU B 891 -20.39 -24.41 -27.68
CA LEU B 891 -20.93 -25.66 -27.13
C LEU B 891 -21.64 -26.44 -28.18
N TYR B 892 -22.88 -26.08 -28.50
CA TYR B 892 -23.62 -26.75 -29.60
C TYR B 892 -22.95 -26.38 -30.92
N GLU B 893 -22.44 -27.35 -31.68
CA GLU B 893 -21.41 -27.03 -32.69
C GLU B 893 -22.06 -26.36 -33.88
N SER B 894 -23.28 -25.89 -33.62
CA SER B 894 -24.14 -25.15 -34.57
C SER B 894 -23.90 -23.61 -34.64
N TRP B 895 -23.58 -23.08 -35.81
CA TRP B 895 -23.49 -21.64 -35.92
C TRP B 895 -24.90 -21.04 -36.18
N SER B 896 -25.95 -21.75 -35.75
CA SER B 896 -27.33 -21.51 -36.24
C SER B 896 -28.50 -21.87 -35.28
N ILE B 897 -28.34 -22.97 -34.58
CA ILE B 897 -29.23 -23.24 -33.44
C ILE B 897 -29.14 -22.07 -32.41
N PRO B 898 -27.93 -21.50 -32.19
CA PRO B 898 -28.04 -20.47 -31.17
C PRO B 898 -28.84 -19.27 -31.73
N PHE B 899 -28.67 -18.95 -33.00
CA PHE B 899 -29.48 -17.92 -33.62
C PHE B 899 -30.91 -18.10 -33.19
N SER B 900 -31.30 -19.35 -32.94
CA SER B 900 -32.67 -19.71 -32.50
C SER B 900 -32.95 -19.38 -31.04
N VAL B 901 -32.42 -20.20 -30.12
CA VAL B 901 -32.51 -19.91 -28.69
C VAL B 901 -32.51 -18.40 -28.41
N MET B 902 -31.51 -17.68 -28.92
CA MET B 902 -31.42 -16.20 -28.81
C MET B 902 -32.69 -15.48 -29.23
N LEU B 903 -33.52 -16.20 -29.95
CA LEU B 903 -34.74 -15.64 -30.40
C LEU B 903 -35.75 -15.80 -29.30
N VAL B 904 -35.31 -16.16 -28.11
CA VAL B 904 -36.25 -16.28 -27.01
C VAL B 904 -35.96 -15.16 -25.99
N VAL B 905 -34.74 -14.62 -26.06
CA VAL B 905 -34.40 -13.59 -25.12
C VAL B 905 -35.53 -12.56 -25.25
N PRO B 906 -35.93 -12.18 -26.50
CA PRO B 906 -36.83 -11.05 -26.60
C PRO B 906 -38.19 -11.38 -26.03
N LEU B 907 -38.44 -12.65 -25.70
CA LEU B 907 -39.58 -13.00 -24.87
C LEU B 907 -39.32 -12.43 -23.48
N GLY B 908 -39.42 -13.27 -22.43
CA GLY B 908 -39.20 -12.88 -21.01
C GLY B 908 -39.10 -11.38 -20.70
N VAL B 909 -38.06 -10.73 -21.27
CA VAL B 909 -37.75 -9.28 -21.15
C VAL B 909 -38.91 -8.43 -21.63
N ILE B 910 -40.01 -9.15 -21.88
CA ILE B 910 -41.36 -8.62 -22.13
C ILE B 910 -42.30 -8.85 -20.93
N GLY B 911 -42.32 -10.08 -20.45
CA GLY B 911 -43.18 -10.45 -19.36
C GLY B 911 -42.55 -10.07 -18.05
N ALA B 912 -41.37 -9.51 -18.07
CA ALA B 912 -40.77 -9.07 -16.84
C ALA B 912 -40.97 -7.65 -16.92
N LEU B 913 -40.81 -7.13 -18.13
CA LEU B 913 -41.12 -5.69 -18.39
C LEU B 913 -42.58 -5.42 -18.03
N LEU B 914 -43.46 -6.33 -18.43
CA LEU B 914 -44.84 -6.35 -18.03
C LEU B 914 -45.09 -6.43 -16.56
N ALA B 915 -44.63 -7.53 -15.98
CA ALA B 915 -44.65 -7.77 -14.53
C ALA B 915 -43.99 -6.57 -13.90
N ALA B 916 -44.24 -6.35 -12.60
CA ALA B 916 -43.45 -5.35 -11.87
C ALA B 916 -43.62 -3.92 -12.45
N THR B 917 -44.15 -3.82 -13.67
CA THR B 917 -44.85 -2.65 -14.18
C THR B 917 -46.22 -2.71 -13.59
N PHE B 918 -46.69 -3.93 -13.40
CA PHE B 918 -47.83 -4.18 -12.53
C PHE B 918 -47.51 -3.59 -11.14
N ARG B 919 -46.71 -4.30 -10.33
CA ARG B 919 -46.44 -3.85 -8.96
C ARG B 919 -45.86 -2.42 -9.04
N GLY B 920 -45.41 -1.88 -7.91
CA GLY B 920 -44.75 -0.56 -7.88
C GLY B 920 -43.55 -0.59 -8.77
N LEU B 921 -42.73 -1.59 -8.47
CA LEU B 921 -41.44 -1.85 -9.05
C LEU B 921 -41.09 -0.98 -10.24
N THR B 922 -39.88 -0.44 -10.19
CA THR B 922 -39.37 0.26 -11.36
C THR B 922 -38.17 -0.45 -12.07
N ASN B 923 -37.45 0.31 -12.88
CA ASN B 923 -36.15 -0.08 -13.43
C ASN B 923 -34.87 0.19 -12.54
N ASP B 924 -34.80 -0.49 -11.38
CA ASP B 924 -33.74 -0.43 -10.39
C ASP B 924 -32.57 -1.14 -10.90
N VAL B 925 -31.51 -1.00 -10.18
CA VAL B 925 -30.45 -1.90 -10.35
C VAL B 925 -30.98 -3.38 -10.32
N TYR B 926 -31.89 -3.72 -9.41
CA TYR B 926 -32.23 -5.16 -9.23
C TYR B 926 -32.90 -5.75 -10.48
N PHE B 927 -33.73 -4.91 -11.10
CA PHE B 927 -34.39 -5.33 -12.31
C PHE B 927 -33.32 -5.82 -13.24
N GLN B 928 -32.31 -4.94 -13.41
CA GLN B 928 -31.25 -5.15 -14.37
C GLN B 928 -30.60 -6.53 -14.06
N VAL B 929 -30.72 -7.01 -12.81
CA VAL B 929 -30.26 -8.35 -12.42
C VAL B 929 -31.34 -9.35 -12.71
N GLY B 930 -32.61 -8.97 -12.56
CA GLY B 930 -33.74 -9.82 -13.04
C GLY B 930 -33.89 -10.02 -14.57
N LEU B 931 -33.34 -9.10 -15.36
CA LEU B 931 -33.34 -9.29 -16.82
C LEU B 931 -32.22 -10.18 -17.29
N LEU B 932 -30.98 -9.93 -16.84
CA LEU B 932 -29.89 -10.82 -17.29
C LEU B 932 -30.28 -12.21 -16.84
N THR B 933 -31.00 -12.30 -15.71
CA THR B 933 -31.45 -13.58 -15.15
C THR B 933 -32.54 -14.26 -16.00
N THR B 934 -33.22 -13.52 -16.86
CA THR B 934 -34.23 -14.19 -17.69
C THR B 934 -33.59 -14.61 -19.05
N ILE B 935 -32.66 -13.82 -19.55
CA ILE B 935 -31.94 -14.19 -20.74
C ILE B 935 -31.33 -15.57 -20.60
N GLY B 936 -31.08 -16.01 -19.37
CA GLY B 936 -30.55 -17.32 -19.13
C GLY B 936 -31.72 -18.25 -19.02
N LEU B 937 -32.44 -18.10 -17.92
CA LEU B 937 -33.67 -18.85 -17.72
C LEU B 937 -34.28 -19.30 -19.06
N SER B 938 -34.81 -18.34 -19.81
CA SER B 938 -35.44 -18.59 -21.11
C SER B 938 -34.51 -19.35 -22.07
N ALA B 939 -33.30 -18.81 -22.28
CA ALA B 939 -32.35 -19.45 -23.16
C ALA B 939 -32.30 -20.89 -22.78
N LYS B 940 -32.57 -21.20 -21.50
CA LYS B 940 -32.66 -22.59 -21.06
C LYS B 940 -33.95 -23.31 -21.51
N ASN B 941 -35.11 -22.92 -21.02
CA ASN B 941 -36.33 -23.48 -21.60
C ASN B 941 -36.05 -23.88 -23.03
N ALA B 942 -35.87 -22.87 -23.87
CA ALA B 942 -35.39 -23.06 -25.23
C ALA B 942 -34.50 -24.29 -25.35
N ILE B 943 -33.24 -24.13 -24.96
CA ILE B 943 -32.13 -25.14 -24.96
C ILE B 943 -32.51 -26.58 -24.52
N LEU B 944 -33.67 -26.72 -23.93
CA LEU B 944 -34.09 -28.04 -23.57
C LEU B 944 -34.66 -28.82 -24.75
N ILE B 945 -34.64 -28.23 -25.94
CA ILE B 945 -35.44 -28.79 -27.04
C ILE B 945 -34.67 -28.78 -28.33
N VAL B 946 -33.99 -27.68 -28.60
CA VAL B 946 -33.18 -27.54 -29.77
C VAL B 946 -31.99 -28.40 -29.48
N GLU B 947 -31.70 -28.53 -28.19
CA GLU B 947 -30.65 -29.45 -27.74
C GLU B 947 -31.12 -30.81 -28.16
N PHE B 948 -32.35 -31.16 -27.74
CA PHE B 948 -32.97 -32.44 -28.07
C PHE B 948 -33.40 -32.66 -29.56
N ALA B 949 -33.90 -31.65 -30.26
CA ALA B 949 -34.24 -31.79 -31.68
C ALA B 949 -33.03 -31.94 -32.61
N LYS B 950 -32.17 -30.94 -32.64
CA LYS B 950 -30.90 -31.03 -33.36
C LYS B 950 -30.15 -32.35 -33.04
N ASP B 951 -30.38 -32.91 -31.85
CA ASP B 951 -29.76 -34.19 -31.47
C ASP B 951 -30.51 -35.38 -32.05
N LEU B 952 -31.85 -35.28 -32.00
CA LEU B 952 -32.78 -36.32 -32.50
C LEU B 952 -32.92 -36.28 -34.02
N MET B 953 -31.95 -35.70 -34.69
CA MET B 953 -32.00 -35.59 -36.12
C MET B 953 -30.54 -35.79 -36.55
N ASP B 954 -29.77 -36.52 -35.73
CA ASP B 954 -28.37 -36.72 -36.02
C ASP B 954 -27.85 -37.83 -35.22
N LYS B 955 -28.56 -38.25 -34.18
CA LYS B 955 -28.03 -39.31 -33.27
C LYS B 955 -28.69 -40.69 -33.52
N GLU B 956 -29.88 -40.88 -32.99
CA GLU B 956 -30.67 -42.07 -33.28
C GLU B 956 -31.55 -41.70 -34.51
N GLY B 957 -30.99 -42.05 -35.69
CA GLY B 957 -31.52 -41.71 -37.02
C GLY B 957 -31.54 -40.20 -37.16
N LYS B 958 -32.54 -39.75 -37.91
CA LYS B 958 -32.68 -38.34 -38.27
C LYS B 958 -34.15 -38.00 -38.57
N GLY B 959 -35.00 -37.79 -37.57
CA GLY B 959 -36.38 -37.29 -37.84
C GLY B 959 -36.39 -35.95 -38.60
N LEU B 960 -37.41 -35.11 -38.41
CA LEU B 960 -37.27 -33.67 -38.71
C LEU B 960 -38.23 -32.94 -37.80
N ILE B 961 -39.44 -32.80 -38.30
CA ILE B 961 -40.54 -32.42 -37.48
C ILE B 961 -40.83 -33.62 -36.57
N GLU B 962 -40.27 -34.77 -36.96
CA GLU B 962 -40.33 -35.97 -36.12
C GLU B 962 -39.55 -35.88 -34.79
N ALA B 963 -38.50 -35.07 -34.81
CA ALA B 963 -37.65 -34.86 -33.64
C ALA B 963 -38.15 -33.60 -32.91
N THR B 964 -38.51 -32.59 -33.73
CA THR B 964 -39.09 -31.33 -33.27
C THR B 964 -40.38 -31.57 -32.56
N LEU B 965 -41.15 -32.46 -33.17
CA LEU B 965 -42.39 -32.85 -32.58
C LEU B 965 -42.14 -34.19 -31.98
N ASP B 966 -41.34 -34.23 -30.92
CA ASP B 966 -40.82 -35.51 -30.38
C ASP B 966 -40.02 -35.15 -29.14
N ALA B 967 -39.20 -34.11 -29.31
CA ALA B 967 -38.63 -33.32 -28.25
C ALA B 967 -39.76 -32.55 -27.52
N VAL B 968 -40.54 -31.68 -28.20
CA VAL B 968 -41.60 -30.95 -27.47
C VAL B 968 -42.30 -31.90 -26.51
N ARG B 969 -42.73 -33.05 -27.07
CA ARG B 969 -43.50 -34.06 -26.36
C ARG B 969 -42.76 -34.65 -25.22
N MET B 970 -41.48 -34.82 -25.47
CA MET B 970 -40.57 -35.54 -24.60
C MET B 970 -39.98 -34.66 -23.43
N ARG B 971 -39.24 -33.61 -23.80
CA ARG B 971 -38.74 -32.65 -22.84
C ARG B 971 -39.83 -31.57 -22.65
N LEU B 972 -40.97 -31.94 -22.08
CA LEU B 972 -41.87 -30.90 -21.68
C LEU B 972 -42.08 -30.95 -20.19
N ARG B 973 -41.99 -32.16 -19.65
CA ARG B 973 -42.01 -32.37 -18.19
C ARG B 973 -40.95 -31.51 -17.52
N PRO B 974 -39.73 -31.51 -18.07
CA PRO B 974 -38.72 -30.60 -17.57
C PRO B 974 -39.15 -29.17 -17.65
N ILE B 975 -39.36 -28.66 -18.85
CA ILE B 975 -39.88 -27.34 -18.97
C ILE B 975 -41.01 -27.01 -17.99
N LEU B 976 -41.71 -28.05 -17.53
CA LEU B 976 -42.77 -27.94 -16.53
C LEU B 976 -42.31 -27.72 -15.11
N MET B 977 -41.95 -28.78 -14.41
CA MET B 977 -41.43 -28.62 -13.04
C MET B 977 -40.10 -27.87 -12.96
N THR B 978 -39.30 -27.90 -14.02
CA THR B 978 -38.02 -27.20 -14.05
C THR B 978 -38.24 -25.73 -14.06
N SER B 979 -39.18 -25.25 -14.87
CA SER B 979 -39.28 -23.84 -15.07
C SER B 979 -40.30 -23.26 -14.15
N LEU B 980 -40.65 -24.06 -13.14
CA LEU B 980 -41.72 -23.71 -12.17
C LEU B 980 -41.21 -23.88 -10.74
N ALA B 981 -40.03 -24.48 -10.64
CA ALA B 981 -39.35 -24.63 -9.34
C ALA B 981 -38.97 -23.23 -8.92
N PHE B 982 -38.41 -22.50 -9.90
CA PHE B 982 -38.12 -21.08 -9.78
C PHE B 982 -39.44 -20.30 -9.49
N ILE B 983 -40.45 -20.42 -10.33
CA ILE B 983 -41.64 -19.57 -10.16
C ILE B 983 -42.23 -19.72 -8.80
N LEU B 984 -42.18 -20.95 -8.32
CA LEU B 984 -42.66 -21.25 -6.98
C LEU B 984 -41.60 -21.06 -5.85
N GLY B 985 -40.33 -20.88 -6.24
CA GLY B 985 -39.23 -20.84 -5.26
C GLY B 985 -38.93 -19.40 -4.98
N VAL B 986 -39.29 -18.55 -5.94
CA VAL B 986 -39.11 -17.11 -5.93
C VAL B 986 -40.39 -16.60 -5.42
N MET B 987 -41.34 -17.48 -5.21
CA MET B 987 -42.65 -16.96 -4.86
C MET B 987 -42.58 -16.11 -3.62
N PRO B 988 -41.93 -16.66 -2.57
CA PRO B 988 -41.82 -15.92 -1.32
C PRO B 988 -40.74 -14.94 -1.71
N LEU B 989 -40.43 -13.91 -0.94
CA LEU B 989 -39.35 -13.01 -1.43
C LEU B 989 -40.00 -12.12 -2.52
N VAL B 990 -40.96 -12.69 -3.26
CA VAL B 990 -41.80 -11.97 -4.23
C VAL B 990 -43.02 -11.32 -3.56
N ILE B 991 -43.34 -11.89 -2.40
CA ILE B 991 -44.45 -11.50 -1.57
C ILE B 991 -43.92 -11.18 -0.18
N SER B 992 -42.62 -11.40 0.03
CA SER B 992 -42.01 -11.15 1.34
C SER B 992 -42.58 -9.85 1.96
N THR B 993 -42.92 -9.99 3.22
CA THR B 993 -43.47 -8.92 4.03
C THR B 993 -42.58 -8.73 5.37
N GLY B 994 -41.51 -7.91 5.32
CA GLY B 994 -40.59 -7.68 6.48
C GLY B 994 -39.90 -6.32 6.38
N ALA B 995 -38.59 -6.26 6.50
CA ALA B 995 -37.97 -5.02 6.19
C ALA B 995 -37.33 -5.06 4.77
N GLY B 996 -36.65 -6.18 4.48
CA GLY B 996 -35.68 -6.27 3.36
C GLY B 996 -36.46 -6.19 2.08
N SER B 997 -37.79 -6.34 2.27
CA SER B 997 -38.84 -6.19 1.23
C SER B 997 -38.72 -4.82 0.65
N GLY B 998 -38.72 -4.76 -0.68
CA GLY B 998 -38.24 -3.58 -1.34
C GLY B 998 -37.20 -4.13 -2.25
N ALA B 999 -36.05 -4.54 -1.70
CA ALA B 999 -35.11 -5.33 -2.50
C ALA B 999 -35.52 -6.81 -2.65
N GLN B 1000 -36.27 -7.35 -1.69
CA GLN B 1000 -36.78 -8.70 -1.90
C GLN B 1000 -37.73 -8.67 -3.07
N ASN B 1001 -38.65 -7.71 -3.02
CA ASN B 1001 -39.71 -7.61 -4.01
C ASN B 1001 -39.13 -7.30 -5.37
N ALA B 1002 -38.21 -6.36 -5.45
CA ALA B 1002 -37.86 -5.94 -6.77
C ALA B 1002 -36.99 -6.95 -7.41
N VAL B 1003 -36.41 -7.85 -6.59
CA VAL B 1003 -35.53 -8.87 -7.10
C VAL B 1003 -36.32 -10.03 -7.64
N GLY B 1004 -37.28 -10.53 -6.85
CA GLY B 1004 -38.24 -11.59 -7.33
C GLY B 1004 -39.43 -11.23 -8.26
N THR B 1005 -40.05 -10.09 -8.03
CA THR B 1005 -41.31 -9.81 -8.63
C THR B 1005 -41.03 -9.01 -9.84
N GLY B 1006 -40.56 -9.69 -10.87
CA GLY B 1006 -40.17 -9.08 -12.12
C GLY B 1006 -39.27 -10.05 -12.83
N VAL B 1007 -39.00 -11.14 -12.13
CA VAL B 1007 -38.17 -12.21 -12.65
C VAL B 1007 -38.97 -13.47 -12.60
N MET B 1008 -40.05 -13.41 -11.81
CA MET B 1008 -41.01 -14.50 -11.74
C MET B 1008 -41.95 -14.20 -12.85
N GLY B 1009 -42.25 -12.90 -12.98
CA GLY B 1009 -43.05 -12.43 -14.08
C GLY B 1009 -42.48 -12.90 -15.40
N GLY B 1010 -41.33 -12.34 -15.76
CA GLY B 1010 -40.74 -12.67 -17.01
C GLY B 1010 -40.39 -14.14 -17.07
N MET B 1011 -40.44 -14.89 -15.97
CA MET B 1011 -40.18 -16.32 -16.09
C MET B 1011 -41.27 -16.95 -16.92
N VAL B 1012 -42.34 -17.42 -16.27
CA VAL B 1012 -43.63 -17.82 -16.90
C VAL B 1012 -43.77 -17.50 -18.41
N THR B 1013 -43.93 -16.20 -18.70
CA THR B 1013 -44.00 -15.60 -20.02
C THR B 1013 -42.74 -15.84 -20.88
N ALA B 1014 -42.12 -16.99 -20.68
CA ALA B 1014 -40.93 -17.40 -21.40
C ALA B 1014 -40.82 -18.89 -21.15
N THR B 1015 -41.77 -19.39 -20.33
CA THR B 1015 -42.02 -20.82 -20.17
C THR B 1015 -43.31 -21.07 -20.98
N VAL B 1016 -44.36 -20.33 -20.65
CA VAL B 1016 -45.62 -20.49 -21.36
C VAL B 1016 -45.45 -20.34 -22.86
N LEU B 1017 -45.24 -19.12 -23.29
CA LEU B 1017 -45.11 -18.86 -24.71
C LEU B 1017 -43.84 -19.49 -25.28
N ALA B 1018 -43.17 -20.31 -24.45
CA ALA B 1018 -41.90 -20.97 -24.86
C ALA B 1018 -42.11 -22.27 -25.59
N ILE B 1019 -42.87 -23.17 -24.95
CA ILE B 1019 -43.34 -24.42 -25.52
C ILE B 1019 -43.95 -24.16 -26.92
N PHE B 1020 -44.32 -22.91 -27.18
CA PHE B 1020 -44.92 -22.60 -28.44
C PHE B 1020 -43.95 -21.90 -29.31
N PHE B 1021 -43.20 -21.00 -28.76
CA PHE B 1021 -42.51 -20.24 -29.69
C PHE B 1021 -41.24 -20.87 -30.13
N VAL B 1022 -40.56 -21.53 -29.17
CA VAL B 1022 -39.28 -22.23 -29.45
C VAL B 1022 -39.43 -23.22 -30.59
N PRO B 1023 -40.42 -24.14 -30.51
CA PRO B 1023 -40.55 -25.10 -31.60
C PRO B 1023 -40.60 -24.47 -33.03
N VAL B 1024 -41.03 -23.22 -33.09
CA VAL B 1024 -40.77 -22.32 -34.20
C VAL B 1024 -39.33 -21.83 -34.01
N PHE B 1025 -38.79 -21.07 -34.94
CA PHE B 1025 -37.44 -20.51 -34.73
C PHE B 1025 -36.39 -21.55 -35.15
N PHE B 1026 -36.59 -22.80 -34.69
CA PHE B 1026 -35.70 -23.90 -35.05
C PHE B 1026 -35.77 -24.21 -36.53
N VAL B 1027 -36.76 -25.04 -36.89
CA VAL B 1027 -37.03 -25.41 -38.29
C VAL B 1027 -37.20 -24.17 -39.15
N VAL B 1028 -37.53 -23.05 -38.50
CA VAL B 1028 -37.71 -21.80 -39.19
C VAL B 1028 -36.34 -21.27 -39.56
N VAL B 1029 -35.37 -21.35 -38.63
CA VAL B 1029 -33.97 -20.95 -38.95
C VAL B 1029 -33.12 -22.08 -39.64
N ARG B 1030 -33.28 -23.34 -39.20
CA ARG B 1030 -32.99 -24.46 -40.09
C ARG B 1030 -33.98 -24.20 -41.19
N ARG B 1031 -33.73 -24.68 -42.40
CA ARG B 1031 -34.66 -24.43 -43.51
C ARG B 1031 -34.72 -22.93 -43.89
N ARG B 1032 -34.11 -22.07 -43.08
CA ARG B 1032 -33.75 -20.71 -43.51
C ARG B 1032 -32.27 -20.88 -43.76
N PHE B 1033 -31.78 -22.06 -43.33
CA PHE B 1033 -30.43 -22.50 -43.60
C PHE B 1033 -30.52 -23.88 -44.17
N SER B 1034 -31.31 -23.99 -45.25
CA SER B 1034 -31.65 -25.26 -45.94
C SER B 1034 -32.97 -25.20 -46.79
N ARG B 1035 -33.03 -24.23 -47.72
CA ARG B 1035 -34.32 -23.83 -48.39
C ARG B 1035 -34.39 -24.12 -49.92
N LYS B 1036 -33.47 -23.49 -50.68
CA LYS B 1036 -33.36 -23.59 -52.18
C LYS B 1036 -31.87 -23.70 -52.59
N MET C 1 -1.03 -41.26 -18.28
CA MET C 1 -0.72 -41.95 -17.02
C MET C 1 0.78 -42.25 -17.00
N PRO C 2 1.21 -43.18 -16.10
CA PRO C 2 2.64 -43.51 -16.10
C PRO C 2 3.06 -44.06 -17.46
N ASN C 3 2.26 -44.98 -18.00
CA ASN C 3 2.52 -45.56 -19.32
C ASN C 3 3.28 -44.63 -20.23
N PHE C 4 2.85 -43.37 -20.31
CA PHE C 4 3.44 -42.40 -21.25
C PHE C 4 4.95 -42.33 -21.13
N PHE C 5 5.37 -42.06 -19.91
CA PHE C 5 6.74 -41.80 -19.61
C PHE C 5 7.42 -43.17 -19.47
N ILE C 6 6.68 -44.19 -18.99
CA ILE C 6 7.22 -45.58 -18.99
C ILE C 6 7.90 -45.96 -20.32
N ASP C 7 7.17 -45.90 -21.45
CA ASP C 7 7.76 -46.12 -22.76
C ASP C 7 8.68 -44.97 -23.06
N ARG C 8 8.14 -43.76 -23.12
CA ARG C 8 9.00 -42.62 -23.49
C ARG C 8 9.49 -41.90 -22.21
N PRO C 9 10.73 -42.24 -21.76
CA PRO C 9 11.35 -41.54 -20.61
C PRO C 9 12.26 -40.55 -21.33
N ILE C 10 13.20 -39.93 -20.59
CA ILE C 10 13.91 -38.75 -21.09
C ILE C 10 12.91 -37.60 -21.28
N PHE C 11 11.64 -37.84 -20.97
CA PHE C 11 10.67 -36.78 -21.05
C PHE C 11 10.22 -36.59 -19.65
N ALA C 12 10.57 -37.57 -18.81
CA ALA C 12 10.29 -37.51 -17.38
C ALA C 12 11.59 -37.19 -16.72
N TRP C 13 12.63 -37.58 -17.43
CA TRP C 13 13.96 -37.35 -16.94
C TRP C 13 14.27 -35.84 -17.23
N VAL C 14 13.26 -35.03 -17.48
CA VAL C 14 13.57 -33.61 -17.74
C VAL C 14 12.65 -32.76 -16.90
N ILE C 15 11.40 -33.21 -16.79
CA ILE C 15 10.48 -32.71 -15.78
C ILE C 15 11.28 -32.69 -14.48
N ALA C 16 11.57 -33.85 -13.94
CA ALA C 16 12.41 -33.87 -12.74
C ALA C 16 13.46 -32.78 -12.79
N ILE C 17 14.12 -32.62 -13.91
CA ILE C 17 15.27 -31.72 -13.95
C ILE C 17 14.83 -30.26 -13.93
N ILE C 18 13.94 -29.87 -14.87
CA ILE C 18 13.25 -28.55 -14.79
C ILE C 18 12.74 -28.36 -13.37
N ILE C 19 11.65 -29.02 -13.00
CA ILE C 19 11.27 -29.14 -11.58
C ILE C 19 12.48 -28.94 -10.63
N MET C 20 13.67 -29.43 -10.94
CA MET C 20 14.75 -29.29 -9.96
C MET C 20 15.35 -27.93 -10.04
N LEU C 21 15.59 -27.44 -11.24
CA LEU C 21 16.12 -26.09 -11.33
C LEU C 21 15.10 -25.14 -10.71
N ALA C 22 13.79 -25.48 -10.84
CA ALA C 22 12.71 -24.69 -10.30
C ALA C 22 13.02 -24.28 -8.86
N GLY C 23 13.33 -25.29 -8.02
CA GLY C 23 13.82 -25.15 -6.60
C GLY C 23 15.30 -24.76 -6.50
N GLY C 24 16.04 -24.87 -7.59
CA GLY C 24 17.37 -24.33 -7.58
C GLY C 24 17.24 -22.84 -7.53
N LEU C 25 16.49 -22.30 -8.50
CA LEU C 25 16.28 -20.87 -8.63
C LEU C 25 15.62 -20.43 -7.38
N ALA C 26 14.42 -20.97 -7.14
CA ALA C 26 13.60 -20.52 -5.99
C ALA C 26 14.30 -20.63 -4.63
N ILE C 27 15.55 -21.12 -4.63
CA ILE C 27 16.38 -21.13 -3.42
C ILE C 27 17.36 -19.97 -3.42
N LEU C 28 17.82 -19.61 -4.61
CA LEU C 28 18.79 -18.57 -4.66
C LEU C 28 18.16 -17.33 -4.06
N LYS C 29 16.84 -17.21 -4.16
CA LYS C 29 16.18 -15.97 -3.83
C LYS C 29 15.08 -16.07 -2.74
N LEU C 30 14.79 -17.28 -2.26
CA LEU C 30 13.86 -17.49 -1.18
C LEU C 30 14.42 -16.83 0.09
N PRO C 31 13.61 -15.99 0.78
CA PRO C 31 13.94 -15.36 2.03
C PRO C 31 14.24 -16.31 3.16
N VAL C 32 15.50 -16.38 3.59
CA VAL C 32 15.85 -17.15 4.78
C VAL C 32 15.63 -16.39 6.03
N ALA C 33 14.57 -15.61 6.12
CA ALA C 33 14.22 -15.08 7.42
C ALA C 33 14.31 -16.14 8.55
N GLN C 34 14.71 -15.65 9.73
CA GLN C 34 14.74 -16.38 11.01
C GLN C 34 13.59 -17.39 11.09
N TYR C 35 12.41 -16.85 11.32
CA TYR C 35 11.16 -17.61 11.38
C TYR C 35 10.01 -16.74 10.91
N PRO C 36 8.79 -17.30 10.76
CA PRO C 36 7.70 -16.48 10.23
C PRO C 36 7.45 -15.31 11.09
N THR C 37 6.91 -14.28 10.48
CA THR C 37 6.45 -13.15 11.26
C THR C 37 5.24 -13.50 12.12
N ILE C 38 5.29 -13.17 13.39
CA ILE C 38 4.14 -13.44 14.21
C ILE C 38 3.86 -12.23 15.10
N ALA C 39 4.68 -11.20 15.02
CA ALA C 39 4.50 -10.16 16.01
C ALA C 39 3.70 -8.94 15.46
N PRO C 40 2.69 -8.46 16.24
CA PRO C 40 1.75 -7.46 15.67
C PRO C 40 2.66 -6.31 15.49
N PRO C 41 2.39 -5.47 14.53
CA PRO C 41 3.05 -4.21 14.36
C PRO C 41 2.81 -3.31 15.54
N ALA C 42 3.84 -2.51 15.78
CA ALA C 42 3.92 -1.57 16.80
C ALA C 42 4.80 -0.41 16.29
N VAL C 43 4.12 0.80 16.31
CA VAL C 43 4.67 2.17 16.14
C VAL C 43 5.01 2.80 17.52
N THR C 44 6.05 3.62 17.61
CA THR C 44 6.10 4.40 18.84
C THR C 44 6.39 6.03 18.85
N ILE C 45 5.43 6.87 18.91
CA ILE C 45 5.86 8.29 18.93
C ILE C 45 6.83 8.28 20.07
N SER C 46 7.81 9.20 20.12
CA SER C 46 8.56 9.36 21.37
C SER C 46 9.23 10.77 21.54
N ALA C 47 8.74 11.63 22.43
CA ALA C 47 9.18 13.06 22.32
C ALA C 47 10.32 13.23 23.28
N SER C 48 10.77 14.47 23.63
CA SER C 48 11.62 14.57 24.84
C SER C 48 11.72 16.06 25.29
N TYR C 49 11.68 16.28 26.58
CA TYR C 49 11.64 17.63 27.08
C TYR C 49 12.81 17.82 28.05
N PRO C 50 13.95 18.36 27.61
CA PRO C 50 15.14 18.64 28.37
C PRO C 50 14.94 18.95 29.86
N GLY C 51 15.49 18.06 30.72
CA GLY C 51 15.34 18.09 32.14
C GLY C 51 13.94 18.49 32.68
N ALA C 52 12.91 18.58 31.86
CA ALA C 52 11.55 18.34 32.38
C ALA C 52 11.50 17.03 33.24
N ASP C 53 10.31 16.74 33.79
CA ASP C 53 10.20 15.75 34.82
C ASP C 53 8.86 15.11 35.05
N ALA C 54 8.65 13.97 34.35
CA ALA C 54 7.61 12.98 34.53
C ALA C 54 6.26 13.59 34.64
N LYS C 55 5.85 14.08 35.81
CA LYS C 55 4.55 14.74 35.71
C LYS C 55 4.57 15.88 34.69
N THR C 56 5.74 16.49 34.52
CA THR C 56 5.79 17.70 33.70
C THR C 56 5.80 17.25 32.26
N VAL C 57 6.51 16.14 31.99
CA VAL C 57 6.70 15.61 30.58
C VAL C 57 5.31 15.35 30.15
N GLN C 58 4.49 14.80 31.04
CA GLN C 58 3.36 14.08 30.64
C GLN C 58 2.11 14.88 30.70
N ASP C 59 1.98 15.80 31.64
CA ASP C 59 0.76 16.65 31.66
C ASP C 59 0.88 17.71 30.56
N THR C 60 2.03 17.69 29.91
CA THR C 60 2.38 18.77 28.98
C THR C 60 2.68 18.39 27.50
N VAL C 61 2.59 17.06 27.17
CA VAL C 61 3.05 16.46 25.93
C VAL C 61 2.28 15.10 25.75
N THR C 62 2.79 14.07 26.44
CA THR C 62 2.00 12.81 26.47
C THR C 62 0.50 12.87 26.43
N GLN C 63 -0.20 13.66 27.28
CA GLN C 63 -1.70 13.75 27.18
C GLN C 63 -2.03 14.50 25.96
N VAL C 64 -1.31 15.54 25.72
CA VAL C 64 -1.58 16.20 24.50
C VAL C 64 -1.60 15.28 23.26
N ILE C 65 -0.57 14.41 23.12
CA ILE C 65 -0.41 13.46 21.96
C ILE C 65 -1.54 12.41 22.01
N GLU C 66 -1.68 11.83 23.16
CA GLU C 66 -2.65 10.75 23.28
C GLU C 66 -3.99 11.19 22.78
N GLN C 67 -4.66 12.05 23.55
CA GLN C 67 -5.88 12.79 23.16
C GLN C 67 -6.01 12.79 21.71
N ASN C 68 -5.00 13.28 21.03
CA ASN C 68 -5.11 13.20 19.60
C ASN C 68 -4.88 11.94 18.86
N MET C 69 -5.31 10.78 19.26
CA MET C 69 -4.89 9.62 18.55
C MET C 69 -6.14 8.91 18.30
N ASN C 70 -6.65 9.01 17.10
CA ASN C 70 -7.90 8.28 16.82
C ASN C 70 -8.05 8.06 15.35
N GLY C 71 -9.05 7.27 15.04
CA GLY C 71 -9.31 6.92 13.66
C GLY C 71 -8.01 6.35 13.21
N ILE C 72 -7.67 5.18 13.77
CA ILE C 72 -6.47 4.48 13.41
C ILE C 72 -6.71 2.95 13.24
N ASP C 73 -6.66 2.46 12.00
CA ASP C 73 -7.29 1.18 11.90
C ASP C 73 -6.42 0.12 12.52
N ASN C 74 -7.13 -0.86 13.04
CA ASN C 74 -6.59 -2.02 13.58
C ASN C 74 -5.70 -1.57 14.72
N LEU C 75 -6.21 -1.13 15.85
CA LEU C 75 -5.27 -0.68 16.86
C LEU C 75 -5.58 -1.50 18.12
N MET C 76 -4.68 -2.30 18.66
CA MET C 76 -5.13 -3.10 19.81
C MET C 76 -5.16 -2.29 21.10
N TYR C 77 -4.03 -1.63 21.45
CA TYR C 77 -3.99 -0.75 22.63
C TYR C 77 -2.93 0.28 22.33
N MET C 78 -2.65 1.19 23.29
CA MET C 78 -1.43 2.12 23.24
C MET C 78 -0.97 2.23 24.67
N SER C 79 0.22 2.66 25.01
CA SER C 79 0.58 2.59 26.41
C SER C 79 1.69 3.57 26.56
N SER C 80 1.44 4.68 27.26
CA SER C 80 2.29 5.84 27.14
C SER C 80 3.50 5.48 27.89
N ASN C 81 3.40 5.58 29.21
CA ASN C 81 4.58 5.43 30.05
C ASN C 81 5.78 6.35 29.70
N SER C 82 6.19 7.19 30.65
CA SER C 82 7.20 8.18 30.36
C SER C 82 7.88 8.84 31.57
N ASP C 83 9.20 8.86 31.46
CA ASP C 83 10.13 8.83 32.59
C ASP C 83 10.22 10.26 32.96
N SER C 84 10.68 10.49 34.18
CA SER C 84 11.09 11.78 34.58
C SER C 84 12.51 12.20 34.11
N THR C 85 13.20 11.32 33.39
CA THR C 85 14.48 11.71 32.75
C THR C 85 14.09 12.66 31.65
N GLY C 86 13.08 13.53 31.88
CA GLY C 86 12.64 14.42 30.81
C GLY C 86 12.12 13.74 29.55
N THR C 87 11.57 12.49 29.61
CA THR C 87 11.48 11.64 28.39
C THR C 87 10.31 10.72 28.16
N VAL C 88 9.78 10.67 26.93
CA VAL C 88 8.44 10.03 26.80
C VAL C 88 8.62 9.03 25.77
N GLN C 89 7.77 8.00 25.80
CA GLN C 89 7.68 7.02 24.73
C GLN C 89 6.23 6.46 24.70
N ILE C 90 5.51 6.66 23.60
CA ILE C 90 4.18 6.17 23.43
C ILE C 90 4.24 5.05 22.36
N THR C 91 3.78 3.82 22.75
CA THR C 91 4.00 2.78 21.80
C THR C 91 2.67 2.22 21.34
N LEU C 92 2.24 2.30 20.08
CA LEU C 92 0.82 1.84 19.77
C LEU C 92 0.89 0.46 19.11
N THR C 93 0.26 -0.61 19.68
CA THR C 93 0.33 -1.91 19.07
C THR C 93 -0.84 -2.06 18.18
N PHE C 94 -0.66 -1.82 16.91
CA PHE C 94 -1.62 -2.28 15.92
C PHE C 94 -1.84 -3.76 15.81
N GLU C 95 -3.03 -4.09 15.25
CA GLU C 95 -3.51 -5.49 15.02
C GLU C 95 -2.44 -6.47 14.40
N SER C 96 -2.83 -7.50 13.67
CA SER C 96 -1.80 -8.43 13.22
C SER C 96 -2.10 -8.61 11.87
N GLY C 97 -1.22 -8.28 11.00
CA GLY C 97 -1.58 -8.39 9.64
C GLY C 97 -1.44 -6.99 9.12
N THR C 98 -1.72 -6.01 9.99
CA THR C 98 -1.94 -4.56 9.60
C THR C 98 -0.69 -4.15 8.90
N ASP C 99 -0.87 -3.26 7.87
CA ASP C 99 0.23 -2.82 7.05
C ASP C 99 1.07 -1.76 7.74
N ALA C 100 2.30 -2.14 8.10
CA ALA C 100 3.01 -1.34 9.06
C ALA C 100 3.21 0.05 8.48
N ASP C 101 3.37 0.11 7.16
CA ASP C 101 3.66 1.33 6.49
C ASP C 101 2.57 2.21 6.76
N ILE C 102 1.37 1.73 6.54
CA ILE C 102 0.28 2.57 6.81
C ILE C 102 0.24 2.88 8.27
N ALA C 103 0.15 1.95 9.20
CA ALA C 103 -0.05 2.51 10.53
C ALA C 103 0.92 3.70 10.74
N GLN C 104 2.20 3.39 10.64
CA GLN C 104 3.21 4.42 10.74
C GLN C 104 2.75 5.75 10.10
N VAL C 105 1.95 5.63 9.06
CA VAL C 105 1.39 6.81 8.48
C VAL C 105 0.24 7.49 9.30
N GLN C 106 -0.84 6.70 9.34
CA GLN C 106 -2.00 6.95 10.16
C GLN C 106 -1.44 7.65 11.43
N VAL C 107 -0.31 7.18 12.06
CA VAL C 107 -0.07 7.66 13.41
C VAL C 107 0.32 9.11 13.16
N GLN C 108 1.17 9.35 12.14
CA GLN C 108 1.81 10.65 12.08
C GLN C 108 0.96 11.68 11.59
N ASN C 109 -0.24 11.33 11.10
CA ASN C 109 -1.23 12.33 10.65
C ASN C 109 -1.65 12.91 11.96
N LYS C 110 -2.39 12.15 12.78
CA LYS C 110 -2.88 12.65 14.05
C LYS C 110 -1.75 13.28 14.90
N LEU C 111 -0.55 12.72 14.94
CA LEU C 111 0.45 13.34 15.84
C LEU C 111 0.81 14.67 15.33
N GLN C 112 0.80 14.77 14.01
CA GLN C 112 1.03 16.07 13.30
C GLN C 112 0.24 17.22 13.81
N LEU C 113 -1.00 16.93 14.18
CA LEU C 113 -1.89 17.88 14.70
C LEU C 113 -1.50 18.41 16.08
N ALA C 114 -0.79 17.60 16.87
CA ALA C 114 -0.27 18.04 18.12
C ALA C 114 1.03 18.87 17.88
N MET C 115 1.74 18.70 16.77
CA MET C 115 3.08 19.34 16.84
C MET C 115 2.94 20.67 17.43
N PRO C 116 2.09 21.55 16.80
CA PRO C 116 1.74 22.98 17.13
C PRO C 116 1.35 23.26 18.55
N LEU C 117 0.98 22.30 19.36
CA LEU C 117 0.92 22.48 20.80
C LEU C 117 2.15 22.00 21.61
N LEU C 118 3.03 21.19 21.06
CA LEU C 118 4.06 20.80 22.04
C LEU C 118 4.83 22.13 22.52
N PRO C 119 5.59 22.07 23.69
CA PRO C 119 6.54 23.09 24.05
C PRO C 119 7.66 23.09 23.07
N GLN C 120 8.03 24.28 22.65
CA GLN C 120 9.03 24.45 21.67
C GLN C 120 10.23 23.60 21.92
N GLU C 121 10.52 23.46 23.24
CA GLU C 121 11.72 22.72 23.58
C GLU C 121 11.56 21.24 23.24
N VAL C 122 10.33 20.75 23.07
CA VAL C 122 10.09 19.32 22.79
C VAL C 122 10.21 19.13 21.30
N GLN C 123 9.82 20.18 20.59
CA GLN C 123 9.88 20.32 19.15
C GLN C 123 11.32 20.18 18.77
N GLN C 124 12.11 21.13 19.21
CA GLN C 124 13.41 21.41 18.62
C GLN C 124 14.23 20.25 18.99
N GLN C 125 13.76 19.66 20.10
CA GLN C 125 14.39 18.44 20.58
C GLN C 125 14.34 17.33 19.52
N GLY C 126 13.19 16.96 19.04
CA GLY C 126 13.11 16.41 17.67
C GLY C 126 12.12 15.50 18.24
N VAL C 127 11.06 15.11 17.55
CA VAL C 127 10.01 14.25 18.24
C VAL C 127 10.09 13.01 17.24
N SER C 128 9.78 11.71 17.51
CA SER C 128 9.97 10.86 16.31
C SER C 128 8.90 9.80 16.25
N VAL C 129 8.70 9.06 15.13
CA VAL C 129 7.67 8.01 15.13
C VAL C 129 8.30 6.74 14.50
N GLU C 130 8.20 5.53 15.12
CA GLU C 130 8.84 4.46 14.41
C GLU C 130 8.06 3.22 14.24
N LYS C 131 8.66 2.31 13.43
CA LYS C 131 8.03 1.00 13.23
C LYS C 131 9.10 -0.15 13.25
N SER C 132 9.41 -0.62 14.48
CA SER C 132 10.38 -1.76 14.62
C SER C 132 10.10 -2.73 15.76
N SER C 133 10.88 -3.79 15.89
CA SER C 133 10.66 -4.72 17.05
C SER C 133 11.22 -4.08 18.24
N SER C 134 10.81 -4.45 19.45
CA SER C 134 11.42 -3.79 20.65
C SER C 134 12.90 -4.25 20.87
N SER C 135 13.13 -5.53 20.62
CA SER C 135 14.15 -6.34 21.14
C SER C 135 15.16 -6.03 20.12
N PHE C 136 16.46 -6.11 20.44
CA PHE C 136 17.46 -5.56 19.51
C PHE C 136 17.85 -6.57 18.44
N LEU C 137 17.80 -6.18 17.14
CA LEU C 137 18.43 -7.07 16.08
C LEU C 137 19.91 -7.68 16.40
N MET C 138 20.77 -6.74 16.84
CA MET C 138 22.24 -6.83 16.81
C MET C 138 22.95 -5.61 17.52
N VAL C 139 24.14 -5.82 18.10
CA VAL C 139 24.92 -4.71 18.69
C VAL C 139 26.27 -4.54 17.96
N VAL C 140 26.79 -3.32 17.84
CA VAL C 140 27.93 -3.04 17.08
C VAL C 140 28.80 -2.28 18.04
N GLY C 141 30.00 -2.95 18.23
CA GLY C 141 31.07 -2.68 19.22
C GLY C 141 32.00 -1.72 18.55
N VAL C 142 32.37 -0.67 19.24
CA VAL C 142 33.30 0.19 18.65
C VAL C 142 34.35 0.50 19.71
N ILE C 143 35.56 0.01 19.42
CA ILE C 143 36.60 -0.09 20.43
C ILE C 143 37.80 0.53 19.86
N ASN C 144 38.61 1.15 20.73
CA ASN C 144 39.81 1.86 20.26
C ASN C 144 41.18 1.33 20.68
N THR C 145 41.83 0.49 19.88
CA THR C 145 43.02 -0.25 20.33
C THR C 145 44.22 0.57 20.80
N ASP C 146 44.83 1.43 19.99
CA ASP C 146 45.80 2.38 20.57
C ASP C 146 45.35 3.03 21.93
N GLY C 147 44.06 3.12 22.29
CA GLY C 147 43.66 3.99 23.41
C GLY C 147 44.00 5.43 23.02
N THR C 148 44.06 5.68 21.73
CA THR C 148 44.36 7.00 21.25
C THR C 148 43.17 7.97 21.35
N MET C 149 41.97 7.42 21.67
CA MET C 149 40.75 8.20 21.82
C MET C 149 40.04 7.73 23.07
N THR C 150 39.08 8.52 23.59
CA THR C 150 38.32 8.08 24.77
C THR C 150 36.91 7.55 24.57
N GLN C 151 36.10 7.55 25.60
CA GLN C 151 34.77 7.05 25.44
C GLN C 151 34.02 8.21 24.76
N GLU C 152 34.13 9.36 25.38
CA GLU C 152 33.57 10.55 24.82
C GLU C 152 33.96 10.86 23.43
N ASP C 153 35.09 10.33 22.97
CA ASP C 153 35.58 10.64 21.63
C ASP C 153 34.98 9.66 20.68
N ILE C 154 34.36 8.65 21.23
CA ILE C 154 34.05 7.62 20.32
C ILE C 154 32.64 7.77 19.89
N SER C 155 31.85 7.98 20.94
CA SER C 155 30.47 8.21 20.80
C SER C 155 30.34 9.37 19.85
N ASP C 156 31.28 10.30 19.88
CA ASP C 156 31.33 11.24 18.81
C ASP C 156 31.58 10.59 17.49
N TYR C 157 32.84 10.16 17.26
CA TYR C 157 33.20 9.58 15.91
C TYR C 157 31.92 8.92 15.28
N VAL C 158 31.43 8.01 16.22
CA VAL C 158 30.48 7.03 15.87
C VAL C 158 29.24 7.66 15.27
N ALA C 159 28.69 8.73 16.00
CA ALA C 159 27.52 9.66 15.64
C ALA C 159 28.02 10.41 14.47
N ALA C 160 29.00 11.35 14.61
CA ALA C 160 29.22 11.95 13.31
C ALA C 160 29.27 11.30 12.03
N ASN C 161 29.42 9.99 12.01
CA ASN C 161 30.13 9.13 10.87
C ASN C 161 29.50 7.75 10.79
N MET C 162 29.06 7.20 11.88
CA MET C 162 28.46 6.07 11.44
C MET C 162 27.07 5.91 11.62
N LYS C 163 26.41 6.40 12.67
CA LYS C 163 24.94 6.22 12.91
C LYS C 163 24.22 6.56 11.59
N ASP C 164 24.17 7.93 11.29
CA ASP C 164 23.89 8.52 10.03
C ASP C 164 23.35 7.55 8.95
N ALA C 165 24.24 6.70 8.31
CA ALA C 165 23.82 5.60 7.41
C ALA C 165 23.16 4.39 8.04
N ILE C 166 23.30 4.32 9.36
CA ILE C 166 22.76 3.07 9.78
C ILE C 166 21.30 3.25 9.85
N SER C 167 20.85 3.82 10.99
CA SER C 167 19.58 4.93 10.98
C SER C 167 18.90 5.06 9.54
N ARG C 168 19.72 5.51 8.53
CA ARG C 168 19.19 5.40 7.26
C ARG C 168 19.33 4.15 6.31
N THR C 169 19.13 2.95 6.73
CA THR C 169 19.35 1.85 5.77
C THR C 169 18.12 0.98 5.77
N SER C 170 17.50 0.73 4.62
CA SER C 170 16.24 -0.08 4.74
C SER C 170 16.52 -1.19 5.64
N GLY C 171 15.41 -1.45 6.38
CA GLY C 171 15.25 -2.47 7.41
C GLY C 171 15.79 -2.19 8.78
N VAL C 172 16.72 -1.23 8.85
CA VAL C 172 17.21 -0.65 10.13
C VAL C 172 16.10 0.18 10.84
N GLY C 173 15.08 -0.46 11.29
CA GLY C 173 13.94 0.19 11.95
C GLY C 173 14.27 1.25 12.93
N ASP C 174 15.16 0.96 13.84
CA ASP C 174 15.64 1.92 14.82
C ASP C 174 17.26 1.62 15.33
N VAL C 175 18.15 2.61 15.20
CA VAL C 175 19.34 2.64 15.85
C VAL C 175 19.44 3.36 17.20
N GLN C 176 19.64 2.64 18.33
CA GLN C 176 20.10 3.39 19.53
C GLN C 176 21.59 3.71 19.50
N LEU C 177 22.01 4.72 20.21
CA LEU C 177 23.42 4.99 20.36
C LEU C 177 23.98 4.79 21.78
N PHE C 178 24.98 3.92 21.94
CA PHE C 178 25.53 3.63 23.28
C PHE C 178 26.50 4.75 23.71
N GLY C 179 26.03 5.98 23.64
CA GLY C 179 26.83 7.12 24.05
C GLY C 179 26.15 8.35 23.49
N SER C 180 26.94 9.39 23.15
CA SER C 180 26.30 10.61 22.60
C SER C 180 27.25 11.34 21.68
N GLN C 181 26.71 12.03 20.68
CA GLN C 181 27.61 12.71 19.75
C GLN C 181 27.91 13.99 20.53
N TYR C 182 28.97 14.72 20.17
CA TYR C 182 29.43 15.90 20.94
C TYR C 182 28.57 17.19 20.73
N ALA C 183 28.94 18.31 21.37
CA ALA C 183 28.09 19.52 21.34
C ALA C 183 28.80 20.53 22.02
N MET C 184 28.62 21.81 21.73
CA MET C 184 29.49 22.75 22.43
C MET C 184 28.82 22.85 23.74
N ARG C 185 29.66 22.78 24.76
CA ARG C 185 29.17 22.67 26.09
C ARG C 185 29.59 23.89 26.84
N ILE C 186 28.71 24.49 27.61
CA ILE C 186 29.01 25.80 28.20
C ILE C 186 28.71 25.55 29.67
N TRP C 187 29.38 24.58 30.26
CA TRP C 187 29.42 24.43 31.72
C TRP C 187 29.56 25.77 32.47
N MET C 188 28.48 26.52 32.72
CA MET C 188 28.65 27.84 33.33
C MET C 188 29.18 27.74 34.75
N ASN C 189 29.31 28.91 35.36
CA ASN C 189 29.65 29.08 36.80
C ASN C 189 28.88 30.34 37.34
N PRO C 190 28.11 30.15 38.47
CA PRO C 190 27.44 31.19 39.13
C PRO C 190 28.45 32.11 39.79
N ASN C 191 29.21 31.74 40.80
CA ASN C 191 29.96 32.84 41.46
C ASN C 191 30.40 33.92 40.46
N GLU C 192 30.79 33.53 39.26
CA GLU C 192 31.19 34.49 38.28
C GLU C 192 30.02 35.32 37.79
N LEU C 193 29.09 34.68 37.08
CA LEU C 193 27.94 35.28 36.49
C LEU C 193 27.45 36.31 37.48
N ASN C 194 27.67 35.99 38.79
CA ASN C 194 27.34 36.79 39.96
C ASN C 194 28.30 37.98 39.94
N LYS C 195 29.64 37.72 40.08
CA LYS C 195 30.69 38.78 40.07
C LYS C 195 30.33 39.81 39.01
N PHE C 196 30.45 39.45 37.73
CA PHE C 196 30.18 40.39 36.63
C PHE C 196 28.77 40.77 36.40
N GLN C 197 27.84 40.31 37.22
CA GLN C 197 26.46 40.78 37.08
C GLN C 197 25.77 40.33 35.80
N LEU C 198 25.73 38.97 35.71
CA LEU C 198 25.24 38.15 34.61
C LEU C 198 24.43 36.89 35.09
N THR C 199 23.45 36.52 34.29
CA THR C 199 22.49 35.49 34.55
C THR C 199 22.69 34.55 33.31
N PRO C 200 22.30 33.27 33.43
CA PRO C 200 22.36 32.51 32.18
C PRO C 200 21.57 33.14 31.07
N VAL C 201 20.60 33.97 31.42
CA VAL C 201 19.72 34.62 30.44
C VAL C 201 20.68 35.37 29.56
N ASP C 202 21.71 35.94 30.19
CA ASP C 202 22.53 36.82 29.42
C ASP C 202 23.35 36.01 28.54
N VAL C 203 24.14 35.10 29.10
CA VAL C 203 24.94 34.18 28.29
C VAL C 203 24.14 33.66 27.10
N ILE C 204 22.93 33.19 27.40
CA ILE C 204 22.26 32.59 26.33
C ILE C 204 22.31 33.55 25.17
N THR C 205 21.88 34.81 25.33
CA THR C 205 21.60 35.72 24.19
C THR C 205 22.87 36.15 23.46
N ALA C 206 23.82 36.57 24.27
CA ALA C 206 25.23 36.45 23.89
C ALA C 206 25.57 35.28 22.88
N ILE C 207 25.23 34.03 23.18
CA ILE C 207 25.47 32.94 22.23
C ILE C 207 24.67 33.07 20.92
N LYS C 208 23.37 33.28 20.97
CA LYS C 208 22.64 33.57 19.69
C LYS C 208 23.24 34.68 18.85
N ALA C 209 23.51 35.83 19.46
CA ALA C 209 24.08 36.92 18.70
C ALA C 209 25.26 36.44 17.92
N GLN C 210 26.30 36.16 18.71
CA GLN C 210 27.68 35.95 18.34
C GLN C 210 27.80 34.59 17.65
N ASN C 211 26.99 33.58 17.98
CA ASN C 211 27.05 32.36 17.16
C ASN C 211 25.87 32.15 16.41
N ALA C 212 25.95 32.49 15.11
CA ALA C 212 24.81 32.64 14.12
C ALA C 212 25.23 32.61 12.67
N GLN C 213 24.25 32.49 11.79
CA GLN C 213 24.47 32.26 10.35
C GLN C 213 23.55 33.15 9.53
N VAL C 214 23.96 34.36 9.33
CA VAL C 214 23.13 35.30 8.63
C VAL C 214 23.16 35.00 7.13
N ALA C 215 22.26 35.69 6.42
CA ALA C 215 22.08 35.55 5.02
C ALA C 215 22.01 36.94 4.53
N ALA C 216 23.08 37.49 3.98
CA ALA C 216 22.96 38.82 3.32
C ALA C 216 22.75 38.50 1.86
N GLY C 217 22.33 39.47 1.05
CA GLY C 217 21.94 39.12 -0.29
C GLY C 217 23.15 39.02 -1.18
N GLN C 218 23.12 39.83 -2.21
CA GLN C 218 24.07 39.69 -3.26
C GLN C 218 24.34 41.00 -4.12
N LEU C 219 25.64 41.26 -4.34
CA LEU C 219 26.15 42.34 -5.17
C LEU C 219 25.55 42.40 -6.56
N GLY C 220 25.50 41.26 -7.27
CA GLY C 220 24.75 41.17 -8.53
C GLY C 220 23.35 41.76 -8.33
N GLY C 221 22.39 41.09 -7.77
CA GLY C 221 21.14 41.79 -7.73
C GLY C 221 20.16 41.07 -8.61
N THR C 222 19.34 40.26 -7.99
CA THR C 222 18.43 39.40 -8.63
C THR C 222 17.77 40.16 -9.67
N PRO C 223 17.08 41.31 -9.37
CA PRO C 223 16.66 42.31 -10.41
C PRO C 223 17.60 43.46 -10.30
N PRO C 224 18.48 43.63 -11.30
CA PRO C 224 19.58 44.60 -11.38
C PRO C 224 19.29 46.01 -12.02
N VAL C 225 20.38 46.74 -12.32
CA VAL C 225 20.34 48.08 -12.89
C VAL C 225 20.79 48.13 -14.32
N LYS C 226 20.51 49.31 -14.86
CA LYS C 226 20.90 49.79 -16.15
C LYS C 226 21.53 48.68 -16.87
N GLY C 227 22.82 48.51 -16.65
CA GLY C 227 23.53 47.45 -17.26
C GLY C 227 24.78 47.31 -16.47
N GLN C 228 24.77 46.32 -15.59
CA GLN C 228 25.95 46.03 -14.78
C GLN C 228 26.69 44.68 -14.94
N GLN C 229 28.02 44.70 -14.85
CA GLN C 229 28.81 43.46 -14.61
C GLN C 229 29.11 43.28 -13.10
N LEU C 230 29.73 42.17 -12.72
CA LEU C 230 30.04 42.04 -11.29
C LEU C 230 28.83 41.55 -10.53
N ASN C 231 28.81 40.25 -10.23
CA ASN C 231 27.77 39.64 -9.44
C ASN C 231 28.37 38.82 -8.36
N ALA C 232 28.12 39.15 -7.12
CA ALA C 232 28.79 38.42 -6.04
C ALA C 232 27.95 38.16 -4.80
N SER C 233 28.38 37.24 -3.96
CA SER C 233 27.66 37.05 -2.71
C SER C 233 28.02 38.05 -1.54
N ILE C 234 27.14 38.25 -0.58
CA ILE C 234 27.70 38.97 0.52
C ILE C 234 27.67 38.00 1.68
N ILE C 235 28.73 37.96 2.46
CA ILE C 235 28.84 36.86 3.42
C ILE C 235 28.97 37.48 4.77
N ALA C 236 27.94 37.30 5.57
CA ALA C 236 27.92 37.96 6.90
C ALA C 236 28.39 36.97 8.05
N GLN C 237 27.98 37.19 9.33
CA GLN C 237 28.37 36.29 10.38
C GLN C 237 28.17 34.97 9.82
N THR C 238 29.05 34.09 10.27
CA THR C 238 29.00 32.62 10.24
C THR C 238 29.02 32.01 11.61
N ARG C 239 28.51 30.79 11.60
CA ARG C 239 28.49 29.84 12.78
C ARG C 239 29.89 29.65 13.28
N LEU C 240 30.03 29.60 14.58
CA LEU C 240 31.40 29.61 15.11
C LEU C 240 31.89 28.15 15.09
N THR C 241 33.12 27.93 15.50
CA THR C 241 33.54 26.55 15.16
C THR C 241 34.44 25.70 16.00
N SER C 242 34.71 26.16 17.21
CA SER C 242 35.73 25.61 18.01
C SER C 242 35.61 26.24 19.37
N THR C 243 35.78 25.42 20.42
CA THR C 243 35.64 25.80 21.84
C THR C 243 36.10 27.29 21.94
N GLU C 244 37.23 27.55 21.22
CA GLU C 244 37.96 28.80 21.25
C GLU C 244 37.22 30.04 20.81
N GLU C 245 36.40 29.95 19.76
CA GLU C 245 35.55 31.08 19.38
C GLU C 245 34.49 31.33 20.45
N PHE C 246 33.55 30.41 20.67
CA PHE C 246 32.52 30.63 21.71
C PHE C 246 33.09 31.36 22.89
N GLY C 247 34.19 30.83 23.40
CA GLY C 247 34.79 31.36 24.58
C GLY C 247 35.24 32.79 24.43
N LYS C 248 35.63 33.21 23.24
CA LYS C 248 35.75 34.66 23.05
C LYS C 248 34.40 35.47 22.96
N ILE C 249 33.28 34.78 22.95
CA ILE C 249 32.05 35.46 22.94
C ILE C 249 32.09 36.59 23.99
N LEU C 250 31.65 37.80 23.59
CA LEU C 250 31.73 39.07 24.29
C LEU C 250 30.50 39.22 25.06
N LEU C 251 30.65 39.21 26.38
CA LEU C 251 29.50 39.18 27.28
C LEU C 251 28.96 40.60 27.62
N LYS C 252 29.96 41.49 27.78
CA LYS C 252 29.73 42.81 28.37
C LYS C 252 31.04 43.60 28.60
N VAL C 253 31.01 44.87 28.18
CA VAL C 253 32.04 45.91 28.46
C VAL C 253 31.61 46.68 29.71
N ASN C 254 32.54 46.88 30.62
CA ASN C 254 32.22 47.48 31.90
C ASN C 254 33.01 48.79 32.01
N GLN C 255 32.37 49.79 32.64
CA GLN C 255 32.83 51.16 32.81
C GLN C 255 34.33 51.47 32.73
N ASP C 256 35.14 50.60 33.32
CA ASP C 256 36.59 50.64 33.12
C ASP C 256 36.99 50.07 31.77
N GLY C 257 38.26 49.67 31.68
CA GLY C 257 38.71 48.96 30.47
C GLY C 257 37.97 47.62 30.33
N SER C 258 38.60 46.57 30.87
CA SER C 258 38.10 45.18 31.03
C SER C 258 36.89 44.83 30.21
N ARG C 259 37.11 44.04 29.18
CA ARG C 259 35.96 43.41 28.59
C ARG C 259 35.66 42.14 29.41
N VAL C 260 34.42 41.65 29.26
CA VAL C 260 34.03 40.34 29.77
C VAL C 260 33.44 39.41 28.75
N LEU C 261 34.18 38.32 28.64
CA LEU C 261 34.02 37.34 27.64
C LEU C 261 33.38 36.22 28.34
N LEU C 262 32.93 35.21 27.60
CA LEU C 262 32.13 34.14 28.12
C LEU C 262 33.02 33.27 28.80
N ARG C 263 34.16 33.02 28.16
CA ARG C 263 35.16 32.15 28.69
C ARG C 263 35.48 32.30 30.13
N ASP C 264 35.27 33.53 30.64
CA ASP C 264 35.46 33.98 32.05
C ASP C 264 34.33 33.53 33.02
N VAL C 265 33.10 33.55 32.51
CA VAL C 265 32.01 33.15 33.33
C VAL C 265 31.86 31.65 33.11
N ALA C 266 32.44 31.02 32.11
CA ALA C 266 32.00 29.64 32.09
C ALA C 266 32.79 28.58 31.36
N LYS C 267 33.34 27.56 32.03
CA LYS C 267 34.23 26.65 31.37
C LYS C 267 33.62 26.25 30.10
N ILE C 268 34.40 26.12 29.02
CA ILE C 268 33.86 25.92 27.64
C ILE C 268 34.62 24.78 27.07
N GLU C 269 33.93 23.65 26.90
CA GLU C 269 34.56 22.48 26.32
C GLU C 269 33.61 21.68 25.46
N LEU C 270 34.20 20.97 24.52
CA LEU C 270 33.47 20.26 23.51
C LEU C 270 33.02 19.09 24.31
N GLY C 271 31.74 18.75 24.26
CA GLY C 271 31.10 17.79 25.16
C GLY C 271 29.87 17.04 24.63
N GLY C 272 29.33 16.16 25.47
CA GLY C 272 28.36 15.14 25.03
C GLY C 272 27.04 15.83 25.09
N GLU C 273 26.15 15.56 24.15
CA GLU C 273 24.87 16.28 24.03
C GLU C 273 24.27 15.89 25.30
N ASN C 274 24.07 14.61 25.54
CA ASN C 274 23.59 14.13 26.80
C ASN C 274 24.44 12.94 27.45
N TYR C 275 25.01 13.17 28.67
CA TYR C 275 25.74 12.17 29.52
C TYR C 275 24.90 11.10 30.28
N ASP C 276 24.25 10.16 29.55
CA ASP C 276 23.36 9.15 30.16
C ASP C 276 23.92 7.78 29.97
N ILE C 277 24.76 7.57 28.98
CA ILE C 277 25.17 6.23 28.77
C ILE C 277 26.69 5.99 28.76
N ILE C 278 27.11 4.83 29.25
CA ILE C 278 28.55 4.51 29.30
C ILE C 278 28.69 3.08 29.04
N ALA C 279 29.61 2.66 28.21
CA ALA C 279 29.51 1.26 27.79
C ALA C 279 30.84 0.55 27.58
N GLU C 280 31.03 -0.66 28.08
CA GLU C 280 32.36 -1.12 27.85
C GLU C 280 32.44 -2.49 27.36
N PHE C 281 33.06 -2.66 26.20
CA PHE C 281 33.36 -3.99 25.68
C PHE C 281 34.35 -4.50 26.65
N ASN C 282 33.99 -5.56 27.37
CA ASN C 282 34.94 -6.33 28.16
C ASN C 282 35.74 -5.41 29.02
N GLY C 283 35.02 -4.46 29.63
CA GLY C 283 35.55 -3.49 30.62
C GLY C 283 36.64 -2.54 30.10
N GLN C 284 36.79 -2.52 28.78
CA GLN C 284 37.59 -1.55 28.04
C GLN C 284 36.55 -0.58 27.53
N PRO C 285 36.91 0.68 27.45
CA PRO C 285 35.90 1.70 27.16
C PRO C 285 35.52 1.54 25.74
N ALA C 286 34.26 1.77 25.45
CA ALA C 286 33.78 1.76 24.06
C ALA C 286 32.48 2.51 23.76
N SER C 287 31.92 2.09 22.67
CA SER C 287 30.64 2.57 22.38
C SER C 287 30.07 1.81 21.22
N GLY C 288 28.78 1.98 20.99
CA GLY C 288 28.13 1.21 19.95
C GLY C 288 26.68 1.54 19.50
N LEU C 289 26.29 0.82 18.49
CA LEU C 289 25.15 1.08 17.86
C LEU C 289 24.29 -0.02 18.24
N GLY C 290 23.18 0.31 19.00
CA GLY C 290 21.94 -0.55 19.22
C GLY C 290 21.24 -0.69 17.85
N ILE C 291 20.56 -1.78 17.50
CA ILE C 291 19.89 -1.84 16.22
C ILE C 291 18.61 -2.72 16.23
N LYS C 292 17.44 -2.06 15.91
CA LYS C 292 16.12 -2.68 16.06
C LYS C 292 15.69 -2.87 14.64
N LEU C 293 15.04 -4.01 14.34
CA LEU C 293 14.92 -4.38 12.94
C LEU C 293 13.48 -3.93 12.64
N ALA C 294 13.46 -3.19 11.57
CA ALA C 294 12.30 -2.57 11.05
C ALA C 294 11.17 -3.48 11.05
N THR C 295 10.02 -3.04 11.52
CA THR C 295 8.87 -3.98 11.57
C THR C 295 8.66 -4.76 10.25
N GLY C 296 8.60 -6.07 10.33
CA GLY C 296 8.25 -6.77 9.16
C GLY C 296 9.33 -7.03 8.19
N ALA C 297 10.47 -6.36 8.36
CA ALA C 297 11.67 -6.57 7.52
C ALA C 297 12.23 -7.89 7.84
N ASN C 298 12.92 -8.48 6.86
CA ASN C 298 13.91 -9.59 7.01
C ASN C 298 15.18 -9.29 7.78
N ALA C 299 15.36 -9.97 8.92
CA ALA C 299 16.61 -9.77 9.67
C ALA C 299 17.81 -10.05 8.80
N LEU C 300 17.90 -11.26 8.25
CA LEU C 300 19.14 -11.56 7.66
C LEU C 300 19.56 -10.60 6.65
N ASP C 301 18.62 -10.22 5.79
CA ASP C 301 18.95 -9.23 4.73
C ASP C 301 19.47 -7.94 5.36
N THR C 302 18.94 -7.63 6.53
CA THR C 302 19.22 -6.34 7.02
C THR C 302 20.60 -6.45 7.56
N ALA C 303 20.96 -7.65 8.04
CA ALA C 303 22.24 -7.70 8.69
C ALA C 303 23.28 -7.73 7.57
N ALA C 304 22.94 -8.34 6.44
CA ALA C 304 23.89 -8.30 5.36
C ALA C 304 24.35 -6.87 5.17
N ALA C 305 23.38 -5.96 5.15
CA ALA C 305 23.52 -4.53 4.73
C ALA C 305 24.28 -3.70 5.77
N ILE C 306 23.72 -3.64 6.98
CA ILE C 306 24.50 -3.07 8.09
C ILE C 306 25.96 -3.45 7.91
N ARG C 307 26.26 -4.76 7.99
CA ARG C 307 27.64 -5.24 7.95
C ARG C 307 28.41 -4.85 6.67
N ALA C 308 27.77 -4.87 5.54
CA ALA C 308 28.47 -4.15 4.49
C ALA C 308 28.38 -2.60 4.50
N GLU C 309 27.44 -1.97 5.24
CA GLU C 309 27.39 -0.52 5.13
C GLU C 309 28.70 -0.27 5.69
N LEU C 310 28.90 -0.88 6.88
CA LEU C 310 30.01 -0.57 7.81
C LEU C 310 31.28 -0.63 7.03
N ALA C 311 31.60 -1.84 6.49
CA ALA C 311 32.51 -2.08 5.41
C ALA C 311 33.00 -0.81 4.77
N LYS C 312 32.13 -0.10 3.99
CA LYS C 312 32.43 1.25 3.36
C LYS C 312 33.02 2.22 4.39
N MET C 313 32.65 2.08 5.65
CA MET C 313 33.32 2.91 6.66
C MET C 313 34.77 2.66 6.84
N GLU C 314 35.09 1.43 7.34
CA GLU C 314 36.40 0.82 7.94
C GLU C 314 37.69 1.44 7.46
N PRO C 315 37.87 1.47 6.14
CA PRO C 315 38.98 2.19 5.58
C PRO C 315 39.19 3.65 6.02
N PHE C 316 38.35 4.28 6.83
CA PHE C 316 38.59 5.76 6.98
C PHE C 316 38.54 6.23 8.39
N PHE C 317 38.37 5.32 9.35
CA PHE C 317 38.31 5.87 10.73
C PHE C 317 39.67 6.06 11.40
N PRO C 318 39.65 6.84 12.49
CA PRO C 318 40.92 7.16 13.12
C PRO C 318 41.63 5.91 13.33
N SER C 319 42.92 6.10 13.55
CA SER C 319 43.93 5.11 13.96
C SER C 319 43.53 3.77 14.41
N GLY C 320 43.34 3.65 15.73
CA GLY C 320 43.21 2.28 16.23
C GLY C 320 41.79 1.98 16.61
N LEU C 321 40.92 1.82 15.64
CA LEU C 321 39.53 1.95 15.94
C LEU C 321 38.83 0.83 15.27
N LYS C 322 38.71 -0.25 16.03
CA LYS C 322 38.01 -1.40 15.48
C LYS C 322 36.47 -1.57 15.78
N ILE C 323 35.77 -2.23 14.88
CA ILE C 323 34.50 -2.66 15.24
C ILE C 323 34.71 -4.05 15.81
N VAL C 324 34.48 -4.22 17.10
CA VAL C 324 34.16 -5.50 17.66
C VAL C 324 32.67 -5.84 17.42
N TYR C 325 32.28 -7.09 17.73
CA TYR C 325 30.90 -7.57 17.46
C TYR C 325 30.08 -8.18 18.60
N PRO C 326 29.66 -7.40 19.64
CA PRO C 326 28.86 -8.06 20.72
C PRO C 326 27.43 -8.55 20.33
N TYR C 327 26.68 -9.01 21.29
CA TYR C 327 25.42 -9.66 20.98
C TYR C 327 24.80 -9.46 19.57
N ASP C 328 24.98 -10.45 18.70
CA ASP C 328 24.32 -10.53 17.37
C ASP C 328 23.33 -11.74 17.24
N THR C 329 22.11 -11.65 16.75
CA THR C 329 21.22 -12.83 16.85
C THR C 329 21.18 -13.50 15.50
N THR C 330 21.47 -12.71 14.48
CA THR C 330 21.65 -13.18 13.13
C THR C 330 22.30 -14.60 12.99
N PRO C 331 23.58 -14.78 13.38
CA PRO C 331 24.26 -15.97 12.93
C PRO C 331 23.51 -17.23 13.42
N PHE C 332 23.21 -17.36 14.69
CA PHE C 332 22.34 -18.48 15.09
C PHE C 332 21.22 -18.80 14.11
N VAL C 333 20.27 -17.92 13.82
CA VAL C 333 19.39 -18.21 12.68
C VAL C 333 20.22 -18.77 11.52
N LYS C 334 21.10 -17.96 10.98
CA LYS C 334 22.06 -18.42 9.96
C LYS C 334 22.64 -19.92 10.16
N ILE C 335 23.20 -20.26 11.32
CA ILE C 335 23.75 -21.60 11.51
C ILE C 335 22.61 -22.53 11.58
N SER C 336 21.83 -22.40 12.65
CA SER C 336 20.51 -23.03 12.82
C SER C 336 19.86 -23.61 11.57
N ILE C 337 19.22 -22.81 10.69
CA ILE C 337 18.44 -23.44 9.58
C ILE C 337 19.36 -24.28 8.67
N HIS C 338 20.65 -24.06 8.81
CA HIS C 338 21.63 -24.75 7.99
C HIS C 338 22.18 -26.02 8.68
N GLU C 339 22.04 -26.07 9.97
CA GLU C 339 22.24 -27.28 10.66
C GLU C 339 21.07 -28.19 10.39
N VAL C 340 19.98 -27.66 9.88
CA VAL C 340 18.86 -28.53 9.57
C VAL C 340 19.08 -29.04 8.17
N VAL C 341 19.50 -28.16 7.25
CA VAL C 341 19.84 -28.56 5.88
C VAL C 341 20.72 -29.80 5.84
N LYS C 342 21.69 -29.84 6.75
CA LYS C 342 22.62 -30.95 6.91
C LYS C 342 21.85 -32.22 7.14
N THR C 343 20.96 -32.20 8.11
CA THR C 343 20.03 -33.30 8.25
C THR C 343 19.42 -33.84 6.88
N LEU C 344 18.62 -33.05 6.15
CA LEU C 344 18.03 -33.58 4.90
C LEU C 344 19.12 -34.20 4.04
N VAL C 345 20.03 -33.30 3.60
CA VAL C 345 21.19 -33.66 2.81
C VAL C 345 21.65 -35.02 3.25
N GLU C 346 22.06 -35.15 4.51
CA GLU C 346 22.59 -36.44 5.07
C GLU C 346 21.60 -37.65 5.22
N ALA C 347 20.30 -37.37 5.37
CA ALA C 347 19.32 -38.42 5.62
C ALA C 347 18.90 -38.92 4.27
N ILE C 348 19.25 -38.16 3.22
CA ILE C 348 19.11 -38.71 1.87
C ILE C 348 20.16 -39.81 1.62
N ILE C 349 21.13 -39.88 2.54
CA ILE C 349 22.22 -40.85 2.51
C ILE C 349 21.81 -42.14 3.19
N LEU C 350 21.33 -42.08 4.43
CA LEU C 350 20.92 -43.31 5.12
C LEU C 350 19.83 -43.97 4.33
N VAL C 351 18.86 -43.18 3.89
CA VAL C 351 17.81 -43.72 3.06
C VAL C 351 18.36 -44.48 1.82
N PHE C 352 19.47 -43.99 1.22
CA PHE C 352 20.16 -44.65 0.11
C PHE C 352 20.72 -46.01 0.52
N LEU C 353 21.24 -46.11 1.75
CA LEU C 353 21.75 -47.38 2.30
C LEU C 353 20.65 -48.41 2.68
N VAL C 354 19.61 -48.00 3.43
CA VAL C 354 18.44 -48.93 3.65
C VAL C 354 17.83 -49.40 2.36
N MET C 355 17.75 -48.51 1.38
CA MET C 355 17.26 -48.87 0.06
C MET C 355 18.27 -49.80 -0.64
N TYR C 356 19.17 -50.41 0.16
CA TYR C 356 20.28 -51.31 -0.32
C TYR C 356 20.33 -52.69 0.33
N LEU C 357 20.49 -52.71 1.65
CA LEU C 357 20.31 -53.93 2.43
C LEU C 357 18.94 -54.62 2.14
N PHE C 358 18.12 -54.01 1.26
CA PHE C 358 16.80 -54.53 0.97
C PHE C 358 16.61 -54.72 -0.50
N LEU C 359 17.59 -54.28 -1.27
CA LEU C 359 17.45 -54.29 -2.73
C LEU C 359 18.75 -54.79 -3.40
N GLN C 360 19.90 -54.38 -2.83
CA GLN C 360 21.22 -54.87 -3.20
C GLN C 360 21.72 -54.53 -4.65
N ASN C 361 21.06 -53.57 -5.34
CA ASN C 361 21.54 -53.01 -6.66
C ASN C 361 22.00 -51.52 -6.57
N PHE C 362 22.70 -51.02 -7.58
CA PHE C 362 23.07 -49.59 -7.62
C PHE C 362 21.96 -48.84 -8.24
N ARG C 363 21.95 -48.93 -9.57
CA ARG C 363 20.94 -48.29 -10.42
C ARG C 363 19.49 -48.61 -10.02
N ALA C 364 19.28 -49.65 -9.23
CA ALA C 364 17.94 -49.92 -8.73
C ALA C 364 17.74 -49.21 -7.43
N THR C 365 18.81 -48.66 -6.92
CA THR C 365 18.76 -47.84 -5.71
C THR C 365 18.78 -46.34 -6.05
N LEU C 366 19.76 -45.93 -6.87
CA LEU C 366 19.77 -44.62 -7.53
C LEU C 366 18.38 -44.07 -7.93
N ILE C 367 17.36 -44.94 -8.10
CA ILE C 367 15.96 -44.54 -8.50
C ILE C 367 15.02 -44.03 -7.39
N PRO C 368 14.92 -44.76 -6.27
CA PRO C 368 14.11 -44.26 -5.13
C PRO C 368 14.83 -43.21 -4.32
N THR C 369 16.14 -43.18 -4.40
CA THR C 369 16.83 -42.21 -3.61
C THR C 369 16.86 -40.87 -4.32
N ILE C 370 16.85 -40.87 -5.65
CA ILE C 370 16.77 -39.63 -6.43
C ILE C 370 15.31 -39.05 -6.52
N ALA C 371 14.38 -39.52 -5.67
CA ALA C 371 12.97 -39.10 -5.71
C ALA C 371 12.78 -37.97 -4.73
N VAL C 372 12.93 -38.28 -3.47
CA VAL C 372 12.94 -37.22 -2.49
C VAL C 372 13.74 -35.94 -2.95
N PRO C 373 15.04 -36.06 -3.32
CA PRO C 373 15.73 -34.86 -3.75
C PRO C 373 15.05 -34.12 -4.87
N VAL C 374 14.29 -34.82 -5.69
CA VAL C 374 13.47 -34.18 -6.74
C VAL C 374 12.28 -33.49 -6.10
N VAL C 375 11.51 -34.26 -5.35
CA VAL C 375 10.38 -33.71 -4.66
C VAL C 375 10.75 -32.48 -3.81
N LEU C 376 11.76 -32.64 -2.97
CA LEU C 376 12.13 -31.56 -2.10
C LEU C 376 12.38 -30.30 -2.90
N LEU C 377 13.37 -30.33 -3.78
CA LEU C 377 13.67 -29.17 -4.56
C LEU C 377 12.40 -28.54 -5.06
N GLY C 378 11.39 -29.34 -5.37
CA GLY C 378 10.20 -28.84 -6.00
C GLY C 378 9.36 -28.11 -4.97
N THR C 379 9.37 -28.65 -3.77
CA THR C 379 8.76 -27.94 -2.71
C THR C 379 9.30 -26.53 -2.60
N PHE C 380 10.62 -26.32 -2.50
CA PHE C 380 11.19 -24.97 -2.39
C PHE C 380 10.63 -24.04 -3.40
N ALA C 381 10.54 -24.47 -4.68
CA ALA C 381 9.81 -23.68 -5.74
C ALA C 381 8.40 -23.38 -5.27
N VAL C 382 7.57 -24.39 -5.12
CA VAL C 382 6.23 -24.15 -4.61
C VAL C 382 6.17 -23.21 -3.40
N LEU C 383 7.03 -23.42 -2.40
CA LEU C 383 7.08 -22.54 -1.26
C LEU C 383 7.14 -21.11 -1.77
N ALA C 384 8.16 -20.81 -2.59
CA ALA C 384 8.36 -19.48 -3.17
C ALA C 384 7.12 -19.02 -3.93
N ALA C 385 6.54 -19.91 -4.73
CA ALA C 385 5.32 -19.59 -5.42
C ALA C 385 4.43 -18.95 -4.36
N PHE C 386 4.21 -19.70 -3.29
CA PHE C 386 3.24 -19.37 -2.28
C PHE C 386 3.63 -18.21 -1.39
N GLY C 387 4.52 -17.36 -1.88
CA GLY C 387 5.09 -16.24 -1.10
C GLY C 387 5.60 -16.49 0.32
N PHE C 388 6.12 -17.72 0.58
CA PHE C 388 6.67 -18.24 1.86
C PHE C 388 8.21 -18.18 1.88
N SER C 389 8.84 -18.58 2.98
CA SER C 389 10.28 -18.46 3.06
C SER C 389 10.79 -19.75 3.55
N ILE C 390 12.10 -19.94 3.43
CA ILE C 390 12.86 -20.97 4.09
C ILE C 390 13.11 -20.50 5.53
N ASN C 391 12.99 -21.39 6.51
CA ASN C 391 13.16 -21.07 7.97
C ASN C 391 12.86 -22.37 8.74
N THR C 392 13.12 -22.42 10.05
CA THR C 392 12.92 -23.69 10.77
C THR C 392 11.61 -24.42 10.39
N LEU C 393 10.47 -23.88 10.82
CA LEU C 393 9.20 -24.55 10.56
C LEU C 393 9.18 -25.17 9.14
N THR C 394 9.19 -24.32 8.13
CA THR C 394 9.32 -24.71 6.74
C THR C 394 10.52 -25.65 6.43
N MET C 395 11.29 -26.08 7.42
CA MET C 395 12.34 -27.07 7.10
C MET C 395 12.06 -28.38 7.80
N PHE C 396 12.04 -28.43 9.12
CA PHE C 396 11.48 -29.61 9.75
C PHE C 396 10.30 -30.18 9.02
N GLY C 397 9.47 -29.33 8.43
CA GLY C 397 8.30 -29.79 7.75
C GLY C 397 8.79 -30.47 6.49
N MET C 398 10.02 -30.21 6.07
CA MET C 398 10.62 -30.97 4.96
C MET C 398 11.14 -32.30 5.43
N VAL C 399 11.92 -32.26 6.50
CA VAL C 399 12.43 -33.40 7.27
C VAL C 399 11.30 -34.36 7.63
N LEU C 400 10.36 -33.94 8.47
CA LEU C 400 9.28 -34.83 8.77
C LEU C 400 8.70 -35.34 7.48
N ALA C 401 8.93 -34.67 6.37
CA ALA C 401 8.23 -35.02 5.15
C ALA C 401 8.97 -36.03 4.30
N ILE C 402 10.19 -36.31 4.73
CA ILE C 402 11.15 -37.07 3.94
C ILE C 402 10.78 -38.50 4.21
N GLY C 403 9.93 -38.72 5.22
CA GLY C 403 9.27 -40.03 5.40
C GLY C 403 8.50 -40.26 4.13
N LEU C 404 7.51 -39.37 3.96
CA LEU C 404 6.46 -39.32 2.89
C LEU C 404 6.93 -39.32 1.45
N LEU C 405 8.20 -39.64 1.25
CA LEU C 405 8.82 -39.49 -0.02
C LEU C 405 9.58 -40.73 -0.24
N VAL C 406 10.35 -41.14 0.77
CA VAL C 406 11.10 -42.39 0.65
C VAL C 406 10.09 -43.47 0.43
N ASP C 407 8.95 -43.33 1.10
CA ASP C 407 7.97 -44.37 1.13
C ASP C 407 7.27 -44.51 -0.22
N ASP C 408 6.78 -43.39 -0.70
CA ASP C 408 5.98 -43.40 -1.87
C ASP C 408 6.82 -43.96 -2.99
N ALA C 409 8.14 -43.80 -2.90
CA ALA C 409 9.08 -44.36 -3.92
C ALA C 409 9.34 -45.86 -3.76
N ILE C 410 9.86 -46.25 -2.58
CA ILE C 410 9.84 -47.63 -2.09
C ILE C 410 8.59 -48.28 -2.63
N VAL C 411 7.53 -48.41 -1.81
CA VAL C 411 6.15 -48.76 -2.30
C VAL C 411 6.02 -49.13 -3.81
N VAL C 412 6.36 -48.17 -4.71
CA VAL C 412 6.36 -48.38 -6.16
C VAL C 412 7.45 -49.33 -6.64
N VAL C 413 8.71 -48.92 -6.62
CA VAL C 413 9.76 -49.86 -6.94
C VAL C 413 9.67 -51.11 -6.04
N GLU C 414 9.40 -50.93 -4.76
CA GLU C 414 9.26 -52.07 -3.85
C GLU C 414 8.22 -53.08 -4.27
N ASN C 415 7.42 -52.72 -5.27
CA ASN C 415 6.36 -53.58 -5.74
C ASN C 415 6.73 -54.10 -7.09
N VAL C 416 7.26 -53.25 -7.94
CA VAL C 416 7.77 -53.76 -9.20
C VAL C 416 9.01 -54.66 -8.92
N GLU C 417 9.38 -54.74 -7.62
CA GLU C 417 10.37 -55.71 -7.15
C GLU C 417 9.76 -57.06 -7.07
N ARG C 418 8.64 -57.24 -6.37
CA ARG C 418 7.87 -58.49 -6.57
C ARG C 418 7.42 -58.55 -8.06
N VAL C 419 6.36 -59.27 -8.41
CA VAL C 419 5.88 -59.31 -9.84
C VAL C 419 7.06 -59.48 -10.84
N MET C 420 8.28 -59.31 -10.33
CA MET C 420 9.49 -59.69 -11.03
C MET C 420 9.91 -61.03 -10.42
N ALA C 421 9.05 -61.49 -9.49
CA ALA C 421 9.06 -62.81 -8.91
C ALA C 421 7.75 -63.48 -9.29
N GLU C 422 7.33 -63.36 -10.57
CA GLU C 422 5.95 -63.71 -11.05
C GLU C 422 5.92 -63.78 -12.59
N GLU C 423 6.89 -63.07 -13.15
CA GLU C 423 6.94 -62.89 -14.60
C GLU C 423 8.27 -63.23 -15.21
N GLY C 424 9.07 -64.02 -14.45
CA GLY C 424 10.41 -64.47 -14.88
C GLY C 424 11.40 -63.32 -15.07
N LEU C 425 11.23 -62.50 -16.12
CA LEU C 425 12.25 -61.48 -16.47
C LEU C 425 11.77 -60.12 -17.18
N PRO C 426 10.48 -59.69 -17.00
CA PRO C 426 9.98 -58.52 -17.81
C PRO C 426 9.89 -57.11 -17.06
N PRO C 427 10.76 -56.13 -17.42
CA PRO C 427 10.87 -54.85 -16.65
C PRO C 427 9.66 -53.93 -16.79
N LYS C 428 9.48 -53.39 -18.03
CA LYS C 428 8.28 -52.62 -18.49
C LYS C 428 6.94 -53.31 -18.16
N GLU C 429 6.87 -54.63 -18.34
CA GLU C 429 5.66 -55.39 -18.02
C GLU C 429 5.38 -55.31 -16.53
N ALA C 430 6.42 -55.52 -15.72
CA ALA C 430 6.36 -55.49 -14.25
C ALA C 430 5.93 -54.11 -13.76
N THR C 431 6.83 -53.11 -13.86
CA THR C 431 6.58 -51.71 -13.49
C THR C 431 5.19 -51.25 -13.91
N ARG C 432 4.77 -51.58 -15.13
CA ARG C 432 3.45 -51.22 -15.65
C ARG C 432 2.28 -51.94 -14.98
N LYS C 433 2.40 -53.26 -14.92
CA LYS C 433 1.46 -54.14 -14.25
C LYS C 433 1.31 -53.70 -12.80
N SER C 434 2.45 -53.46 -12.16
CA SER C 434 2.50 -53.02 -10.77
C SER C 434 1.74 -51.70 -10.60
N MET C 435 2.02 -50.77 -11.51
CA MET C 435 1.16 -49.59 -11.70
C MET C 435 -0.22 -50.03 -12.12
N GLY C 436 -1.17 -49.15 -11.87
CA GLY C 436 -2.56 -49.47 -12.16
C GLY C 436 -3.10 -50.15 -10.92
N GLN C 437 -2.57 -51.36 -10.67
CA GLN C 437 -2.91 -52.10 -9.45
C GLN C 437 -2.17 -51.47 -8.28
N ILE C 438 -1.87 -50.17 -8.40
CA ILE C 438 -1.13 -49.41 -7.38
C ILE C 438 -1.35 -47.89 -7.57
N GLN C 439 -1.47 -47.45 -8.82
CA GLN C 439 -1.55 -46.00 -9.14
C GLN C 439 -2.74 -45.24 -8.51
N GLY C 440 -3.92 -45.85 -8.54
CA GLY C 440 -5.10 -45.25 -7.97
C GLY C 440 -5.04 -45.42 -6.49
N ALA C 441 -4.05 -46.17 -6.03
CA ALA C 441 -3.85 -46.30 -4.60
C ALA C 441 -2.94 -45.17 -4.06
N LEU C 442 -1.87 -44.86 -4.79
CA LEU C 442 -1.04 -43.74 -4.43
C LEU C 442 -1.87 -42.44 -4.34
N VAL C 443 -2.65 -42.12 -5.41
CA VAL C 443 -3.56 -40.94 -5.51
C VAL C 443 -4.46 -40.76 -4.26
N GLY C 444 -4.94 -41.88 -3.73
CA GLY C 444 -5.87 -41.86 -2.62
C GLY C 444 -5.30 -41.62 -1.24
N ILE C 445 -4.32 -42.44 -0.84
CA ILE C 445 -3.53 -42.10 0.34
C ILE C 445 -3.34 -40.55 0.36
N ALA C 446 -2.73 -40.01 -0.72
CA ALA C 446 -2.27 -38.62 -0.73
C ALA C 446 -3.51 -37.77 -0.57
N MET C 447 -4.52 -38.07 -1.36
CA MET C 447 -5.79 -37.47 -1.14
C MET C 447 -6.41 -37.78 0.24
N VAL C 448 -5.64 -38.23 1.20
CA VAL C 448 -6.26 -38.52 2.49
C VAL C 448 -5.37 -38.26 3.63
N LEU C 449 -4.07 -38.37 3.39
CA LEU C 449 -3.09 -37.84 4.32
C LEU C 449 -3.41 -36.35 4.47
N SER C 450 -3.54 -35.61 3.34
CA SER C 450 -4.10 -34.24 3.37
C SER C 450 -5.35 -34.28 4.22
N ALA C 451 -5.24 -33.75 5.43
CA ALA C 451 -6.33 -33.78 6.36
C ALA C 451 -5.70 -34.20 7.62
N VAL C 452 -4.72 -35.07 7.50
CA VAL C 452 -3.92 -35.42 8.66
C VAL C 452 -2.96 -34.23 8.77
N PHE C 453 -2.98 -33.37 7.76
CA PHE C 453 -2.17 -32.24 7.92
C PHE C 453 -2.99 -31.02 8.00
N VAL C 454 -3.56 -30.65 6.85
CA VAL C 454 -4.27 -29.36 6.67
C VAL C 454 -5.28 -28.85 7.73
N PRO C 455 -5.96 -29.72 8.53
CA PRO C 455 -6.91 -29.11 9.48
C PRO C 455 -6.22 -28.39 10.64
N MET C 456 -4.90 -28.49 10.66
CA MET C 456 -4.10 -27.59 11.49
C MET C 456 -3.85 -26.36 10.58
N ALA C 457 -3.21 -25.31 11.07
CA ALA C 457 -2.94 -24.25 10.12
C ALA C 457 -4.32 -23.94 9.50
N PHE C 458 -5.29 -23.88 10.40
CA PHE C 458 -6.65 -23.50 10.10
C PHE C 458 -7.25 -23.00 11.36
N PHE C 459 -6.41 -22.71 12.36
CA PHE C 459 -6.89 -22.20 13.64
C PHE C 459 -6.16 -20.96 14.07
N GLY C 460 -5.31 -20.39 13.19
CA GLY C 460 -4.76 -19.02 13.37
C GLY C 460 -4.55 -18.54 14.81
N GLY C 461 -4.10 -17.29 14.95
CA GLY C 461 -3.68 -16.73 16.27
C GLY C 461 -2.16 -16.55 16.29
N SER C 462 -1.58 -16.13 17.42
CA SER C 462 -0.09 -15.85 17.39
C SER C 462 0.66 -16.99 16.80
N THR C 463 0.03 -18.15 16.98
CA THR C 463 0.47 -19.48 16.63
C THR C 463 -0.01 -19.69 15.26
N GLY C 464 -0.97 -20.60 15.13
CA GLY C 464 -1.51 -21.04 13.84
C GLY C 464 -0.61 -20.82 12.62
N ALA C 465 -0.12 -19.59 12.43
CA ALA C 465 0.71 -19.24 11.30
C ALA C 465 2.01 -19.97 11.37
N ILE C 466 2.23 -20.65 12.49
CA ILE C 466 3.45 -21.40 12.70
C ILE C 466 3.21 -22.77 12.18
N TYR C 467 2.04 -23.33 12.52
CA TYR C 467 1.52 -24.59 11.95
C TYR C 467 1.30 -24.57 10.42
N ARG C 468 0.58 -23.54 9.92
CA ARG C 468 0.38 -23.30 8.50
C ARG C 468 1.68 -23.50 7.67
N GLN C 469 2.79 -23.43 8.33
CA GLN C 469 4.01 -23.56 7.64
C GLN C 469 4.28 -25.07 7.45
N PHE C 470 4.15 -25.85 8.51
CA PHE C 470 4.27 -27.28 8.34
C PHE C 470 3.24 -27.69 7.30
N SER C 471 1.96 -27.49 7.66
CA SER C 471 0.84 -27.82 6.80
C SER C 471 1.25 -27.67 5.39
N ILE C 472 1.49 -26.44 4.91
CA ILE C 472 1.62 -26.21 3.48
C ILE C 472 2.78 -26.91 2.87
N THR C 473 3.93 -26.75 3.53
CA THR C 473 5.13 -27.44 3.12
C THR C 473 4.80 -28.86 2.79
N ILE C 474 4.27 -29.62 3.77
CA ILE C 474 3.96 -31.03 3.57
C ILE C 474 2.75 -31.30 2.66
N VAL C 475 1.59 -30.64 2.80
CA VAL C 475 0.51 -30.84 1.84
C VAL C 475 1.09 -30.77 0.45
N SER C 476 1.90 -29.79 0.12
CA SER C 476 2.62 -29.92 -1.14
C SER C 476 3.84 -30.82 -0.90
N ALA C 477 4.79 -30.91 -1.82
CA ALA C 477 5.96 -31.76 -1.52
C ALA C 477 5.55 -33.25 -1.32
N MET C 478 4.28 -33.45 -0.97
CA MET C 478 3.59 -34.74 -0.91
C MET C 478 2.84 -34.93 -2.20
N ALA C 479 2.16 -33.89 -2.65
CA ALA C 479 1.63 -33.82 -3.98
C ALA C 479 2.73 -34.06 -5.02
N LEU C 480 3.93 -33.45 -4.86
CA LEU C 480 5.06 -33.61 -5.83
C LEU C 480 5.49 -35.05 -5.85
N SER C 481 5.42 -35.66 -4.68
CA SER C 481 5.62 -37.10 -4.53
C SER C 481 4.82 -37.88 -5.61
N VAL C 482 3.51 -37.66 -5.64
CA VAL C 482 2.62 -38.27 -6.61
C VAL C 482 2.89 -37.86 -8.06
N LEU C 483 3.26 -36.63 -8.35
CA LEU C 483 3.65 -36.41 -9.70
C LEU C 483 4.94 -37.18 -10.02
N VAL C 484 5.90 -37.25 -9.09
CA VAL C 484 7.15 -37.98 -9.34
C VAL C 484 6.74 -39.41 -9.57
N ALA C 485 5.86 -39.88 -8.68
CA ALA C 485 5.29 -41.22 -8.74
C ALA C 485 4.59 -41.65 -10.06
N LEU C 486 4.01 -40.72 -10.78
CA LEU C 486 3.32 -41.09 -11.98
C LEU C 486 4.18 -40.67 -13.13
N ILE C 487 5.34 -40.12 -12.85
CA ILE C 487 6.21 -39.67 -13.89
C ILE C 487 7.63 -40.18 -13.77
N LEU C 488 8.32 -39.76 -12.72
CA LEU C 488 9.70 -40.17 -12.59
C LEU C 488 9.86 -41.63 -12.21
N THR C 489 9.34 -41.98 -11.04
CA THR C 489 9.54 -43.32 -10.51
C THR C 489 9.02 -44.46 -11.38
N PRO C 490 7.87 -44.30 -12.09
CA PRO C 490 7.45 -45.45 -12.92
C PRO C 490 8.49 -45.77 -14.00
N ALA C 491 8.67 -44.91 -15.00
CA ALA C 491 9.68 -45.17 -16.00
C ALA C 491 10.87 -45.05 -15.16
N LEU C 492 12.04 -44.94 -15.77
CA LEU C 492 13.28 -44.83 -14.99
C LEU C 492 13.52 -46.02 -14.02
N CYS C 493 12.45 -46.59 -13.49
CA CYS C 493 12.46 -47.92 -12.89
C CYS C 493 11.80 -48.92 -13.89
N ALA C 494 11.73 -48.51 -15.14
CA ALA C 494 11.55 -49.38 -16.27
C ALA C 494 12.55 -48.84 -17.26
N THR C 495 13.77 -48.58 -16.77
CA THR C 495 14.86 -48.02 -17.59
C THR C 495 16.14 -48.65 -17.07
N MET C 496 16.28 -48.67 -15.76
CA MET C 496 17.56 -49.01 -15.17
C MET C 496 17.31 -49.94 -13.98
N LEU C 497 16.05 -50.33 -13.77
CA LEU C 497 15.79 -51.45 -12.85
C LEU C 497 16.46 -52.81 -13.34
N LYS C 498 16.26 -53.90 -12.58
CA LYS C 498 16.65 -55.27 -13.01
C LYS C 498 18.12 -55.32 -13.45
N PHE C 513 25.77 -65.13 2.15
CA PHE C 513 24.49 -64.64 1.63
C PHE C 513 23.32 -65.70 1.64
N GLY C 514 23.65 -67.01 1.88
CA GLY C 514 22.66 -68.07 2.21
C GLY C 514 22.07 -67.87 3.61
N TRP C 515 22.92 -67.31 4.50
CA TRP C 515 22.61 -66.83 5.92
C TRP C 515 22.44 -65.27 6.00
N PHE C 516 22.21 -64.67 4.83
CA PHE C 516 22.15 -63.23 4.60
C PHE C 516 20.74 -62.88 4.12
N ASN C 517 20.58 -62.89 2.78
CA ASN C 517 19.30 -62.65 2.16
C ASN C 517 18.23 -63.39 2.99
N ARG C 518 18.40 -64.70 3.09
CA ARG C 518 17.46 -65.58 3.76
C ARG C 518 16.92 -65.21 5.15
N MET C 519 17.64 -64.35 5.88
CA MET C 519 17.06 -63.61 7.03
C MET C 519 15.55 -63.30 6.90
N PHE C 520 15.19 -62.29 6.09
CA PHE C 520 13.75 -61.84 6.03
C PHE C 520 12.94 -63.04 5.62
N GLU C 521 12.96 -63.36 4.33
CA GLU C 521 12.18 -64.49 3.74
C GLU C 521 11.86 -65.73 4.70
N LYS C 522 12.87 -66.19 5.46
CA LYS C 522 12.67 -67.26 6.45
C LYS C 522 11.74 -66.73 7.53
N SER C 523 12.07 -65.51 8.00
CA SER C 523 11.36 -64.84 9.09
C SER C 523 10.05 -64.14 8.67
N THR C 524 9.79 -64.11 7.35
CA THR C 524 8.54 -63.64 6.83
C THR C 524 7.41 -64.64 7.15
N HIS C 525 7.47 -65.89 6.62
CA HIS C 525 6.40 -66.92 6.88
C HIS C 525 6.10 -66.93 8.37
N HIS C 526 7.17 -66.91 9.17
CA HIS C 526 7.11 -66.87 10.64
C HIS C 526 6.26 -65.72 11.12
N TYR C 527 6.29 -64.64 10.35
CA TYR C 527 5.38 -63.54 10.50
C TYR C 527 4.03 -64.02 9.89
N THR C 528 4.02 -64.41 8.61
CA THR C 528 2.76 -64.78 7.98
C THR C 528 2.04 -65.90 8.74
N ASP C 529 2.68 -66.45 9.78
CA ASP C 529 2.14 -67.62 10.50
C ASP C 529 1.43 -67.14 11.75
N SER C 530 2.25 -66.51 12.58
CA SER C 530 1.89 -65.71 13.77
C SER C 530 0.64 -64.79 13.60
N VAL C 531 0.41 -64.45 12.35
CA VAL C 531 -0.76 -63.74 12.00
C VAL C 531 -1.97 -64.69 11.88
N GLY C 532 -3.11 -64.08 11.58
CA GLY C 532 -4.38 -64.76 11.55
C GLY C 532 -4.52 -65.57 12.83
N GLY C 533 -3.67 -66.63 12.95
CA GLY C 533 -3.67 -67.56 14.08
C GLY C 533 -4.10 -66.80 15.32
N ILE C 534 -3.55 -65.60 15.41
CA ILE C 534 -3.89 -64.64 16.42
C ILE C 534 -5.44 -64.34 16.72
N LEU C 535 -5.67 -63.85 17.96
CA LEU C 535 -6.99 -63.63 18.56
C LEU C 535 -7.93 -64.83 18.51
N ARG C 536 -7.51 -65.95 17.91
CA ARG C 536 -8.28 -67.24 17.92
C ARG C 536 -8.63 -67.87 19.34
N SER C 537 -8.19 -69.13 19.66
CA SER C 537 -8.55 -69.80 20.95
C SER C 537 -8.08 -69.03 22.23
N THR C 538 -7.82 -67.71 22.02
CA THR C 538 -7.65 -66.64 23.03
C THR C 538 -7.77 -65.20 22.41
N GLY C 539 -8.99 -64.62 22.48
CA GLY C 539 -9.34 -63.27 21.87
C GLY C 539 -8.65 -62.03 22.47
N ARG C 540 -7.76 -62.32 23.41
CA ARG C 540 -6.82 -61.43 24.09
C ARG C 540 -6.24 -60.22 23.34
N TYR C 541 -6.07 -60.37 22.01
CA TYR C 541 -5.52 -59.31 21.16
C TYR C 541 -6.48 -58.15 20.91
N LEU C 542 -7.76 -58.43 20.58
CA LEU C 542 -8.73 -57.34 20.35
C LEU C 542 -8.95 -56.58 21.67
N VAL C 543 -8.62 -57.21 22.79
CA VAL C 543 -8.63 -56.51 24.08
C VAL C 543 -7.37 -55.65 24.23
N LEU C 544 -6.21 -56.24 23.95
CA LEU C 544 -4.90 -55.55 23.90
C LEU C 544 -4.94 -54.13 23.29
N TYR C 545 -5.71 -53.95 22.21
CA TYR C 545 -5.97 -52.61 21.73
C TYR C 545 -6.57 -51.75 22.82
N LEU C 546 -7.86 -51.91 23.13
CA LEU C 546 -8.44 -51.15 24.26
C LEU C 546 -7.42 -50.86 25.41
N ILE C 547 -6.49 -51.81 25.68
CA ILE C 547 -5.36 -51.56 26.62
C ILE C 547 -4.35 -50.50 26.09
N ILE C 548 -3.57 -50.86 25.05
CA ILE C 548 -2.69 -49.88 24.38
C ILE C 548 -3.40 -48.50 24.18
N VAL C 549 -4.72 -48.49 23.91
CA VAL C 549 -5.49 -47.23 23.72
C VAL C 549 -5.65 -46.50 25.05
N VAL C 550 -6.51 -47.01 25.94
CA VAL C 550 -6.51 -46.50 27.29
C VAL C 550 -5.03 -46.30 27.70
N GLY C 551 -4.10 -46.99 26.99
CA GLY C 551 -2.64 -46.77 27.14
C GLY C 551 -2.21 -45.30 27.00
N MET C 552 -2.45 -44.73 25.82
CA MET C 552 -2.47 -43.27 25.62
C MET C 552 -3.69 -42.69 26.37
N ALA C 553 -4.06 -41.44 26.15
CA ALA C 553 -5.07 -40.82 27.02
C ALA C 553 -4.51 -40.70 28.48
N TYR C 554 -4.04 -41.82 29.02
CA TYR C 554 -3.09 -41.77 30.13
C TYR C 554 -1.81 -41.40 29.45
N LEU C 555 -0.89 -40.76 30.18
CA LEU C 555 0.34 -40.27 29.56
C LEU C 555 0.05 -39.02 28.69
N PHE C 556 -1.04 -39.04 27.93
CA PHE C 556 -1.47 -37.86 27.19
C PHE C 556 -1.88 -36.71 28.13
N VAL C 557 -2.48 -37.03 29.27
CA VAL C 557 -2.84 -35.90 30.10
C VAL C 557 -1.72 -35.70 31.05
N ARG C 558 -0.85 -36.70 31.17
CA ARG C 558 0.27 -36.57 32.10
C ARG C 558 1.34 -35.68 31.48
N LEU C 559 1.51 -35.78 30.15
CA LEU C 559 2.54 -35.01 29.39
C LEU C 559 2.09 -33.56 29.20
N PRO C 560 2.85 -32.61 29.77
CA PRO C 560 2.44 -31.23 29.64
C PRO C 560 2.83 -30.64 28.26
N SER C 561 2.10 -29.58 27.88
CA SER C 561 2.19 -29.03 26.55
C SER C 561 2.90 -27.72 26.55
N SER C 562 3.48 -27.41 25.40
CA SER C 562 4.20 -26.18 25.20
C SER C 562 4.29 -25.82 23.74
N PHE C 563 4.53 -24.52 23.48
CA PHE C 563 4.59 -23.93 22.15
C PHE C 563 5.90 -24.23 21.49
N LEU C 564 6.90 -23.46 21.86
CA LEU C 564 8.18 -23.67 21.25
C LEU C 564 9.29 -23.77 22.30
N PRO C 565 10.18 -24.83 22.16
CA PRO C 565 11.26 -25.12 23.12
C PRO C 565 12.44 -24.15 22.97
N ASP C 566 12.52 -23.28 23.95
CA ASP C 566 13.53 -22.29 24.11
C ASP C 566 14.91 -22.79 23.71
N GLU C 567 15.68 -22.01 22.97
CA GLU C 567 17.03 -22.48 22.53
C GLU C 567 18.28 -21.62 22.75
N ASP C 568 19.42 -22.25 22.61
CA ASP C 568 20.64 -21.61 22.94
C ASP C 568 21.12 -20.90 21.70
N GLN C 569 20.83 -19.60 21.61
CA GLN C 569 21.16 -18.87 20.37
C GLN C 569 22.59 -18.46 20.43
N GLY C 570 23.19 -18.61 21.58
CA GLY C 570 24.58 -18.26 21.66
C GLY C 570 24.79 -16.86 22.21
N VAL C 571 23.80 -16.35 22.92
CA VAL C 571 23.74 -14.94 23.34
C VAL C 571 22.55 -14.68 24.24
N PHE C 572 22.79 -13.92 25.28
CA PHE C 572 21.71 -13.45 26.17
C PHE C 572 21.99 -12.09 26.79
N MET C 573 21.00 -11.55 27.44
CA MET C 573 21.43 -10.32 28.01
C MET C 573 21.18 -10.37 29.49
N THR C 574 21.70 -9.41 30.27
CA THR C 574 21.48 -9.35 31.72
C THR C 574 20.89 -8.04 32.10
N MET C 575 19.75 -8.03 32.79
CA MET C 575 19.22 -6.73 33.29
C MET C 575 20.13 -6.24 34.38
N VAL C 576 19.86 -5.05 34.94
CA VAL C 576 20.50 -4.61 36.20
C VAL C 576 19.82 -3.49 36.90
N GLN C 577 18.59 -3.20 36.52
CA GLN C 577 17.77 -2.12 37.17
C GLN C 577 17.85 -1.96 38.70
N LEU C 578 18.67 -1.01 39.18
CA LEU C 578 18.79 -0.67 40.60
C LEU C 578 17.51 -0.05 40.98
N PRO C 579 17.36 0.37 42.23
CA PRO C 579 16.13 1.13 42.55
C PRO C 579 16.26 2.53 42.17
N ALA C 580 15.11 3.09 41.82
CA ALA C 580 14.86 4.48 41.50
C ALA C 580 15.64 5.43 42.35
N GLY C 581 16.63 6.11 41.74
CA GLY C 581 17.30 7.26 42.38
C GLY C 581 18.70 6.92 42.77
N ALA C 582 19.10 5.72 42.45
CA ALA C 582 20.47 5.35 42.56
C ALA C 582 21.33 6.35 41.79
N THR C 583 22.63 6.19 41.86
CA THR C 583 23.49 7.07 41.15
C THR C 583 24.11 6.39 39.94
N GLN C 584 24.56 7.20 38.98
CA GLN C 584 25.11 6.66 37.78
C GLN C 584 26.33 5.91 38.12
N GLU C 585 27.14 6.52 38.96
CA GLU C 585 28.37 5.92 39.49
C GLU C 585 28.15 4.55 40.21
N ARG C 586 27.09 4.40 40.98
CA ARG C 586 26.73 3.13 41.58
C ARG C 586 26.24 2.14 40.54
N THR C 587 25.25 2.56 39.74
CA THR C 587 24.71 1.74 38.67
C THR C 587 25.89 1.04 37.99
N GLN C 588 27.01 1.76 37.78
CA GLN C 588 28.17 1.18 37.04
C GLN C 588 28.80 0.07 37.82
N LYS C 589 29.10 0.34 39.09
CA LYS C 589 29.53 -0.69 40.01
C LYS C 589 28.83 -2.02 39.76
N VAL C 590 27.51 -2.00 39.85
CA VAL C 590 26.73 -3.20 39.71
C VAL C 590 27.10 -3.82 38.35
N LEU C 591 27.28 -2.97 37.33
CA LEU C 591 27.44 -3.43 35.94
C LEU C 591 28.73 -4.19 35.85
N ASN C 592 29.83 -3.48 36.08
CA ASN C 592 31.03 -4.14 36.50
C ASN C 592 30.66 -5.24 37.48
N GLU C 593 31.46 -6.30 37.51
CA GLU C 593 31.19 -7.33 38.48
C GLU C 593 30.30 -8.28 37.76
N VAL C 594 29.14 -7.82 37.28
CA VAL C 594 28.45 -8.64 36.32
C VAL C 594 29.50 -8.79 35.22
N THR C 595 30.09 -7.66 34.85
CA THR C 595 31.00 -7.66 33.74
C THR C 595 32.15 -8.47 34.16
N HIS C 596 32.38 -8.51 35.45
CA HIS C 596 33.47 -9.30 35.92
C HIS C 596 33.21 -10.77 36.22
N TYR C 597 32.15 -11.07 36.99
CA TYR C 597 31.72 -12.44 37.17
C TYR C 597 31.84 -13.23 35.88
N TYR C 598 31.16 -12.77 34.83
CA TYR C 598 31.15 -13.50 33.57
C TYR C 598 32.59 -13.69 33.13
N LEU C 599 33.36 -12.59 33.25
CA LEU C 599 34.75 -12.55 32.72
C LEU C 599 35.62 -13.61 33.31
N THR C 600 35.71 -13.63 34.65
CA THR C 600 36.45 -14.63 35.40
C THR C 600 35.81 -16.01 35.32
N LYS C 601 34.74 -16.24 36.11
CA LYS C 601 34.08 -17.56 36.23
C LYS C 601 33.72 -18.20 34.90
N GLU C 602 32.51 -17.97 34.41
CA GLU C 602 32.09 -18.64 33.20
C GLU C 602 32.86 -18.15 32.00
N LYS C 603 34.16 -17.90 32.15
CA LYS C 603 34.98 -17.51 31.01
C LYS C 603 35.19 -18.59 29.98
N ASN C 604 34.89 -19.82 30.32
CA ASN C 604 35.01 -20.83 29.28
C ASN C 604 33.88 -20.67 28.29
N ASN C 605 32.89 -19.92 28.71
CA ASN C 605 31.76 -19.69 27.86
C ASN C 605 31.67 -18.24 27.36
N VAL C 606 31.72 -17.30 28.30
CA VAL C 606 31.50 -15.90 28.03
C VAL C 606 32.65 -15.37 27.20
N GLU C 607 32.45 -15.22 25.92
CA GLU C 607 33.42 -14.72 24.98
C GLU C 607 33.43 -13.20 24.90
N SER C 608 32.35 -12.55 25.31
CA SER C 608 32.30 -11.09 25.36
C SER C 608 31.12 -10.53 26.17
N VAL C 609 31.28 -9.27 26.56
CA VAL C 609 30.42 -8.59 27.53
C VAL C 609 30.42 -7.13 27.17
N PHE C 610 29.38 -6.73 26.48
CA PHE C 610 29.21 -5.31 26.19
C PHE C 610 28.42 -4.55 27.26
N ALA C 611 29.03 -4.21 28.36
CA ALA C 611 28.34 -3.56 29.46
C ALA C 611 27.84 -2.20 29.11
N VAL C 612 26.55 -1.93 29.35
CA VAL C 612 26.01 -0.62 29.08
C VAL C 612 25.22 0.04 30.25
N ASN C 613 25.66 1.14 30.79
CA ASN C 613 24.86 1.69 31.87
C ASN C 613 24.26 3.05 31.58
N GLY C 614 22.97 3.20 31.95
CA GLY C 614 22.11 4.36 31.71
C GLY C 614 20.93 3.89 30.85
N PHE C 615 21.07 2.68 30.26
CA PHE C 615 20.15 2.14 29.19
C PHE C 615 18.97 1.30 29.66
N GLY C 616 17.84 2.02 29.87
CA GLY C 616 16.50 1.47 30.22
C GLY C 616 15.81 0.82 29.04
N PHE C 617 15.33 -0.39 29.32
CA PHE C 617 14.68 -1.15 28.28
C PHE C 617 13.28 -0.62 28.14
N ALA C 618 12.72 -0.11 29.25
CA ALA C 618 11.47 0.63 29.15
C ALA C 618 11.68 2.08 29.36
N GLY C 619 12.75 2.61 28.80
CA GLY C 619 13.11 4.02 28.97
C GLY C 619 14.37 4.39 29.75
N ARG C 620 15.18 5.29 29.17
CA ARG C 620 16.44 5.77 29.72
C ARG C 620 16.34 5.91 31.21
N GLY C 621 17.47 5.88 31.88
CA GLY C 621 17.51 6.14 33.31
C GLY C 621 18.89 5.92 33.91
N GLN C 622 19.22 6.80 34.83
CA GLN C 622 20.45 6.71 35.58
C GLN C 622 20.53 5.48 36.53
N ASN C 623 19.40 4.78 36.68
CA ASN C 623 19.23 3.64 37.55
C ASN C 623 19.13 2.33 36.80
N THR C 624 19.00 2.23 35.49
CA THR C 624 19.05 0.88 34.93
C THR C 624 20.26 0.76 34.09
N GLY C 625 20.48 -0.46 33.58
CA GLY C 625 21.61 -0.77 32.69
C GLY C 625 21.35 -2.08 32.02
N ILE C 626 22.22 -2.45 31.12
CA ILE C 626 22.02 -3.70 30.41
C ILE C 626 23.38 -4.43 30.14
N ALA C 627 23.37 -5.76 30.06
CA ALA C 627 24.62 -6.39 29.59
C ALA C 627 24.60 -7.35 28.42
N PHE C 628 24.85 -6.92 27.20
CA PHE C 628 24.93 -7.98 26.20
C PHE C 628 26.18 -8.96 26.35
N VAL C 629 25.92 -10.14 26.95
CA VAL C 629 26.82 -11.24 27.03
C VAL C 629 26.76 -12.07 25.77
N SER C 630 27.93 -12.56 25.32
CA SER C 630 28.04 -13.28 24.05
C SER C 630 28.89 -14.49 24.26
N LEU C 631 28.37 -15.70 23.99
CA LEU C 631 29.13 -17.00 24.21
C LEU C 631 30.15 -17.39 23.14
N LYS C 632 30.58 -18.65 23.18
CA LYS C 632 31.43 -19.30 22.12
C LYS C 632 30.66 -20.02 21.03
N ASP C 633 31.35 -20.91 20.31
CA ASP C 633 30.73 -21.54 19.16
C ASP C 633 29.90 -22.76 19.47
N TRP C 634 29.40 -22.90 20.71
CA TRP C 634 28.52 -24.03 21.08
C TRP C 634 29.38 -25.30 21.13
N ALA C 635 29.88 -25.61 19.95
CA ALA C 635 30.73 -26.72 19.68
C ALA C 635 31.80 -26.71 20.76
N ASP C 636 32.14 -25.52 21.22
CA ASP C 636 33.11 -25.41 22.29
C ASP C 636 32.52 -25.59 23.67
N ARG C 637 31.21 -25.82 23.76
CA ARG C 637 30.54 -25.89 25.06
C ARG C 637 29.55 -27.05 25.17
N PRO C 638 30.08 -28.31 25.24
CA PRO C 638 29.33 -29.61 25.26
C PRO C 638 28.58 -29.81 26.57
N GLY C 639 27.48 -30.57 26.57
CA GLY C 639 26.66 -30.76 27.79
C GLY C 639 25.94 -29.55 28.38
N GLU C 640 24.71 -29.80 28.86
CA GLU C 640 23.67 -28.74 29.19
C GLU C 640 24.10 -27.67 30.22
N GLU C 641 25.26 -27.93 30.81
CA GLU C 641 25.90 -27.12 31.85
C GLU C 641 26.43 -25.85 31.17
N ASN C 642 26.85 -25.99 29.92
CA ASN C 642 27.30 -24.86 29.11
C ASN C 642 26.24 -24.29 28.18
N LYS C 643 24.99 -24.61 28.52
CA LYS C 643 23.83 -24.07 27.82
C LYS C 643 23.48 -22.72 28.41
N VAL C 644 23.13 -21.81 27.54
CA VAL C 644 22.50 -20.62 27.99
C VAL C 644 21.56 -20.88 29.18
N GLU C 645 20.91 -22.04 29.25
CA GLU C 645 19.96 -22.17 30.34
C GLU C 645 20.71 -22.31 31.63
N ALA C 646 21.60 -23.30 31.68
CA ALA C 646 22.41 -23.45 32.91
C ALA C 646 23.32 -22.23 33.14
N ILE C 647 23.99 -21.75 32.10
CA ILE C 647 24.97 -20.66 32.24
C ILE C 647 24.31 -19.57 33.01
N THR C 648 23.02 -19.38 32.72
CA THR C 648 22.26 -18.22 33.13
C THR C 648 21.43 -18.54 34.30
N MET C 649 21.52 -19.79 34.70
CA MET C 649 20.88 -20.19 35.93
C MET C 649 21.86 -19.78 37.04
N ARG C 650 23.03 -20.42 37.09
CA ARG C 650 23.91 -20.11 38.20
C ARG C 650 24.27 -18.63 38.16
N ALA C 651 24.48 -18.13 36.94
CA ALA C 651 24.71 -16.69 36.73
C ALA C 651 23.79 -15.84 37.56
N THR C 652 22.52 -16.20 37.69
CA THR C 652 21.61 -15.44 38.54
C THR C 652 21.75 -15.69 40.03
N ARG C 653 21.95 -16.95 40.42
CA ARG C 653 22.19 -17.29 41.85
C ARG C 653 23.37 -16.50 42.42
N ALA C 654 24.49 -16.45 41.68
CA ALA C 654 25.64 -15.58 42.04
C ALA C 654 25.31 -14.08 42.25
N PHE C 655 24.54 -13.53 41.32
CA PHE C 655 23.91 -12.27 41.56
C PHE C 655 22.72 -12.58 42.43
N SER C 656 21.96 -11.55 42.76
CA SER C 656 20.92 -11.69 43.82
C SER C 656 21.58 -12.00 45.17
N GLN C 657 22.89 -12.06 45.13
CA GLN C 657 23.66 -12.29 46.30
C GLN C 657 24.30 -10.95 46.54
N ILE C 658 25.64 -10.97 46.64
CA ILE C 658 26.53 -9.79 46.63
C ILE C 658 25.96 -8.54 45.85
N LYS C 659 24.79 -8.65 45.23
CA LYS C 659 24.24 -7.48 44.62
C LYS C 659 23.04 -6.97 45.42
N ASP C 660 23.19 -5.74 45.91
CA ASP C 660 22.13 -4.91 46.52
C ASP C 660 21.10 -4.32 45.51
N ALA C 661 21.17 -4.70 44.22
CA ALA C 661 20.14 -4.36 43.19
C ALA C 661 19.49 -5.61 42.53
N MET C 662 18.25 -5.50 42.08
CA MET C 662 17.60 -6.62 41.41
C MET C 662 18.25 -6.95 40.05
N VAL C 663 19.49 -7.43 40.03
CA VAL C 663 20.21 -7.84 38.80
C VAL C 663 19.56 -9.14 38.33
N PHE C 664 19.89 -9.64 37.13
CA PHE C 664 19.49 -10.99 36.69
C PHE C 664 19.68 -11.16 35.21
N ALA C 665 19.99 -12.42 34.86
CA ALA C 665 20.26 -12.81 33.46
C ALA C 665 19.22 -13.82 32.93
N PHE C 666 18.93 -13.81 31.61
CA PHE C 666 17.94 -14.72 31.03
C PHE C 666 18.06 -14.85 29.51
N ASN C 667 17.62 -16.01 29.00
CA ASN C 667 17.70 -16.29 27.57
C ASN C 667 16.32 -16.03 26.96
N LEU C 668 16.24 -15.02 26.11
CA LEU C 668 15.08 -14.66 25.37
C LEU C 668 14.52 -15.89 24.68
N PRO C 669 13.17 -16.05 24.62
CA PRO C 669 12.54 -17.27 24.07
C PRO C 669 12.40 -17.17 22.59
N ALA C 670 13.07 -18.05 21.84
CA ALA C 670 13.04 -17.93 20.35
C ALA C 670 11.58 -17.87 19.76
N ILE C 671 11.43 -17.17 18.60
CA ILE C 671 10.14 -17.14 17.80
C ILE C 671 8.97 -16.56 18.70
N VAL C 672 9.31 -16.23 19.95
CA VAL C 672 8.32 -15.82 20.92
C VAL C 672 8.35 -14.29 21.14
N GLU C 673 8.05 -13.61 20.02
CA GLU C 673 7.59 -12.21 20.06
C GLU C 673 6.26 -12.10 20.83
N LEU C 674 6.28 -12.58 22.09
CA LEU C 674 5.05 -12.77 22.78
C LEU C 674 4.38 -13.94 22.14
N GLY C 675 4.37 -15.05 22.87
CA GLY C 675 3.63 -16.24 22.40
C GLY C 675 3.45 -17.12 23.62
N THR C 676 4.55 -17.22 24.34
CA THR C 676 4.72 -18.00 25.58
C THR C 676 5.87 -17.25 26.30
N ALA C 677 5.49 -16.14 26.94
CA ALA C 677 6.36 -15.42 27.86
C ALA C 677 6.03 -15.81 29.31
N THR C 678 5.03 -16.69 29.45
CA THR C 678 4.71 -17.36 30.72
C THR C 678 4.32 -16.35 31.82
N GLY C 679 3.04 -16.32 32.18
CA GLY C 679 2.46 -15.29 33.06
C GLY C 679 1.49 -14.29 32.43
N PHE C 680 1.49 -13.08 32.97
CA PHE C 680 0.48 -12.09 32.56
C PHE C 680 0.89 -10.67 32.80
N ASP C 681 0.52 -9.74 31.89
CA ASP C 681 0.45 -8.23 32.17
C ASP C 681 -0.94 -7.86 32.67
N PHE C 682 -1.03 -7.19 33.80
CA PHE C 682 -2.28 -6.73 34.31
C PHE C 682 -2.20 -5.29 34.55
N GLU C 683 -2.50 -4.51 33.53
CA GLU C 683 -2.46 -3.04 33.71
C GLU C 683 -3.58 -2.63 34.63
N LEU C 684 -3.26 -1.76 35.59
CA LEU C 684 -4.23 -1.51 36.63
C LEU C 684 -4.78 -0.12 36.61
N ILE C 685 -5.69 0.17 35.69
CA ILE C 685 -6.04 1.55 35.37
C ILE C 685 -6.86 2.41 36.41
N ASP C 686 -6.74 3.72 36.33
CA ASP C 686 -7.47 4.62 37.23
C ASP C 686 -8.68 5.24 36.52
N GLN C 687 -9.83 4.59 36.71
CA GLN C 687 -10.97 4.78 35.84
C GLN C 687 -11.73 6.04 36.10
N ALA C 688 -11.39 6.72 37.18
CA ALA C 688 -12.01 7.95 37.57
C ALA C 688 -10.98 8.97 38.03
N GLY C 689 -11.46 10.13 38.48
CA GLY C 689 -10.55 11.30 38.59
C GLY C 689 -9.51 11.04 39.65
N LEU C 690 -9.50 9.79 40.13
CA LEU C 690 -8.63 9.33 41.22
C LEU C 690 -7.35 10.13 41.46
N GLY C 691 -6.31 9.73 40.70
CA GLY C 691 -4.97 10.31 40.69
C GLY C 691 -3.84 9.30 41.01
N HIS C 692 -2.59 9.78 40.87
CA HIS C 692 -1.48 8.96 41.24
C HIS C 692 -1.41 8.24 42.58
N GLU C 693 -1.71 8.96 43.69
CA GLU C 693 -1.49 8.42 45.04
C GLU C 693 -2.49 7.31 45.19
N LYS C 694 -3.76 7.70 45.28
CA LYS C 694 -4.82 6.69 45.40
C LYS C 694 -4.40 5.40 44.66
N LEU C 695 -3.92 5.57 43.45
CA LEU C 695 -3.79 4.46 42.53
C LEU C 695 -2.70 3.60 43.04
N THR C 696 -1.50 4.18 43.25
CA THR C 696 -0.45 3.49 44.04
C THR C 696 -1.19 2.61 45.03
N GLN C 697 -1.56 3.12 46.20
CA GLN C 697 -2.53 2.42 47.08
C GLN C 697 -3.37 1.32 46.43
N ALA C 698 -4.27 1.67 45.53
CA ALA C 698 -5.15 0.66 45.12
C ALA C 698 -4.32 -0.49 44.66
N ARG C 699 -3.21 -0.23 44.00
CA ARG C 699 -2.35 -1.34 43.59
C ARG C 699 -1.86 -2.03 44.85
N ASN C 700 -1.22 -1.24 45.71
CA ASN C 700 -0.73 -1.77 46.92
C ASN C 700 -1.67 -2.85 47.47
N GLN C 701 -2.98 -2.55 47.57
CA GLN C 701 -3.91 -3.57 48.07
C GLN C 701 -3.82 -4.83 47.19
N LEU C 702 -4.27 -4.75 45.93
CA LEU C 702 -4.28 -5.87 44.99
C LEU C 702 -2.98 -6.64 45.01
N LEU C 703 -1.88 -5.89 45.13
CA LEU C 703 -0.59 -6.50 45.30
C LEU C 703 -0.48 -7.32 46.60
N ALA C 704 -1.01 -6.72 47.67
CA ALA C 704 -1.07 -7.33 48.98
C ALA C 704 -1.71 -8.74 48.94
N GLU C 705 -2.96 -8.81 48.49
CA GLU C 705 -3.69 -10.05 48.49
C GLU C 705 -2.92 -11.04 47.67
N ALA C 706 -2.57 -10.67 46.44
CA ALA C 706 -1.68 -11.48 45.61
C ALA C 706 -0.78 -12.35 46.46
N ALA C 707 -0.37 -11.78 47.59
CA ALA C 707 0.59 -12.50 48.39
C ALA C 707 -0.01 -13.63 49.25
N LYS C 708 -1.25 -13.42 49.69
CA LYS C 708 -1.89 -14.27 50.63
C LYS C 708 -2.32 -15.47 49.84
N HIS C 709 -2.48 -15.38 48.54
CA HIS C 709 -2.88 -16.56 47.81
C HIS C 709 -1.72 -17.24 47.14
N PRO C 710 -0.62 -17.50 47.84
CA PRO C 710 0.48 -17.99 47.04
C PRO C 710 0.23 -19.43 46.97
N ASP C 711 -0.92 -19.80 47.56
CA ASP C 711 -1.37 -21.19 47.65
C ASP C 711 -1.01 -21.79 46.29
N MET C 712 -1.52 -21.15 45.23
CA MET C 712 -1.13 -21.50 43.88
C MET C 712 0.11 -20.75 43.58
N LEU C 713 0.83 -21.20 42.52
CA LEU C 713 2.09 -20.54 42.03
C LEU C 713 1.78 -19.15 41.41
N THR C 714 2.44 -18.13 42.02
CA THR C 714 2.27 -16.71 41.76
C THR C 714 3.68 -16.13 42.06
N SER C 715 3.84 -14.80 41.81
CA SER C 715 5.09 -13.90 41.88
C SER C 715 4.80 -12.43 41.42
N VAL C 716 3.55 -12.07 41.59
CA VAL C 716 3.01 -10.73 41.32
C VAL C 716 3.96 -9.58 41.74
N ARG C 717 3.79 -8.37 41.14
CA ARG C 717 4.75 -7.22 41.21
C ARG C 717 4.45 -6.20 40.13
N PRO C 718 4.84 -4.90 40.32
CA PRO C 718 4.89 -3.75 39.45
C PRO C 718 6.09 -3.64 38.51
N ASN C 719 6.12 -2.61 37.63
CA ASN C 719 7.44 -2.12 37.09
C ASN C 719 7.94 -0.74 37.62
N GLY C 720 9.01 -0.77 38.43
CA GLY C 720 9.90 0.39 38.71
C GLY C 720 9.46 1.87 38.63
N LEU C 721 8.18 2.07 38.89
CA LEU C 721 7.62 3.38 39.00
C LEU C 721 7.55 3.74 40.50
N GLU C 722 8.43 3.16 41.34
CA GLU C 722 8.40 3.44 42.82
C GLU C 722 8.69 4.92 43.15
N ASP C 723 7.80 5.55 43.93
CA ASP C 723 7.83 7.00 44.03
C ASP C 723 9.06 7.41 44.75
N THR C 724 9.85 8.34 44.20
CA THR C 724 11.12 8.83 44.77
C THR C 724 10.91 10.26 45.32
N PRO C 725 11.74 10.66 46.29
CA PRO C 725 11.82 12.09 46.78
C PRO C 725 12.18 13.11 45.74
N GLN C 726 11.47 14.20 45.75
CA GLN C 726 11.63 15.19 44.75
C GLN C 726 11.81 16.36 45.61
N PHE C 727 12.17 17.52 45.07
CA PHE C 727 12.54 18.71 45.85
C PHE C 727 11.78 19.80 45.13
N LYS C 728 10.67 20.18 45.72
CA LYS C 728 9.97 21.26 45.14
C LYS C 728 10.88 22.46 45.27
N ILE C 729 10.46 23.54 44.56
CA ILE C 729 11.00 24.91 44.73
C ILE C 729 9.90 25.85 44.34
N ASP C 730 9.18 26.48 45.27
CA ASP C 730 7.98 27.18 44.84
C ASP C 730 8.24 28.66 44.60
N ILE C 731 8.40 29.12 43.36
CA ILE C 731 8.66 30.62 43.15
C ILE C 731 7.48 31.50 43.60
N ASP C 732 7.74 32.51 44.44
CA ASP C 732 6.72 33.60 44.75
C ASP C 732 6.63 34.78 43.73
N GLN C 733 5.77 34.64 42.75
CA GLN C 733 5.58 35.68 41.78
C GLN C 733 5.39 37.14 42.31
N GLU C 734 4.85 37.32 43.49
CA GLU C 734 4.93 38.65 44.10
C GLU C 734 6.37 39.10 44.43
N LYS C 735 6.98 38.53 45.49
CA LYS C 735 8.32 38.99 45.97
C LYS C 735 9.25 39.34 44.79
N ALA C 736 9.29 38.43 43.80
CA ALA C 736 10.00 38.57 42.52
C ALA C 736 9.61 39.86 41.76
N GLN C 737 8.33 40.05 41.40
CA GLN C 737 8.02 41.34 40.74
C GLN C 737 8.15 42.49 41.71
N ALA C 738 8.10 42.15 42.97
CA ALA C 738 8.22 43.16 43.95
C ALA C 738 9.67 43.63 43.90
N LEU C 739 10.61 42.69 43.78
CA LEU C 739 12.00 43.09 43.68
C LEU C 739 12.38 43.53 42.26
N GLY C 740 11.39 43.77 41.37
CA GLY C 740 11.64 43.99 39.94
C GLY C 740 12.33 42.81 39.21
N VAL C 741 12.35 41.58 39.77
CA VAL C 741 12.82 40.41 38.98
C VAL C 741 11.62 40.07 38.11
N SER C 742 11.85 39.59 36.86
CA SER C 742 10.78 38.97 36.00
C SER C 742 10.64 37.47 36.33
N ILE C 743 9.50 36.86 36.08
CA ILE C 743 9.41 35.42 36.29
C ILE C 743 10.30 34.64 35.25
N ASN C 744 10.12 35.03 33.97
CA ASN C 744 10.95 34.54 32.87
C ASN C 744 12.46 34.36 33.19
N ASP C 745 13.08 35.47 33.60
CA ASP C 745 14.50 35.52 33.87
C ASP C 745 14.78 34.46 34.91
N ILE C 746 13.83 34.28 35.82
CA ILE C 746 14.03 33.30 36.90
C ILE C 746 14.05 31.86 36.33
N ASN C 747 12.88 31.49 35.77
CA ASN C 747 12.61 30.22 35.16
C ASN C 747 13.82 29.73 34.43
N THR C 748 14.34 30.58 33.54
CA THR C 748 15.46 30.27 32.66
C THR C 748 16.74 29.92 33.40
N THR C 749 17.00 30.66 34.47
CA THR C 749 18.19 30.57 35.25
C THR C 749 18.13 29.22 36.00
N LEU C 750 16.99 29.02 36.68
CA LEU C 750 16.67 27.73 37.32
C LEU C 750 17.08 26.59 36.37
N GLY C 751 16.30 26.53 35.30
CA GLY C 751 16.37 25.47 34.37
C GLY C 751 17.11 26.15 33.29
N ALA C 752 18.31 26.55 33.61
CA ALA C 752 19.26 26.44 32.53
C ALA C 752 20.45 25.83 33.16
N ALA C 753 20.56 26.01 34.46
CA ALA C 753 21.84 25.72 35.02
C ALA C 753 21.69 24.38 35.55
N TRP C 754 20.42 24.06 35.92
CA TRP C 754 20.03 22.82 36.63
C TRP C 754 19.32 21.90 35.64
N GLY C 755 18.74 22.48 34.62
CA GLY C 755 18.14 21.68 33.54
C GLY C 755 18.87 22.26 32.36
N GLY C 756 19.20 21.48 31.34
CA GLY C 756 20.16 22.03 30.39
C GLY C 756 19.36 23.00 29.56
N SER C 757 19.94 23.81 28.65
CA SER C 757 19.16 24.40 27.54
C SER C 757 20.04 24.52 26.41
N TYR C 758 19.53 24.09 25.27
CA TYR C 758 20.26 24.15 24.04
C TYR C 758 19.82 25.30 23.18
N VAL C 759 20.64 26.35 23.26
CA VAL C 759 20.54 27.56 22.46
C VAL C 759 20.48 27.40 20.91
N ASN C 760 21.49 26.84 20.27
CA ASN C 760 21.32 26.71 18.84
C ASN C 760 22.49 25.86 18.27
N ASP C 761 22.83 25.94 16.98
CA ASP C 761 23.74 24.98 16.44
C ASP C 761 25.09 25.53 15.97
N PHE C 762 26.22 25.01 16.50
CA PHE C 762 27.52 25.42 16.10
C PHE C 762 27.89 24.41 15.03
N ILE C 763 29.11 24.36 14.54
CA ILE C 763 29.49 23.39 13.52
C ILE C 763 30.83 22.69 13.80
N ASP C 764 30.82 21.38 13.82
CA ASP C 764 32.02 20.71 14.20
C ASP C 764 32.69 20.06 13.06
N ARG C 765 33.91 20.43 12.72
CA ARG C 765 34.49 19.83 11.47
C ARG C 765 33.39 19.39 10.46
N GLY C 766 32.48 20.32 10.04
CA GLY C 766 31.52 20.13 8.87
C GLY C 766 30.37 19.17 9.06
N ARG C 767 29.92 19.17 10.29
CA ARG C 767 28.82 18.37 10.65
C ARG C 767 28.08 19.26 11.66
N VAL C 768 26.86 19.72 11.21
CA VAL C 768 26.17 20.55 12.12
C VAL C 768 26.03 19.67 13.41
N LYS C 769 26.35 20.27 14.59
CA LYS C 769 26.01 19.83 15.97
C LYS C 769 25.29 20.87 16.96
N LYS C 770 24.66 20.31 18.03
CA LYS C 770 23.92 20.99 19.06
C LYS C 770 24.84 21.96 19.94
N VAL C 771 24.27 23.04 20.54
CA VAL C 771 24.98 23.82 21.63
C VAL C 771 24.05 24.11 22.85
N TYR C 772 24.52 23.66 24.04
CA TYR C 772 23.83 23.69 25.36
C TYR C 772 24.52 24.52 26.49
N VAL C 773 23.72 25.28 27.21
CA VAL C 773 24.23 26.12 28.26
C VAL C 773 23.80 25.25 29.43
N MET C 774 24.51 25.30 30.56
CA MET C 774 24.11 24.52 31.78
C MET C 774 25.13 24.64 32.85
N SER C 775 24.78 24.26 34.07
CA SER C 775 25.72 24.44 35.13
C SER C 775 26.85 23.43 35.29
N GLU C 776 28.08 23.90 35.37
CA GLU C 776 29.11 23.00 35.66
C GLU C 776 28.59 22.11 36.74
N ALA C 777 28.70 20.81 36.54
CA ALA C 777 28.33 19.86 37.56
C ALA C 777 28.53 20.34 39.01
N LYS C 778 29.74 20.44 39.49
CA LYS C 778 29.87 21.02 40.85
C LYS C 778 28.94 22.18 41.36
N TYR C 779 28.06 22.82 40.58
CA TYR C 779 27.24 23.92 41.16
C TYR C 779 25.81 23.61 41.06
N ARG C 780 25.56 22.29 41.03
CA ARG C 780 24.20 21.66 40.95
C ARG C 780 24.02 20.27 41.57
N MET C 781 24.31 20.08 42.86
CA MET C 781 24.37 18.73 43.36
C MET C 781 23.60 18.60 44.60
N LEU C 782 23.30 19.67 45.30
CA LEU C 782 22.40 19.48 46.49
C LEU C 782 21.78 20.78 46.68
N PRO C 783 20.59 20.81 47.27
CA PRO C 783 19.62 21.88 47.35
C PRO C 783 20.22 23.18 47.79
N ASP C 784 21.21 23.08 48.67
CA ASP C 784 22.01 24.28 49.08
C ASP C 784 22.81 24.98 47.97
N ASP C 785 22.85 24.48 46.73
CA ASP C 785 23.56 25.18 45.68
C ASP C 785 22.54 26.10 45.07
N ILE C 786 21.24 25.82 45.20
CA ILE C 786 20.31 26.72 44.54
C ILE C 786 20.54 28.04 45.19
N GLY C 787 21.59 28.08 46.00
CA GLY C 787 22.01 29.24 46.77
C GLY C 787 23.06 30.10 46.06
N ASP C 788 23.24 29.93 44.77
CA ASP C 788 24.46 30.48 44.19
C ASP C 788 23.99 31.37 43.13
N TRP C 789 22.85 31.01 42.59
CA TRP C 789 22.25 31.74 41.51
C TRP C 789 21.48 33.01 42.08
N TYR C 790 21.95 34.18 41.66
CA TYR C 790 21.25 35.42 41.78
C TYR C 790 20.69 35.69 40.38
N VAL C 791 20.06 36.84 40.24
CA VAL C 791 19.31 37.12 39.03
C VAL C 791 19.07 38.62 38.92
N ARG C 792 19.55 39.27 37.87
CA ARG C 792 19.54 40.75 37.81
C ARG C 792 18.17 41.20 37.58
N ALA C 793 17.81 42.22 38.38
CA ALA C 793 16.48 42.71 38.48
C ALA C 793 16.50 43.87 37.54
N ALA C 794 15.41 44.60 37.55
CA ALA C 794 15.40 45.77 36.71
C ALA C 794 16.21 46.96 37.26
N ASP C 795 16.44 47.01 38.59
CA ASP C 795 17.39 48.00 39.17
C ASP C 795 18.90 47.63 39.08
N GLY C 796 19.21 46.55 38.36
CA GLY C 796 20.56 46.03 38.26
C GLY C 796 21.04 45.39 39.56
N GLN C 797 20.28 45.52 40.65
CA GLN C 797 20.74 44.92 41.93
C GLN C 797 20.71 43.38 41.76
N MET C 798 21.79 42.65 42.02
CA MET C 798 21.74 41.18 41.91
C MET C 798 20.89 40.47 43.01
N VAL C 799 19.70 39.94 42.70
CA VAL C 799 18.87 39.33 43.73
C VAL C 799 18.91 37.83 43.64
N PRO C 800 18.97 37.17 44.80
CA PRO C 800 19.05 35.75 44.94
C PRO C 800 17.79 35.07 45.28
N PHE C 801 17.58 33.93 44.66
CA PHE C 801 16.40 33.14 44.81
C PHE C 801 15.73 33.19 46.17
N SER C 802 16.55 33.09 47.24
CA SER C 802 16.04 33.01 48.58
C SER C 802 15.53 34.37 48.93
N ALA C 803 14.66 34.89 48.12
CA ALA C 803 14.31 36.26 48.24
C ALA C 803 12.93 36.39 47.61
N PHE C 804 12.69 35.51 46.64
CA PHE C 804 11.36 35.33 46.07
C PHE C 804 10.86 33.86 46.04
N SER C 805 11.46 32.93 46.84
CA SER C 805 11.15 31.48 46.71
C SER C 805 11.34 30.81 48.00
N SER C 806 11.13 29.48 48.05
CA SER C 806 11.27 28.56 49.21
C SER C 806 11.01 27.14 48.75
N SER C 807 11.77 26.18 49.25
CA SER C 807 11.76 24.77 48.68
C SER C 807 11.17 23.76 49.69
N ARG C 808 10.85 22.51 49.36
CA ARG C 808 10.45 21.57 50.47
C ARG C 808 10.57 20.15 49.93
N TRP C 809 11.24 19.24 50.61
CA TRP C 809 11.33 17.96 49.92
C TRP C 809 9.88 17.50 49.83
N GLU C 810 9.57 16.54 48.92
CA GLU C 810 8.37 15.71 48.90
C GLU C 810 8.58 14.53 47.96
N TYR C 811 7.50 13.73 47.81
CA TYR C 811 7.46 12.50 46.99
C TYR C 811 6.63 12.73 45.73
N GLY C 812 7.25 12.38 44.61
CA GLY C 812 6.63 12.41 43.26
C GLY C 812 7.04 11.12 42.47
N SER C 813 6.56 10.99 41.21
CA SER C 813 6.88 9.77 40.56
C SER C 813 7.85 9.87 39.40
N PRO C 814 8.89 8.98 39.38
CA PRO C 814 9.89 8.92 38.29
C PRO C 814 9.36 8.25 37.02
N ARG C 815 8.17 7.63 36.99
CA ARG C 815 7.56 7.17 35.71
C ARG C 815 6.06 7.43 35.75
N LEU C 816 5.43 8.01 34.72
CA LEU C 816 3.93 7.93 34.76
C LEU C 816 3.37 6.95 33.74
N GLU C 817 2.72 5.86 34.16
CA GLU C 817 2.28 4.99 33.09
C GLU C 817 0.90 5.53 32.79
N ARG C 818 0.48 5.30 31.52
CA ARG C 818 -0.91 5.35 31.14
C ARG C 818 -1.05 4.27 30.08
N TYR C 819 -2.28 3.79 29.98
CA TYR C 819 -2.69 2.70 29.13
C TYR C 819 -4.03 3.08 28.58
N ASN C 820 -3.98 3.39 27.30
CA ASN C 820 -5.20 3.59 26.58
C ASN C 820 -5.85 4.94 26.94
N GLY C 821 -5.03 5.83 27.47
CA GLY C 821 -5.45 7.14 27.69
C GLY C 821 -5.69 7.33 29.16
N LEU C 822 -5.92 6.28 29.91
CA LEU C 822 -6.09 6.57 31.32
C LEU C 822 -4.75 6.28 32.16
N PRO C 823 -4.58 7.01 33.30
CA PRO C 823 -3.35 6.65 34.09
C PRO C 823 -3.37 5.18 34.34
N SER C 824 -2.36 4.39 34.03
CA SER C 824 -2.39 2.91 34.41
C SER C 824 -1.34 2.60 35.38
N MET C 825 -1.25 1.36 35.84
CA MET C 825 0.04 0.84 36.49
C MET C 825 0.25 -0.63 36.18
N GLU C 826 1.33 -0.93 35.44
CA GLU C 826 1.67 -2.35 35.14
C GLU C 826 2.10 -3.19 36.30
N ILE C 827 1.37 -4.30 36.38
CA ILE C 827 1.60 -5.45 37.29
C ILE C 827 1.91 -6.76 36.52
N LEU C 828 3.19 -7.07 36.38
CA LEU C 828 3.59 -8.35 35.89
C LEU C 828 3.33 -9.40 36.94
N GLY C 829 3.43 -10.66 36.51
CA GLY C 829 3.12 -11.85 37.38
C GLY C 829 2.85 -13.16 36.61
N GLN C 830 3.19 -14.28 37.25
CA GLN C 830 2.93 -15.55 36.61
C GLN C 830 2.19 -16.56 37.47
N ALA C 831 1.69 -17.63 36.89
CA ALA C 831 1.34 -18.74 37.77
C ALA C 831 2.44 -19.77 37.48
N ALA C 832 3.43 -19.79 38.39
CA ALA C 832 4.70 -20.55 38.26
C ALA C 832 4.33 -22.03 38.08
N PRO C 833 5.38 -22.95 37.89
CA PRO C 833 5.04 -24.46 38.02
C PRO C 833 3.94 -24.90 39.12
N GLY C 834 2.88 -25.58 38.64
CA GLY C 834 1.75 -25.99 39.47
C GLY C 834 0.40 -25.72 38.82
N LYS C 835 -0.07 -24.50 38.93
CA LYS C 835 -1.43 -24.21 38.48
C LYS C 835 -1.51 -23.76 37.02
N SER C 836 -2.72 -23.31 36.67
CA SER C 836 -3.08 -22.93 35.30
C SER C 836 -3.08 -21.43 35.01
N THR C 837 -2.26 -20.98 34.06
CA THR C 837 -2.29 -19.57 33.63
C THR C 837 -3.67 -18.90 33.58
N GLY C 838 -4.73 -19.69 33.41
CA GLY C 838 -6.13 -19.23 33.49
C GLY C 838 -6.74 -19.05 34.88
N GLU C 839 -6.30 -19.88 35.83
CA GLU C 839 -6.55 -19.57 37.25
C GLU C 839 -5.99 -18.17 37.68
N ALA C 840 -4.71 -17.91 37.37
CA ALA C 840 -4.02 -16.73 37.83
C ALA C 840 -4.94 -15.61 37.47
N MET C 841 -5.18 -15.51 36.17
CA MET C 841 -6.00 -14.44 35.64
C MET C 841 -7.30 -14.38 36.41
N GLU C 842 -8.00 -15.48 36.41
CA GLU C 842 -9.19 -15.55 37.13
C GLU C 842 -8.97 -14.91 38.49
N LEU C 843 -8.02 -15.44 39.25
CA LEU C 843 -7.86 -15.07 40.63
C LEU C 843 -7.75 -13.54 40.71
N MET C 844 -6.90 -12.99 39.82
CA MET C 844 -6.46 -11.55 39.82
C MET C 844 -7.66 -10.69 39.58
N GLU C 845 -8.45 -11.14 38.61
CA GLU C 845 -9.66 -10.48 38.23
C GLU C 845 -10.55 -10.42 39.45
N GLN C 846 -10.36 -11.41 40.32
CA GLN C 846 -11.31 -11.62 41.41
C GLN C 846 -10.97 -10.58 42.42
N LEU C 847 -9.73 -10.58 42.88
CA LEU C 847 -9.39 -9.59 43.86
C LEU C 847 -9.20 -8.24 43.22
N ALA C 848 -9.23 -8.16 41.90
CA ALA C 848 -9.18 -6.83 41.22
C ALA C 848 -10.51 -6.08 41.21
N SER C 849 -11.55 -6.70 41.77
CA SER C 849 -12.91 -6.11 41.93
C SER C 849 -13.22 -5.55 43.37
N LYS C 850 -12.24 -5.58 44.29
CA LYS C 850 -12.36 -5.08 45.68
C LYS C 850 -11.93 -3.64 45.68
N LEU C 851 -10.67 -3.46 45.34
CA LEU C 851 -9.95 -2.20 45.34
C LEU C 851 -10.90 -1.10 45.22
N PRO C 852 -10.66 0.00 45.91
CA PRO C 852 -11.56 1.15 46.04
C PRO C 852 -12.23 1.49 44.77
N THR C 853 -13.26 2.30 44.88
CA THR C 853 -14.10 2.59 43.75
C THR C 853 -13.41 3.48 42.74
N GLY C 854 -13.51 3.12 41.47
CA GLY C 854 -12.83 3.87 40.45
C GLY C 854 -11.67 3.09 39.86
N VAL C 855 -11.35 1.93 40.42
CA VAL C 855 -10.20 1.28 39.89
C VAL C 855 -10.59 0.17 38.96
N GLY C 856 -10.38 0.32 37.66
CA GLY C 856 -10.64 -0.77 36.68
C GLY C 856 -9.38 -1.59 36.45
N TYR C 857 -9.31 -2.40 35.39
CA TYR C 857 -8.04 -3.07 35.10
C TYR C 857 -8.05 -3.55 33.70
N ASP C 858 -6.97 -4.16 33.25
CA ASP C 858 -6.99 -4.77 31.95
C ASP C 858 -5.79 -5.66 31.63
N TRP C 859 -5.93 -6.51 30.62
CA TRP C 859 -4.85 -7.32 30.05
C TRP C 859 -4.15 -6.63 28.80
N THR C 860 -2.89 -6.94 28.52
CA THR C 860 -2.22 -6.42 27.32
C THR C 860 -1.03 -7.25 27.13
N GLY C 861 -0.87 -7.82 25.94
CA GLY C 861 0.32 -8.61 25.76
C GLY C 861 -0.06 -10.04 25.88
N MET C 862 0.82 -10.84 26.49
CA MET C 862 0.68 -12.31 26.42
C MET C 862 -0.75 -12.65 26.86
N SER C 863 -1.25 -11.82 27.78
CA SER C 863 -2.61 -11.93 28.33
C SER C 863 -3.68 -11.30 27.39
N TYR C 864 -3.28 -10.42 26.49
CA TYR C 864 -4.27 -10.00 25.54
C TYR C 864 -4.61 -11.24 24.83
N GLN C 865 -3.55 -11.88 24.35
CA GLN C 865 -3.56 -13.06 23.49
C GLN C 865 -3.90 -14.43 24.14
N GLU C 866 -4.11 -14.45 25.46
CA GLU C 866 -4.64 -15.62 26.21
C GLU C 866 -6.12 -15.72 25.99
N ARG C 867 -6.89 -14.86 26.65
CA ARG C 867 -8.31 -14.72 26.32
C ARG C 867 -8.64 -14.61 24.82
N LEU C 868 -7.63 -14.62 23.96
CA LEU C 868 -7.81 -14.46 22.50
C LEU C 868 -6.74 -15.24 21.71
N SER C 869 -7.19 -16.24 20.91
CA SER C 869 -6.29 -17.13 20.13
C SER C 869 -6.12 -18.47 20.91
N GLY C 870 -7.08 -19.38 20.74
CA GLY C 870 -7.06 -20.72 21.37
C GLY C 870 -7.87 -21.81 20.61
N ASN C 871 -8.09 -21.56 19.29
CA ASN C 871 -9.12 -22.13 18.37
C ASN C 871 -9.16 -23.63 18.36
N GLN C 872 -9.73 -24.16 19.44
CA GLN C 872 -9.69 -25.57 19.86
C GLN C 872 -9.10 -26.48 18.77
N ALA C 873 -8.08 -27.28 19.14
CA ALA C 873 -7.59 -28.32 18.24
C ALA C 873 -8.64 -29.41 18.07
N PRO C 874 -9.04 -30.10 19.18
CA PRO C 874 -9.77 -31.36 19.01
C PRO C 874 -10.95 -30.98 18.18
N SER C 875 -11.50 -29.80 18.49
CA SER C 875 -12.62 -29.28 17.77
C SER C 875 -12.30 -29.16 16.28
N LEU C 876 -11.02 -29.04 15.94
CA LEU C 876 -10.64 -29.06 14.54
C LEU C 876 -10.35 -30.50 14.14
N TYR C 877 -9.35 -31.11 14.80
CA TYR C 877 -8.94 -32.49 14.56
C TYR C 877 -10.06 -33.52 14.39
N ALA C 878 -11.27 -33.22 14.94
CA ALA C 878 -12.51 -34.00 14.63
C ALA C 878 -12.96 -33.82 13.20
N ILE C 879 -13.10 -32.58 12.77
CA ILE C 879 -13.42 -32.35 11.37
C ILE C 879 -12.36 -33.15 10.54
N SER C 880 -11.26 -33.49 11.18
CA SER C 880 -10.28 -34.30 10.47
C SER C 880 -10.56 -35.80 10.42
N LEU C 881 -11.08 -36.33 11.53
CA LEU C 881 -11.64 -37.66 11.53
C LEU C 881 -12.65 -37.78 10.43
N ILE C 882 -13.73 -36.99 10.56
CA ILE C 882 -14.83 -37.05 9.60
C ILE C 882 -14.26 -37.09 8.14
N VAL C 883 -13.25 -36.26 7.84
CA VAL C 883 -12.66 -36.24 6.49
C VAL C 883 -11.67 -37.40 6.19
N VAL C 884 -11.05 -37.93 7.24
CA VAL C 884 -10.20 -39.12 7.02
C VAL C 884 -11.14 -40.30 6.78
N PHE C 885 -12.35 -40.18 7.27
CA PHE C 885 -13.22 -41.31 7.13
C PHE C 885 -13.83 -41.27 5.74
N LEU C 886 -14.70 -40.29 5.50
CA LEU C 886 -15.39 -40.16 4.25
C LEU C 886 -14.48 -40.34 3.05
N CYS C 887 -13.22 -39.88 3.20
CA CYS C 887 -12.17 -40.16 2.21
C CYS C 887 -11.93 -41.68 2.09
N LEU C 888 -11.44 -42.30 3.19
CA LEU C 888 -11.27 -43.72 3.28
C LEU C 888 -12.45 -44.41 2.63
N ALA C 889 -13.67 -44.25 3.19
CA ALA C 889 -14.89 -44.85 2.58
C ALA C 889 -14.85 -44.60 1.10
N ALA C 890 -15.04 -43.35 0.72
CA ALA C 890 -14.80 -42.92 -0.66
C ALA C 890 -13.90 -43.89 -1.45
N LEU C 891 -12.71 -44.12 -0.92
CA LEU C 891 -11.69 -45.01 -1.50
C LEU C 891 -12.12 -46.49 -1.57
N TYR C 892 -12.35 -47.18 -0.45
CA TYR C 892 -12.89 -48.58 -0.45
C TYR C 892 -14.43 -48.82 -0.76
N GLU C 893 -15.12 -47.75 -1.09
CA GLU C 893 -16.55 -47.82 -1.32
C GLU C 893 -17.37 -48.39 -0.15
N SER C 894 -16.76 -48.52 1.01
CA SER C 894 -17.43 -49.07 2.17
C SER C 894 -17.62 -48.21 3.44
N TRP C 895 -18.86 -47.93 3.81
CA TRP C 895 -19.08 -47.31 5.11
C TRP C 895 -18.60 -48.19 6.25
N SER C 896 -17.63 -49.07 6.01
CA SER C 896 -17.20 -50.05 7.01
C SER C 896 -15.73 -50.52 6.85
N ILE C 897 -15.30 -50.82 5.64
CA ILE C 897 -13.87 -51.15 5.47
C ILE C 897 -12.88 -50.15 6.24
N PRO C 898 -13.03 -48.78 6.08
CA PRO C 898 -12.05 -47.76 6.54
C PRO C 898 -11.63 -47.81 8.04
N PHE C 899 -12.44 -48.46 8.87
CA PHE C 899 -12.07 -48.59 10.30
C PHE C 899 -10.90 -49.56 10.45
N SER C 900 -10.80 -50.50 9.51
CA SER C 900 -9.55 -51.24 9.27
C SER C 900 -8.30 -50.40 9.57
N VAL C 901 -8.28 -49.16 9.01
CA VAL C 901 -7.10 -48.23 8.97
C VAL C 901 -7.11 -47.10 10.04
N MET C 902 -8.24 -46.40 10.17
CA MET C 902 -8.34 -45.32 11.19
C MET C 902 -7.82 -45.74 12.57
N LEU C 903 -8.13 -47.02 12.86
CA LEU C 903 -7.77 -47.76 14.05
C LEU C 903 -6.27 -47.88 14.23
N VAL C 904 -5.48 -47.57 13.22
CA VAL C 904 -4.07 -47.64 13.51
C VAL C 904 -3.73 -46.42 14.35
N VAL C 905 -4.20 -45.22 13.96
CA VAL C 905 -3.98 -43.92 14.70
C VAL C 905 -3.25 -44.07 16.00
N PRO C 906 -3.80 -44.85 17.00
CA PRO C 906 -3.28 -45.08 18.35
C PRO C 906 -1.93 -45.74 18.48
N LEU C 907 -1.73 -46.82 17.73
CA LEU C 907 -0.48 -47.60 17.62
C LEU C 907 0.80 -46.78 17.43
N GLY C 908 0.66 -45.64 16.74
CA GLY C 908 1.75 -44.64 16.55
C GLY C 908 1.99 -43.60 17.65
N VAL C 909 0.93 -42.89 18.05
CA VAL C 909 0.98 -41.87 19.08
C VAL C 909 1.21 -42.54 20.38
N ILE C 910 1.27 -43.88 20.37
CA ILE C 910 1.58 -44.67 21.57
C ILE C 910 3.04 -44.60 21.85
N GLY C 911 3.81 -44.83 20.79
CA GLY C 911 5.22 -44.58 20.83
C GLY C 911 5.44 -43.15 21.24
N ALA C 912 5.01 -42.19 20.42
CA ALA C 912 5.35 -40.80 20.68
C ALA C 912 5.00 -40.22 22.10
N LEU C 913 3.79 -40.41 22.62
CA LEU C 913 3.44 -39.88 23.97
C LEU C 913 4.24 -40.65 24.94
N LEU C 914 5.06 -41.53 24.40
CA LEU C 914 6.15 -42.15 25.11
C LEU C 914 7.44 -41.67 24.45
N ALA C 915 8.56 -41.80 25.15
CA ALA C 915 9.82 -41.27 24.64
C ALA C 915 9.82 -39.77 24.88
N ALA C 916 8.81 -39.07 24.37
CA ALA C 916 8.45 -37.72 24.84
C ALA C 916 8.28 -37.68 26.37
N THR C 917 7.69 -38.72 26.94
CA THR C 917 7.69 -38.89 28.41
C THR C 917 9.00 -39.48 28.96
N PHE C 918 9.62 -40.37 28.17
CA PHE C 918 10.89 -41.01 28.52
C PHE C 918 12.04 -40.00 28.56
N ARG C 919 12.27 -39.31 27.43
CA ARG C 919 13.13 -38.09 27.36
C ARG C 919 12.40 -36.95 28.10
N GLY C 920 13.15 -35.97 28.58
CA GLY C 920 12.48 -34.83 29.20
C GLY C 920 11.95 -33.96 28.09
N LEU C 921 10.66 -34.13 27.72
CA LEU C 921 10.13 -33.46 26.52
C LEU C 921 8.70 -33.00 26.72
N THR C 922 8.18 -32.22 25.78
CA THR C 922 6.82 -31.68 25.98
C THR C 922 5.94 -31.99 24.81
N ASN C 923 4.74 -31.38 24.84
CA ASN C 923 3.84 -31.35 23.68
C ASN C 923 4.18 -30.16 22.73
N ASP C 924 5.47 -29.82 22.57
CA ASP C 924 5.83 -28.66 21.76
C ASP C 924 5.29 -28.91 20.38
N VAL C 925 5.24 -27.90 19.47
CA VAL C 925 5.00 -28.21 18.03
C VAL C 925 6.05 -29.27 17.77
N TYR C 926 6.44 -29.51 16.54
CA TYR C 926 7.52 -30.51 16.39
C TYR C 926 7.10 -31.88 17.00
N PHE C 927 6.12 -31.85 17.90
CA PHE C 927 5.57 -33.09 18.41
C PHE C 927 4.36 -33.48 17.58
N GLN C 928 3.52 -32.50 17.23
CA GLN C 928 2.39 -32.74 16.35
C GLN C 928 2.86 -33.05 14.96
N VAL C 929 3.86 -32.32 14.52
CA VAL C 929 4.42 -32.61 13.23
C VAL C 929 4.90 -34.06 13.17
N GLY C 930 5.62 -34.52 14.20
CA GLY C 930 6.14 -35.93 14.26
C GLY C 930 5.09 -36.93 14.79
N LEU C 931 3.94 -36.36 15.17
CA LEU C 931 2.76 -37.07 15.57
C LEU C 931 1.85 -37.27 14.34
N LEU C 932 1.78 -36.28 13.45
CA LEU C 932 0.91 -36.36 12.25
C LEU C 932 1.58 -37.12 11.11
N THR C 933 2.89 -36.97 11.06
CA THR C 933 3.72 -37.66 10.12
C THR C 933 3.70 -39.16 10.41
N THR C 934 3.50 -39.57 11.65
CA THR C 934 3.20 -40.99 11.86
C THR C 934 1.70 -41.22 11.81
N ILE C 935 0.91 -40.71 12.76
CA ILE C 935 -0.54 -40.87 12.67
C ILE C 935 -0.97 -41.15 11.23
N GLY C 936 -0.42 -40.37 10.32
CA GLY C 936 -0.77 -40.52 8.90
C GLY C 936 0.02 -41.56 8.12
N LEU C 937 1.33 -41.51 8.23
CA LEU C 937 2.13 -42.46 7.54
C LEU C 937 1.65 -43.81 7.92
N SER C 938 1.63 -44.09 9.22
CA SER C 938 1.02 -45.27 9.74
C SER C 938 -0.29 -45.68 9.04
N ALA C 939 -1.18 -44.73 8.83
CA ALA C 939 -2.46 -45.04 8.22
C ALA C 939 -2.32 -45.17 6.72
N LYS C 940 -1.10 -45.04 6.20
CA LYS C 940 -0.88 -45.16 4.77
C LYS C 940 -0.36 -46.54 4.44
N ASN C 941 0.63 -47.02 5.19
CA ASN C 941 1.09 -48.41 5.03
C ASN C 941 -0.07 -49.37 5.38
N ALA C 942 -0.98 -48.90 6.22
CA ALA C 942 -2.23 -49.63 6.56
C ALA C 942 -3.31 -49.64 5.45
N ILE C 943 -3.20 -48.70 4.55
CA ILE C 943 -4.15 -48.71 3.48
C ILE C 943 -3.66 -49.82 2.58
N LEU C 944 -2.38 -49.76 2.23
CA LEU C 944 -1.86 -50.68 1.27
C LEU C 944 -1.98 -52.11 1.79
N ILE C 945 -2.10 -52.23 3.13
CA ILE C 945 -2.42 -53.51 3.75
C ILE C 945 -3.92 -53.55 4.17
N VAL C 946 -4.84 -53.19 3.28
CA VAL C 946 -6.28 -53.35 3.51
C VAL C 946 -6.92 -53.10 2.17
N GLU C 947 -6.01 -52.85 1.25
CA GLU C 947 -6.32 -52.47 -0.07
C GLU C 947 -5.98 -53.70 -0.84
N PHE C 948 -4.91 -54.37 -0.41
CA PHE C 948 -4.49 -55.61 -1.07
C PHE C 948 -5.53 -56.71 -0.80
N ALA C 949 -6.11 -56.72 0.42
CA ALA C 949 -7.37 -57.42 0.69
C ALA C 949 -8.49 -56.67 -0.02
N LYS C 950 -9.76 -57.05 0.15
CA LYS C 950 -10.88 -56.46 -0.65
C LYS C 950 -10.61 -56.51 -2.15
N ASP C 951 -9.45 -57.10 -2.49
CA ASP C 951 -8.90 -57.01 -3.81
C ASP C 951 -8.44 -58.44 -3.99
N LEU C 952 -7.27 -58.77 -3.42
CA LEU C 952 -6.82 -60.18 -3.27
C LEU C 952 -7.99 -60.96 -2.66
N MET C 953 -9.20 -60.48 -2.89
CA MET C 953 -10.38 -61.02 -2.25
C MET C 953 -11.52 -60.76 -3.15
N ASP C 954 -11.85 -59.49 -3.38
CA ASP C 954 -12.98 -59.14 -4.28
C ASP C 954 -12.66 -59.41 -5.74
N LYS C 955 -11.38 -59.35 -6.12
CA LYS C 955 -10.93 -59.58 -7.53
C LYS C 955 -10.02 -60.80 -7.64
N GLU C 956 -10.34 -61.86 -6.88
CA GLU C 956 -9.50 -63.05 -6.78
C GLU C 956 -10.25 -64.29 -6.35
N GLY C 957 -9.50 -65.40 -6.31
CA GLY C 957 -10.04 -66.69 -5.86
C GLY C 957 -9.97 -66.89 -4.36
N LYS C 958 -9.76 -65.81 -3.59
CA LYS C 958 -9.44 -65.97 -2.20
C LYS C 958 -10.53 -65.29 -1.42
N GLY C 959 -10.37 -65.24 -0.08
CA GLY C 959 -11.33 -64.63 0.87
C GLY C 959 -10.95 -64.54 2.39
N LEU C 960 -11.65 -65.31 3.23
CA LEU C 960 -11.65 -65.19 4.71
C LEU C 960 -10.37 -64.50 5.27
N ILE C 961 -9.43 -65.35 5.62
CA ILE C 961 -8.03 -65.09 5.92
C ILE C 961 -7.13 -65.23 4.65
N GLU C 962 -7.66 -65.87 3.60
CA GLU C 962 -6.94 -66.02 2.32
C GLU C 962 -6.64 -64.63 1.73
N ALA C 963 -7.61 -63.71 1.90
CA ALA C 963 -7.47 -62.28 1.64
C ALA C 963 -6.26 -61.71 2.42
N THR C 964 -6.43 -61.65 3.75
CA THR C 964 -5.42 -61.09 4.61
C THR C 964 -4.04 -61.71 4.35
N LEU C 965 -4.05 -63.00 4.02
CA LEU C 965 -2.89 -63.86 3.61
C LEU C 965 -1.67 -63.16 2.97
N ASP C 966 -1.53 -63.20 1.64
CA ASP C 966 -0.49 -62.52 0.84
C ASP C 966 -0.52 -60.97 0.93
N ALA C 967 -1.61 -60.46 1.52
CA ALA C 967 -1.75 -59.05 1.85
C ALA C 967 -0.69 -58.76 2.91
N VAL C 968 -0.93 -59.11 4.18
CA VAL C 968 0.02 -58.82 5.26
C VAL C 968 1.40 -59.43 4.95
N ARG C 969 1.38 -60.42 4.08
CA ARG C 969 2.55 -61.10 3.62
C ARG C 969 3.30 -60.12 2.78
N MET C 970 2.65 -59.56 1.76
CA MET C 970 3.37 -58.60 0.87
C MET C 970 3.82 -57.24 1.56
N ARG C 971 3.07 -56.89 2.61
CA ARG C 971 3.23 -55.70 3.38
C ARG C 971 4.16 -56.02 4.56
N LEU C 972 5.43 -56.07 4.21
CA LEU C 972 6.42 -56.41 5.22
C LEU C 972 7.67 -55.75 4.71
N ARG C 973 8.28 -56.36 3.69
CA ARG C 973 9.40 -55.75 3.02
C ARG C 973 9.11 -54.25 2.94
N PRO C 974 7.89 -53.80 2.43
CA PRO C 974 7.76 -52.33 2.30
C PRO C 974 7.74 -51.66 3.67
N ILE C 975 6.82 -52.04 4.52
CA ILE C 975 6.81 -51.52 5.84
C ILE C 975 8.23 -51.51 6.41
N LEU C 976 8.73 -52.65 6.86
CA LEU C 976 10.09 -52.71 7.42
C LEU C 976 11.14 -51.87 6.69
N MET C 977 10.93 -51.62 5.40
CA MET C 977 11.91 -50.88 4.66
C MET C 977 11.70 -49.42 4.90
N THR C 978 10.45 -48.95 4.82
CA THR C 978 10.16 -47.53 5.00
C THR C 978 10.43 -47.24 6.42
N SER C 979 9.78 -47.99 7.27
CA SER C 979 9.92 -47.70 8.67
C SER C 979 11.37 -47.60 9.12
N LEU C 980 12.24 -48.40 8.49
CA LEU C 980 13.68 -48.37 8.83
C LEU C 980 14.45 -47.41 7.89
N ALA C 981 13.75 -46.93 6.85
CA ALA C 981 14.23 -45.87 5.92
C ALA C 981 14.14 -44.52 6.58
N PHE C 982 13.00 -44.28 7.22
CA PHE C 982 12.80 -43.06 7.96
C PHE C 982 13.67 -43.17 9.23
N ILE C 983 13.19 -43.89 10.26
CA ILE C 983 13.85 -43.94 11.59
C ILE C 983 15.35 -43.74 11.50
N LEU C 984 16.03 -44.78 11.07
CA LEU C 984 17.41 -44.62 10.66
C LEU C 984 17.45 -43.62 9.50
N GLY C 985 17.51 -42.33 9.90
CA GLY C 985 17.46 -41.16 8.99
C GLY C 985 17.25 -39.94 9.85
N VAL C 986 16.34 -40.13 10.81
CA VAL C 986 16.00 -39.16 11.86
C VAL C 986 17.00 -39.41 12.98
N MET C 987 18.01 -40.23 12.69
CA MET C 987 18.91 -40.65 13.76
C MET C 987 19.44 -39.38 14.50
N PRO C 988 20.24 -38.55 13.79
CA PRO C 988 20.87 -37.37 14.39
C PRO C 988 19.87 -36.66 15.29
N LEU C 989 18.89 -35.97 14.70
CA LEU C 989 17.82 -35.30 15.41
C LEU C 989 17.85 -35.65 16.89
N VAL C 990 17.30 -36.84 17.23
CA VAL C 990 17.24 -37.45 18.64
C VAL C 990 18.32 -37.18 19.76
N ILE C 991 19.59 -37.54 19.49
CA ILE C 991 20.72 -37.03 20.29
C ILE C 991 21.45 -36.14 19.30
N SER C 992 21.29 -34.82 19.40
CA SER C 992 21.99 -33.90 18.53
C SER C 992 22.95 -33.07 19.33
N THR C 993 24.04 -32.69 18.67
CA THR C 993 25.12 -31.83 19.19
C THR C 993 24.59 -30.78 20.20
N GLY C 994 24.38 -29.55 19.73
CA GLY C 994 23.95 -28.52 20.65
C GLY C 994 23.31 -27.30 20.04
N ALA C 995 23.64 -26.98 18.77
CA ALA C 995 23.17 -25.73 18.13
C ALA C 995 21.84 -25.96 17.45
N GLY C 996 20.80 -25.32 17.94
CA GLY C 996 19.49 -25.57 17.41
C GLY C 996 18.94 -26.89 17.92
N SER C 997 19.78 -27.65 18.67
CA SER C 997 19.35 -28.94 19.25
C SER C 997 17.87 -28.85 19.68
N GLY C 998 17.57 -28.05 20.71
CA GLY C 998 16.20 -27.90 21.13
C GLY C 998 15.23 -28.51 20.12
N ALA C 999 15.18 -27.89 18.92
CA ALA C 999 14.21 -28.16 17.87
C ALA C 999 14.38 -29.56 17.39
N GLN C 1000 15.64 -29.88 17.06
CA GLN C 1000 16.02 -31.18 16.46
C GLN C 1000 15.68 -32.33 17.36
N ASN C 1001 16.11 -32.24 18.62
CA ASN C 1001 15.92 -33.31 19.60
C ASN C 1001 14.46 -33.63 19.71
N ALA C 1002 13.61 -32.60 19.80
CA ALA C 1002 12.16 -32.81 20.02
C ALA C 1002 11.52 -33.41 18.80
N VAL C 1003 11.78 -32.88 17.62
CA VAL C 1003 11.35 -33.54 16.38
C VAL C 1003 11.73 -35.02 16.43
N GLY C 1004 13.03 -35.27 16.57
CA GLY C 1004 13.66 -36.60 16.61
C GLY C 1004 13.21 -37.66 17.64
N THR C 1005 13.03 -37.27 18.89
CA THR C 1005 12.51 -38.25 19.81
C THR C 1005 11.04 -38.55 19.55
N GLY C 1006 10.22 -37.58 19.21
CA GLY C 1006 8.78 -37.91 18.98
C GLY C 1006 8.48 -38.83 17.79
N VAL C 1007 9.29 -38.70 16.74
CA VAL C 1007 9.16 -39.52 15.58
C VAL C 1007 9.77 -40.85 15.91
N MET C 1008 11.11 -41.00 15.81
CA MET C 1008 11.77 -42.34 15.99
C MET C 1008 11.03 -43.20 16.99
N GLY C 1009 10.82 -42.67 18.19
CA GLY C 1009 9.98 -43.31 19.20
C GLY C 1009 8.47 -43.13 19.05
N GLY C 1010 7.97 -43.53 17.90
CA GLY C 1010 6.55 -43.46 17.57
C GLY C 1010 6.44 -44.07 16.18
N MET C 1011 7.62 -44.29 15.59
CA MET C 1011 7.81 -45.07 14.39
C MET C 1011 7.95 -46.56 14.81
N VAL C 1012 9.08 -46.95 15.42
CA VAL C 1012 9.24 -48.34 15.99
C VAL C 1012 7.98 -48.87 16.70
N THR C 1013 7.29 -47.95 17.36
CA THR C 1013 6.13 -48.27 18.12
C THR C 1013 4.87 -48.36 17.28
N ALA C 1014 4.97 -48.14 15.98
CA ALA C 1014 3.81 -48.42 15.13
C ALA C 1014 4.20 -49.18 13.90
N THR C 1015 5.49 -49.40 13.71
CA THR C 1015 5.97 -50.32 12.69
C THR C 1015 5.60 -51.79 13.00
N VAL C 1016 6.26 -52.38 14.01
CA VAL C 1016 5.93 -53.78 14.38
C VAL C 1016 4.54 -53.81 15.01
N LEU C 1017 4.40 -53.07 16.11
CA LEU C 1017 3.18 -53.00 16.86
C LEU C 1017 1.97 -52.50 16.05
N ALA C 1018 1.92 -52.88 14.78
CA ALA C 1018 0.86 -52.46 13.88
C ALA C 1018 0.84 -53.44 12.76
N ILE C 1019 2.04 -53.98 12.50
CA ILE C 1019 2.33 -54.93 11.43
C ILE C 1019 1.66 -56.27 11.73
N PHE C 1020 1.71 -56.67 13.00
CA PHE C 1020 0.90 -57.78 13.49
C PHE C 1020 -0.44 -57.25 14.00
N PHE C 1021 -0.88 -56.07 13.56
CA PHE C 1021 -2.05 -55.47 14.23
C PHE C 1021 -3.15 -54.99 13.32
N VAL C 1022 -2.81 -54.33 12.21
CA VAL C 1022 -3.85 -54.08 11.22
C VAL C 1022 -4.57 -55.37 10.88
N PRO C 1023 -3.83 -56.51 10.72
CA PRO C 1023 -4.58 -57.57 10.12
C PRO C 1023 -5.77 -57.83 10.99
N VAL C 1024 -5.56 -58.02 12.29
CA VAL C 1024 -6.73 -58.18 13.20
C VAL C 1024 -7.85 -57.20 12.87
N PHE C 1025 -7.52 -55.91 12.82
CA PHE C 1025 -8.52 -54.90 12.57
C PHE C 1025 -9.34 -55.39 11.44
N PHE C 1026 -8.71 -55.58 10.30
CA PHE C 1026 -9.44 -55.73 9.08
C PHE C 1026 -10.56 -56.73 9.17
N VAL C 1027 -10.18 -57.88 9.68
CA VAL C 1027 -11.09 -58.99 9.95
C VAL C 1027 -12.15 -58.51 11.00
N VAL C 1028 -11.66 -58.18 12.20
CA VAL C 1028 -12.44 -57.57 13.31
C VAL C 1028 -13.49 -56.61 12.74
N VAL C 1029 -13.07 -55.86 11.71
CA VAL C 1029 -13.88 -54.90 11.02
C VAL C 1029 -15.06 -55.61 10.32
N ARG C 1030 -14.84 -56.14 9.12
CA ARG C 1030 -15.91 -56.55 8.24
C ARG C 1030 -16.54 -57.92 8.63
N ARG C 1031 -15.73 -58.78 9.23
CA ARG C 1031 -16.24 -60.07 9.71
C ARG C 1031 -17.33 -59.79 10.69
N ARG C 1032 -17.06 -58.86 11.61
CA ARG C 1032 -18.05 -58.35 12.61
C ARG C 1032 -19.05 -57.32 12.00
N PHE C 1033 -19.17 -57.33 10.66
CA PHE C 1033 -20.22 -56.56 9.92
C PHE C 1033 -21.05 -57.46 9.02
N SER C 1034 -20.70 -58.76 9.09
CA SER C 1034 -21.44 -59.85 8.41
C SER C 1034 -22.11 -60.86 9.43
N ARG C 1035 -22.01 -60.53 10.74
CA ARG C 1035 -22.32 -61.38 11.94
C ARG C 1035 -23.59 -62.27 11.92
N LYS C 1036 -24.68 -61.73 12.50
CA LYS C 1036 -26.05 -62.32 12.56
C LYS C 1036 -26.19 -63.64 11.79
#